data_8GW1
#
_entry.id   8GW1
#
_cell.length_a   1.00
_cell.length_b   1.00
_cell.length_c   1.00
_cell.angle_alpha   90.00
_cell.angle_beta   90.00
_cell.angle_gamma   90.00
#
_symmetry.space_group_name_H-M   'P 1'
#
loop_
_entity.id
_entity.type
_entity.pdbx_description
1 polymer 'Replicase polyprotein 1ab'
2 polymer 'Non-structural protein 8'
3 polymer 'Non-structural protein 7'
4 polymer 'RNA (25-MER)'
5 polymer Template
6 polymer Helicase
7 polymer 'Non-structural protein 9'
8 non-polymer 'ZINC ION'
9 non-polymer 'MANGANESE (II) ION'
10 non-polymer "URIDINE-5'-MONOPHOSPHATE"
11 water water
#
loop_
_entity_poly.entity_id
_entity_poly.type
_entity_poly.pdbx_seq_one_letter_code
_entity_poly.pdbx_strand_id
1 'polypeptide(L)'
;SADAQSFLNRVCGVSAARLTPCGTGTSTDVVYRAFDIYNDKVAGFAKFLKTNCCRFQEKDEDDNLIDSYFVVKRHTFSNY
QHEETIYNLLKDCPAVAKHDFFKFRIDGDMVPHISRQRLTKYTMADLVYALRHFDEGNCDTLKEILVTYNCCDDDYFNKK
DWYDFVENPDILRVYANLGERVRQALLKTVQFCDAMRNAGIVGVLTLDNQDLNGNWYDFGDFIQTTPGSGVPVVDSYYSL
LMPILTLTRALTAESHVDTDLTKPYIKWDLLKYDFTEERLKLFDRYFKYWDQTYHPNCVNCLDDRCILHCANFNVLFSTV
FPPTSFGPLVRKIFVDGVPFVVSTGYHFRELGVVHNQDVNLHSSRLSFKELLVYAADPAMHAASGNLLLDKRTTCFSVAA
LTNNVAFQTVKPGNFNKDFYDFAVSKGFFKEGSSVELKHFFFAQDGNAAISDYDYYRYNLPTMCDIRQLLFVVEVVDKYF
DCYDGGCINANQVIVNNLDKSAGFPFNKWGKARLYYDSMSYEDQDALFAYTKRNVIPTITQMNLKYAISAKNRARTVAGV
SICSTMTNRQFHQKLLKSIAATRGATVVIGTSKFYGGWHNMLKTVYSDVENPHLMGWDYPKCDRAMPNMLRIMASLVLAR
KHTTCCSLSHRFYRLANECAQVLSEMVMCGGSLYVKPGGTSSGDATTAYANSVFNICQAVTANVNALLSTDGNKIADKYV
RNLQHRLYECLYRNRDVDTDFVNEFYAYLRKHFSMMILSDDAVVCFNSTYASQGLVASIKNFKSVLYYQNNVFMSEAKCW
TETDLTKGPHEFCSQHTMLVKQGDDYVYLPYPDPSRILGAGCFVDDIVKTDGTLMIERFVSLAIDAYPLTKHPNQEYADV
FHLYLQYIRKLHDELTGHMLDMYSVMLTNNNTSRYWEPEFYEAMYTPHTVLQHHHHHHHHHH
;
A
2 'polypeptide(L)'
;AIASEFSSLPSYAAFATAQEAYEQAVANGDSEVVLKKLKKSLNVAKSEFDRDAAMQRKLEKMADQAMTQMYKQARSEDKR
AKVTSAMQTMLFTMLRKLDNDALNNIINNARDGCVPLNIIPLTTAAKLMVVIPDYNTYKNTCDGTTFTYASALWEIQQVV
DADSKIVQLSEISMDNSPNLAWPLIVTALRANSAVKLQ
;
B,D
3 'polypeptide(L)'
;SKMSDVKCTSVVLLSVLQQLRVESSSKLWAQCVQLHNDILLAKDTTEAFEKMVSLLSVLLSMQGAVDINKLCEEMLDNRA
TLQ
;
C
4 'polyribonucleotide' GCGGUAGUAGCAUGCUAGGGAGCAG I
5 'polyribonucleotide' AGCUGCUCCCUAGCAUGCUACUACCG J
6 'polypeptide(L)'
;AVGACVLCNSQTSLRCGACIRRPFLCCKCCYDHVISTSHKLVLSVNPYVCNAPGCDVTDVTQLYLGGMSYYCKSHKPPIS
FPLCANGQVFGLYKNTCVGSDNVTDFNAIATCDWTNAGDYILANTCTERLKLFAAETLKATEETFKLSYGIATVREVLSD
RELHLSWEVGKPRPPLNRNYVFTGYRVTKNSKVQIGEYTFEKGDYGDAVVYRGTTTYKLNVGDYFVLTSHTVMPLSAPTL
VPQEHYVRITGLYPTLNISDEFSSNVANYQKVGMQKYSTLQGPPGTGKSHFAIGLALYYPSARIVYTACSHAAVDALCEK
ALKYLPIDKCSRIIPARARVECFDKFKVNSTLEQYVFCTVNALPETTADIVVFDEISMATNYDLSVVNARLRAKHYVYIG
DPAQLPAPRTLLTKGTLEPEYFNSVCRLMKTIGPDMFLGTCRRCPAEIVDTVSALVYDNKLKAHKDKSAQCFKMFYKGVI
THDVSSAINRPQIGVVREFLTRNPAWRKAVFISPYNSQNAVASKILGLPTQTVDSSQGSEYDYVIFTQTTETAHSCNVNR
FNVAITRAKVGILCIMSDRDLYDKLQFTSLEIPRRNVATLQ
;
E,F
7 'polypeptide(L)'
;NNELSPVALRQMSCAAGTTQTACTDDNALAYYNTTKGGRFVLALLSDLQDLKWARFPKSDGTGTIYTELEPPCRFVTDTP
KGPKVKYLYFIKGLNNLNRGMVLGSLAATVRLQ
;
G
#
loop_
_chem_comp.id
_chem_comp.type
_chem_comp.name
_chem_comp.formula
A RNA linking ADENOSINE-5'-MONOPHOSPHATE 'C10 H14 N5 O7 P'
C RNA linking CYTIDINE-5'-MONOPHOSPHATE 'C9 H14 N3 O8 P'
G RNA linking GUANOSINE-5'-MONOPHOSPHATE 'C10 H14 N5 O8 P'
MN non-polymer 'MANGANESE (II) ION' 'Mn 2'
U RNA linking URIDINE-5'-MONOPHOSPHATE 'C9 H13 N2 O9 P'
U5P non-polymer URIDINE-5'-MONOPHOSPHATE 'C9 H13 N2 O9 P'
ZN non-polymer 'ZINC ION' 'Zn 2'
#
# COMPACT_ATOMS: atom_id res chain seq x y z
N ALA A 4 -58.98 18.52 -65.99
CA ALA A 4 -58.73 17.53 -67.03
C ALA A 4 -57.29 17.04 -66.99
N GLN A 5 -56.65 16.99 -68.16
CA GLN A 5 -55.26 16.55 -68.25
C GLN A 5 -54.29 17.68 -68.53
N SER A 6 -54.76 18.81 -69.09
CA SER A 6 -53.90 19.95 -69.33
C SER A 6 -53.29 20.49 -68.05
N PHE A 7 -53.88 20.20 -66.90
CA PHE A 7 -53.25 20.53 -65.63
C PHE A 7 -51.86 19.89 -65.53
N LEU A 8 -51.78 18.60 -65.83
CA LEU A 8 -50.51 17.90 -65.69
C LEU A 8 -49.45 18.42 -66.66
N ASN A 9 -49.85 18.75 -67.89
CA ASN A 9 -48.86 19.27 -68.82
C ASN A 9 -48.56 20.75 -68.59
N ARG A 10 -49.39 21.45 -67.83
CA ARG A 10 -49.03 22.79 -67.38
C ARG A 10 -48.04 22.74 -66.22
N VAL A 11 -48.22 21.81 -65.29
CA VAL A 11 -47.36 21.74 -64.11
C VAL A 11 -45.91 21.50 -64.51
N CYS A 12 -45.68 20.54 -65.39
CA CYS A 12 -44.31 20.20 -65.76
C CYS A 12 -43.59 21.36 -66.44
N GLY A 13 -44.33 22.32 -67.00
CA GLY A 13 -43.73 23.51 -67.53
C GLY A 13 -42.76 23.26 -68.67
N VAL A 14 -41.47 23.44 -68.40
CA VAL A 14 -40.44 23.35 -69.41
C VAL A 14 -39.58 22.10 -69.26
N SER A 15 -39.20 21.76 -68.02
CA SER A 15 -38.18 20.76 -67.76
C SER A 15 -38.81 19.45 -67.29
N ALA A 16 -38.41 18.35 -67.91
CA ALA A 16 -38.65 16.99 -67.41
C ALA A 16 -40.14 16.73 -67.19
N ALA A 17 -40.86 16.70 -68.31
CA ALA A 17 -42.31 16.51 -68.26
C ALA A 17 -42.68 15.04 -68.08
N ARG A 18 -42.09 14.40 -67.09
CA ARG A 18 -42.38 13.00 -66.78
C ARG A 18 -43.30 12.90 -65.56
N LEU A 19 -44.51 13.43 -65.69
CA LEU A 19 -45.41 13.61 -64.56
C LEU A 19 -46.35 12.42 -64.38
N THR A 20 -46.44 11.94 -63.13
CA THR A 20 -47.34 10.85 -62.76
C THR A 20 -48.14 11.31 -61.56
N PRO A 21 -49.46 11.31 -61.62
CA PRO A 21 -50.26 11.68 -60.43
C PRO A 21 -49.92 10.75 -59.26
N CYS A 22 -49.91 11.33 -58.07
CA CYS A 22 -49.64 10.59 -56.84
C CYS A 22 -50.83 10.67 -55.90
N GLY A 23 -52.02 10.49 -56.46
CA GLY A 23 -53.26 10.53 -55.71
C GLY A 23 -54.44 10.70 -56.63
N THR A 24 -55.32 11.65 -56.31
CA THR A 24 -56.42 12.01 -57.19
C THR A 24 -55.94 12.96 -58.29
N GLY A 25 -56.88 13.62 -58.95
CA GLY A 25 -56.54 14.53 -60.04
C GLY A 25 -56.45 15.97 -59.61
N THR A 26 -57.46 16.78 -59.96
CA THR A 26 -57.48 18.20 -59.65
C THR A 26 -57.83 18.48 -58.19
N SER A 27 -57.78 17.46 -57.33
CA SER A 27 -58.05 17.63 -55.91
C SER A 27 -56.77 17.40 -55.12
N THR A 28 -56.83 17.72 -53.83
CA THR A 28 -55.64 17.81 -52.99
C THR A 28 -55.19 16.42 -52.54
N ASP A 29 -54.25 16.39 -51.60
CA ASP A 29 -53.63 15.14 -51.14
C ASP A 29 -53.23 15.35 -49.69
N VAL A 30 -53.90 14.67 -48.76
CA VAL A 30 -53.72 14.88 -47.33
C VAL A 30 -52.78 13.81 -46.77
N VAL A 31 -51.72 14.24 -46.10
CA VAL A 31 -50.75 13.35 -45.48
C VAL A 31 -50.40 13.89 -44.10
N TYR A 32 -49.88 13.02 -43.24
CA TYR A 32 -49.40 13.38 -41.91
C TYR A 32 -47.94 13.81 -42.01
N ARG A 33 -47.65 15.06 -41.69
CA ARG A 33 -46.29 15.56 -41.60
C ARG A 33 -46.10 16.30 -40.29
N ALA A 34 -44.84 16.44 -39.87
CA ALA A 34 -44.50 17.08 -38.62
C ALA A 34 -44.13 18.53 -38.86
N PHE A 35 -44.98 19.45 -38.41
CA PHE A 35 -44.73 20.88 -38.52
C PHE A 35 -44.12 21.41 -37.22
N ASP A 36 -43.95 22.72 -37.19
CA ASP A 36 -43.59 23.46 -35.97
C ASP A 36 -44.37 24.77 -36.03
N ILE A 37 -45.55 24.77 -35.42
CA ILE A 37 -46.52 25.84 -35.56
C ILE A 37 -46.44 26.74 -34.35
N TYR A 38 -46.47 28.06 -34.58
CA TYR A 38 -46.68 29.03 -33.48
C TYR A 38 -47.36 30.25 -34.10
N ASN A 39 -48.70 30.24 -34.08
CA ASN A 39 -49.48 31.43 -34.30
C ASN A 39 -50.04 31.88 -32.95
N ASP A 40 -51.00 32.81 -32.96
CA ASP A 40 -51.55 33.36 -31.74
C ASP A 40 -52.55 32.42 -31.06
N LYS A 41 -52.61 31.15 -31.46
CA LYS A 41 -53.55 30.23 -30.84
C LYS A 41 -52.98 28.85 -30.51
N VAL A 42 -51.77 28.51 -30.94
CA VAL A 42 -51.29 27.14 -30.78
C VAL A 42 -49.79 27.12 -30.97
N ALA A 43 -49.11 26.32 -30.16
CA ALA A 43 -47.69 26.06 -30.32
C ALA A 43 -47.49 24.57 -30.53
N GLY A 44 -46.24 24.14 -30.59
CA GLY A 44 -45.91 22.73 -30.58
C GLY A 44 -45.03 22.32 -31.74
N PHE A 45 -44.52 21.09 -31.63
CA PHE A 45 -43.75 20.41 -32.67
C PHE A 45 -44.43 19.06 -32.83
N ALA A 46 -45.48 19.02 -33.65
CA ALA A 46 -46.37 17.87 -33.68
C ALA A 46 -46.78 17.56 -35.10
N LYS A 47 -47.28 16.35 -35.30
CA LYS A 47 -47.76 15.91 -36.61
C LYS A 47 -49.15 16.47 -36.85
N PHE A 48 -49.27 17.40 -37.79
CA PHE A 48 -50.54 17.97 -38.21
C PHE A 48 -50.93 17.37 -39.56
N LEU A 49 -52.09 17.77 -40.06
CA LEU A 49 -52.67 17.22 -41.29
C LEU A 49 -52.54 18.25 -42.41
N LYS A 50 -51.44 18.17 -43.16
CA LYS A 50 -51.24 19.03 -44.32
C LYS A 50 -52.22 18.61 -45.41
N THR A 51 -53.02 19.55 -45.90
CA THR A 51 -54.11 19.22 -46.81
C THR A 51 -53.95 19.81 -48.21
N ASN A 52 -53.77 21.13 -48.33
CA ASN A 52 -53.88 21.81 -49.62
C ASN A 52 -52.54 21.76 -50.35
N CYS A 53 -52.31 20.63 -51.00
CA CYS A 53 -51.16 20.49 -51.89
C CYS A 53 -51.38 19.26 -52.78
N CYS A 54 -51.23 19.44 -54.09
CA CYS A 54 -51.26 18.31 -55.00
C CYS A 54 -49.83 17.90 -55.31
N ARG A 55 -49.51 16.63 -55.10
CA ARG A 55 -48.14 16.15 -55.17
C ARG A 55 -48.00 15.22 -56.37
N PHE A 56 -47.03 15.53 -57.24
CA PHE A 56 -46.74 14.73 -58.42
C PHE A 56 -45.34 14.17 -58.30
N GLN A 57 -45.12 12.96 -58.83
CA GLN A 57 -43.82 12.30 -58.75
C GLN A 57 -43.24 12.16 -60.15
N GLU A 58 -41.96 12.49 -60.28
CA GLU A 58 -41.31 12.41 -61.58
C GLU A 58 -40.90 10.97 -61.90
N LYS A 59 -40.78 10.68 -63.19
CA LYS A 59 -40.29 9.39 -63.65
C LYS A 59 -38.86 9.52 -64.13
N ASP A 60 -37.97 8.71 -63.56
CA ASP A 60 -36.63 8.56 -64.10
C ASP A 60 -36.73 7.75 -65.39
N GLU A 61 -35.65 7.75 -66.17
CA GLU A 61 -35.61 6.99 -67.41
C GLU A 61 -35.86 5.51 -67.15
N ASP A 62 -36.16 4.75 -68.21
CA ASP A 62 -36.57 3.35 -68.14
C ASP A 62 -37.90 3.17 -67.43
N ASP A 63 -38.66 4.25 -67.29
CA ASP A 63 -39.96 4.24 -66.61
C ASP A 63 -39.80 3.66 -65.21
N ASN A 64 -39.09 4.39 -64.35
CA ASN A 64 -38.99 4.08 -62.95
C ASN A 64 -39.22 5.34 -62.12
N LEU A 65 -39.90 5.17 -60.99
CA LEU A 65 -40.23 6.32 -60.15
C LEU A 65 -38.99 6.83 -59.44
N ILE A 66 -38.80 8.15 -59.46
CA ILE A 66 -37.61 8.79 -58.91
C ILE A 66 -38.00 9.62 -57.70
N ASP A 67 -37.02 9.85 -56.82
CA ASP A 67 -37.24 10.56 -55.57
C ASP A 67 -37.13 12.06 -55.81
N SER A 68 -38.19 12.61 -56.39
CA SER A 68 -38.30 14.05 -56.62
C SER A 68 -39.74 14.39 -56.99
N TYR A 69 -40.30 15.45 -56.42
CA TYR A 69 -41.72 15.73 -56.56
C TYR A 69 -41.95 17.17 -57.02
N PHE A 70 -43.20 17.44 -57.43
CA PHE A 70 -43.63 18.75 -57.90
C PHE A 70 -44.89 19.13 -57.13
N VAL A 71 -44.73 19.72 -55.96
CA VAL A 71 -45.86 20.09 -55.13
C VAL A 71 -46.48 21.37 -55.67
N VAL A 72 -47.77 21.57 -55.41
CA VAL A 72 -48.49 22.75 -55.84
C VAL A 72 -49.57 23.08 -54.82
N LYS A 73 -49.48 24.26 -54.21
CA LYS A 73 -50.47 24.69 -53.24
C LYS A 73 -51.65 25.35 -53.96
N ARG A 74 -52.64 25.81 -53.19
CA ARG A 74 -53.78 26.53 -53.76
C ARG A 74 -54.39 27.38 -52.64
N HIS A 75 -54.08 28.67 -52.65
CA HIS A 75 -54.45 29.49 -51.50
C HIS A 75 -54.61 30.96 -51.87
N THR A 76 -55.85 31.46 -51.69
CA THR A 76 -56.20 32.89 -51.72
C THR A 76 -55.60 33.66 -52.88
N PHE A 77 -55.44 34.97 -52.70
CA PHE A 77 -54.84 35.82 -53.72
C PHE A 77 -53.80 36.81 -53.20
N SER A 78 -53.89 37.26 -51.95
CA SER A 78 -52.89 38.17 -51.40
C SER A 78 -51.59 37.46 -51.12
N ASN A 79 -51.67 36.28 -50.52
CA ASN A 79 -50.47 35.45 -50.32
C ASN A 79 -49.80 35.17 -51.66
N TYR A 80 -50.59 35.05 -52.71
CA TYR A 80 -50.04 34.83 -54.06
C TYR A 80 -49.05 35.93 -54.45
N GLN A 81 -49.52 37.18 -54.50
CA GLN A 81 -48.65 38.27 -54.91
C GLN A 81 -47.52 38.51 -53.90
N HIS A 82 -47.82 38.36 -52.62
CA HIS A 82 -46.79 38.55 -51.58
C HIS A 82 -45.64 37.57 -51.80
N GLU A 83 -45.99 36.29 -51.95
CA GLU A 83 -45.03 35.25 -52.30
C GLU A 83 -44.30 35.58 -53.58
N GLU A 84 -45.01 36.09 -54.58
CA GLU A 84 -44.36 36.38 -55.86
C GLU A 84 -43.27 37.43 -55.68
N THR A 85 -43.57 38.49 -54.93
CA THR A 85 -42.59 39.55 -54.71
C THR A 85 -41.39 39.03 -53.93
N ILE A 86 -41.63 38.28 -52.86
CA ILE A 86 -40.51 37.80 -52.07
C ILE A 86 -39.64 36.84 -52.87
N TYR A 87 -40.26 35.97 -53.68
CA TYR A 87 -39.47 35.06 -54.49
C TYR A 87 -38.67 35.81 -55.54
N ASN A 88 -39.30 36.78 -56.21
CA ASN A 88 -38.58 37.60 -57.18
C ASN A 88 -37.35 38.22 -56.54
N LEU A 89 -37.46 38.63 -55.28
CA LEU A 89 -36.29 39.16 -54.59
C LEU A 89 -35.24 38.08 -54.29
N LEU A 90 -35.68 36.88 -53.89
CA LEU A 90 -34.76 35.87 -53.37
C LEU A 90 -34.31 34.83 -54.40
N LYS A 91 -34.50 35.10 -55.70
CA LYS A 91 -34.35 34.01 -56.66
C LYS A 91 -32.90 33.61 -56.91
N ASP A 92 -31.95 34.55 -56.83
CA ASP A 92 -30.60 34.26 -57.31
C ASP A 92 -29.79 33.36 -56.38
N CYS A 93 -30.26 33.11 -55.17
CA CYS A 93 -29.50 32.27 -54.25
C CYS A 93 -29.47 30.83 -54.74
N PRO A 94 -28.38 30.10 -54.50
CA PRO A 94 -28.35 28.68 -54.88
C PRO A 94 -29.18 27.79 -53.97
N ALA A 95 -29.54 28.25 -52.78
CA ALA A 95 -30.23 27.43 -51.78
C ALA A 95 -31.71 27.72 -51.70
N VAL A 96 -32.36 28.01 -52.82
CA VAL A 96 -33.79 28.24 -52.88
C VAL A 96 -34.34 27.42 -54.04
N ALA A 97 -35.41 26.67 -53.78
CA ALA A 97 -35.96 25.79 -54.80
C ALA A 97 -36.83 26.55 -55.78
N LYS A 98 -36.75 26.19 -57.05
CA LYS A 98 -37.36 26.98 -58.12
C LYS A 98 -38.87 26.92 -58.03
N HIS A 99 -39.49 28.07 -57.75
CA HIS A 99 -40.93 28.19 -57.72
C HIS A 99 -41.48 28.27 -59.15
N ASP A 100 -42.80 28.33 -59.26
CA ASP A 100 -43.44 28.58 -60.54
C ASP A 100 -44.86 29.01 -60.22
N PHE A 101 -45.21 30.24 -60.57
CA PHE A 101 -46.52 30.80 -60.28
C PHE A 101 -47.36 30.82 -61.54
N PHE A 102 -48.55 30.22 -61.48
CA PHE A 102 -49.44 30.22 -62.63
C PHE A 102 -50.88 30.25 -62.15
N LYS A 103 -51.77 30.66 -63.05
CA LYS A 103 -53.20 30.65 -62.81
C LYS A 103 -53.85 29.62 -63.71
N PHE A 104 -54.51 28.64 -63.11
CA PHE A 104 -55.32 27.67 -63.83
C PHE A 104 -56.77 27.90 -63.44
N ARG A 105 -57.68 27.23 -64.15
CA ARG A 105 -59.10 27.31 -63.85
C ARG A 105 -59.64 25.91 -63.60
N ILE A 106 -60.44 25.79 -62.54
CA ILE A 106 -61.13 24.52 -62.25
C ILE A 106 -62.58 24.71 -62.67
N ASP A 107 -63.26 25.62 -62.00
CA ASP A 107 -64.49 26.22 -62.52
C ASP A 107 -64.12 27.58 -63.12
N GLY A 108 -65.10 28.42 -63.42
CA GLY A 108 -64.81 29.68 -64.05
C GLY A 108 -64.17 30.71 -63.13
N ASP A 109 -62.93 30.45 -62.71
CA ASP A 109 -62.19 31.40 -61.88
C ASP A 109 -60.72 31.02 -61.93
N MET A 110 -59.83 32.02 -61.96
CA MET A 110 -58.41 31.78 -62.05
C MET A 110 -57.81 31.47 -60.68
N VAL A 111 -57.97 30.25 -60.20
CA VAL A 111 -57.35 29.86 -58.93
C VAL A 111 -55.85 29.85 -59.10
N PRO A 112 -55.10 30.53 -58.23
CA PRO A 112 -53.64 30.58 -58.37
C PRO A 112 -52.95 29.41 -57.70
N HIS A 113 -51.78 29.08 -58.22
CA HIS A 113 -51.02 27.93 -57.77
C HIS A 113 -49.54 28.29 -57.64
N ILE A 114 -48.85 27.51 -56.84
CA ILE A 114 -47.40 27.62 -56.68
C ILE A 114 -46.84 26.24 -56.95
N SER A 115 -46.44 26.00 -58.21
CA SER A 115 -45.99 24.68 -58.63
C SER A 115 -44.48 24.61 -58.51
N ARG A 116 -44.02 24.32 -57.29
CA ARG A 116 -42.60 24.16 -57.05
C ARG A 116 -42.08 22.93 -57.79
N GLN A 117 -40.77 22.73 -57.73
CA GLN A 117 -40.13 21.78 -58.63
C GLN A 117 -39.01 21.03 -57.95
N ARG A 118 -38.97 19.71 -58.19
CA ARG A 118 -37.87 18.83 -57.79
C ARG A 118 -37.64 18.88 -56.28
N LEU A 119 -38.66 18.40 -55.56
CA LEU A 119 -38.64 18.28 -54.11
C LEU A 119 -38.03 16.96 -53.67
N THR A 120 -38.18 16.66 -52.39
CA THR A 120 -37.98 15.34 -51.82
C THR A 120 -39.20 15.06 -50.96
N LYS A 121 -39.57 13.78 -50.83
CA LYS A 121 -40.85 13.45 -50.22
C LYS A 121 -40.94 13.98 -48.80
N TYR A 122 -39.85 13.92 -48.04
CA TYR A 122 -39.82 14.34 -46.65
C TYR A 122 -39.00 15.62 -46.51
N THR A 123 -39.38 16.42 -45.52
CA THR A 123 -38.60 17.58 -45.11
C THR A 123 -37.56 17.13 -44.09
N MET A 124 -36.83 18.07 -43.49
CA MET A 124 -35.98 17.71 -42.37
C MET A 124 -36.78 17.56 -41.08
N ALA A 125 -37.96 18.17 -41.01
CA ALA A 125 -38.76 18.09 -39.81
C ALA A 125 -39.19 16.66 -39.53
N ASP A 126 -39.51 15.89 -40.58
CA ASP A 126 -39.88 14.50 -40.37
C ASP A 126 -38.71 13.69 -39.84
N LEU A 127 -37.51 13.91 -40.37
CA LEU A 127 -36.33 13.22 -39.87
C LEU A 127 -36.11 13.54 -38.39
N VAL A 128 -36.13 14.83 -38.04
CA VAL A 128 -35.85 15.23 -36.68
C VAL A 128 -36.91 14.72 -35.72
N TYR A 129 -38.19 14.86 -36.09
CA TYR A 129 -39.27 14.35 -35.27
C TYR A 129 -39.15 12.85 -35.06
N ALA A 130 -38.92 12.09 -36.14
CA ALA A 130 -38.89 10.64 -36.05
C ALA A 130 -37.71 10.17 -35.21
N LEU A 131 -36.59 10.89 -35.24
CA LEU A 131 -35.48 10.52 -34.37
C LEU A 131 -35.67 10.95 -32.92
N ARG A 132 -36.39 12.06 -32.68
CA ARG A 132 -36.56 12.58 -31.33
C ARG A 132 -37.85 12.11 -30.66
N HIS A 133 -38.72 11.43 -31.39
CA HIS A 133 -40.01 10.98 -30.86
C HIS A 133 -40.20 9.51 -31.20
N PHE A 134 -39.18 8.70 -30.94
CA PHE A 134 -39.16 7.33 -31.42
C PHE A 134 -40.27 6.49 -30.80
N ASP A 135 -40.74 5.51 -31.57
CA ASP A 135 -41.64 4.48 -31.07
C ASP A 135 -41.46 3.28 -31.98
N GLU A 136 -40.72 2.27 -31.49
CA GLU A 136 -40.35 1.14 -32.34
C GLU A 136 -41.56 0.33 -32.79
N GLY A 137 -42.72 0.53 -32.16
CA GLY A 137 -43.92 -0.13 -32.63
C GLY A 137 -44.29 0.29 -34.05
N ASN A 138 -44.17 1.58 -34.36
CA ASN A 138 -44.45 2.09 -35.70
C ASN A 138 -43.40 3.15 -36.03
N CYS A 139 -42.33 2.72 -36.70
CA CYS A 139 -41.29 3.62 -37.16
C CYS A 139 -41.15 3.52 -38.66
N ASP A 140 -42.29 3.51 -39.37
CA ASP A 140 -42.27 3.33 -40.82
C ASP A 140 -41.55 4.46 -41.52
N THR A 141 -41.78 5.71 -41.09
CA THR A 141 -41.14 6.85 -41.73
C THR A 141 -39.63 6.75 -41.61
N LEU A 142 -39.14 6.35 -40.44
CA LEU A 142 -37.69 6.18 -40.28
C LEU A 142 -37.17 5.07 -41.19
N LYS A 143 -37.91 3.97 -41.32
CA LYS A 143 -37.49 2.91 -42.22
C LYS A 143 -37.36 3.43 -43.64
N GLU A 144 -38.36 4.15 -44.12
CA GLU A 144 -38.33 4.64 -45.50
C GLU A 144 -37.20 5.64 -45.68
N ILE A 145 -37.03 6.56 -44.74
CA ILE A 145 -35.98 7.57 -44.86
C ILE A 145 -34.61 6.90 -44.84
N LEU A 146 -34.46 5.84 -44.07
CA LEU A 146 -33.17 5.16 -44.01
C LEU A 146 -32.89 4.41 -45.31
N VAL A 147 -33.89 3.70 -45.85
CA VAL A 147 -33.63 2.92 -47.05
C VAL A 147 -33.44 3.80 -48.28
N THR A 148 -34.15 4.93 -48.36
CA THR A 148 -34.13 5.72 -49.59
C THR A 148 -32.76 6.30 -49.89
N TYR A 149 -32.02 6.72 -48.87
CA TYR A 149 -30.73 7.37 -49.07
C TYR A 149 -29.56 6.40 -48.91
N ASN A 150 -29.77 5.13 -49.24
CA ASN A 150 -28.71 4.13 -49.34
C ASN A 150 -27.93 3.96 -48.04
N CYS A 151 -28.52 4.37 -46.92
CA CYS A 151 -27.87 4.14 -45.64
C CYS A 151 -27.86 2.66 -45.28
N CYS A 152 -28.95 1.95 -45.58
CA CYS A 152 -29.06 0.53 -45.32
C CYS A 152 -29.89 -0.10 -46.44
N ASP A 153 -30.35 -1.32 -46.20
CA ASP A 153 -31.23 -2.03 -47.11
C ASP A 153 -32.36 -2.68 -46.30
N ASP A 154 -33.48 -2.94 -46.98
CA ASP A 154 -34.69 -3.39 -46.29
C ASP A 154 -34.42 -4.67 -45.51
N ASP A 155 -33.52 -5.51 -46.01
CA ASP A 155 -33.19 -6.76 -45.32
C ASP A 155 -32.56 -6.52 -43.96
N TYR A 156 -32.08 -5.31 -43.69
CA TYR A 156 -31.52 -5.01 -42.37
C TYR A 156 -32.58 -5.00 -41.29
N PHE A 157 -33.80 -4.58 -41.62
CA PHE A 157 -34.84 -4.45 -40.60
C PHE A 157 -35.48 -5.79 -40.25
N ASN A 158 -35.16 -6.86 -40.96
CA ASN A 158 -35.58 -8.19 -40.54
C ASN A 158 -34.77 -8.70 -39.36
N LYS A 159 -33.54 -8.21 -39.19
CA LYS A 159 -32.75 -8.49 -38.00
C LYS A 159 -33.38 -7.72 -36.85
N LYS A 160 -34.15 -8.43 -36.02
CA LYS A 160 -34.88 -7.81 -34.93
C LYS A 160 -33.91 -7.22 -33.91
N ASP A 161 -34.43 -6.39 -32.99
CA ASP A 161 -33.62 -5.52 -32.12
C ASP A 161 -32.56 -4.77 -32.92
N TRP A 162 -32.89 -4.38 -34.15
CA TRP A 162 -32.00 -3.56 -34.95
C TRP A 162 -31.79 -2.18 -34.33
N TYR A 163 -32.87 -1.57 -33.82
CA TYR A 163 -32.80 -0.22 -33.29
C TYR A 163 -31.98 -0.12 -32.00
N ASP A 164 -31.75 -1.23 -31.31
CA ASP A 164 -31.10 -1.19 -30.01
C ASP A 164 -29.69 -0.64 -30.13
N PHE A 165 -29.21 -0.03 -29.05
CA PHE A 165 -27.85 0.48 -28.97
C PHE A 165 -26.91 -0.43 -28.18
N VAL A 166 -27.42 -1.10 -27.14
CA VAL A 166 -26.60 -2.06 -26.41
C VAL A 166 -26.41 -3.32 -27.24
N GLU A 167 -27.52 -3.98 -27.58
CA GLU A 167 -27.50 -5.00 -28.61
C GLU A 167 -27.44 -4.32 -29.98
N ASN A 168 -26.82 -5.02 -30.93
CA ASN A 168 -26.65 -4.50 -32.29
C ASN A 168 -25.97 -3.13 -32.25
N PRO A 169 -24.72 -3.04 -31.80
CA PRO A 169 -24.03 -1.74 -31.80
C PRO A 169 -23.68 -1.23 -33.20
N ASP A 170 -24.03 -1.96 -34.25
CA ASP A 170 -23.71 -1.55 -35.61
C ASP A 170 -24.64 -0.43 -36.11
N ILE A 171 -25.77 -0.21 -35.44
CA ILE A 171 -26.73 0.80 -35.88
C ILE A 171 -26.11 2.18 -35.96
N LEU A 172 -25.02 2.43 -35.22
CA LEU A 172 -24.28 3.67 -35.38
C LEU A 172 -23.75 3.81 -36.81
N ARG A 173 -23.28 2.72 -37.40
CA ARG A 173 -22.80 2.80 -38.77
C ARG A 173 -23.93 3.05 -39.75
N VAL A 174 -25.15 2.65 -39.40
CA VAL A 174 -26.30 2.95 -40.25
C VAL A 174 -26.68 4.42 -40.13
N TYR A 175 -26.71 4.95 -38.91
CA TYR A 175 -27.10 6.34 -38.71
C TYR A 175 -26.06 7.31 -39.27
N ALA A 176 -24.77 6.99 -39.10
CA ALA A 176 -23.71 7.89 -39.50
C ALA A 176 -23.65 8.11 -41.00
N ASN A 177 -24.34 7.28 -41.79
CA ASN A 177 -24.39 7.49 -43.23
C ASN A 177 -25.27 8.67 -43.62
N LEU A 178 -25.98 9.27 -42.67
CA LEU A 178 -26.81 10.45 -42.92
C LEU A 178 -26.07 11.75 -42.60
N GLY A 179 -24.78 11.70 -42.33
CA GLY A 179 -24.06 12.89 -41.94
C GLY A 179 -23.98 13.94 -43.03
N GLU A 180 -23.66 13.51 -44.26
CA GLU A 180 -23.39 14.46 -45.32
C GLU A 180 -24.63 15.26 -45.68
N ARG A 181 -25.80 14.63 -45.71
CA ARG A 181 -27.02 15.35 -46.05
C ARG A 181 -27.29 16.46 -45.04
N VAL A 182 -27.11 16.17 -43.75
CA VAL A 182 -27.35 17.16 -42.71
C VAL A 182 -26.32 18.28 -42.79
N ARG A 183 -25.06 17.94 -43.04
CA ARG A 183 -24.03 18.97 -43.15
C ARG A 183 -24.31 19.90 -44.32
N GLN A 184 -24.75 19.34 -45.46
CA GLN A 184 -25.13 20.17 -46.59
C GLN A 184 -26.33 21.03 -46.28
N ALA A 185 -27.29 20.51 -45.50
CA ALA A 185 -28.41 21.33 -45.06
C ALA A 185 -27.92 22.50 -44.23
N LEU A 186 -26.98 22.27 -43.33
CA LEU A 186 -26.41 23.36 -42.53
C LEU A 186 -25.80 24.44 -43.43
N LEU A 187 -24.98 24.02 -44.39
CA LEU A 187 -24.30 25.00 -45.26
C LEU A 187 -25.30 25.80 -46.10
N LYS A 188 -26.29 25.11 -46.69
CA LYS A 188 -27.24 25.84 -47.52
C LYS A 188 -28.18 26.70 -46.68
N THR A 189 -28.39 26.35 -45.41
CA THR A 189 -29.10 27.24 -44.50
C THR A 189 -28.31 28.52 -44.24
N VAL A 190 -27.00 28.38 -44.05
CA VAL A 190 -26.16 29.57 -43.89
C VAL A 190 -26.26 30.46 -45.11
N GLN A 191 -26.19 29.86 -46.31
CA GLN A 191 -26.28 30.68 -47.52
C GLN A 191 -27.64 31.32 -47.68
N PHE A 192 -28.71 30.63 -47.26
CA PHE A 192 -30.03 31.23 -47.27
C PHE A 192 -30.12 32.42 -46.34
N CYS A 193 -29.53 32.31 -45.15
CA CYS A 193 -29.52 33.44 -44.22
C CYS A 193 -28.77 34.62 -44.82
N ASP A 194 -27.64 34.36 -45.49
CA ASP A 194 -26.90 35.44 -46.13
C ASP A 194 -27.74 36.12 -47.21
N ALA A 195 -28.42 35.33 -48.03
CA ALA A 195 -29.26 35.92 -49.07
C ALA A 195 -30.38 36.75 -48.48
N MET A 196 -31.02 36.25 -47.41
CA MET A 196 -32.10 36.99 -46.77
C MET A 196 -31.61 38.30 -46.19
N ARG A 197 -30.44 38.28 -45.55
CA ARG A 197 -29.91 39.51 -44.97
C ARG A 197 -29.59 40.53 -46.05
N ASN A 198 -28.87 40.12 -47.09
CA ASN A 198 -28.48 41.06 -48.13
C ASN A 198 -29.68 41.53 -48.95
N ALA A 199 -30.78 40.78 -48.95
CA ALA A 199 -31.95 41.18 -49.72
C ALA A 199 -32.92 42.06 -48.93
N GLY A 200 -32.69 42.25 -47.64
CA GLY A 200 -33.58 43.05 -46.84
C GLY A 200 -34.93 42.42 -46.61
N ILE A 201 -34.94 41.21 -46.06
CA ILE A 201 -36.17 40.46 -45.80
C ILE A 201 -36.13 40.01 -44.34
N VAL A 202 -37.28 40.11 -43.68
CA VAL A 202 -37.41 39.76 -42.27
C VAL A 202 -38.32 38.54 -42.18
N GLY A 203 -37.85 37.48 -41.55
CA GLY A 203 -38.60 36.24 -41.54
C GLY A 203 -38.08 35.27 -40.52
N VAL A 204 -38.91 34.27 -40.22
CA VAL A 204 -38.63 33.27 -39.20
C VAL A 204 -38.46 31.90 -39.87
N LEU A 205 -37.39 31.20 -39.51
CA LEU A 205 -37.00 29.96 -40.16
C LEU A 205 -37.45 28.76 -39.34
N THR A 206 -38.04 27.76 -40.01
CA THR A 206 -38.39 26.48 -39.42
C THR A 206 -37.79 25.35 -40.24
N LEU A 207 -37.83 24.14 -39.68
CA LEU A 207 -37.32 22.96 -40.36
C LEU A 207 -38.36 22.32 -41.28
N ASP A 208 -39.64 22.57 -41.06
CA ASP A 208 -40.69 21.98 -41.89
C ASP A 208 -40.81 22.66 -43.24
N ASN A 209 -39.87 23.54 -43.60
CA ASN A 209 -39.83 24.22 -44.89
C ASN A 209 -38.45 24.05 -45.50
N GLN A 210 -37.93 22.82 -45.46
CA GLN A 210 -36.59 22.55 -45.97
C GLN A 210 -36.51 21.08 -46.35
N ASP A 211 -36.61 20.79 -47.65
CA ASP A 211 -36.40 19.42 -48.11
C ASP A 211 -34.96 18.99 -47.83
N LEU A 212 -34.76 17.68 -47.69
CA LEU A 212 -33.48 17.16 -47.23
C LEU A 212 -32.31 17.52 -48.13
N ASN A 213 -32.55 17.85 -49.40
CA ASN A 213 -31.46 18.29 -50.28
C ASN A 213 -30.78 19.54 -49.73
N GLY A 214 -31.57 20.48 -49.22
CA GLY A 214 -31.04 21.70 -48.66
C GLY A 214 -31.86 22.93 -48.99
N ASN A 215 -32.59 22.87 -50.10
CA ASN A 215 -33.36 24.03 -50.58
C ASN A 215 -34.46 24.41 -49.58
N TRP A 216 -35.09 25.55 -49.83
CA TRP A 216 -36.06 26.15 -48.94
C TRP A 216 -37.30 26.57 -49.72
N TYR A 217 -38.39 26.80 -48.99
CA TYR A 217 -39.61 27.29 -49.63
C TYR A 217 -40.55 27.86 -48.58
N ASP A 218 -41.78 28.16 -48.99
CA ASP A 218 -42.82 28.74 -48.16
C ASP A 218 -42.39 30.09 -47.58
N PHE A 219 -42.21 31.06 -48.48
CA PHE A 219 -41.97 32.43 -48.08
C PHE A 219 -43.30 33.12 -47.77
N GLY A 220 -44.14 32.46 -46.96
CA GLY A 220 -45.51 32.90 -46.82
C GLY A 220 -45.72 33.93 -45.75
N ASP A 221 -45.02 33.79 -44.62
CA ASP A 221 -45.17 34.68 -43.48
C ASP A 221 -43.95 35.58 -43.30
N PHE A 222 -43.35 36.03 -44.39
CA PHE A 222 -42.22 36.94 -44.36
C PHE A 222 -42.70 38.36 -44.57
N ILE A 223 -41.84 39.31 -44.18
CA ILE A 223 -42.10 40.73 -44.39
C ILE A 223 -40.82 41.37 -44.90
N GLN A 224 -40.98 42.51 -45.57
CA GLN A 224 -39.89 43.13 -46.31
C GLN A 224 -39.41 44.39 -45.63
N THR A 225 -38.09 44.54 -45.54
CA THR A 225 -37.47 45.75 -45.00
C THR A 225 -36.51 46.34 -46.03
N THR A 226 -35.77 47.37 -45.64
CA THR A 226 -34.84 48.00 -46.56
C THR A 226 -33.64 47.08 -46.79
N PRO A 227 -33.09 47.05 -48.00
CA PRO A 227 -31.98 46.13 -48.29
C PRO A 227 -30.77 46.39 -47.41
N GLY A 228 -30.03 45.33 -47.14
CA GLY A 228 -28.91 45.40 -46.23
C GLY A 228 -29.26 45.32 -44.77
N SER A 229 -30.55 45.20 -44.43
CA SER A 229 -30.99 45.21 -43.04
C SER A 229 -32.02 44.12 -42.73
N GLY A 230 -31.89 42.95 -43.34
CA GLY A 230 -32.77 41.86 -43.00
C GLY A 230 -32.31 41.12 -41.75
N VAL A 231 -33.20 40.28 -41.23
CA VAL A 231 -32.87 39.51 -40.03
C VAL A 231 -33.48 38.12 -40.09
N PRO A 232 -32.68 37.07 -39.96
CA PRO A 232 -33.22 35.71 -39.84
C PRO A 232 -33.37 35.26 -38.40
N VAL A 233 -34.46 34.54 -38.13
CA VAL A 233 -34.80 34.07 -36.80
C VAL A 233 -34.55 32.57 -36.75
N VAL A 234 -33.50 32.15 -36.03
CA VAL A 234 -33.06 30.76 -36.03
C VAL A 234 -33.01 30.15 -34.64
N ASP A 235 -33.90 30.57 -33.74
CA ASP A 235 -33.83 30.03 -32.38
C ASP A 235 -34.38 28.61 -32.32
N SER A 236 -35.54 28.37 -32.96
CA SER A 236 -36.17 27.06 -32.89
C SER A 236 -35.48 26.06 -33.80
N TYR A 237 -35.05 26.50 -34.98
CA TYR A 237 -34.44 25.64 -35.99
C TYR A 237 -33.20 24.93 -35.45
N TYR A 238 -32.18 25.70 -35.09
CA TYR A 238 -30.93 25.11 -34.62
C TYR A 238 -31.15 24.33 -33.33
N SER A 239 -31.95 24.86 -32.41
CA SER A 239 -32.08 24.23 -31.10
C SER A 239 -32.82 22.90 -31.20
N LEU A 240 -33.86 22.83 -32.04
CA LEU A 240 -34.50 21.55 -32.30
C LEU A 240 -33.55 20.59 -32.99
N LEU A 241 -32.70 21.09 -33.88
CA LEU A 241 -31.83 20.20 -34.63
C LEU A 241 -30.57 19.76 -33.86
N MET A 242 -30.29 20.36 -32.71
CA MET A 242 -29.08 20.03 -31.96
C MET A 242 -28.86 18.54 -31.70
N PRO A 243 -29.83 17.76 -31.17
CA PRO A 243 -29.50 16.38 -30.78
C PRO A 243 -29.10 15.48 -31.94
N ILE A 244 -29.47 15.83 -33.18
CA ILE A 244 -29.13 15.00 -34.33
C ILE A 244 -27.64 15.04 -34.65
N LEU A 245 -27.00 16.21 -34.49
CA LEU A 245 -25.63 16.41 -34.97
C LEU A 245 -24.60 15.57 -34.26
N THR A 246 -24.99 14.71 -33.32
CA THR A 246 -24.08 13.74 -32.75
C THR A 246 -24.60 12.31 -32.81
N LEU A 247 -25.88 12.13 -33.10
CA LEU A 247 -26.38 10.82 -33.49
C LEU A 247 -25.77 10.39 -34.82
N THR A 248 -25.69 11.32 -35.77
CA THR A 248 -25.26 11.02 -37.13
C THR A 248 -23.86 11.52 -37.45
N ARG A 249 -23.15 12.10 -36.48
CA ARG A 249 -21.80 12.60 -36.67
C ARG A 249 -21.71 13.49 -37.91
N ALA A 250 -22.53 14.54 -37.93
CA ALA A 250 -22.66 15.38 -39.10
C ALA A 250 -21.41 16.20 -39.39
N LEU A 251 -20.45 16.25 -38.46
CA LEU A 251 -19.22 17.00 -38.65
C LEU A 251 -18.02 16.08 -38.93
N THR A 252 -18.27 14.81 -39.26
CA THR A 252 -17.18 13.88 -39.52
C THR A 252 -16.38 14.27 -40.77
N ALA A 253 -16.98 15.02 -41.68
CA ALA A 253 -16.31 15.48 -42.88
C ALA A 253 -15.47 16.72 -42.66
N GLU A 254 -15.17 17.05 -41.40
CA GLU A 254 -14.36 18.22 -41.07
C GLU A 254 -12.96 17.85 -40.59
N SER A 255 -12.61 16.56 -40.61
CA SER A 255 -11.27 16.12 -40.25
C SER A 255 -10.44 15.67 -41.45
N HIS A 256 -10.99 15.79 -42.66
CA HIS A 256 -10.27 15.45 -43.87
C HIS A 256 -9.54 16.68 -44.42
N VAL A 257 -8.62 16.42 -45.36
CA VAL A 257 -7.63 17.43 -45.74
C VAL A 257 -8.31 18.68 -46.30
N ASP A 258 -9.33 18.49 -47.14
CA ASP A 258 -10.08 19.63 -47.68
C ASP A 258 -11.57 19.35 -47.49
N THR A 259 -11.90 18.88 -46.28
CA THR A 259 -13.27 18.63 -45.85
C THR A 259 -14.06 17.81 -46.87
N ASP A 260 -13.39 16.87 -47.54
CA ASP A 260 -14.02 16.00 -48.52
C ASP A 260 -13.78 14.56 -48.08
N LEU A 261 -14.80 13.72 -48.22
CA LEU A 261 -14.77 12.38 -47.66
C LEU A 261 -13.82 11.44 -48.40
N THR A 262 -13.26 11.85 -49.53
CA THR A 262 -12.36 11.01 -50.32
C THR A 262 -10.92 11.51 -50.24
N LYS A 263 -10.51 11.99 -49.08
CA LYS A 263 -9.18 12.55 -48.84
C LYS A 263 -8.61 11.95 -47.57
N PRO A 264 -7.29 12.01 -47.40
CA PRO A 264 -6.69 11.51 -46.15
C PRO A 264 -7.04 12.41 -44.98
N TYR A 265 -6.76 11.90 -43.79
CA TYR A 265 -7.02 12.65 -42.57
C TYR A 265 -5.98 13.74 -42.38
N ILE A 266 -6.42 14.86 -41.79
CA ILE A 266 -5.48 15.91 -41.41
C ILE A 266 -4.59 15.39 -40.29
N LYS A 267 -3.29 15.62 -40.41
CA LYS A 267 -2.33 15.20 -39.39
C LYS A 267 -1.99 16.43 -38.56
N TRP A 268 -2.73 16.62 -37.47
CA TRP A 268 -2.43 17.70 -36.54
C TRP A 268 -1.07 17.48 -35.90
N ASP A 269 -0.42 18.57 -35.52
CA ASP A 269 0.85 18.47 -34.83
C ASP A 269 0.62 17.83 -33.46
N LEU A 270 1.63 17.09 -32.98
CA LEU A 270 1.48 16.36 -31.72
C LEU A 270 1.27 17.31 -30.55
N LEU A 271 2.11 18.34 -30.44
CA LEU A 271 2.14 19.18 -29.25
C LEU A 271 1.09 20.29 -29.27
N LYS A 272 0.51 20.61 -30.42
CA LYS A 272 -0.46 21.69 -30.48
C LYS A 272 -1.73 21.31 -29.75
N TYR A 273 -2.15 22.15 -28.81
CA TYR A 273 -3.28 21.85 -27.95
C TYR A 273 -4.30 22.97 -27.83
N ASP A 274 -4.10 24.11 -28.47
CA ASP A 274 -4.98 25.25 -28.23
C ASP A 274 -6.33 25.05 -28.90
N PHE A 275 -6.35 24.95 -30.23
CA PHE A 275 -7.59 24.81 -30.99
C PHE A 275 -8.63 25.86 -30.60
N THR A 276 -8.17 27.09 -30.44
CA THR A 276 -9.10 28.18 -30.13
C THR A 276 -9.58 28.90 -31.38
N GLU A 277 -8.72 28.99 -32.40
CA GLU A 277 -9.13 29.58 -33.66
C GLU A 277 -9.99 28.64 -34.48
N GLU A 278 -9.69 27.33 -34.45
CA GLU A 278 -10.46 26.36 -35.22
C GLU A 278 -11.91 26.32 -34.75
N ARG A 279 -12.14 26.39 -33.44
CA ARG A 279 -13.51 26.35 -32.93
C ARG A 279 -14.30 27.56 -33.40
N LEU A 280 -13.69 28.74 -33.38
CA LEU A 280 -14.38 29.93 -33.86
C LEU A 280 -14.61 29.87 -35.36
N LYS A 281 -13.68 29.30 -36.11
CA LYS A 281 -13.89 29.13 -37.55
C LYS A 281 -15.06 28.20 -37.82
N LEU A 282 -15.14 27.09 -37.10
CA LEU A 282 -16.26 26.17 -37.26
C LEU A 282 -17.58 26.86 -36.90
N PHE A 283 -17.59 27.63 -35.81
CA PHE A 283 -18.79 28.33 -35.40
C PHE A 283 -19.21 29.36 -36.44
N ASP A 284 -18.23 30.04 -37.04
CA ASP A 284 -18.55 31.05 -38.05
C ASP A 284 -19.01 30.41 -39.36
N ARG A 285 -18.57 29.20 -39.65
CA ARG A 285 -18.98 28.53 -40.88
C ARG A 285 -20.36 27.91 -40.76
N TYR A 286 -20.62 27.18 -39.68
CA TYR A 286 -21.87 26.44 -39.54
C TYR A 286 -22.94 27.18 -38.76
N PHE A 287 -22.56 27.95 -37.75
CA PHE A 287 -23.53 28.63 -36.89
C PHE A 287 -23.33 30.14 -36.92
N LYS A 288 -23.23 30.71 -38.12
CA LYS A 288 -22.89 32.13 -38.24
C LYS A 288 -23.91 33.02 -37.54
N TYR A 289 -25.20 32.73 -37.67
CA TYR A 289 -26.25 33.61 -37.20
C TYR A 289 -26.85 33.16 -35.87
N TRP A 290 -26.09 32.46 -35.04
CA TRP A 290 -26.52 32.12 -33.69
C TRP A 290 -26.09 33.27 -32.79
N ASP A 291 -26.96 34.27 -32.66
CA ASP A 291 -26.61 35.55 -32.03
C ASP A 291 -26.61 35.41 -30.50
N GLN A 292 -25.61 34.69 -30.01
CA GLN A 292 -25.32 34.65 -28.59
C GLN A 292 -23.85 34.31 -28.44
N THR A 293 -23.14 35.11 -27.65
CA THR A 293 -21.68 35.02 -27.62
C THR A 293 -21.25 33.60 -27.26
N TYR A 294 -20.29 33.08 -28.02
CA TYR A 294 -19.74 31.75 -27.79
C TYR A 294 -18.28 31.91 -27.41
N HIS A 295 -17.96 31.57 -26.16
CA HIS A 295 -16.60 31.68 -25.67
C HIS A 295 -15.89 30.35 -25.87
N PRO A 296 -14.83 30.30 -26.67
CA PRO A 296 -14.16 29.01 -26.89
C PRO A 296 -13.64 28.37 -25.62
N ASN A 297 -13.20 29.18 -24.65
CA ASN A 297 -12.81 28.69 -23.34
C ASN A 297 -13.80 29.24 -22.31
N CYS A 298 -14.35 28.36 -21.49
CA CYS A 298 -15.43 28.72 -20.59
C CYS A 298 -14.97 29.51 -19.37
N VAL A 299 -13.66 29.60 -19.13
CA VAL A 299 -13.16 30.39 -18.01
C VAL A 299 -13.51 31.87 -18.16
N ASN A 300 -13.94 32.29 -19.34
CA ASN A 300 -14.41 33.65 -19.58
C ASN A 300 -15.91 33.81 -19.40
N CYS A 301 -16.62 32.75 -19.03
CA CYS A 301 -18.07 32.81 -18.98
C CYS A 301 -18.55 33.66 -17.81
N LEU A 302 -19.77 34.19 -17.95
CA LEU A 302 -20.31 35.14 -16.99
C LEU A 302 -21.04 34.46 -15.84
N ASP A 303 -21.81 33.41 -16.11
CA ASP A 303 -22.50 32.68 -15.04
C ASP A 303 -22.70 31.24 -15.49
N ASP A 304 -23.50 30.50 -14.73
CA ASP A 304 -23.66 29.07 -15.00
C ASP A 304 -24.33 28.81 -16.34
N ARG A 305 -25.38 29.56 -16.67
CA ARG A 305 -26.11 29.30 -17.90
C ARG A 305 -25.24 29.52 -19.13
N CYS A 306 -24.37 30.53 -19.11
CA CYS A 306 -23.42 30.68 -20.20
C CYS A 306 -22.41 29.54 -20.23
N ILE A 307 -22.05 28.98 -19.07
CA ILE A 307 -21.16 27.83 -19.05
C ILE A 307 -21.83 26.64 -19.73
N LEU A 308 -23.12 26.44 -19.47
CA LEU A 308 -23.87 25.41 -20.19
C LEU A 308 -23.86 25.69 -21.69
N HIS A 309 -24.15 26.94 -22.06
CA HIS A 309 -24.32 27.27 -23.46
C HIS A 309 -23.02 27.15 -24.24
N CYS A 310 -21.88 27.26 -23.56
CA CYS A 310 -20.62 27.10 -24.28
C CYS A 310 -20.07 25.69 -24.18
N ALA A 311 -20.35 24.97 -23.09
CA ALA A 311 -19.96 23.57 -23.02
C ALA A 311 -20.73 22.74 -24.04
N ASN A 312 -21.97 23.11 -24.32
CA ASN A 312 -22.73 22.40 -25.35
C ASN A 312 -22.04 22.46 -26.70
N PHE A 313 -21.51 23.63 -27.07
CA PHE A 313 -20.84 23.75 -28.35
C PHE A 313 -19.46 23.10 -28.33
N ASN A 314 -18.73 23.22 -27.22
CA ASN A 314 -17.42 22.58 -27.14
C ASN A 314 -17.54 21.06 -27.23
N VAL A 315 -18.64 20.49 -26.72
CA VAL A 315 -18.83 19.05 -26.84
C VAL A 315 -18.81 18.62 -28.30
N LEU A 316 -19.52 19.35 -29.15
CA LEU A 316 -19.57 19.00 -30.56
C LEU A 316 -18.25 19.30 -31.25
N PHE A 317 -17.64 20.45 -30.95
CA PHE A 317 -16.42 20.84 -31.66
C PHE A 317 -15.18 20.11 -31.16
N SER A 318 -15.28 19.31 -30.10
CA SER A 318 -14.10 18.59 -29.63
C SER A 318 -13.99 17.18 -30.20
N THR A 319 -14.96 16.72 -30.97
CA THR A 319 -14.90 15.40 -31.57
C THR A 319 -14.15 15.39 -32.89
N VAL A 320 -13.66 16.54 -33.35
CA VAL A 320 -12.97 16.64 -34.63
C VAL A 320 -11.46 16.61 -34.40
N PHE A 321 -11.02 17.19 -33.30
CA PHE A 321 -9.60 17.29 -33.00
C PHE A 321 -9.10 15.98 -32.38
N PRO A 322 -7.79 15.71 -32.48
CA PRO A 322 -7.30 14.39 -32.10
C PRO A 322 -7.45 14.15 -30.61
N PRO A 323 -7.70 12.90 -30.19
CA PRO A 323 -7.83 12.60 -28.76
C PRO A 323 -6.51 12.41 -28.04
N THR A 324 -5.38 12.64 -28.71
CA THR A 324 -4.08 12.56 -28.04
C THR A 324 -3.58 13.90 -27.54
N SER A 325 -4.36 14.97 -27.73
CA SER A 325 -3.99 16.29 -27.25
C SER A 325 -4.78 16.72 -26.02
N PHE A 326 -5.84 16.02 -25.67
CA PHE A 326 -6.62 16.32 -24.49
C PHE A 326 -5.92 15.80 -23.24
N GLY A 327 -6.37 16.26 -22.09
CA GLY A 327 -5.80 15.86 -20.84
C GLY A 327 -4.97 16.97 -20.20
N PRO A 328 -4.20 16.63 -19.18
CA PRO A 328 -3.35 17.63 -18.52
C PRO A 328 -2.32 18.20 -19.47
N LEU A 329 -1.90 19.43 -19.19
CA LEU A 329 -0.84 20.11 -19.95
C LEU A 329 0.33 20.32 -19.00
N VAL A 330 1.20 19.31 -18.92
CA VAL A 330 2.28 19.29 -17.95
C VAL A 330 3.35 20.31 -18.33
N ARG A 331 4.27 20.58 -17.41
CA ARG A 331 5.36 21.51 -17.66
C ARG A 331 6.54 21.11 -16.79
N LYS A 332 7.75 21.24 -17.34
CA LYS A 332 8.96 20.91 -16.61
C LYS A 332 9.26 22.03 -15.62
N ILE A 333 9.17 21.73 -14.33
CA ILE A 333 9.40 22.71 -13.26
C ILE A 333 10.65 22.32 -12.50
N PHE A 334 11.51 23.30 -12.26
CA PHE A 334 12.72 23.11 -11.47
C PHE A 334 12.38 23.26 -10.00
N VAL A 335 12.76 22.26 -9.20
CA VAL A 335 12.69 22.35 -7.74
C VAL A 335 14.03 21.89 -7.19
N ASP A 336 14.51 22.58 -6.15
CA ASP A 336 15.80 22.38 -5.48
C ASP A 336 16.87 21.88 -6.45
N GLY A 337 16.99 22.54 -7.59
CA GLY A 337 17.97 22.15 -8.59
C GLY A 337 17.66 20.85 -9.30
N VAL A 338 16.40 20.44 -9.34
CA VAL A 338 16.02 19.20 -10.00
C VAL A 338 14.77 19.45 -10.84
N PRO A 339 14.73 19.01 -12.10
CA PRO A 339 13.55 19.24 -12.95
C PRO A 339 12.48 18.18 -12.69
N PHE A 340 11.27 18.65 -12.43
CA PHE A 340 10.11 17.78 -12.31
C PHE A 340 9.27 17.85 -13.58
N VAL A 341 8.16 17.12 -13.57
CA VAL A 341 7.11 17.23 -14.58
C VAL A 341 5.79 17.22 -13.81
N VAL A 342 5.14 18.37 -13.73
CA VAL A 342 3.93 18.51 -12.94
C VAL A 342 2.85 19.18 -13.79
N SER A 343 1.60 18.80 -13.52
CA SER A 343 0.48 19.37 -14.25
C SER A 343 0.32 20.85 -13.89
N THR A 344 0.22 21.69 -14.91
CA THR A 344 0.00 23.12 -14.74
C THR A 344 -1.18 23.59 -15.57
N GLY A 345 -2.26 22.82 -15.53
CA GLY A 345 -3.45 23.17 -16.28
C GLY A 345 -4.22 21.93 -16.67
N TYR A 346 -5.16 22.12 -17.59
CA TYR A 346 -5.97 21.03 -18.10
C TYR A 346 -6.53 21.44 -19.45
N HIS A 347 -7.09 20.46 -20.15
CA HIS A 347 -7.70 20.68 -21.47
C HIS A 347 -8.88 19.71 -21.57
N PHE A 348 -10.06 20.21 -21.22
CA PHE A 348 -11.26 19.40 -21.31
C PHE A 348 -11.82 19.42 -22.71
N ARG A 349 -12.73 18.49 -22.99
CA ARG A 349 -13.51 18.55 -24.23
C ARG A 349 -14.69 19.49 -24.09
N GLU A 350 -15.19 19.68 -22.87
CA GLU A 350 -16.40 20.44 -22.63
C GLU A 350 -16.18 21.82 -22.02
N LEU A 351 -14.95 22.15 -21.64
CA LEU A 351 -14.68 23.45 -21.01
C LEU A 351 -13.47 24.16 -21.59
N GLY A 352 -12.86 23.65 -22.65
CA GLY A 352 -11.71 24.34 -23.19
C GLY A 352 -10.49 24.25 -22.29
N VAL A 353 -9.59 25.21 -22.47
CA VAL A 353 -8.32 25.23 -21.75
C VAL A 353 -8.50 25.98 -20.44
N VAL A 354 -8.02 25.37 -19.36
CA VAL A 354 -8.03 25.98 -18.03
C VAL A 354 -6.61 25.97 -17.49
N HIS A 355 -6.13 27.14 -17.08
CA HIS A 355 -4.74 27.31 -16.64
C HIS A 355 -4.68 27.44 -15.13
N ASN A 356 -3.65 26.84 -14.54
CA ASN A 356 -3.40 27.01 -13.11
C ASN A 356 -3.00 28.45 -12.82
N GLN A 357 -3.42 28.96 -11.67
CA GLN A 357 -3.14 30.34 -11.30
C GLN A 357 -1.93 30.47 -10.39
N ASP A 358 -1.74 29.54 -9.46
CA ASP A 358 -0.62 29.58 -8.51
C ASP A 358 0.35 28.47 -8.87
N VAL A 359 1.27 28.77 -9.78
CA VAL A 359 2.35 27.87 -10.15
C VAL A 359 3.67 28.54 -9.81
N ASN A 360 4.57 27.80 -9.15
CA ASN A 360 5.82 28.35 -8.65
C ASN A 360 7.04 27.52 -9.08
N LEU A 361 7.52 27.80 -10.29
CA LEU A 361 8.76 27.20 -10.76
C LEU A 361 9.96 27.84 -10.06
N HIS A 362 11.05 27.07 -9.96
CA HIS A 362 12.13 27.33 -9.00
C HIS A 362 11.60 27.44 -7.57
N SER A 363 11.04 26.33 -7.10
CA SER A 363 10.69 26.19 -5.69
C SER A 363 11.88 25.68 -4.91
N SER A 364 11.89 25.97 -3.61
CA SER A 364 13.02 25.61 -2.75
C SER A 364 12.82 24.25 -2.09
N ARG A 365 11.76 24.13 -1.29
CA ARG A 365 11.45 22.89 -0.60
C ARG A 365 9.94 22.65 -0.66
N LEU A 366 9.55 21.40 -0.53
CA LEU A 366 8.15 21.01 -0.63
C LEU A 366 7.57 20.75 0.75
N SER A 367 6.40 21.32 1.01
CA SER A 367 5.67 21.07 2.24
C SER A 367 4.96 19.72 2.12
N PHE A 368 4.14 19.38 3.10
CA PHE A 368 3.35 18.15 3.01
C PHE A 368 2.21 18.30 2.00
N LYS A 369 1.59 19.48 1.94
CA LYS A 369 0.57 19.72 0.93
C LYS A 369 1.13 19.58 -0.48
N GLU A 370 2.34 20.13 -0.71
CA GLU A 370 2.96 20.00 -2.02
C GLU A 370 3.28 18.54 -2.34
N LEU A 371 3.76 17.79 -1.35
CA LEU A 371 4.04 16.38 -1.58
C LEU A 371 2.77 15.61 -1.92
N LEU A 372 1.67 15.92 -1.24
CA LEU A 372 0.40 15.26 -1.58
C LEU A 372 -0.05 15.61 -2.99
N VAL A 373 -0.05 16.91 -3.33
CA VAL A 373 -0.53 17.31 -4.65
C VAL A 373 0.42 16.93 -5.78
N TYR A 374 1.64 16.50 -5.45
CA TYR A 374 2.55 16.00 -6.47
C TYR A 374 2.62 14.49 -6.53
N ALA A 375 2.20 13.79 -5.48
CA ALA A 375 2.18 12.33 -5.52
C ALA A 375 0.85 11.76 -5.99
N ALA A 376 -0.14 12.61 -6.28
CA ALA A 376 -1.42 12.16 -6.80
C ALA A 376 -1.62 12.50 -8.26
N ASP A 377 -0.78 13.36 -8.83
CA ASP A 377 -0.94 13.75 -10.22
C ASP A 377 -0.43 12.63 -11.13
N PRO A 378 -1.18 12.29 -12.19
CA PRO A 378 -0.76 11.22 -13.09
C PRO A 378 0.43 11.59 -13.97
N ALA A 379 0.78 12.87 -14.05
CA ALA A 379 1.86 13.30 -14.93
C ALA A 379 3.17 12.61 -14.59
N MET A 380 3.57 12.68 -13.31
CA MET A 380 4.84 12.09 -12.89
C MET A 380 4.81 10.58 -13.07
N HIS A 381 3.67 9.96 -12.80
CA HIS A 381 3.54 8.52 -12.93
C HIS A 381 3.66 8.09 -14.39
N ALA A 382 2.75 8.60 -15.24
CA ALA A 382 2.71 8.16 -16.64
C ALA A 382 3.97 8.54 -17.39
N ALA A 383 4.51 9.74 -17.16
CA ALA A 383 5.67 10.20 -17.89
C ALA A 383 6.93 9.38 -17.61
N SER A 384 6.86 8.40 -16.71
CA SER A 384 8.00 7.55 -16.39
C SER A 384 7.64 6.08 -16.47
N GLY A 385 6.75 5.73 -17.41
CA GLY A 385 6.36 4.35 -17.60
C GLY A 385 6.39 3.96 -19.06
N ASN A 386 6.47 2.66 -19.30
CA ASN A 386 6.54 2.14 -20.66
C ASN A 386 5.20 2.32 -21.36
N LEU A 387 5.27 2.48 -22.68
CA LEU A 387 4.06 2.60 -23.49
C LEU A 387 3.25 1.31 -23.42
N LEU A 388 1.95 1.43 -23.65
CA LEU A 388 1.07 0.28 -23.65
C LEU A 388 0.07 0.41 -24.79
N LEU A 389 -0.02 -0.62 -25.62
CA LEU A 389 -0.99 -0.69 -26.71
C LEU A 389 -1.87 -1.89 -26.41
N ASP A 390 -3.07 -1.63 -25.89
CA ASP A 390 -3.99 -2.68 -25.46
C ASP A 390 -5.02 -2.88 -26.55
N LYS A 391 -5.06 -4.09 -27.13
CA LYS A 391 -6.02 -4.43 -28.15
C LYS A 391 -7.27 -5.10 -27.58
N ARG A 392 -7.33 -5.32 -26.26
CA ARG A 392 -8.53 -5.89 -25.67
C ARG A 392 -9.66 -4.87 -25.60
N THR A 393 -9.34 -3.58 -25.58
CA THR A 393 -10.30 -2.52 -25.34
C THR A 393 -10.31 -1.53 -26.49
N THR A 394 -11.38 -0.73 -26.54
CA THR A 394 -11.46 0.43 -27.42
C THR A 394 -11.19 1.73 -26.69
N CYS A 395 -11.16 1.71 -25.36
CA CYS A 395 -10.83 2.91 -24.59
C CYS A 395 -9.36 3.26 -24.76
N PHE A 396 -9.07 4.56 -24.81
CA PHE A 396 -7.73 5.04 -25.13
C PHE A 396 -6.79 4.75 -23.97
N SER A 397 -5.92 3.76 -24.14
CA SER A 397 -4.88 3.48 -23.16
C SER A 397 -3.83 4.58 -23.16
N VAL A 398 -3.04 4.63 -22.09
CA VAL A 398 -2.03 5.68 -21.96
C VAL A 398 -0.64 5.10 -21.74
N ALA A 399 -0.45 4.34 -20.66
CA ALA A 399 0.89 3.90 -20.29
C ALA A 399 0.79 2.68 -19.38
N ALA A 400 1.95 2.09 -19.11
CA ALA A 400 2.07 0.96 -18.19
C ALA A 400 3.10 1.31 -17.13
N LEU A 401 2.68 1.23 -15.86
CA LEU A 401 3.58 1.51 -14.75
C LEU A 401 4.51 0.34 -14.43
N THR A 402 4.19 -0.86 -14.92
CA THR A 402 4.95 -2.05 -14.57
C THR A 402 5.43 -2.77 -15.82
N ASN A 403 5.98 -3.97 -15.64
CA ASN A 403 6.48 -4.77 -16.76
C ASN A 403 5.57 -5.94 -17.11
N ASN A 404 4.58 -6.24 -16.29
CA ASN A 404 3.70 -7.38 -16.52
C ASN A 404 2.31 -7.07 -15.98
N VAL A 405 1.30 -7.28 -16.81
CA VAL A 405 -0.08 -7.03 -16.40
C VAL A 405 -0.49 -8.06 -15.35
N ALA A 406 -1.42 -7.67 -14.48
CA ALA A 406 -1.91 -8.53 -13.43
C ALA A 406 -3.36 -8.89 -13.69
N PHE A 407 -3.70 -10.17 -13.55
CA PHE A 407 -5.04 -10.68 -13.82
C PHE A 407 -5.68 -11.05 -12.49
N GLN A 408 -6.83 -10.45 -12.21
CA GLN A 408 -7.54 -10.65 -10.96
C GLN A 408 -8.79 -11.50 -11.19
N THR A 409 -8.94 -12.55 -10.40
CA THR A 409 -10.09 -13.43 -10.49
C THR A 409 -11.08 -13.12 -9.36
N VAL A 410 -12.27 -13.70 -9.47
CA VAL A 410 -13.30 -13.59 -8.45
C VAL A 410 -13.60 -14.99 -7.97
N LYS A 411 -13.47 -15.21 -6.66
CA LYS A 411 -13.62 -16.53 -6.08
C LYS A 411 -15.09 -16.85 -5.82
N PRO A 412 -15.43 -18.13 -5.69
CA PRO A 412 -16.80 -18.49 -5.31
C PRO A 412 -17.00 -18.46 -3.80
N GLY A 413 -18.23 -18.14 -3.41
CA GLY A 413 -18.57 -18.13 -2.01
C GLY A 413 -18.66 -19.53 -1.44
N ASN A 414 -18.42 -19.63 -0.13
CA ASN A 414 -18.40 -20.93 0.52
C ASN A 414 -19.80 -21.38 0.88
N PHE A 415 -19.90 -22.61 1.37
CA PHE A 415 -21.16 -23.27 1.65
C PHE A 415 -21.34 -23.47 3.14
N ASN A 416 -22.54 -23.14 3.65
CA ASN A 416 -22.90 -23.33 5.04
C ASN A 416 -23.85 -24.52 5.10
N LYS A 417 -23.29 -25.72 5.25
CA LYS A 417 -24.05 -26.94 5.05
C LYS A 417 -25.10 -27.16 6.14
N ASP A 418 -24.79 -26.78 7.38
CA ASP A 418 -25.68 -27.08 8.49
C ASP A 418 -27.04 -26.43 8.30
N PHE A 419 -27.06 -25.17 7.86
CA PHE A 419 -28.33 -24.51 7.59
C PHE A 419 -29.09 -25.21 6.47
N TYR A 420 -28.37 -25.70 5.46
CA TYR A 420 -29.03 -26.41 4.38
C TYR A 420 -29.67 -27.71 4.87
N ASP A 421 -28.97 -28.44 5.73
CA ASP A 421 -29.53 -29.65 6.32
C ASP A 421 -30.75 -29.33 7.16
N PHE A 422 -30.70 -28.26 7.95
CA PHE A 422 -31.87 -27.88 8.71
C PHE A 422 -33.03 -27.50 7.80
N ALA A 423 -32.74 -26.81 6.69
CA ALA A 423 -33.79 -26.42 5.76
C ALA A 423 -34.46 -27.64 5.15
N VAL A 424 -33.67 -28.62 4.71
CA VAL A 424 -34.25 -29.81 4.11
C VAL A 424 -34.94 -30.67 5.16
N SER A 425 -34.56 -30.55 6.43
CA SER A 425 -35.27 -31.25 7.48
C SER A 425 -36.70 -30.75 7.64
N LYS A 426 -36.93 -29.44 7.47
CA LYS A 426 -38.23 -28.84 7.67
C LYS A 426 -39.08 -28.85 6.40
N GLY A 427 -38.77 -29.71 5.44
CA GLY A 427 -39.55 -29.80 4.22
C GLY A 427 -39.41 -28.61 3.30
N PHE A 428 -38.18 -28.14 3.08
CA PHE A 428 -37.90 -27.05 2.15
C PHE A 428 -37.18 -27.59 0.93
N PHE A 429 -37.12 -26.75 -0.11
CA PHE A 429 -36.41 -27.06 -1.35
C PHE A 429 -36.95 -28.32 -2.02
N LYS A 430 -38.25 -28.58 -1.88
CA LYS A 430 -38.86 -29.69 -2.58
C LYS A 430 -39.28 -29.27 -3.97
N GLU A 431 -39.16 -30.20 -4.92
CA GLU A 431 -39.40 -29.87 -6.32
C GLU A 431 -40.84 -29.41 -6.53
N GLY A 432 -41.00 -28.32 -7.26
CA GLY A 432 -42.30 -27.71 -7.47
C GLY A 432 -42.68 -26.67 -6.45
N SER A 433 -41.78 -26.31 -5.54
CA SER A 433 -42.07 -25.29 -4.55
C SER A 433 -41.73 -23.91 -5.09
N SER A 434 -42.40 -22.89 -4.53
CA SER A 434 -42.22 -21.52 -5.01
C SER A 434 -40.84 -20.98 -4.63
N VAL A 435 -40.39 -21.24 -3.41
CA VAL A 435 -39.10 -20.76 -2.95
C VAL A 435 -38.01 -21.67 -3.51
N GLU A 436 -36.98 -21.07 -4.08
CA GLU A 436 -35.93 -21.81 -4.75
C GLU A 436 -34.69 -20.94 -4.85
N LEU A 437 -33.53 -21.61 -4.88
CA LEU A 437 -32.26 -20.90 -4.86
C LEU A 437 -32.01 -20.24 -6.21
N LYS A 438 -31.81 -18.92 -6.20
CA LYS A 438 -31.44 -18.19 -7.40
C LYS A 438 -30.27 -17.23 -7.21
N HIS A 439 -29.99 -16.80 -5.99
CA HIS A 439 -28.92 -15.85 -5.71
C HIS A 439 -27.69 -16.62 -5.27
N PHE A 440 -26.67 -16.70 -6.13
CA PHE A 440 -25.46 -17.44 -5.84
C PHE A 440 -24.25 -16.52 -5.93
N PHE A 441 -23.12 -17.05 -5.49
CA PHE A 441 -21.82 -16.37 -5.59
C PHE A 441 -21.15 -16.87 -6.86
N PHE A 442 -21.24 -16.07 -7.94
CA PHE A 442 -20.65 -16.47 -9.20
C PHE A 442 -19.14 -16.29 -9.17
N ALA A 443 -18.47 -16.94 -10.12
CA ALA A 443 -17.03 -16.86 -10.26
C ALA A 443 -16.67 -16.19 -11.58
N GLN A 444 -15.47 -15.63 -11.62
CA GLN A 444 -15.00 -14.92 -12.80
C GLN A 444 -13.57 -15.34 -13.13
N ASP A 445 -13.25 -15.33 -14.42
CA ASP A 445 -11.97 -15.77 -14.92
C ASP A 445 -10.94 -14.65 -14.80
N GLY A 446 -9.78 -14.83 -15.45
CA GLY A 446 -8.66 -13.93 -15.22
C GLY A 446 -8.94 -12.51 -15.66
N ASN A 447 -9.41 -12.33 -16.89
CA ASN A 447 -9.66 -10.98 -17.42
C ASN A 447 -11.12 -10.58 -17.21
N ALA A 448 -11.49 -10.46 -15.94
CA ALA A 448 -12.82 -10.00 -15.57
C ALA A 448 -12.90 -8.49 -15.37
N ALA A 449 -11.86 -7.88 -14.80
CA ALA A 449 -11.88 -6.44 -14.55
C ALA A 449 -11.94 -5.66 -15.85
N ILE A 450 -11.04 -5.97 -16.79
CA ILE A 450 -10.95 -5.19 -18.02
C ILE A 450 -12.17 -5.44 -18.89
N SER A 451 -12.73 -6.65 -18.86
CA SER A 451 -13.93 -6.93 -19.63
C SER A 451 -15.16 -6.21 -19.09
N ASP A 452 -15.06 -5.61 -17.91
CA ASP A 452 -16.11 -4.77 -17.37
C ASP A 452 -15.80 -3.30 -17.50
N TYR A 453 -14.53 -2.91 -17.44
CA TYR A 453 -14.15 -1.55 -17.78
C TYR A 453 -14.46 -1.24 -19.24
N ASP A 454 -14.44 -2.27 -20.10
CA ASP A 454 -14.70 -2.06 -21.52
C ASP A 454 -16.13 -1.61 -21.79
N TYR A 455 -17.03 -1.67 -20.81
CA TYR A 455 -18.41 -1.27 -21.00
C TYR A 455 -18.56 0.24 -21.21
N TYR A 456 -17.51 1.03 -20.98
CA TYR A 456 -17.58 2.45 -21.24
C TYR A 456 -17.65 2.78 -22.72
N ARG A 457 -17.58 1.78 -23.59
CA ARG A 457 -17.79 1.99 -25.01
C ARG A 457 -19.22 2.40 -25.34
N TYR A 458 -20.14 2.27 -24.37
CA TYR A 458 -21.51 2.74 -24.54
C TYR A 458 -21.67 4.22 -24.28
N ASN A 459 -20.57 4.96 -24.18
CA ASN A 459 -20.61 6.40 -23.91
C ASN A 459 -20.22 7.13 -25.20
N LEU A 460 -21.15 7.95 -25.70
CA LEU A 460 -20.95 8.67 -26.94
C LEU A 460 -21.04 10.18 -26.72
N PRO A 461 -20.22 10.96 -27.42
CA PRO A 461 -20.32 12.42 -27.31
C PRO A 461 -21.67 12.92 -27.77
N THR A 462 -22.46 13.48 -26.87
CA THR A 462 -23.84 13.86 -27.15
C THR A 462 -24.04 15.36 -27.03
N MET A 463 -24.85 15.90 -27.95
CA MET A 463 -25.32 17.28 -27.89
C MET A 463 -26.68 17.29 -27.22
N CYS A 464 -26.97 18.38 -26.50
CA CYS A 464 -28.24 18.54 -25.82
C CYS A 464 -28.98 19.74 -26.39
N ASP A 465 -30.31 19.65 -26.41
CA ASP A 465 -31.14 20.76 -26.86
C ASP A 465 -31.01 21.88 -25.84
N ILE A 466 -30.20 22.89 -26.17
CA ILE A 466 -29.76 23.84 -25.14
C ILE A 466 -30.90 24.74 -24.70
N ARG A 467 -31.76 25.17 -25.62
CA ARG A 467 -32.83 26.08 -25.23
C ARG A 467 -33.92 25.40 -24.44
N GLN A 468 -33.89 24.08 -24.32
CA GLN A 468 -34.79 23.32 -23.46
C GLN A 468 -34.12 22.93 -22.15
N LEU A 469 -32.83 22.62 -22.20
CA LEU A 469 -32.08 22.40 -20.96
C LEU A 469 -32.04 23.66 -20.11
N LEU A 470 -31.96 24.83 -20.73
CA LEU A 470 -31.94 26.07 -19.97
C LEU A 470 -33.26 26.39 -19.29
N PHE A 471 -34.24 25.49 -19.38
CA PHE A 471 -35.52 25.58 -18.67
C PHE A 471 -35.76 24.39 -17.76
N VAL A 472 -35.39 23.20 -18.23
CA VAL A 472 -35.43 22.02 -17.39
C VAL A 472 -34.52 22.20 -16.18
N VAL A 473 -33.39 22.90 -16.37
CA VAL A 473 -32.51 23.13 -15.23
C VAL A 473 -33.14 24.10 -14.25
N GLU A 474 -33.93 25.07 -14.74
CA GLU A 474 -34.63 25.97 -13.82
C GLU A 474 -35.65 25.21 -12.98
N VAL A 475 -36.42 24.32 -13.61
CA VAL A 475 -37.44 23.59 -12.85
C VAL A 475 -36.80 22.60 -11.88
N VAL A 476 -35.75 21.89 -12.30
CA VAL A 476 -35.03 21.01 -11.39
C VAL A 476 -34.43 21.81 -10.24
N ASP A 477 -33.96 23.03 -10.52
CA ASP A 477 -33.50 23.92 -9.47
C ASP A 477 -34.61 24.20 -8.46
N LYS A 478 -35.79 24.57 -8.95
CA LYS A 478 -36.90 24.88 -8.06
C LYS A 478 -37.28 23.67 -7.23
N TYR A 479 -37.06 22.46 -7.74
CA TYR A 479 -37.29 21.27 -6.92
C TYR A 479 -36.38 21.19 -5.71
N PHE A 480 -35.30 21.96 -5.66
CA PHE A 480 -34.30 21.85 -4.59
C PHE A 480 -34.15 23.16 -3.81
N ASP A 481 -35.25 23.89 -3.61
CA ASP A 481 -35.18 25.15 -2.88
C ASP A 481 -35.53 25.02 -1.41
N CYS A 482 -35.73 23.81 -0.91
CA CYS A 482 -36.12 23.63 0.49
C CYS A 482 -34.93 23.49 1.43
N TYR A 483 -33.73 23.24 0.92
CA TYR A 483 -32.58 22.88 1.75
C TYR A 483 -31.59 24.04 1.81
N ASP A 484 -30.50 23.82 2.52
CA ASP A 484 -29.45 24.82 2.73
C ASP A 484 -28.08 24.19 2.48
N GLY A 485 -27.10 25.04 2.22
CA GLY A 485 -25.76 24.54 1.94
C GLY A 485 -24.73 25.64 1.95
N GLY A 486 -23.48 25.23 1.99
CA GLY A 486 -22.36 26.16 2.04
C GLY A 486 -21.09 25.45 2.43
N CYS A 487 -19.99 26.19 2.33
CA CYS A 487 -18.70 25.65 2.69
C CYS A 487 -18.57 25.56 4.21
N ILE A 488 -17.93 24.49 4.68
CA ILE A 488 -17.71 24.28 6.10
C ILE A 488 -16.22 24.15 6.34
N ASN A 489 -15.82 24.45 7.58
CA ASN A 489 -14.41 24.45 7.93
C ASN A 489 -13.91 23.04 8.20
N ALA A 490 -12.60 22.91 8.38
CA ALA A 490 -12.00 21.60 8.59
C ALA A 490 -12.48 20.91 9.85
N ASN A 491 -12.85 21.67 10.88
CA ASN A 491 -13.23 21.11 12.17
C ASN A 491 -14.71 20.76 12.26
N GLN A 492 -15.41 20.66 11.13
CA GLN A 492 -16.83 20.34 11.14
C GLN A 492 -17.21 19.17 10.25
N VAL A 493 -16.29 18.63 9.47
CA VAL A 493 -16.63 17.51 8.59
C VAL A 493 -16.90 16.28 9.43
N ILE A 494 -17.81 15.44 8.95
CA ILE A 494 -18.20 14.22 9.63
C ILE A 494 -17.91 13.05 8.69
N VAL A 495 -17.09 12.12 9.15
CA VAL A 495 -16.59 11.02 8.33
C VAL A 495 -16.74 9.73 9.11
N ASN A 496 -17.42 8.75 8.53
CA ASN A 496 -17.58 7.44 9.13
C ASN A 496 -16.55 6.45 8.56
N ASN A 497 -16.15 5.49 9.40
CA ASN A 497 -15.27 4.40 8.99
C ASN A 497 -13.95 4.93 8.43
N LEU A 498 -13.14 5.43 9.35
CA LEU A 498 -11.86 6.02 8.99
C LEU A 498 -10.80 5.01 8.62
N ASP A 499 -11.10 3.73 8.46
CA ASP A 499 -10.09 2.75 8.05
C ASP A 499 -10.44 2.12 6.71
N LYS A 500 -10.83 2.96 5.76
CA LYS A 500 -11.02 2.54 4.37
C LYS A 500 -9.84 3.00 3.54
N SER A 501 -9.76 2.48 2.31
CA SER A 501 -8.58 2.71 1.49
C SER A 501 -8.48 4.17 1.06
N ALA A 502 -7.25 4.59 0.73
CA ALA A 502 -6.96 5.96 0.37
C ALA A 502 -6.65 6.13 -1.11
N GLY A 503 -7.06 5.18 -1.94
CA GLY A 503 -6.83 5.30 -3.37
C GLY A 503 -5.37 5.08 -3.76
N PHE A 504 -5.08 5.40 -5.02
CA PHE A 504 -3.76 5.22 -5.59
C PHE A 504 -3.04 6.56 -5.71
N PRO A 505 -1.75 6.64 -5.37
CA PRO A 505 -0.89 5.59 -4.82
C PRO A 505 -0.87 5.58 -3.30
N PHE A 506 -1.83 6.25 -2.65
CA PHE A 506 -1.80 6.38 -1.21
C PHE A 506 -2.07 5.07 -0.48
N ASN A 507 -2.65 4.07 -1.13
CA ASN A 507 -2.90 2.82 -0.43
C ASN A 507 -1.65 2.00 -0.20
N LYS A 508 -0.48 2.47 -0.62
CA LYS A 508 0.77 1.78 -0.34
C LYS A 508 1.31 2.07 1.04
N TRP A 509 0.75 3.04 1.76
CA TRP A 509 1.28 3.45 3.05
C TRP A 509 0.29 3.33 4.20
N GLY A 510 -1.00 3.50 3.98
CA GLY A 510 -1.96 3.38 5.07
C GLY A 510 -3.35 3.74 4.61
N LYS A 511 -4.30 3.48 5.49
CA LYS A 511 -5.71 3.72 5.22
C LYS A 511 -6.01 5.21 5.33
N ALA A 512 -7.30 5.55 5.20
CA ALA A 512 -7.70 6.95 5.25
C ALA A 512 -7.42 7.59 6.60
N ARG A 513 -7.30 6.79 7.66
CA ARG A 513 -7.07 7.36 8.98
C ARG A 513 -5.75 8.11 9.05
N LEU A 514 -4.70 7.55 8.44
CA LEU A 514 -3.40 8.19 8.50
C LEU A 514 -3.42 9.55 7.81
N TYR A 515 -4.03 9.64 6.63
CA TYR A 515 -4.04 10.90 5.91
C TYR A 515 -5.03 11.89 6.49
N TYR A 516 -6.12 11.42 7.09
CA TYR A 516 -7.01 12.30 7.82
C TYR A 516 -6.45 12.69 9.17
N ASP A 517 -5.34 12.07 9.58
CA ASP A 517 -4.72 12.30 10.88
C ASP A 517 -3.52 13.23 10.81
N SER A 518 -2.62 13.02 9.84
CA SER A 518 -1.39 13.80 9.79
C SER A 518 -1.64 15.27 9.46
N MET A 519 -2.71 15.59 8.73
CA MET A 519 -3.04 16.98 8.43
C MET A 519 -3.71 17.60 9.63
N SER A 520 -3.12 18.68 10.14
CA SER A 520 -3.80 19.48 11.15
C SER A 520 -4.99 20.20 10.51
N TYR A 521 -5.83 20.79 11.36
CA TYR A 521 -7.04 21.45 10.87
C TYR A 521 -6.73 22.69 10.03
N GLU A 522 -5.45 23.02 9.83
CA GLU A 522 -5.07 24.13 8.97
C GLU A 522 -4.53 23.66 7.62
N ASP A 523 -3.92 22.48 7.55
CA ASP A 523 -3.47 21.95 6.27
C ASP A 523 -4.66 21.66 5.36
N GLN A 524 -5.73 21.08 5.92
CA GLN A 524 -6.90 20.75 5.12
C GLN A 524 -7.56 22.00 4.55
N ASP A 525 -7.66 23.05 5.35
CA ASP A 525 -8.23 24.29 4.84
C ASP A 525 -7.31 24.97 3.83
N ALA A 526 -6.00 24.87 4.03
CA ALA A 526 -5.07 25.40 3.04
C ALA A 526 -5.25 24.69 1.70
N LEU A 527 -5.40 23.36 1.73
CA LEU A 527 -5.64 22.62 0.49
C LEU A 527 -6.98 23.01 -0.14
N PHE A 528 -8.05 23.06 0.67
CA PHE A 528 -9.36 23.36 0.13
C PHE A 528 -9.43 24.78 -0.43
N ALA A 529 -8.59 25.68 0.07
CA ALA A 529 -8.52 27.01 -0.52
C ALA A 529 -7.55 27.06 -1.69
N TYR A 530 -6.63 26.09 -1.77
CA TYR A 530 -5.77 25.99 -2.94
C TYR A 530 -6.55 25.52 -4.16
N THR A 531 -7.44 24.55 -3.99
CA THR A 531 -8.15 23.99 -5.14
C THR A 531 -9.12 24.96 -5.78
N LYS A 532 -9.44 26.07 -5.13
CA LYS A 532 -10.32 27.07 -5.71
C LYS A 532 -9.60 27.98 -6.70
N ARG A 533 -8.29 27.78 -6.90
CA ARG A 533 -7.55 28.53 -7.90
C ARG A 533 -6.63 27.63 -8.72
N ASN A 534 -6.84 26.32 -8.70
CA ASN A 534 -5.95 25.38 -9.37
C ASN A 534 -6.74 24.15 -9.78
N VAL A 535 -6.09 23.30 -10.57
CA VAL A 535 -6.66 22.04 -11.04
C VAL A 535 -5.71 20.91 -10.64
N ILE A 536 -6.26 19.88 -10.02
CA ILE A 536 -5.49 18.75 -9.54
C ILE A 536 -6.05 17.47 -10.18
N PRO A 537 -5.43 16.98 -11.25
CA PRO A 537 -5.79 15.65 -11.75
C PRO A 537 -5.39 14.56 -10.78
N THR A 538 -6.14 13.46 -10.79
CA THR A 538 -5.93 12.34 -9.87
C THR A 538 -6.00 11.02 -10.64
N ILE A 539 -5.61 9.93 -9.97
CA ILE A 539 -5.62 8.60 -10.55
C ILE A 539 -6.57 7.72 -9.74
N THR A 540 -7.58 7.16 -10.41
CA THR A 540 -8.60 6.34 -9.78
C THR A 540 -8.27 4.87 -9.95
N GLN A 541 -8.41 4.09 -8.87
CA GLN A 541 -8.30 2.65 -8.93
C GLN A 541 -9.67 2.04 -9.19
N MET A 542 -9.67 0.84 -9.75
CA MET A 542 -10.91 0.16 -10.12
C MET A 542 -10.92 -1.22 -9.48
N ASN A 543 -11.96 -1.51 -8.71
CA ASN A 543 -12.04 -2.73 -7.93
C ASN A 543 -13.37 -3.43 -8.18
N LEU A 544 -13.36 -4.74 -7.98
CA LEU A 544 -14.56 -5.55 -8.17
C LEU A 544 -15.22 -5.82 -6.81
N LYS A 545 -16.54 -5.88 -6.82
CA LYS A 545 -17.28 -6.24 -5.61
C LYS A 545 -17.42 -7.75 -5.51
N TYR A 546 -17.59 -8.23 -4.28
CA TYR A 546 -17.66 -9.65 -3.97
C TYR A 546 -18.91 -9.85 -3.13
N ALA A 547 -20.05 -10.03 -3.80
CA ALA A 547 -21.33 -10.07 -3.12
C ALA A 547 -22.28 -11.02 -3.85
N ILE A 548 -23.32 -11.45 -3.14
CA ILE A 548 -24.33 -12.29 -3.74
C ILE A 548 -25.02 -11.53 -4.87
N SER A 549 -25.46 -12.27 -5.88
CA SER A 549 -26.10 -11.65 -7.05
C SER A 549 -26.91 -12.70 -7.78
N ALA A 550 -27.84 -12.21 -8.62
CA ALA A 550 -28.67 -13.07 -9.44
C ALA A 550 -28.25 -13.09 -10.90
N LYS A 551 -27.24 -12.29 -11.28
CA LYS A 551 -26.74 -12.26 -12.64
C LYS A 551 -25.22 -12.41 -12.62
N ASN A 552 -24.69 -13.05 -13.66
CA ASN A 552 -23.28 -13.44 -13.68
C ASN A 552 -22.35 -12.29 -14.05
N ARG A 553 -22.88 -11.13 -14.42
CA ARG A 553 -22.02 -9.99 -14.71
C ARG A 553 -21.31 -9.54 -13.43
N ALA A 554 -20.06 -9.12 -13.58
CA ALA A 554 -19.33 -8.58 -12.44
C ALA A 554 -19.81 -7.17 -12.14
N ARG A 555 -19.34 -6.64 -11.02
CA ARG A 555 -19.61 -5.26 -10.63
C ARG A 555 -18.29 -4.60 -10.28
N THR A 556 -18.06 -3.41 -10.83
CA THR A 556 -16.79 -2.72 -10.65
C THR A 556 -17.05 -1.36 -10.02
N VAL A 557 -16.28 -1.03 -8.99
CA VAL A 557 -16.45 0.20 -8.23
C VAL A 557 -15.12 0.92 -8.17
N ALA A 558 -15.17 2.25 -8.26
CA ALA A 558 -13.99 3.09 -8.40
C ALA A 558 -13.59 3.63 -7.03
N GLY A 559 -12.35 3.36 -6.62
CA GLY A 559 -11.81 3.93 -5.41
C GLY A 559 -11.03 5.21 -5.65
N VAL A 560 -11.67 6.35 -5.44
CA VAL A 560 -11.05 7.64 -5.75
C VAL A 560 -10.01 7.98 -4.68
N SER A 561 -8.99 8.73 -5.09
CA SER A 561 -7.90 9.09 -4.18
C SER A 561 -8.40 10.06 -3.11
N ILE A 562 -7.64 10.13 -2.01
CA ILE A 562 -8.06 10.89 -0.85
C ILE A 562 -8.09 12.39 -1.15
N CYS A 563 -7.19 12.88 -2.01
CA CYS A 563 -7.11 14.31 -2.25
C CYS A 563 -8.37 14.87 -2.92
N SER A 564 -9.20 14.01 -3.50
CA SER A 564 -10.45 14.45 -4.10
C SER A 564 -11.57 14.51 -3.07
N THR A 565 -11.85 13.37 -2.42
CA THR A 565 -12.96 13.32 -1.48
C THR A 565 -12.71 14.18 -0.25
N MET A 566 -11.44 14.38 0.12
CA MET A 566 -11.13 15.19 1.29
C MET A 566 -11.65 16.61 1.14
N THR A 567 -11.51 17.19 -0.06
CA THR A 567 -12.01 18.53 -0.32
C THR A 567 -13.47 18.54 -0.76
N ASN A 568 -13.91 17.50 -1.49
CA ASN A 568 -15.30 17.45 -1.90
C ASN A 568 -16.24 17.34 -0.70
N ARG A 569 -15.80 16.66 0.37
CA ARG A 569 -16.60 16.59 1.58
C ARG A 569 -16.82 17.99 2.15
N GLN A 570 -15.74 18.75 2.30
CA GLN A 570 -15.88 20.10 2.83
C GLN A 570 -16.76 20.95 1.94
N PHE A 571 -16.61 20.82 0.62
CA PHE A 571 -17.39 21.65 -0.29
C PHE A 571 -18.89 21.34 -0.21
N HIS A 572 -19.25 20.05 -0.13
CA HIS A 572 -20.63 19.65 -0.36
C HIS A 572 -21.38 19.17 0.89
N GLN A 573 -20.70 18.98 2.02
CA GLN A 573 -21.28 18.19 3.10
C GLN A 573 -22.48 18.86 3.74
N LYS A 574 -22.49 20.19 3.84
CA LYS A 574 -23.63 20.87 4.46
C LYS A 574 -24.91 20.57 3.70
N LEU A 575 -24.88 20.70 2.37
CA LEU A 575 -26.06 20.40 1.57
C LEU A 575 -26.37 18.90 1.60
N LEU A 576 -25.33 18.06 1.55
CA LEU A 576 -25.58 16.62 1.54
C LEU A 576 -26.28 16.16 2.82
N LYS A 577 -25.83 16.64 3.98
CA LYS A 577 -26.47 16.28 5.24
C LYS A 577 -27.71 17.10 5.54
N SER A 578 -27.99 18.14 4.77
CA SER A 578 -29.30 18.77 4.88
C SER A 578 -30.33 18.05 4.02
N ILE A 579 -29.91 17.39 2.95
CA ILE A 579 -30.84 16.60 2.15
C ILE A 579 -31.24 15.33 2.89
N ALA A 580 -30.29 14.67 3.54
CA ALA A 580 -30.52 13.39 4.20
C ALA A 580 -31.28 13.51 5.52
N ALA A 581 -31.48 14.72 6.03
CA ALA A 581 -32.14 14.92 7.31
C ALA A 581 -33.46 15.69 7.15
N THR A 582 -34.12 15.51 6.01
CA THR A 582 -35.40 16.15 5.74
C THR A 582 -36.43 15.08 5.40
N ARG A 583 -37.65 15.26 5.90
CA ARG A 583 -38.74 14.30 5.70
C ARG A 583 -39.90 14.97 4.98
N GLY A 584 -40.48 14.25 4.02
CA GLY A 584 -41.60 14.75 3.26
C GLY A 584 -41.26 15.38 1.93
N ALA A 585 -40.00 15.32 1.52
CA ALA A 585 -39.56 15.95 0.28
C ALA A 585 -39.74 14.99 -0.88
N THR A 586 -39.19 15.36 -2.05
CA THR A 586 -39.22 14.46 -3.20
C THR A 586 -38.14 13.39 -3.08
N VAL A 587 -36.88 13.81 -2.95
CA VAL A 587 -35.81 12.85 -2.67
C VAL A 587 -36.07 12.21 -1.31
N VAL A 588 -35.91 10.89 -1.24
CA VAL A 588 -36.21 10.16 -0.01
C VAL A 588 -34.97 9.46 0.51
N ILE A 589 -33.80 10.05 0.27
CA ILE A 589 -32.57 9.52 0.85
C ILE A 589 -32.56 9.84 2.33
N GLY A 590 -32.37 8.81 3.15
CA GLY A 590 -32.30 8.97 4.59
C GLY A 590 -33.55 8.58 5.34
N THR A 591 -34.70 8.47 4.66
CA THR A 591 -35.93 8.06 5.32
C THR A 591 -35.94 6.54 5.45
N SER A 592 -36.07 6.04 6.67
CA SER A 592 -36.01 4.61 6.91
C SER A 592 -37.36 3.95 6.71
N LYS A 593 -37.32 2.65 6.42
CA LYS A 593 -38.52 1.86 6.21
C LYS A 593 -39.04 1.21 7.48
N PHE A 594 -38.31 1.29 8.57
CA PHE A 594 -38.76 0.74 9.84
C PHE A 594 -39.62 1.73 10.60
N TYR A 595 -40.30 1.23 11.63
CA TYR A 595 -41.13 2.05 12.50
C TYR A 595 -42.15 2.86 11.72
N GLY A 596 -42.69 2.29 10.64
CA GLY A 596 -43.70 2.96 9.85
C GLY A 596 -43.19 4.12 9.01
N GLY A 597 -42.01 3.99 8.41
CA GLY A 597 -41.55 5.00 7.48
C GLY A 597 -42.00 4.73 6.06
N TRP A 598 -42.03 3.45 5.66
CA TRP A 598 -42.48 3.08 4.33
C TRP A 598 -43.92 3.50 4.09
N HIS A 599 -44.77 3.28 5.09
CA HIS A 599 -46.17 3.70 4.98
C HIS A 599 -46.27 5.21 4.79
N ASN A 600 -45.45 5.96 5.53
CA ASN A 600 -45.44 7.41 5.39
C ASN A 600 -45.01 7.83 4.00
N MET A 601 -43.97 7.19 3.46
CA MET A 601 -43.53 7.53 2.10
C MET A 601 -44.62 7.26 1.07
N LEU A 602 -45.22 6.07 1.13
CA LEU A 602 -46.25 5.73 0.16
C LEU A 602 -47.47 6.64 0.28
N LYS A 603 -47.84 7.04 1.49
CA LYS A 603 -48.93 8.00 1.61
C LYS A 603 -48.50 9.41 1.25
N THR A 604 -47.20 9.68 1.24
CA THR A 604 -46.73 10.97 0.76
C THR A 604 -46.91 11.10 -0.75
N VAL A 605 -46.50 10.07 -1.50
CA VAL A 605 -46.57 10.22 -2.96
C VAL A 605 -47.96 10.11 -3.54
N TYR A 606 -48.93 9.57 -2.79
CA TYR A 606 -50.33 9.53 -3.22
C TYR A 606 -51.05 10.85 -2.98
N SER A 607 -50.31 11.94 -2.77
CA SER A 607 -50.79 13.10 -2.03
C SER A 607 -52.19 13.57 -2.40
N ASP A 608 -52.38 14.12 -3.61
CA ASP A 608 -53.69 14.65 -3.95
C ASP A 608 -54.08 14.42 -5.41
N VAL A 609 -53.36 13.57 -6.14
CA VAL A 609 -53.69 13.33 -7.54
C VAL A 609 -55.08 12.72 -7.65
N GLU A 610 -55.71 12.90 -8.81
CA GLU A 610 -57.15 12.72 -8.92
C GLU A 610 -57.55 11.31 -9.38
N ASN A 611 -56.91 10.80 -10.42
CA ASN A 611 -57.17 9.45 -10.93
C ASN A 611 -55.84 8.74 -11.09
N PRO A 612 -55.23 8.33 -9.99
CA PRO A 612 -53.81 7.95 -10.02
C PRO A 612 -53.56 6.64 -10.73
N HIS A 613 -52.28 6.46 -11.09
CA HIS A 613 -51.76 5.24 -11.67
C HIS A 613 -50.26 5.23 -11.40
N LEU A 614 -49.77 4.20 -10.72
CA LEU A 614 -48.34 4.16 -10.44
C LEU A 614 -47.53 3.95 -11.72
N MET A 615 -46.23 4.23 -11.61
CA MET A 615 -45.29 4.04 -12.70
C MET A 615 -43.88 4.13 -12.12
N GLY A 616 -43.03 3.18 -12.49
CA GLY A 616 -41.66 3.17 -12.00
C GLY A 616 -40.72 2.74 -13.10
N TRP A 617 -39.43 2.78 -12.78
CA TRP A 617 -38.40 2.40 -13.74
C TRP A 617 -37.06 2.28 -13.01
N ASP A 618 -36.02 2.01 -13.79
CA ASP A 618 -34.64 1.99 -13.34
C ASP A 618 -33.78 2.07 -14.60
N TYR A 619 -32.56 2.55 -14.45
CA TYR A 619 -31.87 2.80 -15.71
C TYR A 619 -30.88 1.69 -16.01
N PRO A 620 -30.84 1.21 -17.25
CA PRO A 620 -29.86 0.18 -17.63
C PRO A 620 -28.46 0.78 -17.69
N LYS A 621 -27.60 0.34 -16.77
CA LYS A 621 -26.21 0.80 -16.70
C LYS A 621 -26.15 2.32 -16.60
N CYS A 622 -26.69 2.83 -15.50
CA CYS A 622 -26.88 4.27 -15.34
C CYS A 622 -25.55 5.02 -15.31
N ASP A 623 -24.54 4.44 -14.68
CA ASP A 623 -23.29 5.18 -14.48
C ASP A 623 -22.48 5.32 -15.75
N ARG A 624 -22.58 4.36 -16.68
CA ARG A 624 -21.77 4.38 -17.88
C ARG A 624 -22.47 4.99 -19.08
N ALA A 625 -23.80 5.01 -19.09
CA ALA A 625 -24.56 5.63 -20.17
C ALA A 625 -24.83 7.12 -19.90
N MET A 626 -24.26 7.66 -18.83
CA MET A 626 -24.46 9.06 -18.50
C MET A 626 -23.69 9.96 -19.46
N PRO A 627 -24.38 10.86 -20.16
CA PRO A 627 -23.66 11.87 -20.94
C PRO A 627 -22.93 12.84 -20.02
N ASN A 628 -21.98 13.57 -20.61
CA ASN A 628 -21.18 14.50 -19.82
C ASN A 628 -21.92 15.79 -19.50
N MET A 629 -22.83 16.21 -20.38
CA MET A 629 -23.56 17.45 -20.16
C MET A 629 -24.48 17.34 -18.96
N LEU A 630 -25.13 16.18 -18.77
CA LEU A 630 -26.03 16.04 -17.64
C LEU A 630 -25.25 15.90 -16.33
N ARG A 631 -24.08 15.28 -16.35
CA ARG A 631 -23.22 15.30 -15.18
C ARG A 631 -22.82 16.72 -14.82
N ILE A 632 -22.42 17.51 -15.83
CA ILE A 632 -22.03 18.88 -15.57
C ILE A 632 -23.19 19.67 -14.98
N MET A 633 -24.38 19.51 -15.57
CA MET A 633 -25.54 20.25 -15.07
C MET A 633 -25.90 19.83 -13.66
N ALA A 634 -25.77 18.55 -13.34
CA ALA A 634 -26.05 18.09 -11.98
C ALA A 634 -25.09 18.71 -10.98
N SER A 635 -23.80 18.74 -11.33
CA SER A 635 -22.82 19.36 -10.43
C SER A 635 -23.09 20.85 -10.27
N LEU A 636 -23.51 21.52 -11.36
CA LEU A 636 -23.85 22.93 -11.27
C LEU A 636 -25.04 23.17 -10.37
N VAL A 637 -26.08 22.33 -10.49
CA VAL A 637 -27.26 22.49 -9.65
C VAL A 637 -26.92 22.23 -8.19
N LEU A 638 -26.01 21.29 -7.93
CA LEU A 638 -25.58 21.08 -6.55
C LEU A 638 -24.78 22.26 -6.01
N ALA A 639 -23.89 22.84 -6.81
CA ALA A 639 -23.02 23.91 -6.37
C ALA A 639 -23.69 25.28 -6.41
N ARG A 640 -24.91 25.38 -6.94
CA ARG A 640 -25.58 26.66 -7.04
C ARG A 640 -25.76 27.36 -5.70
N LYS A 641 -25.91 26.62 -4.60
CA LYS A 641 -26.24 27.22 -3.31
C LYS A 641 -25.15 28.13 -2.76
N HIS A 642 -23.93 28.04 -3.27
CA HIS A 642 -22.84 28.88 -2.77
C HIS A 642 -22.87 30.28 -3.35
N THR A 643 -23.99 30.98 -3.16
CA THR A 643 -24.11 32.34 -3.67
C THR A 643 -23.27 33.35 -2.89
N THR A 644 -22.96 33.08 -1.63
CA THR A 644 -22.30 34.05 -0.78
C THR A 644 -20.91 33.61 -0.32
N CYS A 645 -20.71 32.33 -0.04
CA CYS A 645 -19.45 31.90 0.54
C CYS A 645 -18.30 31.95 -0.46
N CYS A 646 -18.61 31.81 -1.75
CA CYS A 646 -17.58 31.75 -2.78
C CYS A 646 -17.82 32.81 -3.85
N SER A 647 -16.75 33.16 -4.56
CA SER A 647 -16.81 34.06 -5.70
C SER A 647 -17.26 33.31 -6.93
N LEU A 648 -17.13 33.92 -8.11
CA LEU A 648 -17.52 33.25 -9.35
C LEU A 648 -16.36 32.49 -9.98
N SER A 649 -15.13 33.00 -9.84
CA SER A 649 -13.97 32.22 -10.27
C SER A 649 -13.77 30.99 -9.40
N HIS A 650 -14.01 31.12 -8.08
CA HIS A 650 -13.84 29.98 -7.19
C HIS A 650 -14.79 28.83 -7.55
N ARG A 651 -16.05 29.17 -7.84
CA ARG A 651 -17.02 28.14 -8.20
C ARG A 651 -16.64 27.47 -9.51
N PHE A 652 -16.16 28.24 -10.48
CA PHE A 652 -15.75 27.63 -11.75
C PHE A 652 -14.55 26.71 -11.56
N TYR A 653 -13.58 27.11 -10.74
CA TYR A 653 -12.42 26.25 -10.58
C TYR A 653 -12.76 25.01 -9.77
N ARG A 654 -13.72 25.11 -8.85
CA ARG A 654 -14.18 23.90 -8.17
C ARG A 654 -14.92 22.96 -9.13
N LEU A 655 -15.72 23.52 -10.03
CA LEU A 655 -16.38 22.71 -11.05
C LEU A 655 -15.35 22.04 -11.97
N ALA A 656 -14.31 22.78 -12.35
CA ALA A 656 -13.25 22.20 -13.18
C ALA A 656 -12.54 21.07 -12.45
N ASN A 657 -12.31 21.24 -11.14
CA ASN A 657 -11.72 20.15 -10.37
C ASN A 657 -12.63 18.93 -10.34
N GLU A 658 -13.94 19.15 -10.19
CA GLU A 658 -14.87 18.02 -10.22
C GLU A 658 -14.81 17.30 -11.56
N CYS A 659 -14.80 18.07 -12.66
CA CYS A 659 -14.75 17.44 -13.98
C CYS A 659 -13.42 16.74 -14.21
N ALA A 660 -12.34 17.24 -13.61
CA ALA A 660 -11.05 16.58 -13.74
C ALA A 660 -10.92 15.37 -12.85
N GLN A 661 -11.78 15.20 -11.85
CA GLN A 661 -11.66 14.08 -10.93
C GLN A 661 -12.73 13.01 -11.07
N VAL A 662 -13.92 13.33 -11.60
CA VAL A 662 -14.96 12.30 -11.69
C VAL A 662 -15.57 12.25 -13.09
N LEU A 663 -14.87 12.74 -14.09
CA LEU A 663 -15.49 12.69 -15.41
C LEU A 663 -14.55 12.19 -16.49
N SER A 664 -13.26 12.50 -16.42
CA SER A 664 -12.31 11.99 -17.39
C SER A 664 -10.99 11.63 -16.71
N GLU A 665 -11.06 11.22 -15.45
CA GLU A 665 -9.85 10.94 -14.70
C GLU A 665 -9.23 9.61 -15.15
N MET A 666 -7.90 9.56 -15.11
CA MET A 666 -7.12 8.48 -15.69
C MET A 666 -7.27 7.24 -14.82
N VAL A 667 -8.28 6.42 -15.14
CA VAL A 667 -8.56 5.21 -14.39
C VAL A 667 -7.37 4.26 -14.47
N MET A 668 -6.92 3.77 -13.32
CA MET A 668 -5.82 2.81 -13.23
C MET A 668 -6.39 1.42 -13.06
N CYS A 669 -6.90 0.86 -14.16
CA CYS A 669 -7.52 -0.46 -14.15
C CYS A 669 -6.45 -1.52 -14.39
N GLY A 670 -6.26 -2.40 -13.41
CA GLY A 670 -5.28 -3.46 -13.52
C GLY A 670 -3.90 -3.06 -13.04
N GLY A 671 -2.99 -2.82 -13.97
CA GLY A 671 -1.66 -2.36 -13.65
C GLY A 671 -1.17 -1.30 -14.62
N SER A 672 -2.11 -0.60 -15.25
CA SER A 672 -1.77 0.35 -16.30
C SER A 672 -2.90 1.36 -16.41
N LEU A 673 -2.54 2.62 -16.69
CA LEU A 673 -3.51 3.70 -16.75
C LEU A 673 -4.28 3.67 -18.05
N TYR A 674 -5.57 3.94 -17.95
CA TYR A 674 -6.44 4.13 -19.10
C TYR A 674 -7.07 5.51 -19.00
N VAL A 675 -7.89 5.85 -19.98
CA VAL A 675 -8.64 7.10 -19.97
C VAL A 675 -10.12 6.78 -19.87
N LYS A 676 -10.74 7.17 -18.77
CA LYS A 676 -12.18 7.05 -18.65
C LYS A 676 -12.83 8.07 -19.58
N PRO A 677 -13.64 7.63 -20.55
CA PRO A 677 -14.20 8.59 -21.51
C PRO A 677 -15.19 9.55 -20.89
N GLY A 678 -16.16 9.01 -20.15
CA GLY A 678 -17.18 9.83 -19.54
C GLY A 678 -17.96 9.04 -18.50
N GLY A 679 -19.13 9.55 -18.18
CA GLY A 679 -19.97 8.92 -17.19
C GLY A 679 -19.42 9.06 -15.78
N THR A 680 -20.32 8.89 -14.81
CA THR A 680 -19.93 9.02 -13.41
C THR A 680 -19.07 7.85 -12.96
N SER A 681 -18.11 8.16 -12.09
CA SER A 681 -17.44 7.13 -11.29
C SER A 681 -18.25 6.94 -10.02
N SER A 682 -18.64 5.69 -9.75
CA SER A 682 -19.64 5.43 -8.72
C SER A 682 -19.08 5.54 -7.31
N GLY A 683 -17.77 5.65 -7.15
CA GLY A 683 -17.19 5.67 -5.82
C GLY A 683 -16.69 7.04 -5.37
N ASP A 684 -17.34 8.10 -5.80
CA ASP A 684 -16.98 9.44 -5.36
C ASP A 684 -17.98 9.92 -4.31
N ALA A 685 -17.86 11.18 -3.90
CA ALA A 685 -18.60 11.68 -2.75
C ALA A 685 -20.08 11.91 -3.02
N THR A 686 -20.45 12.30 -4.24
CA THR A 686 -21.79 12.83 -4.49
C THR A 686 -22.51 12.05 -5.58
N THR A 687 -22.24 10.75 -5.69
CA THR A 687 -22.90 9.94 -6.70
C THR A 687 -24.39 9.82 -6.42
N ALA A 688 -24.76 9.50 -5.17
CA ALA A 688 -26.13 9.19 -4.83
C ALA A 688 -27.07 10.39 -4.92
N TYR A 689 -26.54 11.59 -5.08
CA TYR A 689 -27.35 12.78 -5.27
C TYR A 689 -27.28 13.34 -6.68
N ALA A 690 -26.13 13.19 -7.34
CA ALA A 690 -26.06 13.50 -8.76
C ALA A 690 -27.02 12.61 -9.55
N ASN A 691 -27.15 11.36 -9.14
CA ASN A 691 -28.12 10.47 -9.81
C ASN A 691 -29.54 10.97 -9.61
N SER A 692 -29.86 11.48 -8.42
CA SER A 692 -31.19 12.03 -8.17
C SER A 692 -31.45 13.25 -9.06
N VAL A 693 -30.45 14.12 -9.19
CA VAL A 693 -30.60 15.28 -10.07
C VAL A 693 -30.86 14.83 -11.50
N PHE A 694 -30.08 13.83 -11.97
CA PHE A 694 -30.29 13.26 -13.29
C PHE A 694 -31.73 12.80 -13.46
N ASN A 695 -32.22 12.02 -12.50
CA ASN A 695 -33.54 11.41 -12.62
C ASN A 695 -34.64 12.47 -12.69
N ILE A 696 -34.53 13.50 -11.84
CA ILE A 696 -35.53 14.57 -11.90
C ILE A 696 -35.43 15.31 -13.23
N CYS A 697 -34.21 15.47 -13.76
CA CYS A 697 -34.06 16.11 -15.06
C CYS A 697 -34.78 15.33 -16.16
N GLN A 698 -34.62 14.00 -16.17
CA GLN A 698 -35.31 13.20 -17.17
C GLN A 698 -36.82 13.28 -17.01
N ALA A 699 -37.32 13.27 -15.77
CA ALA A 699 -38.76 13.40 -15.58
C ALA A 699 -39.28 14.72 -16.14
N VAL A 700 -38.60 15.82 -15.83
CA VAL A 700 -39.04 17.12 -16.33
C VAL A 700 -38.96 17.19 -17.85
N THR A 701 -37.89 16.64 -18.42
CA THR A 701 -37.75 16.64 -19.87
C THR A 701 -38.86 15.85 -20.53
N ALA A 702 -39.24 14.71 -19.95
CA ALA A 702 -40.34 13.93 -20.49
C ALA A 702 -41.65 14.72 -20.43
N ASN A 703 -41.89 15.42 -19.32
CA ASN A 703 -43.11 16.23 -19.24
C ASN A 703 -43.10 17.34 -20.29
N VAL A 704 -41.96 18.00 -20.48
CA VAL A 704 -41.87 19.07 -21.47
C VAL A 704 -42.15 18.54 -22.87
N ASN A 705 -41.51 17.42 -23.23
CA ASN A 705 -41.73 16.84 -24.55
C ASN A 705 -43.18 16.40 -24.74
N ALA A 706 -43.78 15.83 -23.69
CA ALA A 706 -45.14 15.34 -23.82
C ALA A 706 -46.14 16.48 -23.96
N LEU A 707 -45.86 17.63 -23.34
CA LEU A 707 -46.81 18.74 -23.46
C LEU A 707 -46.60 19.56 -24.72
N LEU A 708 -45.35 19.77 -25.13
CA LEU A 708 -45.09 20.55 -26.34
C LEU A 708 -45.61 19.84 -27.59
N SER A 709 -45.41 18.53 -27.68
CA SER A 709 -45.58 17.78 -28.92
C SER A 709 -47.01 17.29 -29.11
N THR A 710 -47.99 18.00 -28.58
CA THR A 710 -49.39 17.62 -28.68
C THR A 710 -50.09 18.58 -29.62
N ASP A 711 -51.00 18.05 -30.45
CA ASP A 711 -51.80 18.88 -31.34
C ASP A 711 -52.68 19.80 -30.50
N GLY A 712 -52.35 21.09 -30.48
CA GLY A 712 -53.00 22.02 -29.58
C GLY A 712 -54.31 22.58 -30.08
N ASN A 713 -55.01 21.82 -30.92
CA ASN A 713 -56.34 22.20 -31.35
C ASN A 713 -57.41 21.24 -30.85
N LYS A 714 -57.02 20.13 -30.23
CA LYS A 714 -57.94 19.19 -29.62
C LYS A 714 -58.03 19.34 -28.10
N ILE A 715 -57.10 20.08 -27.49
CA ILE A 715 -57.08 20.27 -26.05
C ILE A 715 -58.27 21.12 -25.63
N ALA A 716 -59.08 20.60 -24.72
CA ALA A 716 -60.34 21.25 -24.36
C ALA A 716 -60.22 22.16 -23.15
N ASP A 717 -59.42 21.78 -22.15
CA ASP A 717 -59.21 22.64 -21.00
C ASP A 717 -58.36 23.83 -21.41
N LYS A 718 -58.90 25.04 -21.22
CA LYS A 718 -58.23 26.23 -21.74
C LYS A 718 -56.91 26.48 -21.04
N TYR A 719 -56.84 26.21 -19.73
CA TYR A 719 -55.67 26.56 -18.96
C TYR A 719 -54.44 25.80 -19.42
N VAL A 720 -54.59 24.50 -19.72
CA VAL A 720 -53.43 23.74 -20.17
C VAL A 720 -53.00 24.16 -21.56
N ARG A 721 -53.93 24.63 -22.39
CA ARG A 721 -53.55 25.16 -23.70
C ARG A 721 -52.74 26.43 -23.56
N ASN A 722 -53.18 27.33 -22.68
CA ASN A 722 -52.39 28.54 -22.41
C ASN A 722 -51.04 28.18 -21.81
N LEU A 723 -51.00 27.13 -20.99
CA LEU A 723 -49.74 26.64 -20.47
C LEU A 723 -48.82 26.18 -21.58
N GLN A 724 -49.38 25.48 -22.57
CA GLN A 724 -48.60 25.06 -23.74
C GLN A 724 -48.01 26.26 -24.47
N HIS A 725 -48.85 27.25 -24.74
CA HIS A 725 -48.40 28.41 -25.50
C HIS A 725 -47.29 29.15 -24.76
N ARG A 726 -47.50 29.46 -23.49
CA ARG A 726 -46.47 30.14 -22.72
C ARG A 726 -45.22 29.28 -22.58
N LEU A 727 -45.38 27.96 -22.51
CA LEU A 727 -44.22 27.08 -22.40
C LEU A 727 -43.35 27.20 -23.64
N TYR A 728 -43.95 27.16 -24.82
CA TYR A 728 -43.16 27.33 -26.03
C TYR A 728 -42.54 28.72 -26.09
N GLU A 729 -43.30 29.74 -25.69
CA GLU A 729 -42.79 31.11 -25.71
C GLU A 729 -41.53 31.24 -24.87
N CYS A 730 -41.58 30.79 -23.62
CA CYS A 730 -40.42 30.93 -22.75
C CYS A 730 -39.34 29.92 -23.07
N LEU A 731 -39.65 28.87 -23.83
CA LEU A 731 -38.63 27.90 -24.20
C LEU A 731 -37.78 28.41 -25.35
N TYR A 732 -38.41 28.83 -26.44
CA TYR A 732 -37.67 29.16 -27.66
C TYR A 732 -37.71 30.64 -28.03
N ARG A 733 -38.86 31.30 -27.91
CA ARG A 733 -38.97 32.72 -28.22
C ARG A 733 -38.49 33.63 -27.09
N ASN A 734 -37.75 33.11 -26.12
CA ASN A 734 -37.28 33.92 -25.01
C ASN A 734 -35.84 33.55 -24.65
N ARG A 735 -35.22 34.36 -23.80
CA ARG A 735 -33.79 34.22 -23.55
C ARG A 735 -33.46 34.19 -22.06
N ASP A 736 -34.27 34.84 -21.23
CA ASP A 736 -33.98 34.97 -19.81
C ASP A 736 -35.07 34.30 -18.97
N VAL A 737 -34.68 33.93 -17.75
CA VAL A 737 -35.55 33.14 -16.89
C VAL A 737 -36.78 33.95 -16.50
N ASP A 738 -37.94 33.29 -16.49
CA ASP A 738 -39.21 33.89 -16.12
C ASP A 738 -39.73 33.13 -14.91
N THR A 739 -39.34 33.57 -13.71
CA THR A 739 -39.61 32.79 -12.51
C THR A 739 -41.09 32.65 -12.21
N ASP A 740 -41.91 33.59 -12.69
CA ASP A 740 -43.35 33.45 -12.53
C ASP A 740 -43.83 32.18 -13.22
N PHE A 741 -43.45 32.00 -14.48
CA PHE A 741 -43.88 30.81 -15.20
C PHE A 741 -43.16 29.56 -14.74
N VAL A 742 -41.92 29.69 -14.26
CA VAL A 742 -41.26 28.51 -13.68
C VAL A 742 -42.03 28.02 -12.46
N ASN A 743 -42.47 28.95 -11.60
CA ASN A 743 -43.33 28.58 -10.48
C ASN A 743 -44.63 27.96 -10.97
N GLU A 744 -45.22 28.55 -12.00
CA GLU A 744 -46.47 28.01 -12.55
C GLU A 744 -46.31 26.56 -12.98
N PHE A 745 -45.27 26.29 -13.76
CA PHE A 745 -45.06 24.94 -14.27
C PHE A 745 -44.70 23.97 -13.15
N TYR A 746 -43.89 24.40 -12.18
CA TYR A 746 -43.57 23.52 -11.07
C TYR A 746 -44.82 23.17 -10.27
N ALA A 747 -45.71 24.14 -10.06
CA ALA A 747 -46.96 23.85 -9.38
C ALA A 747 -47.79 22.85 -10.19
N TYR A 748 -47.86 23.04 -11.50
CA TYR A 748 -48.57 22.08 -12.35
C TYR A 748 -48.01 20.69 -12.20
N LEU A 749 -46.68 20.56 -12.25
CA LEU A 749 -46.05 19.25 -12.11
C LEU A 749 -46.38 18.62 -10.76
N ARG A 750 -46.03 19.29 -9.67
CA ARG A 750 -46.26 18.70 -8.36
C ARG A 750 -47.73 18.49 -8.06
N LYS A 751 -48.65 19.10 -8.81
CA LYS A 751 -50.05 18.78 -8.65
C LYS A 751 -50.49 17.59 -9.51
N HIS A 752 -49.87 17.39 -10.67
CA HIS A 752 -50.27 16.30 -11.55
C HIS A 752 -49.14 15.31 -11.84
N PHE A 753 -48.02 15.38 -11.14
CA PHE A 753 -46.97 14.38 -11.32
C PHE A 753 -46.19 14.28 -9.99
N SER A 754 -46.64 13.39 -9.12
CA SER A 754 -45.97 13.21 -7.84
C SER A 754 -44.83 12.22 -8.00
N MET A 755 -43.81 12.35 -7.15
CA MET A 755 -42.56 11.64 -7.39
C MET A 755 -41.94 11.21 -6.08
N MET A 756 -41.12 10.16 -6.17
CA MET A 756 -40.28 9.70 -5.07
C MET A 756 -38.98 9.25 -5.69
N ILE A 757 -37.85 9.70 -5.15
CA ILE A 757 -36.57 9.50 -5.80
C ILE A 757 -35.54 9.01 -4.79
N LEU A 758 -34.77 8.02 -5.19
CA LEU A 758 -33.48 7.70 -4.60
C LEU A 758 -32.53 7.66 -5.81
N SER A 759 -31.32 7.16 -5.62
CA SER A 759 -30.32 7.33 -6.67
C SER A 759 -30.63 6.47 -7.87
N ASP A 760 -31.50 6.97 -8.75
CA ASP A 760 -32.00 6.46 -10.03
C ASP A 760 -33.11 5.43 -9.91
N ASP A 761 -33.58 5.10 -8.71
CA ASP A 761 -34.70 4.19 -8.52
C ASP A 761 -35.90 5.04 -8.11
N ALA A 762 -36.82 5.26 -9.05
CA ALA A 762 -37.88 6.24 -8.88
C ALA A 762 -39.24 5.58 -8.85
N VAL A 763 -40.22 6.33 -8.37
CA VAL A 763 -41.62 5.94 -8.36
C VAL A 763 -42.45 7.20 -8.60
N VAL A 764 -43.44 7.11 -9.49
CA VAL A 764 -44.20 8.27 -9.93
C VAL A 764 -45.68 7.93 -9.85
N CYS A 765 -46.44 8.81 -9.22
CA CYS A 765 -47.89 8.71 -9.20
C CYS A 765 -48.45 9.86 -10.01
N PHE A 766 -49.16 9.54 -11.10
CA PHE A 766 -49.60 10.54 -12.05
C PHE A 766 -51.10 10.46 -12.24
N ASN A 767 -51.73 11.60 -12.48
CA ASN A 767 -53.10 11.62 -12.97
C ASN A 767 -53.16 10.89 -14.31
N SER A 768 -54.16 10.02 -14.48
CA SER A 768 -54.15 9.12 -15.63
C SER A 768 -55.00 9.65 -16.77
N THR A 769 -56.12 10.31 -16.47
CA THR A 769 -56.97 10.83 -17.53
C THR A 769 -56.33 12.00 -18.27
N TYR A 770 -55.20 12.51 -17.78
CA TYR A 770 -54.37 13.44 -18.53
C TYR A 770 -53.34 12.70 -19.36
N ALA A 771 -52.60 11.78 -18.73
CA ALA A 771 -51.58 11.02 -19.45
C ALA A 771 -52.15 10.27 -20.63
N SER A 772 -53.43 9.88 -20.57
CA SER A 772 -54.06 9.26 -21.72
C SER A 772 -54.36 10.25 -22.82
N GLN A 773 -54.25 11.55 -22.54
CA GLN A 773 -54.32 12.60 -23.56
C GLN A 773 -52.99 13.29 -23.75
N GLY A 774 -51.92 12.75 -23.18
CA GLY A 774 -50.58 13.26 -23.39
C GLY A 774 -50.29 14.62 -22.81
N LEU A 775 -50.95 15.00 -21.72
CA LEU A 775 -50.67 16.24 -21.03
C LEU A 775 -49.61 16.08 -19.96
N VAL A 776 -49.23 14.85 -19.62
CA VAL A 776 -48.12 14.55 -18.73
C VAL A 776 -47.35 13.38 -19.33
N ALA A 777 -46.20 13.09 -18.75
CA ALA A 777 -45.36 12.01 -19.27
C ALA A 777 -46.03 10.67 -19.05
N SER A 778 -46.13 9.88 -20.11
CA SER A 778 -46.47 8.47 -20.01
C SER A 778 -45.17 7.69 -19.94
N ILE A 779 -45.21 6.36 -20.09
CA ILE A 779 -43.99 5.56 -19.98
C ILE A 779 -43.29 5.43 -21.33
N LYS A 780 -43.96 5.76 -22.44
CA LYS A 780 -43.28 5.82 -23.73
C LYS A 780 -42.41 7.07 -23.85
N ASN A 781 -42.83 8.17 -23.24
CA ASN A 781 -42.06 9.41 -23.35
C ASN A 781 -40.68 9.24 -22.73
N PHE A 782 -40.58 8.49 -21.65
CA PHE A 782 -39.27 8.20 -21.08
C PHE A 782 -38.44 7.34 -22.03
N LYS A 783 -39.07 6.43 -22.77
CA LYS A 783 -38.35 5.67 -23.78
C LYS A 783 -37.77 6.60 -24.84
N SER A 784 -38.58 7.53 -25.35
CA SER A 784 -38.11 8.45 -26.37
C SER A 784 -36.97 9.32 -25.86
N VAL A 785 -37.12 9.84 -24.64
CA VAL A 785 -36.11 10.73 -24.07
C VAL A 785 -34.80 9.97 -23.87
N LEU A 786 -34.87 8.79 -23.25
CA LEU A 786 -33.67 7.99 -23.07
C LEU A 786 -33.03 7.66 -24.41
N TYR A 787 -33.85 7.39 -25.43
CA TYR A 787 -33.30 7.09 -26.73
C TYR A 787 -32.49 8.25 -27.27
N TYR A 788 -33.11 9.41 -27.45
CA TYR A 788 -32.41 10.48 -28.16
C TYR A 788 -31.48 11.29 -27.27
N GLN A 789 -31.44 11.03 -25.96
CA GLN A 789 -30.59 11.81 -25.07
C GLN A 789 -29.60 10.99 -24.27
N ASN A 790 -29.93 9.77 -23.88
CA ASN A 790 -29.05 8.92 -23.11
C ASN A 790 -28.38 7.82 -23.94
N ASN A 791 -28.85 7.59 -25.16
CA ASN A 791 -28.29 6.58 -26.06
C ASN A 791 -28.45 5.17 -25.49
N VAL A 792 -29.61 4.89 -24.92
CA VAL A 792 -29.97 3.54 -24.50
C VAL A 792 -31.44 3.33 -24.80
N PHE A 793 -31.79 2.11 -25.20
CA PHE A 793 -33.16 1.75 -25.48
C PHE A 793 -33.77 1.14 -24.23
N MET A 794 -34.86 1.73 -23.77
CA MET A 794 -35.52 1.31 -22.53
C MET A 794 -36.47 0.16 -22.84
N SER A 795 -36.07 -1.05 -22.46
CA SER A 795 -36.90 -2.22 -22.65
C SER A 795 -38.12 -2.15 -21.73
N GLU A 796 -39.28 -2.57 -22.26
CA GLU A 796 -40.51 -2.58 -21.48
C GLU A 796 -40.62 -3.80 -20.59
N ALA A 797 -39.52 -4.51 -20.36
CA ALA A 797 -39.44 -5.54 -19.35
C ALA A 797 -38.75 -5.07 -18.09
N LYS A 798 -38.52 -3.76 -17.97
CA LYS A 798 -37.95 -3.16 -16.78
C LYS A 798 -38.81 -2.02 -16.24
N CYS A 799 -39.73 -1.49 -17.02
CA CYS A 799 -40.70 -0.51 -16.56
C CYS A 799 -42.03 -1.19 -16.32
N TRP A 800 -42.54 -1.04 -15.11
CA TRP A 800 -43.86 -1.57 -14.77
C TRP A 800 -44.84 -0.42 -14.64
N THR A 801 -46.12 -0.77 -14.60
CA THR A 801 -47.18 0.19 -14.41
C THR A 801 -48.31 -0.48 -13.65
N GLU A 802 -48.77 0.17 -12.59
CA GLU A 802 -49.72 -0.42 -11.67
C GLU A 802 -50.94 0.51 -11.59
N THR A 803 -52.12 -0.09 -11.42
CA THR A 803 -53.36 0.68 -11.43
C THR A 803 -54.22 0.53 -10.19
N ASP A 804 -54.02 -0.50 -9.39
CA ASP A 804 -54.77 -0.71 -8.15
C ASP A 804 -53.91 -0.24 -6.99
N LEU A 805 -54.19 0.97 -6.48
CA LEU A 805 -53.30 1.58 -5.51
C LEU A 805 -53.29 0.84 -4.17
N THR A 806 -54.33 0.04 -3.89
CA THR A 806 -54.35 -0.71 -2.64
C THR A 806 -53.11 -1.58 -2.49
N LYS A 807 -52.57 -2.10 -3.59
CA LYS A 807 -51.25 -2.70 -3.63
C LYS A 807 -50.30 -1.62 -4.08
N GLY A 808 -49.15 -1.50 -3.40
CA GLY A 808 -48.24 -0.41 -3.66
C GLY A 808 -47.47 -0.59 -4.94
N PRO A 809 -46.25 -0.05 -4.99
CA PRO A 809 -45.41 -0.25 -6.16
C PRO A 809 -45.13 -1.73 -6.38
N HIS A 810 -45.07 -2.14 -7.65
CA HIS A 810 -44.69 -3.51 -7.95
C HIS A 810 -43.29 -3.82 -7.44
N GLU A 811 -42.41 -2.83 -7.42
CA GLU A 811 -41.08 -2.98 -6.84
C GLU A 811 -40.41 -1.62 -6.67
N PHE A 812 -39.82 -1.39 -5.49
CA PHE A 812 -39.05 -0.19 -5.23
C PHE A 812 -37.91 -0.55 -4.28
N CYS A 813 -36.69 -0.18 -4.64
CA CYS A 813 -35.51 -0.50 -3.85
C CYS A 813 -35.39 -2.00 -3.59
N SER A 814 -35.91 -2.80 -4.52
CA SER A 814 -35.88 -4.26 -4.44
C SER A 814 -36.71 -4.80 -3.28
N GLN A 815 -37.82 -4.13 -2.96
CA GLN A 815 -38.75 -4.60 -1.94
C GLN A 815 -40.18 -4.44 -2.44
N HIS A 816 -40.95 -5.51 -2.37
CA HIS A 816 -42.35 -5.46 -2.73
C HIS A 816 -43.17 -4.91 -1.55
N THR A 817 -44.37 -4.45 -1.86
CA THR A 817 -45.21 -3.77 -0.89
C THR A 817 -46.53 -4.52 -0.72
N MET A 818 -46.93 -4.75 0.54
CA MET A 818 -48.15 -5.45 0.86
C MET A 818 -48.93 -4.66 1.90
N LEU A 819 -50.26 -4.71 1.79
CA LEU A 819 -51.16 -3.96 2.69
C LEU A 819 -51.75 -4.95 3.69
N VAL A 820 -51.25 -4.91 4.93
CA VAL A 820 -51.70 -5.84 5.96
C VAL A 820 -52.48 -5.07 7.02
N LYS A 821 -53.05 -5.78 7.98
CA LYS A 821 -53.69 -5.17 9.13
C LYS A 821 -52.72 -5.23 10.30
N GLN A 822 -52.34 -4.07 10.83
CA GLN A 822 -51.40 -3.95 11.95
C GLN A 822 -52.11 -3.20 13.07
N GLY A 823 -52.72 -3.96 13.98
CA GLY A 823 -53.46 -3.37 15.08
C GLY A 823 -54.90 -3.09 14.69
N ASP A 824 -55.22 -1.84 14.40
CA ASP A 824 -56.55 -1.44 13.96
C ASP A 824 -56.60 -0.95 12.53
N ASP A 825 -55.52 -0.38 12.01
CA ASP A 825 -55.46 0.18 10.67
C ASP A 825 -54.63 -0.72 9.76
N TYR A 826 -54.43 -0.25 8.53
CA TYR A 826 -53.72 -1.00 7.50
C TYR A 826 -52.45 -0.25 7.10
N VAL A 827 -51.35 -1.00 6.96
CA VAL A 827 -50.04 -0.42 6.71
C VAL A 827 -49.42 -1.11 5.50
N TYR A 828 -48.35 -0.49 4.99
CA TYR A 828 -47.55 -1.05 3.91
C TYR A 828 -46.18 -1.45 4.45
N LEU A 829 -45.76 -2.67 4.18
CA LEU A 829 -44.44 -3.11 4.61
C LEU A 829 -43.63 -3.63 3.43
N PRO A 830 -42.32 -3.47 3.48
CA PRO A 830 -41.46 -4.02 2.42
C PRO A 830 -41.08 -5.47 2.71
N TYR A 831 -41.48 -6.38 1.83
CA TYR A 831 -40.94 -7.70 2.07
C TYR A 831 -39.98 -8.09 0.95
N PRO A 832 -38.85 -8.70 1.27
CA PRO A 832 -37.85 -9.01 0.24
C PRO A 832 -38.23 -10.21 -0.60
N ASP A 833 -37.32 -10.62 -1.48
CA ASP A 833 -37.49 -11.85 -2.24
C ASP A 833 -37.03 -13.02 -1.39
N PRO A 834 -37.88 -13.99 -1.07
CA PRO A 834 -37.48 -15.05 -0.12
C PRO A 834 -36.22 -15.78 -0.51
N SER A 835 -36.02 -16.00 -1.81
CA SER A 835 -34.81 -16.64 -2.29
C SER A 835 -33.58 -15.85 -1.89
N ARG A 836 -33.68 -14.52 -1.83
CA ARG A 836 -32.55 -13.71 -1.38
C ARG A 836 -32.20 -14.02 0.07
N ILE A 837 -33.22 -14.17 0.92
CA ILE A 837 -32.99 -14.47 2.33
C ILE A 837 -32.34 -15.85 2.48
N LEU A 838 -32.88 -16.85 1.78
CA LEU A 838 -32.30 -18.19 1.87
C LEU A 838 -30.88 -18.22 1.33
N GLY A 839 -30.63 -17.53 0.21
CA GLY A 839 -29.30 -17.50 -0.35
C GLY A 839 -28.29 -16.77 0.52
N ALA A 840 -28.76 -15.78 1.30
CA ALA A 840 -27.89 -15.19 2.30
C ALA A 840 -27.64 -16.14 3.45
N GLY A 841 -28.63 -16.97 3.77
CA GLY A 841 -28.43 -17.96 4.82
C GLY A 841 -27.40 -19.01 4.46
N CYS A 842 -27.44 -19.53 3.23
CA CYS A 842 -26.62 -20.69 2.87
C CYS A 842 -25.21 -20.35 2.41
N PHE A 843 -25.02 -19.30 1.63
CA PHE A 843 -23.73 -19.01 1.00
C PHE A 843 -23.06 -17.85 1.71
N VAL A 844 -21.88 -18.11 2.31
CA VAL A 844 -21.17 -17.14 3.13
C VAL A 844 -19.67 -17.26 2.91
N ASP A 845 -18.92 -16.31 3.47
CA ASP A 845 -17.48 -16.19 3.28
C ASP A 845 -16.67 -16.72 4.47
N ASP A 846 -16.80 -18.02 4.77
CA ASP A 846 -15.77 -18.76 5.52
C ASP A 846 -15.47 -18.14 6.89
N ILE A 847 -16.45 -18.29 7.80
CA ILE A 847 -16.40 -18.01 9.24
C ILE A 847 -17.42 -16.93 9.56
N VAL A 848 -17.59 -15.97 8.64
CA VAL A 848 -18.72 -15.06 8.77
C VAL A 848 -20.01 -15.85 8.91
N LYS A 849 -20.03 -17.06 8.36
CA LYS A 849 -20.93 -18.12 8.78
C LYS A 849 -20.22 -19.44 8.45
N THR A 850 -20.99 -20.52 8.33
CA THR A 850 -20.59 -21.93 8.29
C THR A 850 -20.33 -22.44 9.70
N ASP A 851 -20.43 -21.59 10.71
CA ASP A 851 -20.51 -22.03 12.09
C ASP A 851 -21.39 -21.01 12.81
N GLY A 852 -22.69 -21.32 12.89
CA GLY A 852 -23.65 -20.31 13.33
C GLY A 852 -23.38 -19.81 14.73
N THR A 853 -22.86 -20.68 15.61
CA THR A 853 -22.62 -20.30 17.00
C THR A 853 -21.73 -19.07 17.09
N LEU A 854 -20.79 -18.93 16.16
CA LEU A 854 -19.86 -17.81 16.23
C LEU A 854 -20.52 -16.47 15.96
N MET A 855 -21.60 -16.44 15.18
CA MET A 855 -22.18 -15.16 14.76
C MET A 855 -23.56 -14.89 15.33
N ILE A 856 -24.56 -15.73 15.05
CA ILE A 856 -25.90 -15.58 15.61
C ILE A 856 -26.54 -14.23 15.28
N GLU A 857 -25.82 -13.13 15.48
CA GLU A 857 -26.39 -11.82 15.20
C GLU A 857 -26.78 -11.67 13.74
N ARG A 858 -26.05 -12.31 12.82
CA ARG A 858 -26.44 -12.21 11.42
C ARG A 858 -27.78 -12.89 11.17
N PHE A 859 -28.02 -14.03 11.84
CA PHE A 859 -29.32 -14.66 11.73
C PHE A 859 -30.40 -13.80 12.38
N VAL A 860 -30.07 -13.10 13.45
CA VAL A 860 -31.02 -12.17 14.06
C VAL A 860 -31.41 -11.08 13.07
N SER A 861 -30.42 -10.49 12.42
CA SER A 861 -30.70 -9.43 11.45
C SER A 861 -31.48 -9.96 10.26
N LEU A 862 -31.13 -11.15 9.77
CA LEU A 862 -31.84 -11.70 8.62
C LEU A 862 -33.29 -12.01 8.97
N ALA A 863 -33.54 -12.52 10.18
CA ALA A 863 -34.91 -12.70 10.62
C ALA A 863 -35.63 -11.38 10.82
N ILE A 864 -34.89 -10.32 11.13
CA ILE A 864 -35.49 -8.98 11.21
C ILE A 864 -35.96 -8.52 9.84
N ASP A 865 -35.12 -8.72 8.81
CA ASP A 865 -35.47 -8.31 7.46
C ASP A 865 -36.54 -9.21 6.84
N ALA A 866 -36.66 -10.45 7.28
CA ALA A 866 -37.57 -11.42 6.69
C ALA A 866 -38.90 -11.52 7.42
N TYR A 867 -39.17 -10.62 8.37
CA TYR A 867 -40.42 -10.71 9.11
C TYR A 867 -41.66 -10.51 8.24
N PRO A 868 -41.76 -9.49 7.38
CA PRO A 868 -43.05 -9.20 6.75
C PRO A 868 -43.63 -10.33 5.92
N LEU A 869 -42.83 -11.36 5.60
CA LEU A 869 -43.36 -12.53 4.92
C LEU A 869 -44.34 -13.32 5.79
N THR A 870 -44.33 -13.08 7.11
CA THR A 870 -45.18 -13.84 8.01
C THR A 870 -46.65 -13.54 7.80
N LYS A 871 -46.97 -12.41 7.17
CA LYS A 871 -48.34 -12.07 6.83
C LYS A 871 -48.68 -12.37 5.37
N HIS A 872 -47.78 -13.00 4.64
CA HIS A 872 -48.03 -13.28 3.23
C HIS A 872 -49.05 -14.41 3.08
N PRO A 873 -49.99 -14.28 2.14
CA PRO A 873 -50.93 -15.37 1.90
C PRO A 873 -50.27 -16.65 1.41
N ASN A 874 -49.20 -16.53 0.62
CA ASN A 874 -48.50 -17.72 0.16
C ASN A 874 -47.84 -18.42 1.34
N GLN A 875 -48.29 -19.66 1.59
CA GLN A 875 -47.85 -20.40 2.77
C GLN A 875 -46.36 -20.68 2.77
N GLU A 876 -45.79 -20.97 1.59
CA GLU A 876 -44.37 -21.28 1.49
C GLU A 876 -43.49 -20.07 1.78
N TYR A 877 -44.08 -18.91 2.11
CA TYR A 877 -43.28 -17.74 2.42
C TYR A 877 -43.03 -17.60 3.91
N ALA A 878 -44.08 -17.74 4.73
CA ALA A 878 -43.94 -17.55 6.17
C ALA A 878 -43.03 -18.60 6.80
N ASP A 879 -43.00 -19.81 6.23
CA ASP A 879 -42.14 -20.84 6.77
C ASP A 879 -40.67 -20.46 6.72
N VAL A 880 -40.30 -19.49 5.87
CA VAL A 880 -38.93 -19.00 5.87
C VAL A 880 -38.61 -18.34 7.22
N PHE A 881 -39.47 -17.42 7.66
CA PHE A 881 -39.25 -16.76 8.94
C PHE A 881 -39.33 -17.76 10.08
N HIS A 882 -40.28 -18.69 10.02
CA HIS A 882 -40.41 -19.65 11.11
C HIS A 882 -39.19 -20.56 11.20
N LEU A 883 -38.65 -20.96 10.04
CA LEU A 883 -37.41 -21.72 10.03
C LEU A 883 -36.27 -20.92 10.61
N TYR A 884 -36.20 -19.63 10.30
CA TYR A 884 -35.13 -18.81 10.85
C TYR A 884 -35.24 -18.73 12.37
N LEU A 885 -36.46 -18.60 12.88
CA LEU A 885 -36.66 -18.58 14.33
C LEU A 885 -36.18 -19.88 14.96
N GLN A 886 -36.62 -21.01 14.41
CA GLN A 886 -36.20 -22.29 14.98
C GLN A 886 -34.70 -22.50 14.87
N TYR A 887 -34.07 -21.96 13.83
CA TYR A 887 -32.62 -22.08 13.71
C TYR A 887 -31.90 -21.24 14.77
N ILE A 888 -32.41 -20.03 15.05
CA ILE A 888 -31.82 -19.24 16.12
C ILE A 888 -31.98 -19.96 17.46
N ARG A 889 -33.16 -20.55 17.69
CA ARG A 889 -33.38 -21.31 18.91
C ARG A 889 -32.39 -22.46 19.05
N LYS A 890 -32.24 -23.24 17.97
CA LYS A 890 -31.30 -24.35 17.99
C LYS A 890 -29.88 -23.87 18.23
N LEU A 891 -29.48 -22.78 17.59
CA LEU A 891 -28.13 -22.26 17.77
C LEU A 891 -27.89 -21.87 19.21
N HIS A 892 -28.85 -21.17 19.83
CA HIS A 892 -28.67 -20.70 21.19
C HIS A 892 -28.61 -21.87 22.17
N ASP A 893 -29.58 -22.78 22.11
CA ASP A 893 -29.59 -23.86 23.09
C ASP A 893 -28.59 -24.95 22.76
N GLU A 894 -27.93 -24.88 21.61
CA GLU A 894 -26.76 -25.72 21.39
C GLU A 894 -25.49 -25.06 21.91
N LEU A 895 -25.37 -23.73 21.75
CA LEU A 895 -24.21 -23.04 22.29
C LEU A 895 -24.16 -23.16 23.81
N THR A 896 -25.30 -23.02 24.47
CA THR A 896 -25.31 -23.16 25.93
C THR A 896 -24.81 -24.54 26.35
N GLY A 897 -25.35 -25.59 25.73
CA GLY A 897 -24.94 -26.94 26.09
C GLY A 897 -23.48 -27.23 25.77
N HIS A 898 -23.02 -26.75 24.61
CA HIS A 898 -21.63 -26.99 24.23
C HIS A 898 -20.67 -26.27 25.17
N MET A 899 -20.95 -25.01 25.50
CA MET A 899 -20.13 -24.30 26.48
C MET A 899 -20.16 -24.99 27.84
N LEU A 900 -21.33 -25.47 28.26
CA LEU A 900 -21.41 -26.20 29.52
C LEU A 900 -20.58 -27.48 29.48
N ASP A 901 -20.57 -28.17 28.34
CA ASP A 901 -19.72 -29.35 28.22
C ASP A 901 -18.25 -28.99 28.29
N MET A 902 -17.87 -27.81 27.78
CA MET A 902 -16.48 -27.38 27.89
C MET A 902 -16.16 -26.62 29.17
N TYR A 903 -17.15 -26.40 30.04
CA TYR A 903 -16.94 -25.59 31.23
C TYR A 903 -17.75 -26.30 32.32
N SER A 904 -18.09 -25.65 33.44
CA SER A 904 -18.97 -26.29 34.41
C SER A 904 -20.06 -25.36 34.96
N VAL A 905 -20.23 -24.18 34.39
CA VAL A 905 -21.39 -23.35 34.68
C VAL A 905 -21.96 -22.88 33.36
N MET A 906 -23.29 -22.74 33.31
CA MET A 906 -23.99 -22.26 32.15
C MET A 906 -24.28 -20.77 32.36
N LEU A 907 -24.53 -20.07 31.26
CA LEU A 907 -24.66 -18.61 31.28
C LEU A 907 -25.68 -18.16 32.32
N THR A 908 -25.20 -17.44 33.35
CA THR A 908 -26.02 -17.19 34.53
C THR A 908 -27.32 -16.46 34.17
N ASN A 909 -27.22 -15.44 33.32
CA ASN A 909 -28.43 -14.77 32.85
C ASN A 909 -28.15 -14.19 31.47
N ASN A 910 -29.10 -14.36 30.57
CA ASN A 910 -28.97 -13.83 29.22
C ASN A 910 -30.15 -12.99 28.78
N ASN A 911 -31.37 -13.38 29.16
CA ASN A 911 -32.60 -12.80 28.62
C ASN A 911 -32.56 -12.81 27.09
N THR A 912 -32.11 -13.93 26.54
CA THR A 912 -32.04 -14.13 25.09
C THR A 912 -33.33 -14.70 24.52
N SER A 913 -34.28 -15.09 25.36
CA SER A 913 -35.53 -15.67 24.88
C SER A 913 -36.32 -14.73 23.98
N ARG A 914 -36.07 -13.43 24.07
CA ARG A 914 -36.74 -12.50 23.18
C ARG A 914 -36.33 -12.70 21.73
N TYR A 915 -35.16 -13.28 21.49
CA TYR A 915 -34.65 -13.42 20.13
C TYR A 915 -35.42 -14.46 19.32
N TRP A 916 -35.86 -15.54 19.97
CA TRP A 916 -36.59 -16.61 19.28
C TRP A 916 -38.08 -16.54 19.56
N GLU A 917 -38.61 -15.33 19.73
CA GLU A 917 -40.05 -15.09 19.80
C GLU A 917 -40.39 -13.92 18.90
N PRO A 918 -41.61 -13.88 18.37
CA PRO A 918 -41.95 -12.83 17.40
C PRO A 918 -42.10 -11.44 18.01
N GLU A 919 -42.17 -11.32 19.34
CA GLU A 919 -42.48 -10.03 19.95
C GLU A 919 -41.34 -9.04 19.81
N PHE A 920 -40.10 -9.51 19.78
CA PHE A 920 -38.99 -8.59 19.53
C PHE A 920 -39.01 -8.06 18.12
N TYR A 921 -39.46 -8.87 17.15
CA TYR A 921 -39.43 -8.48 15.74
C TYR A 921 -40.63 -7.68 15.30
N GLU A 922 -41.82 -7.91 15.87
CA GLU A 922 -42.99 -7.15 15.42
C GLU A 922 -42.93 -5.70 15.87
N ALA A 923 -42.01 -5.35 16.75
CA ALA A 923 -41.90 -3.97 17.22
C ALA A 923 -41.11 -3.09 16.27
N MET A 924 -40.44 -3.67 15.29
CA MET A 924 -39.69 -2.90 14.31
C MET A 924 -40.54 -2.43 13.15
N TYR A 925 -41.84 -2.69 13.18
CA TYR A 925 -42.73 -2.29 12.09
C TYR A 925 -43.99 -1.63 12.64
N THR A 926 -43.86 -0.91 13.75
CA THR A 926 -44.95 -0.20 14.38
C THR A 926 -44.57 1.27 14.57
N PRO A 927 -45.52 2.20 14.48
CA PRO A 927 -45.15 3.63 14.42
C PRO A 927 -44.91 4.25 15.79
N HIS A 928 -43.85 3.79 16.45
CA HIS A 928 -43.39 4.42 17.69
C HIS A 928 -41.89 4.20 17.79
N THR A 929 -41.12 5.22 17.41
CA THR A 929 -39.67 5.15 17.50
C THR A 929 -39.22 5.27 18.94
N VAL A 930 -37.17 3.13 19.45
CA VAL A 930 -36.65 3.02 20.80
C VAL A 930 -35.12 3.00 20.73
N LEU A 931 -34.59 3.72 19.73
CA LEU A 931 -33.16 3.82 19.51
C LEU A 931 -32.42 4.35 20.74
N PHE B 6 -5.16 6.15 48.91
CA PHE B 6 -5.07 7.43 49.61
C PHE B 6 -4.86 7.22 51.11
N SER B 7 -3.61 6.97 51.50
CA SER B 7 -3.26 6.75 52.90
C SER B 7 -2.20 7.69 53.44
N SER B 8 -1.44 8.37 52.58
CA SER B 8 -0.42 9.32 53.02
C SER B 8 -0.94 10.74 53.05
N LEU B 9 -2.25 10.92 52.93
CA LEU B 9 -2.90 12.22 53.01
C LEU B 9 -2.93 12.69 54.45
N PRO B 10 -3.15 13.99 54.70
CA PRO B 10 -3.17 14.46 56.09
C PRO B 10 -4.50 14.17 56.77
N SER B 11 -5.30 13.30 56.14
CA SER B 11 -6.57 12.87 56.69
C SER B 11 -6.51 11.51 57.35
N TYR B 12 -5.60 10.64 56.92
CA TYR B 12 -5.47 9.33 57.56
C TYR B 12 -5.06 9.49 59.02
N ALA B 13 -4.10 10.36 59.31
CA ALA B 13 -3.68 10.58 60.69
C ALA B 13 -4.80 11.18 61.53
N ALA B 14 -5.52 12.16 60.98
CA ALA B 14 -6.61 12.79 61.72
C ALA B 14 -7.72 11.79 62.03
N PHE B 15 -8.10 10.98 61.03
CA PHE B 15 -9.12 9.97 61.25
C PHE B 15 -8.65 8.92 62.25
N ALA B 16 -7.38 8.53 62.17
CA ALA B 16 -6.84 7.53 63.09
C ALA B 16 -6.85 8.05 64.52
N THR B 17 -6.45 9.31 64.74
CA THR B 17 -6.45 9.83 66.10
C THR B 17 -7.86 10.05 66.62
N ALA B 18 -8.78 10.49 65.75
CA ALA B 18 -10.17 10.64 66.18
C ALA B 18 -10.78 9.30 66.58
N GLN B 19 -10.55 8.27 65.77
CA GLN B 19 -11.10 6.96 66.10
C GLN B 19 -10.39 6.33 67.30
N GLU B 20 -9.10 6.62 67.49
CA GLU B 20 -8.40 6.15 68.68
C GLU B 20 -9.00 6.76 69.93
N ALA B 21 -9.26 8.06 69.91
CA ALA B 21 -9.94 8.70 71.03
C ALA B 21 -11.33 8.12 71.23
N TYR B 22 -12.06 7.90 70.14
CA TYR B 22 -13.41 7.36 70.24
C TYR B 22 -13.41 5.98 70.89
N GLU B 23 -12.48 5.11 70.48
CA GLU B 23 -12.44 3.76 71.02
C GLU B 23 -11.94 3.77 72.46
N GLN B 24 -10.98 4.65 72.78
CA GLN B 24 -10.49 4.74 74.14
C GLN B 24 -11.60 5.17 75.09
N ALA B 25 -12.36 6.18 74.71
CA ALA B 25 -13.46 6.64 75.57
C ALA B 25 -14.68 5.73 75.52
N VAL B 26 -14.84 4.93 74.46
CA VAL B 26 -15.89 3.92 74.43
C VAL B 26 -15.57 2.79 75.41
N ALA B 27 -14.31 2.36 75.45
CA ALA B 27 -13.88 1.42 76.47
C ALA B 27 -14.03 2.04 77.86
N ASN B 28 -13.66 3.31 78.00
CA ASN B 28 -13.89 4.01 79.27
C ASN B 28 -15.38 4.17 79.53
N GLY B 29 -16.15 4.56 78.52
CA GLY B 29 -17.58 4.75 78.66
C GLY B 29 -17.95 5.78 79.71
N ASP B 30 -17.31 6.94 79.66
CA ASP B 30 -17.46 7.93 80.72
C ASP B 30 -18.84 8.57 80.71
N SER B 31 -19.19 9.27 79.64
CA SER B 31 -20.42 10.05 79.59
C SER B 31 -21.09 9.90 78.23
N GLU B 32 -22.40 10.16 78.23
CA GLU B 32 -23.14 10.24 76.97
C GLU B 32 -22.71 11.46 76.15
N VAL B 33 -22.34 12.55 76.82
CA VAL B 33 -21.80 13.70 76.12
C VAL B 33 -20.47 13.35 75.47
N VAL B 34 -19.70 12.44 76.08
CA VAL B 34 -18.49 11.94 75.45
C VAL B 34 -18.82 11.23 74.14
N LEU B 35 -19.87 10.40 74.17
CA LEU B 35 -20.30 9.71 72.96
C LEU B 35 -20.76 10.70 71.90
N LYS B 36 -21.50 11.74 72.30
CA LYS B 36 -21.93 12.74 71.33
C LYS B 36 -20.74 13.49 70.74
N LYS B 37 -19.76 13.84 71.58
CA LYS B 37 -18.58 14.55 71.09
C LYS B 37 -17.78 13.70 70.12
N LEU B 38 -17.60 12.41 70.43
CA LEU B 38 -16.83 11.54 69.55
C LEU B 38 -17.60 11.08 68.34
N LYS B 39 -18.94 11.18 68.36
CA LYS B 39 -19.74 11.00 67.16
C LYS B 39 -19.70 12.23 66.25
N LYS B 40 -19.69 13.43 66.83
CA LYS B 40 -19.45 14.64 66.07
C LYS B 40 -18.05 14.68 65.47
N SER B 41 -17.05 14.21 66.20
CA SER B 41 -15.69 14.09 65.67
C SER B 41 -15.64 13.17 64.46
N LEU B 42 -16.29 12.00 64.52
CA LEU B 42 -16.36 11.12 63.36
C LEU B 42 -17.31 11.66 62.30
N ASN B 43 -18.20 12.58 62.67
CA ASN B 43 -19.11 13.19 61.72
C ASN B 43 -18.55 14.47 61.10
N VAL B 44 -17.33 14.85 61.44
CA VAL B 44 -16.69 16.00 60.81
C VAL B 44 -15.36 15.55 60.21
N ALA B 45 -14.79 14.48 60.75
CA ALA B 45 -13.57 13.91 60.19
C ALA B 45 -13.83 13.04 58.98
N LYS B 46 -15.09 12.73 58.68
CA LYS B 46 -15.41 12.03 57.45
C LYS B 46 -15.38 12.97 56.24
N SER B 47 -15.86 14.21 56.41
CA SER B 47 -15.79 15.18 55.32
C SER B 47 -14.35 15.49 54.95
N GLU B 48 -13.48 15.63 55.95
CA GLU B 48 -12.04 15.65 55.72
C GLU B 48 -11.62 14.50 54.82
N PHE B 49 -11.90 13.27 55.25
CA PHE B 49 -11.62 12.09 54.43
C PHE B 49 -12.38 12.11 53.12
N ASP B 50 -13.62 12.60 53.12
CA ASP B 50 -14.44 12.58 51.91
C ASP B 50 -13.75 13.29 50.75
N ARG B 51 -13.50 14.59 50.89
CA ARG B 51 -12.87 15.34 49.82
C ARG B 51 -11.36 15.24 49.83
N ASP B 52 -10.77 14.56 50.80
CA ASP B 52 -9.33 14.32 50.77
C ASP B 52 -8.97 12.97 50.18
N ALA B 53 -9.96 12.10 49.93
CA ALA B 53 -9.70 10.84 49.26
C ALA B 53 -10.75 10.54 48.19
N ALA B 54 -11.57 11.54 47.82
CA ALA B 54 -12.53 11.37 46.74
C ALA B 54 -12.23 12.23 45.52
N MET B 55 -12.01 13.53 45.68
CA MET B 55 -11.60 14.37 44.56
C MET B 55 -10.23 13.95 44.01
N GLN B 56 -9.30 13.59 44.89
CA GLN B 56 -8.00 13.10 44.46
C GLN B 56 -8.10 11.81 43.66
N ARG B 57 -9.22 11.09 43.76
CA ARG B 57 -9.47 9.92 42.93
C ARG B 57 -10.09 10.28 41.59
N LYS B 58 -10.34 11.56 41.33
CA LYS B 58 -10.66 12.04 39.99
C LYS B 58 -9.50 12.77 39.33
N LEU B 59 -8.61 13.38 40.12
CA LEU B 59 -7.42 13.98 39.54
C LEU B 59 -6.55 12.94 38.87
N GLU B 60 -6.46 11.74 39.45
CA GLU B 60 -5.69 10.67 38.83
C GLU B 60 -6.27 10.29 37.48
N LYS B 61 -7.59 10.16 37.39
CA LYS B 61 -8.21 9.79 36.12
C LYS B 61 -8.02 10.88 35.08
N MET B 62 -8.10 12.15 35.50
CA MET B 62 -7.87 13.25 34.56
C MET B 62 -6.43 13.25 34.05
N ALA B 63 -5.47 13.07 34.96
CA ALA B 63 -4.07 13.02 34.54
C ALA B 63 -3.81 11.86 33.60
N ASP B 64 -4.39 10.69 33.90
CA ASP B 64 -4.16 9.53 33.05
C ASP B 64 -4.76 9.72 31.66
N GLN B 65 -5.97 10.28 31.58
CA GLN B 65 -6.57 10.46 30.26
C GLN B 65 -5.80 11.52 29.46
N ALA B 66 -5.32 12.57 30.12
CA ALA B 66 -4.48 13.55 29.42
C ALA B 66 -3.21 12.90 28.90
N MET B 67 -2.58 12.06 29.72
CA MET B 67 -1.36 11.38 29.32
C MET B 67 -1.59 10.50 28.10
N THR B 68 -2.69 9.74 28.11
CA THR B 68 -3.00 8.89 26.97
C THR B 68 -3.25 9.70 25.71
N GLN B 69 -3.99 10.82 25.84
CA GLN B 69 -4.28 11.63 24.67
C GLN B 69 -2.99 12.20 24.06
N MET B 70 -2.05 12.62 24.91
CA MET B 70 -0.83 13.19 24.35
C MET B 70 0.09 12.11 23.79
N TYR B 71 0.08 10.90 24.37
CA TYR B 71 0.73 9.76 23.75
C TYR B 71 0.21 9.53 22.34
N LYS B 72 -1.11 9.50 22.20
CA LYS B 72 -1.73 9.27 20.89
C LYS B 72 -1.34 10.35 19.89
N GLN B 73 -1.34 11.61 20.33
CA GLN B 73 -0.96 12.69 19.43
C GLN B 73 0.50 12.55 18.98
N ALA B 74 1.39 12.16 19.89
CA ALA B 74 2.80 11.97 19.52
C ALA B 74 2.95 10.85 18.49
N ARG B 75 2.22 9.75 18.68
CA ARG B 75 2.25 8.67 17.69
C ARG B 75 1.73 9.14 16.32
N SER B 76 0.68 9.96 16.33
CA SER B 76 0.18 10.51 15.07
C SER B 76 1.27 11.30 14.35
N GLU B 77 1.98 12.15 15.10
CA GLU B 77 3.05 12.94 14.48
C GLU B 77 4.15 12.04 13.93
N ASP B 78 4.51 11.00 14.65
CA ASP B 78 5.56 10.09 14.17
C ASP B 78 5.15 9.41 12.87
N LYS B 79 3.91 8.94 12.80
CA LYS B 79 3.43 8.35 11.55
C LYS B 79 3.47 9.35 10.40
N ARG B 80 3.11 10.61 10.70
CA ARG B 80 3.24 11.66 9.68
C ARG B 80 4.68 11.75 9.17
N ALA B 81 5.65 11.70 10.08
CA ALA B 81 7.05 11.80 9.66
C ALA B 81 7.44 10.65 8.73
N LYS B 82 7.07 9.41 9.09
CA LYS B 82 7.43 8.29 8.22
C LYS B 82 6.79 8.40 6.85
N VAL B 83 5.50 8.79 6.78
CA VAL B 83 4.88 8.85 5.46
C VAL B 83 5.47 9.98 4.63
N THR B 84 5.84 11.10 5.26
CA THR B 84 6.51 12.17 4.52
C THR B 84 7.81 11.67 3.88
N SER B 85 8.62 10.96 4.68
CA SER B 85 9.88 10.45 4.14
C SER B 85 9.62 9.48 3.00
N ALA B 86 8.65 8.57 3.15
CA ALA B 86 8.39 7.59 2.12
C ALA B 86 7.93 8.24 0.83
N MET B 87 7.02 9.22 0.92
CA MET B 87 6.53 9.87 -0.29
C MET B 87 7.64 10.64 -1.00
N GLN B 88 8.48 11.36 -0.23
CA GLN B 88 9.54 12.13 -0.88
C GLN B 88 10.54 11.20 -1.57
N THR B 89 10.87 10.08 -0.93
CA THR B 89 11.84 9.18 -1.57
C THR B 89 11.24 8.48 -2.78
N MET B 90 9.93 8.18 -2.76
CA MET B 90 9.31 7.58 -3.94
C MET B 90 9.32 8.55 -5.10
N LEU B 91 9.00 9.82 -4.85
CA LEU B 91 9.09 10.82 -5.91
C LEU B 91 10.51 10.91 -6.47
N PHE B 92 11.50 10.98 -5.57
CA PHE B 92 12.88 11.17 -6.02
C PHE B 92 13.44 9.93 -6.71
N THR B 93 12.90 8.75 -6.43
CA THR B 93 13.38 7.56 -7.12
C THR B 93 12.63 7.29 -8.42
N MET B 94 11.40 7.78 -8.56
CA MET B 94 10.68 7.59 -9.81
C MET B 94 10.95 8.70 -10.82
N LEU B 95 11.46 9.86 -10.39
CA LEU B 95 11.76 10.90 -11.36
C LEU B 95 13.03 10.59 -12.15
N ARG B 96 13.93 9.78 -11.61
CA ARG B 96 15.21 9.55 -12.27
C ARG B 96 15.11 8.66 -13.50
N LYS B 97 13.98 8.01 -13.74
CA LYS B 97 13.83 7.11 -14.88
C LYS B 97 13.35 7.81 -16.14
N LEU B 98 12.89 9.06 -16.05
CA LEU B 98 12.20 9.70 -17.16
C LEU B 98 13.01 10.76 -17.87
N ASP B 99 13.91 11.46 -17.19
CA ASP B 99 14.52 12.65 -17.77
C ASP B 99 15.52 12.28 -18.86
N ASN B 100 15.02 11.70 -19.95
CA ASN B 100 15.83 11.46 -21.13
C ASN B 100 15.95 12.75 -21.93
N ASP B 101 16.95 12.78 -22.81
CA ASP B 101 17.17 13.98 -23.62
C ASP B 101 16.05 14.18 -24.64
N ALA B 102 15.33 13.13 -25.00
CA ALA B 102 14.21 13.29 -25.92
C ALA B 102 13.07 14.04 -25.25
N LEU B 103 12.84 13.80 -23.96
CA LEU B 103 11.80 14.54 -23.23
C LEU B 103 12.15 16.03 -23.21
N ASN B 104 13.40 16.35 -22.91
CA ASN B 104 13.83 17.76 -22.94
C ASN B 104 13.68 18.33 -24.34
N ASN B 105 13.99 17.52 -25.37
CA ASN B 105 13.87 18.00 -26.74
C ASN B 105 12.43 18.35 -27.07
N ILE B 106 11.48 17.50 -26.68
CA ILE B 106 10.09 17.77 -27.02
C ILE B 106 9.49 18.82 -26.10
N ILE B 107 10.13 19.10 -24.96
CA ILE B 107 9.62 20.15 -24.09
C ILE B 107 10.18 21.51 -24.52
N ASN B 108 11.33 21.52 -25.18
CA ASN B 108 11.87 22.77 -25.70
C ASN B 108 11.14 23.25 -26.94
N ASN B 109 10.61 22.33 -27.75
CA ASN B 109 9.97 22.71 -29.01
C ASN B 109 8.55 23.22 -28.83
N ALA B 110 7.98 23.12 -27.64
CA ALA B 110 6.65 23.67 -27.41
C ALA B 110 6.70 25.20 -27.42
N ARG B 111 5.62 25.81 -27.90
CA ARG B 111 5.56 27.27 -27.94
C ARG B 111 5.59 27.87 -26.55
N ASP B 112 5.09 27.14 -25.55
CA ASP B 112 4.94 27.66 -24.20
C ASP B 112 5.64 26.82 -23.14
N GLY B 113 6.20 25.68 -23.49
CA GLY B 113 6.79 24.78 -22.54
C GLY B 113 5.81 23.80 -21.92
N CYS B 114 4.53 23.91 -22.24
CA CYS B 114 3.51 23.00 -21.75
C CYS B 114 3.03 22.11 -22.89
N VAL B 115 3.19 20.80 -22.72
CA VAL B 115 2.80 19.84 -23.74
C VAL B 115 1.76 18.91 -23.14
N PRO B 116 0.86 18.35 -23.95
CA PRO B 116 -0.14 17.42 -23.39
C PRO B 116 0.53 16.20 -22.78
N LEU B 117 -0.16 15.60 -21.82
CA LEU B 117 0.39 14.43 -21.13
C LEU B 117 0.36 13.19 -22.02
N ASN B 118 -0.64 13.09 -22.89
CA ASN B 118 -0.85 11.88 -23.68
C ASN B 118 0.09 11.78 -24.88
N ILE B 119 1.14 12.57 -24.95
CA ILE B 119 2.13 12.44 -26.01
C ILE B 119 3.54 12.19 -25.48
N ILE B 120 3.79 12.39 -24.19
CA ILE B 120 5.12 12.15 -23.64
C ILE B 120 5.51 10.68 -23.78
N PRO B 121 4.74 9.71 -23.27
CA PRO B 121 5.11 8.30 -23.52
C PRO B 121 5.08 7.95 -25.00
N LEU B 122 4.17 8.54 -25.76
CA LEU B 122 4.05 8.21 -27.17
C LEU B 122 5.31 8.56 -27.94
N THR B 123 6.05 9.58 -27.50
CA THR B 123 7.21 10.06 -28.23
C THR B 123 8.52 10.00 -27.48
N THR B 124 8.55 9.41 -26.27
CA THR B 124 9.83 9.21 -25.61
C THR B 124 9.96 7.86 -24.89
N ALA B 125 8.93 7.03 -24.88
CA ALA B 125 9.03 5.76 -24.19
C ALA B 125 10.06 4.86 -24.85
N ALA B 126 10.76 4.07 -24.04
CA ALA B 126 11.80 3.17 -24.51
C ALA B 126 11.37 1.71 -24.49
N LYS B 127 10.08 1.44 -24.32
CA LYS B 127 9.58 0.07 -24.26
C LYS B 127 8.09 0.08 -24.54
N LEU B 128 7.63 -0.87 -25.34
CA LEU B 128 6.23 -0.98 -25.72
C LEU B 128 5.68 -2.31 -25.24
N MET B 129 4.48 -2.27 -24.68
CA MET B 129 3.76 -3.46 -24.25
C MET B 129 2.52 -3.61 -25.10
N VAL B 130 2.33 -4.79 -25.67
CA VAL B 130 1.12 -5.11 -26.43
C VAL B 130 0.36 -6.18 -25.67
N VAL B 131 -0.96 -6.18 -25.85
CA VAL B 131 -1.82 -7.23 -25.31
C VAL B 131 -2.72 -7.70 -26.44
N ILE B 132 -2.65 -8.98 -26.77
CA ILE B 132 -3.34 -9.56 -27.91
C ILE B 132 -4.31 -10.61 -27.42
N PRO B 133 -5.59 -10.53 -27.77
CA PRO B 133 -6.56 -11.51 -27.27
C PRO B 133 -6.60 -12.81 -28.08
N ASP B 134 -6.23 -12.76 -29.35
CA ASP B 134 -6.30 -13.94 -30.20
C ASP B 134 -5.35 -13.79 -31.39
N TYR B 135 -5.09 -14.92 -32.04
CA TYR B 135 -4.09 -14.98 -33.10
C TYR B 135 -4.43 -14.04 -34.26
N ASN B 136 -5.72 -13.86 -34.55
CA ASN B 136 -6.12 -13.00 -35.65
C ASN B 136 -5.62 -11.57 -35.44
N THR B 137 -5.77 -11.04 -34.22
CA THR B 137 -5.22 -9.72 -33.92
C THR B 137 -3.70 -9.74 -33.92
N TYR B 138 -3.10 -10.85 -33.50
CA TYR B 138 -1.64 -10.95 -33.49
C TYR B 138 -1.07 -10.82 -34.89
N LYS B 139 -1.73 -11.42 -35.87
CA LYS B 139 -1.21 -11.39 -37.23
C LYS B 139 -1.17 -9.97 -37.79
N ASN B 140 -2.21 -9.18 -37.52
CA ASN B 140 -2.30 -7.85 -38.12
C ASN B 140 -1.40 -6.82 -37.47
N THR B 141 -0.96 -7.03 -36.22
CA THR B 141 -0.23 -6.00 -35.51
C THR B 141 1.22 -6.37 -35.23
N CYS B 142 1.47 -7.42 -34.46
CA CYS B 142 2.83 -7.82 -34.09
C CYS B 142 3.36 -8.94 -34.97
N ASP B 143 3.32 -8.77 -36.28
CA ASP B 143 3.75 -9.82 -37.20
C ASP B 143 5.25 -9.72 -37.45
N GLY B 144 5.95 -10.83 -37.23
CA GLY B 144 7.38 -10.87 -37.41
C GLY B 144 8.13 -10.33 -36.22
N THR B 145 9.46 -10.24 -36.38
CA THR B 145 10.32 -9.75 -35.33
C THR B 145 10.42 -8.23 -35.28
N THR B 146 9.81 -7.53 -36.24
CA THR B 146 9.73 -6.08 -36.22
C THR B 146 8.33 -5.66 -36.59
N PHE B 147 7.89 -4.54 -36.01
CA PHE B 147 6.59 -3.97 -36.31
C PHE B 147 6.66 -2.47 -36.06
N THR B 148 5.73 -1.73 -36.66
CA THR B 148 5.72 -0.28 -36.60
C THR B 148 4.45 0.19 -35.92
N TYR B 149 4.62 0.98 -34.86
CA TYR B 149 3.51 1.62 -34.18
C TYR B 149 3.95 2.98 -33.69
N ALA B 150 3.02 3.94 -33.69
CA ALA B 150 3.29 5.32 -33.30
C ALA B 150 4.40 5.93 -34.15
N SER B 151 4.47 5.52 -35.41
CA SER B 151 5.44 6.05 -36.37
C SER B 151 6.87 5.88 -35.88
N ALA B 152 7.19 4.69 -35.37
CA ALA B 152 8.55 4.35 -34.97
C ALA B 152 8.81 2.91 -35.39
N LEU B 153 9.97 2.40 -35.01
CA LEU B 153 10.36 1.02 -35.32
C LEU B 153 10.68 0.28 -34.03
N TRP B 154 10.06 -0.89 -33.86
CA TRP B 154 10.27 -1.71 -32.69
C TRP B 154 10.66 -3.12 -33.12
N GLU B 155 11.40 -3.80 -32.26
CA GLU B 155 11.74 -5.20 -32.45
C GLU B 155 11.18 -6.03 -31.31
N ILE B 156 10.51 -7.13 -31.65
CA ILE B 156 9.82 -7.95 -30.66
C ILE B 156 10.85 -8.68 -29.80
N GLN B 157 10.54 -8.78 -28.51
CA GLN B 157 11.45 -9.43 -27.57
C GLN B 157 10.65 -9.90 -26.36
N GLN B 158 10.91 -11.15 -25.95
CA GLN B 158 10.35 -11.72 -24.72
C GLN B 158 8.82 -11.73 -24.75
N VAL B 159 8.29 -12.51 -25.67
CA VAL B 159 6.85 -12.77 -25.72
C VAL B 159 6.48 -13.70 -24.57
N VAL B 160 5.41 -13.38 -23.85
CA VAL B 160 4.95 -14.16 -22.72
C VAL B 160 3.44 -14.33 -22.76
N ASP B 161 2.95 -15.35 -22.07
CA ASP B 161 1.53 -15.68 -22.04
C ASP B 161 0.91 -15.24 -20.71
N ALA B 162 -0.33 -15.64 -20.47
CA ALA B 162 -1.03 -15.27 -19.24
C ALA B 162 -0.32 -15.82 -18.01
N ASP B 163 0.15 -17.07 -18.08
CA ASP B 163 0.89 -17.68 -16.99
C ASP B 163 2.27 -17.07 -16.80
N SER B 164 2.61 -16.05 -17.59
CA SER B 164 3.90 -15.37 -17.51
C SER B 164 5.07 -16.33 -17.71
N LYS B 165 4.92 -17.23 -18.67
CA LYS B 165 6.00 -18.10 -19.10
C LYS B 165 6.39 -17.74 -20.53
N ILE B 166 7.68 -17.84 -20.83
CA ILE B 166 8.21 -17.35 -22.10
C ILE B 166 7.75 -18.26 -23.23
N VAL B 167 7.32 -17.65 -24.33
CA VAL B 167 6.86 -18.36 -25.51
C VAL B 167 7.69 -17.89 -26.69
N GLN B 168 8.31 -18.83 -27.40
CA GLN B 168 9.13 -18.48 -28.55
C GLN B 168 8.23 -18.13 -29.74
N LEU B 169 8.82 -17.43 -30.71
CA LEU B 169 8.05 -16.85 -31.80
C LEU B 169 7.53 -17.89 -32.78
N SER B 170 8.23 -19.02 -32.93
CA SER B 170 7.82 -20.02 -33.91
C SER B 170 6.57 -20.78 -33.49
N GLU B 171 6.22 -20.78 -32.20
CA GLU B 171 5.08 -21.55 -31.73
C GLU B 171 3.75 -20.98 -32.20
N ILE B 172 3.64 -19.66 -32.39
CA ILE B 172 2.34 -19.02 -32.59
C ILE B 172 2.02 -19.15 -34.07
N SER B 173 1.48 -20.30 -34.43
CA SER B 173 0.93 -20.57 -35.75
C SER B 173 -0.59 -20.48 -35.67
N MET B 174 -1.27 -20.91 -36.73
CA MET B 174 -2.72 -20.96 -36.71
C MET B 174 -3.20 -22.20 -35.95
N ASP B 175 -2.66 -23.37 -36.27
CA ASP B 175 -3.11 -24.61 -35.65
C ASP B 175 -2.63 -24.77 -34.21
N ASN B 176 -1.48 -24.20 -33.86
CA ASN B 176 -0.96 -24.28 -32.50
C ASN B 176 -1.55 -23.22 -31.58
N SER B 177 -2.32 -22.27 -32.13
CA SER B 177 -2.89 -21.22 -31.29
C SER B 177 -3.79 -21.73 -30.17
N PRO B 178 -4.68 -22.72 -30.37
CA PRO B 178 -5.56 -23.12 -29.27
C PRO B 178 -4.85 -23.82 -28.12
N ASN B 179 -3.52 -23.95 -28.14
CA ASN B 179 -2.79 -24.57 -27.05
C ASN B 179 -1.96 -23.56 -26.25
N LEU B 180 -2.34 -22.29 -26.29
CA LEU B 180 -1.64 -21.24 -25.57
C LEU B 180 -2.63 -20.42 -24.75
N ALA B 181 -2.21 -20.01 -23.55
CA ALA B 181 -2.94 -18.99 -22.82
C ALA B 181 -2.92 -17.71 -23.65
N TRP B 182 -4.10 -17.11 -23.83
CA TRP B 182 -4.13 -16.15 -24.93
C TRP B 182 -4.53 -14.72 -24.58
N PRO B 183 -4.12 -14.16 -23.45
CA PRO B 183 -3.80 -12.73 -23.44
C PRO B 183 -2.30 -12.50 -23.62
N LEU B 184 -1.76 -12.81 -24.79
CA LEU B 184 -0.32 -12.70 -24.98
C LEU B 184 0.16 -11.28 -24.81
N ILE B 185 1.21 -11.09 -24.02
CA ILE B 185 1.79 -9.79 -23.74
C ILE B 185 3.13 -9.73 -24.45
N VAL B 186 3.17 -9.06 -25.59
CA VAL B 186 4.36 -8.96 -26.42
C VAL B 186 5.07 -7.65 -26.09
N THR B 187 6.32 -7.76 -25.65
CA THR B 187 7.14 -6.59 -25.33
C THR B 187 8.07 -6.27 -26.48
N ALA B 188 8.42 -4.99 -26.60
CA ALA B 188 9.33 -4.55 -27.64
C ALA B 188 10.01 -3.26 -27.19
N LEU B 189 11.09 -2.90 -27.86
CA LEU B 189 11.86 -1.72 -27.54
C LEU B 189 12.00 -0.84 -28.78
N ARG B 190 12.29 0.44 -28.54
CA ARG B 190 12.40 1.42 -29.61
C ARG B 190 13.71 1.24 -30.36
N ALA B 191 13.61 1.10 -31.68
CA ALA B 191 14.77 0.92 -32.53
C ALA B 191 15.09 2.22 -33.26
N ASN B 192 16.37 2.41 -33.55
CA ASN B 192 16.83 3.61 -34.25
C ASN B 192 17.59 3.24 -35.52
N LYS C 2 -33.69 -31.86 -6.43
CA LYS C 2 -32.46 -32.60 -6.69
C LYS C 2 -31.40 -31.68 -7.30
N MET C 3 -31.86 -30.76 -8.15
CA MET C 3 -30.94 -29.83 -8.80
C MET C 3 -30.25 -28.91 -7.79
N SER C 4 -30.95 -28.52 -6.73
CA SER C 4 -30.33 -27.69 -5.71
C SER C 4 -29.11 -28.36 -5.11
N ASP C 5 -29.17 -29.68 -4.93
CA ASP C 5 -28.01 -30.42 -4.46
C ASP C 5 -26.87 -30.33 -5.46
N VAL C 6 -27.19 -30.36 -6.76
CA VAL C 6 -26.16 -30.23 -7.79
C VAL C 6 -25.49 -28.86 -7.71
N LYS C 7 -26.30 -27.81 -7.54
CA LYS C 7 -25.74 -26.46 -7.44
C LYS C 7 -24.82 -26.33 -6.23
N CYS C 8 -25.27 -26.84 -5.07
CA CYS C 8 -24.46 -26.77 -3.87
C CYS C 8 -23.16 -27.55 -4.02
N THR C 9 -23.22 -28.76 -4.60
CA THR C 9 -22.00 -29.54 -4.74
C THR C 9 -21.07 -28.94 -5.78
N SER C 10 -21.61 -28.25 -6.79
CA SER C 10 -20.74 -27.52 -7.71
C SER C 10 -20.03 -26.39 -7.00
N VAL C 11 -20.72 -25.69 -6.10
CA VAL C 11 -20.09 -24.61 -5.34
C VAL C 11 -18.93 -25.15 -4.51
N VAL C 12 -19.18 -26.21 -3.74
CA VAL C 12 -18.11 -26.73 -2.88
C VAL C 12 -16.98 -27.32 -3.72
N LEU C 13 -17.32 -27.95 -4.86
CA LEU C 13 -16.29 -28.50 -5.73
C LEU C 13 -15.40 -27.40 -6.30
N LEU C 14 -16.00 -26.29 -6.72
CA LEU C 14 -15.17 -25.20 -7.22
C LEU C 14 -14.29 -24.63 -6.11
N SER C 15 -14.80 -24.57 -4.88
CA SER C 15 -13.96 -24.05 -3.80
C SER C 15 -12.76 -24.95 -3.55
N VAL C 16 -12.96 -26.26 -3.50
CA VAL C 16 -11.83 -27.16 -3.25
C VAL C 16 -10.85 -27.11 -4.41
N LEU C 17 -11.37 -27.04 -5.65
CA LEU C 17 -10.49 -26.92 -6.81
C LEU C 17 -9.66 -25.64 -6.73
N GLN C 18 -10.28 -24.53 -6.33
CA GLN C 18 -9.55 -23.26 -6.25
C GLN C 18 -8.49 -23.30 -5.17
N GLN C 19 -8.74 -23.99 -4.05
CA GLN C 19 -7.70 -24.06 -3.04
C GLN C 19 -6.65 -25.12 -3.35
N LEU C 20 -6.92 -26.01 -4.32
CA LEU C 20 -5.90 -26.89 -4.86
C LEU C 20 -4.93 -26.19 -5.78
N ARG C 21 -5.02 -24.86 -5.89
CA ARG C 21 -4.17 -24.05 -6.76
C ARG C 21 -4.30 -24.51 -8.22
N VAL C 22 -5.51 -24.33 -8.75
CA VAL C 22 -5.79 -24.63 -10.15
C VAL C 22 -5.75 -23.39 -11.02
N GLU C 23 -5.78 -22.19 -10.43
CA GLU C 23 -5.80 -20.95 -11.19
C GLU C 23 -4.42 -20.51 -11.65
N SER C 24 -3.38 -21.30 -11.38
CA SER C 24 -2.06 -20.99 -11.92
C SER C 24 -2.00 -21.18 -13.44
N SER C 25 -2.90 -21.97 -14.02
CA SER C 25 -3.00 -22.17 -15.46
C SER C 25 -4.31 -21.55 -15.93
N SER C 26 -4.21 -20.48 -16.71
CA SER C 26 -5.37 -19.63 -16.97
C SER C 26 -6.47 -20.38 -17.71
N LYS C 27 -6.12 -21.18 -18.72
CA LYS C 27 -7.14 -21.83 -19.53
C LYS C 27 -7.98 -22.80 -18.71
N LEU C 28 -7.35 -23.56 -17.82
CA LEU C 28 -8.08 -24.50 -16.98
C LEU C 28 -9.05 -23.78 -16.06
N TRP C 29 -8.59 -22.68 -15.45
CA TRP C 29 -9.46 -21.92 -14.56
C TRP C 29 -10.62 -21.30 -15.33
N ALA C 30 -10.36 -20.83 -16.55
CA ALA C 30 -11.44 -20.28 -17.36
C ALA C 30 -12.49 -21.34 -17.67
N GLN C 31 -12.06 -22.54 -18.04
CA GLN C 31 -13.02 -23.62 -18.30
C GLN C 31 -13.81 -23.95 -17.05
N CYS C 32 -13.13 -24.03 -15.90
CA CYS C 32 -13.81 -24.38 -14.66
C CYS C 32 -14.85 -23.34 -14.28
N VAL C 33 -14.49 -22.06 -14.34
CA VAL C 33 -15.45 -21.03 -13.95
C VAL C 33 -16.60 -20.98 -14.93
N GLN C 34 -16.34 -21.21 -16.21
CA GLN C 34 -17.42 -21.24 -17.19
C GLN C 34 -18.40 -22.36 -16.86
N LEU C 35 -17.88 -23.57 -16.63
CA LEU C 35 -18.76 -24.70 -16.31
C LEU C 35 -19.56 -24.44 -15.04
N HIS C 36 -18.90 -23.89 -14.02
CA HIS C 36 -19.59 -23.61 -12.76
C HIS C 36 -20.72 -22.61 -12.95
N ASN C 37 -20.46 -21.55 -13.74
CA ASN C 37 -21.51 -20.58 -14.02
C ASN C 37 -22.67 -21.21 -14.77
N ASP C 38 -22.40 -22.10 -15.74
CA ASP C 38 -23.52 -22.72 -16.43
C ASP C 38 -24.30 -23.66 -15.52
N ILE C 39 -23.62 -24.34 -14.60
CA ILE C 39 -24.32 -25.21 -13.65
C ILE C 39 -25.25 -24.38 -12.78
N LEU C 40 -24.75 -23.23 -12.28
CA LEU C 40 -25.57 -22.42 -11.38
C LEU C 40 -26.78 -21.82 -12.07
N LEU C 41 -26.67 -21.49 -13.35
CA LEU C 41 -27.75 -20.86 -14.09
C LEU C 41 -28.67 -21.86 -14.78
N ALA C 42 -28.42 -23.16 -14.65
CA ALA C 42 -29.21 -24.16 -15.35
C ALA C 42 -30.63 -24.23 -14.77
N LYS C 43 -31.59 -24.54 -15.64
CA LYS C 43 -32.99 -24.68 -15.27
C LYS C 43 -33.48 -26.13 -15.21
N ASP C 44 -32.69 -27.09 -15.68
CA ASP C 44 -33.13 -28.48 -15.69
C ASP C 44 -31.97 -29.36 -15.25
N THR C 45 -32.29 -30.58 -14.83
CA THR C 45 -31.34 -31.42 -14.11
C THR C 45 -30.37 -32.19 -14.99
N THR C 46 -30.75 -32.55 -16.23
CA THR C 46 -29.89 -33.47 -16.98
C THR C 46 -28.62 -32.82 -17.53
N GLU C 47 -28.69 -31.61 -18.06
CA GLU C 47 -27.48 -30.95 -18.53
C GLU C 47 -26.60 -30.51 -17.36
N ALA C 48 -27.23 -30.17 -16.24
CA ALA C 48 -26.48 -29.92 -15.02
C ALA C 48 -25.59 -31.10 -14.68
N PHE C 49 -26.08 -32.33 -14.88
CA PHE C 49 -25.33 -33.50 -14.47
C PHE C 49 -24.15 -33.78 -15.41
N GLU C 50 -24.31 -33.57 -16.71
CA GLU C 50 -23.17 -33.76 -17.60
C GLU C 50 -22.12 -32.66 -17.39
N LYS C 51 -22.54 -31.42 -17.18
CA LYS C 51 -21.55 -30.40 -16.82
C LYS C 51 -20.92 -30.72 -15.48
N MET C 52 -21.67 -31.36 -14.57
CA MET C 52 -21.16 -31.77 -13.28
C MET C 52 -20.06 -32.81 -13.41
N VAL C 53 -20.28 -33.84 -14.23
CA VAL C 53 -19.26 -34.87 -14.40
C VAL C 53 -18.05 -34.31 -15.13
N SER C 54 -18.28 -33.41 -16.10
CA SER C 54 -17.15 -32.75 -16.74
C SER C 54 -16.32 -31.96 -15.74
N LEU C 55 -16.98 -31.25 -14.82
CA LEU C 55 -16.26 -30.48 -13.82
C LEU C 55 -15.53 -31.38 -12.83
N LEU C 56 -16.11 -32.53 -12.47
CA LEU C 56 -15.47 -33.42 -11.51
C LEU C 56 -14.28 -34.14 -12.13
N SER C 57 -14.32 -34.40 -13.43
CA SER C 57 -13.17 -35.02 -14.10
C SER C 57 -11.92 -34.18 -13.94
N VAL C 58 -12.08 -32.85 -13.87
CA VAL C 58 -10.93 -31.98 -13.64
C VAL C 58 -10.28 -32.31 -12.31
N LEU C 59 -11.07 -32.45 -11.26
CA LEU C 59 -10.52 -32.81 -9.95
C LEU C 59 -9.87 -34.18 -9.99
N LEU C 60 -10.52 -35.13 -10.66
CA LEU C 60 -9.94 -36.48 -10.74
C LEU C 60 -8.64 -36.52 -11.55
N SER C 61 -8.42 -35.54 -12.43
CA SER C 61 -7.26 -35.60 -13.33
C SER C 61 -5.95 -35.58 -12.56
N MET C 62 -5.79 -34.68 -11.60
CA MET C 62 -4.53 -34.57 -10.89
C MET C 62 -4.39 -35.66 -9.83
N GLN C 63 -3.35 -35.55 -9.01
CA GLN C 63 -3.01 -36.55 -8.01
C GLN C 63 -2.98 -35.94 -6.61
N GLY C 64 -3.44 -34.70 -6.48
CA GLY C 64 -3.37 -34.01 -5.20
C GLY C 64 -4.37 -34.49 -4.18
N ALA C 65 -5.54 -34.91 -4.64
CA ALA C 65 -6.61 -35.37 -3.77
C ALA C 65 -6.55 -36.90 -3.69
N VAL C 66 -5.93 -37.42 -2.63
CA VAL C 66 -5.88 -38.85 -2.43
C VAL C 66 -7.30 -39.36 -2.22
N ASP C 67 -7.75 -40.24 -3.12
CA ASP C 67 -9.17 -40.58 -3.18
C ASP C 67 -9.50 -41.80 -2.33
N ILE C 68 -8.61 -42.79 -2.29
CA ILE C 68 -8.92 -44.03 -1.57
C ILE C 68 -9.08 -43.76 -0.07
N ASN C 69 -8.23 -42.90 0.49
CA ASN C 69 -8.37 -42.53 1.90
C ASN C 69 -9.61 -41.67 2.08
N LYS C 70 -9.77 -40.64 1.24
CA LYS C 70 -10.91 -39.74 1.36
C LYS C 70 -12.24 -40.46 1.17
N LEU C 71 -12.25 -41.55 0.39
CA LEU C 71 -13.39 -42.47 0.36
C LEU C 71 -13.22 -43.50 1.47
N CYS C 72 -13.64 -43.11 2.67
CA CYS C 72 -13.57 -43.98 3.84
C CYS C 72 -14.90 -44.65 4.15
N GLU C 73 -15.94 -44.39 3.37
CA GLU C 73 -17.29 -44.85 3.66
C GLU C 73 -17.67 -44.64 5.13
N PHE D 6 -26.33 -14.61 46.02
CA PHE D 6 -25.05 -14.68 46.73
C PHE D 6 -25.26 -14.52 48.23
N SER D 7 -25.16 -15.64 48.96
CA SER D 7 -25.38 -15.64 50.39
C SER D 7 -24.14 -16.00 51.20
N SER D 8 -23.08 -16.49 50.57
CA SER D 8 -21.89 -16.93 51.29
C SER D 8 -20.96 -15.77 51.66
N LEU D 9 -21.34 -14.53 51.33
CA LEU D 9 -20.54 -13.36 51.62
C LEU D 9 -20.53 -13.09 53.14
N PRO D 10 -19.41 -12.59 53.68
CA PRO D 10 -19.33 -12.43 55.14
C PRO D 10 -20.38 -11.50 55.73
N SER D 11 -20.77 -10.45 55.02
CA SER D 11 -21.70 -9.47 55.59
C SER D 11 -23.12 -10.00 55.73
N TYR D 12 -23.42 -11.18 55.16
CA TYR D 12 -24.76 -11.73 55.29
C TYR D 12 -25.05 -12.10 56.75
N ALA D 13 -24.03 -12.53 57.49
CA ALA D 13 -24.23 -12.82 58.91
C ALA D 13 -24.62 -11.56 59.68
N ALA D 14 -23.95 -10.44 59.40
CA ALA D 14 -24.31 -9.18 60.04
C ALA D 14 -25.73 -8.76 59.66
N PHE D 15 -26.08 -8.91 58.38
CA PHE D 15 -27.44 -8.61 57.96
C PHE D 15 -28.46 -9.47 58.70
N ALA D 16 -28.16 -10.76 58.85
CA ALA D 16 -29.07 -11.66 59.55
C ALA D 16 -29.23 -11.27 61.02
N THR D 17 -28.12 -10.90 61.67
CA THR D 17 -28.21 -10.47 63.07
C THR D 17 -29.05 -9.21 63.20
N ALA D 18 -28.83 -8.24 62.32
CA ALA D 18 -29.62 -7.01 62.38
C ALA D 18 -31.10 -7.28 62.12
N GLN D 19 -31.40 -8.15 61.16
CA GLN D 19 -32.78 -8.48 60.85
C GLN D 19 -33.45 -9.21 62.01
N GLU D 20 -32.72 -10.11 62.67
CA GLU D 20 -33.26 -10.80 63.83
C GLU D 20 -33.53 -9.84 64.97
N ALA D 21 -32.61 -8.89 65.19
CA ALA D 21 -32.84 -7.89 66.23
C ALA D 21 -34.07 -7.04 65.94
N TYR D 22 -34.22 -6.62 64.68
CA TYR D 22 -35.40 -5.84 64.30
C TYR D 22 -36.67 -6.66 64.47
N GLU D 23 -36.64 -7.93 64.09
CA GLU D 23 -37.83 -8.78 64.24
C GLU D 23 -38.20 -8.93 65.71
N GLN D 24 -37.21 -9.15 66.58
CA GLN D 24 -37.49 -9.26 68.01
C GLN D 24 -38.06 -7.96 68.55
N ALA D 25 -37.50 -6.82 68.13
CA ALA D 25 -37.98 -5.53 68.61
C ALA D 25 -39.42 -5.28 68.18
N VAL D 26 -39.74 -5.55 66.91
CA VAL D 26 -41.10 -5.30 66.43
C VAL D 26 -42.08 -6.30 67.02
N ALA D 27 -41.62 -7.52 67.34
CA ALA D 27 -42.48 -8.47 68.03
C ALA D 27 -42.70 -8.06 69.49
N ASN D 28 -41.77 -7.28 70.05
CA ASN D 28 -41.92 -6.78 71.41
C ASN D 28 -42.60 -5.41 71.45
N GLY D 29 -42.29 -4.53 70.50
CA GLY D 29 -42.84 -3.18 70.51
C GLY D 29 -42.45 -2.42 71.76
N ASP D 30 -41.17 -2.51 72.14
CA ASP D 30 -40.73 -2.01 73.43
C ASP D 30 -40.65 -0.48 73.46
N SER D 31 -39.82 0.10 72.60
CA SER D 31 -39.50 1.52 72.71
C SER D 31 -39.71 2.17 71.35
N GLU D 32 -39.34 3.45 71.27
CA GLU D 32 -39.42 4.24 70.04
C GLU D 32 -38.05 4.57 69.47
N VAL D 33 -37.05 4.75 70.32
CA VAL D 33 -35.72 5.14 69.89
C VAL D 33 -34.76 3.96 69.97
N VAL D 34 -35.07 3.00 70.84
CA VAL D 34 -34.22 1.81 70.95
C VAL D 34 -34.24 1.02 69.64
N LEU D 35 -35.42 0.88 69.03
CA LEU D 35 -35.47 0.29 67.70
C LEU D 35 -34.91 1.22 66.63
N LYS D 36 -34.86 2.53 66.89
CA LYS D 36 -34.18 3.43 65.96
C LYS D 36 -32.69 3.16 65.90
N LYS D 37 -32.09 2.62 66.97
CA LYS D 37 -30.75 2.09 66.85
C LYS D 37 -30.67 0.97 65.82
N LEU D 38 -31.76 0.21 65.66
CA LEU D 38 -31.84 -0.84 64.66
C LEU D 38 -32.40 -0.33 63.33
N LYS D 39 -32.48 0.99 63.16
CA LYS D 39 -32.61 1.56 61.83
C LYS D 39 -31.39 2.37 61.45
N LYS D 40 -30.58 2.79 62.43
CA LYS D 40 -29.26 3.36 62.18
C LYS D 40 -28.16 2.32 62.21
N SER D 41 -28.51 1.05 62.45
CA SER D 41 -27.55 -0.04 62.35
C SER D 41 -27.99 -1.14 61.39
N LEU D 42 -29.27 -1.20 61.01
CA LEU D 42 -29.76 -2.14 60.01
C LEU D 42 -29.80 -1.54 58.61
N ASN D 43 -30.39 -0.35 58.47
CA ASN D 43 -30.28 0.36 57.20
C ASN D 43 -28.83 0.64 56.83
N VAL D 44 -27.97 0.81 57.83
CA VAL D 44 -26.54 0.82 57.57
C VAL D 44 -26.06 -0.57 57.19
N ALA D 45 -26.59 -1.60 57.84
CA ALA D 45 -26.14 -2.97 57.60
C ALA D 45 -26.39 -3.42 56.17
N LYS D 46 -27.35 -2.83 55.47
CA LYS D 46 -27.59 -3.14 54.07
C LYS D 46 -26.83 -2.19 53.14
N SER D 47 -26.04 -1.28 53.70
CA SER D 47 -25.20 -0.39 52.91
C SER D 47 -23.86 -1.00 52.54
N GLU D 48 -23.25 -1.80 53.42
CA GLU D 48 -22.03 -2.52 53.07
C GLU D 48 -22.32 -3.91 52.53
N PHE D 49 -23.60 -4.27 52.38
CA PHE D 49 -23.99 -5.52 51.75
C PHE D 49 -24.35 -5.35 50.28
N ASP D 50 -25.32 -4.49 49.98
CA ASP D 50 -25.68 -4.24 48.59
C ASP D 50 -24.54 -3.64 47.79
N ARG D 51 -23.65 -2.88 48.43
CA ARG D 51 -22.48 -2.39 47.71
C ARG D 51 -21.45 -3.49 47.52
N ASP D 52 -21.38 -4.46 48.43
CA ASP D 52 -20.43 -5.54 48.29
C ASP D 52 -21.01 -6.69 47.47
N ALA D 53 -22.33 -6.79 47.38
CA ALA D 53 -22.96 -7.77 46.53
C ALA D 53 -23.23 -7.25 45.11
N ALA D 54 -22.82 -6.02 44.82
CA ALA D 54 -23.08 -5.43 43.52
C ALA D 54 -21.97 -5.76 42.52
N MET D 55 -20.72 -5.38 42.82
CA MET D 55 -19.67 -5.54 41.83
C MET D 55 -19.33 -7.00 41.59
N GLN D 56 -19.49 -7.86 42.60
CA GLN D 56 -19.20 -9.29 42.40
C GLN D 56 -20.18 -9.91 41.42
N ARG D 57 -21.45 -9.51 41.48
CA ARG D 57 -22.40 -9.91 40.46
C ARG D 57 -22.02 -9.36 39.09
N LYS D 58 -21.55 -8.11 39.05
CA LYS D 58 -20.99 -7.56 37.82
C LYS D 58 -19.74 -8.32 37.40
N LEU D 59 -18.87 -8.65 38.36
CA LEU D 59 -17.61 -9.31 38.05
C LEU D 59 -17.83 -10.68 37.43
N GLU D 60 -18.78 -11.45 37.96
CA GLU D 60 -19.02 -12.79 37.41
C GLU D 60 -19.49 -12.72 35.96
N LYS D 61 -20.44 -11.82 35.68
CA LYS D 61 -20.90 -11.66 34.30
C LYS D 61 -19.81 -11.16 33.37
N MET D 62 -18.99 -10.20 33.82
CA MET D 62 -17.92 -9.72 32.95
C MET D 62 -16.90 -10.83 32.67
N ALA D 63 -16.59 -11.64 33.69
CA ALA D 63 -15.70 -12.79 33.46
C ALA D 63 -16.30 -13.77 32.47
N ASP D 64 -17.60 -14.05 32.61
CA ASP D 64 -18.26 -14.97 31.69
C ASP D 64 -18.21 -14.45 30.26
N GLN D 65 -18.53 -13.17 30.07
CA GLN D 65 -18.54 -12.59 28.73
C GLN D 65 -17.14 -12.54 28.12
N ALA D 66 -16.12 -12.28 28.91
CA ALA D 66 -14.76 -12.31 28.38
C ALA D 66 -14.33 -13.74 28.02
N MET D 67 -14.66 -14.71 28.86
CA MET D 67 -14.26 -16.08 28.59
C MET D 67 -14.96 -16.61 27.34
N THR D 68 -16.24 -16.28 27.16
CA THR D 68 -16.94 -16.77 25.97
C THR D 68 -16.42 -16.12 24.70
N GLN D 69 -16.01 -14.85 24.78
CA GLN D 69 -15.43 -14.20 23.60
C GLN D 69 -14.07 -14.81 23.27
N MET D 70 -13.28 -15.18 24.28
CA MET D 70 -12.02 -15.83 24.00
C MET D 70 -12.24 -17.25 23.44
N TYR D 71 -13.30 -17.92 23.88
CA TYR D 71 -13.66 -19.20 23.28
C TYR D 71 -14.01 -19.04 21.80
N LYS D 72 -14.83 -18.04 21.48
CA LYS D 72 -15.19 -17.82 20.08
C LYS D 72 -13.97 -17.49 19.25
N GLN D 73 -13.04 -16.71 19.80
CA GLN D 73 -11.81 -16.41 19.09
C GLN D 73 -11.00 -17.68 18.82
N ALA D 74 -10.91 -18.57 19.82
CA ALA D 74 -10.21 -19.83 19.61
C ALA D 74 -10.88 -20.68 18.52
N ARG D 75 -12.21 -20.75 18.55
CA ARG D 75 -12.93 -21.55 17.56
C ARG D 75 -12.71 -20.99 16.16
N SER D 76 -12.85 -19.68 16.00
CA SER D 76 -12.61 -19.06 14.70
C SER D 76 -11.17 -19.20 14.27
N GLU D 77 -10.23 -19.30 15.21
CA GLU D 77 -8.83 -19.46 14.81
C GLU D 77 -8.56 -20.87 14.32
N ASP D 78 -9.14 -21.88 14.96
CA ASP D 78 -8.86 -23.25 14.49
C ASP D 78 -9.70 -23.65 13.29
N LYS D 79 -10.86 -23.02 13.07
CA LYS D 79 -11.70 -23.41 11.94
C LYS D 79 -11.09 -22.98 10.61
N ARG D 80 -10.39 -21.84 10.56
CA ARG D 80 -9.75 -21.42 9.33
C ARG D 80 -8.37 -22.02 9.12
N ALA D 81 -7.88 -22.82 10.08
CA ALA D 81 -6.60 -23.51 9.94
C ALA D 81 -6.77 -24.95 9.50
N LYS D 82 -7.99 -25.38 9.19
CA LYS D 82 -8.26 -26.76 8.80
C LYS D 82 -9.24 -26.84 7.61
N VAL D 83 -9.46 -25.72 6.93
CA VAL D 83 -10.50 -25.66 5.91
C VAL D 83 -10.22 -26.65 4.78
N THR D 84 -8.95 -26.83 4.42
CA THR D 84 -8.63 -27.72 3.31
C THR D 84 -8.46 -29.17 3.74
N SER D 85 -9.34 -29.64 4.62
CA SER D 85 -9.77 -31.02 4.69
C SER D 85 -11.26 -31.17 4.91
N ALA D 86 -11.89 -30.23 5.61
CA ALA D 86 -13.34 -30.23 5.74
C ALA D 86 -13.99 -29.97 4.39
N MET D 87 -13.38 -29.12 3.57
CA MET D 87 -13.90 -28.91 2.23
C MET D 87 -14.06 -30.23 1.49
N GLN D 88 -13.00 -31.03 1.46
CA GLN D 88 -13.02 -32.29 0.72
C GLN D 88 -13.95 -33.31 1.37
N THR D 89 -13.91 -33.43 2.69
CA THR D 89 -14.78 -34.42 3.35
C THR D 89 -16.25 -34.09 3.11
N MET D 90 -16.64 -32.82 3.28
CA MET D 90 -18.02 -32.44 3.01
C MET D 90 -18.37 -32.63 1.55
N LEU D 91 -17.43 -32.29 0.65
CA LEU D 91 -17.65 -32.52 -0.77
C LEU D 91 -18.04 -33.96 -1.04
N PHE D 92 -17.23 -34.90 -0.55
CA PHE D 92 -17.50 -36.28 -0.91
C PHE D 92 -18.72 -36.83 -0.19
N THR D 93 -19.02 -36.33 1.01
CA THR D 93 -20.27 -36.73 1.65
C THR D 93 -21.47 -36.32 0.80
N MET D 94 -21.45 -35.09 0.29
CA MET D 94 -22.52 -34.66 -0.61
C MET D 94 -22.54 -35.50 -1.89
N LEU D 95 -21.36 -35.81 -2.44
CA LEU D 95 -21.30 -36.58 -3.68
C LEU D 95 -21.90 -37.97 -3.50
N ARG D 96 -21.58 -38.63 -2.38
CA ARG D 96 -22.19 -39.92 -2.09
C ARG D 96 -23.68 -39.80 -1.85
N LYS D 97 -24.12 -38.71 -1.20
CA LYS D 97 -25.56 -38.50 -1.02
C LYS D 97 -26.26 -38.27 -2.35
N LEU D 98 -25.52 -37.81 -3.38
CA LEU D 98 -26.15 -37.48 -4.65
C LEU D 98 -26.76 -38.71 -5.31
N ASP D 99 -26.06 -39.85 -5.27
CA ASP D 99 -26.54 -41.11 -5.83
C ASP D 99 -26.83 -40.97 -7.33
N ASN D 100 -25.75 -40.72 -8.07
CA ASN D 100 -25.80 -40.64 -9.53
C ASN D 100 -24.85 -41.67 -10.12
N ASP D 101 -25.34 -42.43 -11.11
CA ASP D 101 -24.54 -43.49 -11.70
C ASP D 101 -23.33 -42.94 -12.45
N ALA D 102 -23.52 -41.84 -13.17
CA ALA D 102 -22.44 -41.28 -13.98
C ALA D 102 -21.24 -40.89 -13.11
N LEU D 103 -21.50 -40.20 -12.00
CA LEU D 103 -20.42 -39.86 -11.09
C LEU D 103 -19.83 -41.11 -10.44
N ASN D 104 -20.68 -42.07 -10.06
CA ASN D 104 -20.20 -43.25 -9.35
C ASN D 104 -19.22 -44.05 -10.21
N ASN D 105 -19.53 -44.21 -11.50
CA ASN D 105 -18.65 -44.97 -12.38
C ASN D 105 -17.26 -44.35 -12.42
N ILE D 106 -17.18 -43.04 -12.68
CA ILE D 106 -15.87 -42.43 -12.82
C ILE D 106 -15.15 -42.35 -11.47
N ILE D 107 -15.89 -42.24 -10.37
CA ILE D 107 -15.21 -42.20 -9.06
C ILE D 107 -14.61 -43.55 -8.74
N ASN D 108 -15.35 -44.63 -8.98
CA ASN D 108 -14.79 -45.97 -8.77
C ASN D 108 -13.58 -46.19 -9.67
N ASN D 109 -13.70 -45.83 -10.95
CA ASN D 109 -12.59 -46.03 -11.87
C ASN D 109 -11.36 -45.24 -11.43
N ALA D 110 -11.54 -43.96 -11.06
CA ALA D 110 -10.42 -43.16 -10.61
C ALA D 110 -9.84 -43.67 -9.30
N ARG D 111 -10.67 -44.29 -8.46
CA ARG D 111 -10.16 -44.91 -7.25
C ARG D 111 -9.31 -46.14 -7.56
N ASP D 112 -9.66 -46.90 -8.60
CA ASP D 112 -8.86 -48.06 -8.97
C ASP D 112 -7.76 -47.74 -9.97
N GLY D 113 -7.77 -46.55 -10.58
CA GLY D 113 -6.66 -46.18 -11.44
C GLY D 113 -6.98 -45.43 -12.72
N CYS D 114 -8.19 -45.60 -13.25
CA CYS D 114 -8.57 -44.98 -14.53
C CYS D 114 -8.87 -43.51 -14.31
N VAL D 115 -7.83 -42.69 -14.36
CA VAL D 115 -7.95 -41.24 -14.23
C VAL D 115 -7.79 -40.62 -15.61
N PRO D 116 -8.84 -40.02 -16.16
CA PRO D 116 -8.69 -39.36 -17.46
C PRO D 116 -7.66 -38.24 -17.40
N LEU D 117 -6.91 -38.08 -18.48
CA LEU D 117 -5.86 -37.07 -18.56
C LEU D 117 -6.33 -35.79 -19.25
N ASN D 118 -7.64 -35.53 -19.23
CA ASN D 118 -8.19 -34.29 -19.77
C ASN D 118 -9.63 -34.16 -19.29
N ILE D 119 -10.24 -33.03 -19.64
CA ILE D 119 -11.66 -32.84 -19.37
C ILE D 119 -12.44 -33.87 -20.18
N ILE D 120 -13.42 -34.49 -19.56
CA ILE D 120 -14.30 -35.42 -20.27
C ILE D 120 -15.16 -34.60 -21.22
N PRO D 121 -15.04 -34.76 -22.53
CA PRO D 121 -15.84 -33.96 -23.46
C PRO D 121 -17.30 -34.41 -23.45
N LEU D 122 -18.17 -33.46 -23.78
CA LEU D 122 -19.60 -33.70 -23.79
C LEU D 122 -20.20 -33.84 -25.18
N THR D 123 -19.61 -33.20 -26.19
CA THR D 123 -20.13 -33.33 -27.54
C THR D 123 -19.87 -34.74 -28.08
N THR D 124 -20.66 -35.10 -29.11
CA THR D 124 -20.48 -36.40 -29.74
C THR D 124 -19.12 -36.53 -30.42
N ALA D 125 -18.46 -35.41 -30.70
CA ALA D 125 -17.11 -35.40 -31.22
C ALA D 125 -16.12 -35.32 -30.06
N ALA D 126 -14.87 -34.96 -30.35
CA ALA D 126 -13.83 -34.69 -29.35
C ALA D 126 -13.31 -35.96 -28.69
N LYS D 127 -12.07 -35.91 -28.24
CA LYS D 127 -11.32 -37.09 -27.81
C LYS D 127 -11.24 -37.16 -26.29
N LEU D 128 -11.23 -38.38 -25.77
CA LEU D 128 -10.98 -38.66 -24.36
C LEU D 128 -9.73 -39.52 -24.25
N MET D 129 -8.99 -39.36 -23.15
CA MET D 129 -7.71 -40.03 -22.98
C MET D 129 -7.65 -40.61 -21.57
N VAL D 130 -7.70 -41.94 -21.49
CA VAL D 130 -7.88 -42.65 -20.22
C VAL D 130 -6.65 -43.52 -19.96
N VAL D 131 -6.08 -43.41 -18.77
CA VAL D 131 -4.98 -44.27 -18.34
C VAL D 131 -5.59 -45.57 -17.80
N ILE D 132 -4.96 -46.69 -18.14
CA ILE D 132 -5.36 -48.01 -17.65
C ILE D 132 -4.10 -48.73 -17.20
N PRO D 133 -3.74 -48.66 -15.91
CA PRO D 133 -2.42 -49.13 -15.47
C PRO D 133 -2.29 -50.63 -15.35
N ASP D 134 -3.32 -51.42 -15.63
CA ASP D 134 -3.22 -52.87 -15.51
C ASP D 134 -4.17 -53.50 -16.53
N TYR D 135 -4.41 -54.81 -16.37
CA TYR D 135 -5.26 -55.57 -17.28
C TYR D 135 -6.63 -55.87 -16.69
N ASN D 136 -6.68 -56.13 -15.38
CA ASN D 136 -7.97 -56.36 -14.75
C ASN D 136 -8.88 -55.15 -14.91
N THR D 137 -8.32 -53.95 -14.77
CA THR D 137 -9.10 -52.73 -15.00
C THR D 137 -9.54 -52.63 -16.46
N TYR D 138 -8.72 -53.13 -17.38
CA TYR D 138 -9.14 -53.15 -18.78
C TYR D 138 -10.33 -54.09 -18.97
N LYS D 139 -10.37 -55.20 -18.24
CA LYS D 139 -11.42 -56.20 -18.48
C LYS D 139 -12.81 -55.61 -18.36
N ASN D 140 -13.06 -54.79 -17.34
CA ASN D 140 -14.40 -54.27 -17.11
C ASN D 140 -14.78 -53.18 -18.12
N THR D 141 -13.86 -52.28 -18.42
CA THR D 141 -14.20 -51.08 -19.19
C THR D 141 -14.26 -51.34 -20.70
N CYS D 142 -13.14 -51.77 -21.28
CA CYS D 142 -13.04 -51.90 -22.73
C CYS D 142 -13.42 -53.31 -23.16
N ASP D 143 -14.29 -53.41 -24.16
CA ASP D 143 -14.74 -54.68 -24.71
C ASP D 143 -14.68 -54.57 -26.24
N GLY D 144 -13.53 -54.91 -26.81
CA GLY D 144 -13.40 -54.92 -28.26
C GLY D 144 -13.11 -53.54 -28.83
N THR D 145 -14.12 -52.92 -29.42
CA THR D 145 -14.00 -51.58 -29.96
C THR D 145 -14.89 -50.58 -29.24
N THR D 146 -15.52 -50.96 -28.15
CA THR D 146 -16.41 -50.09 -27.38
C THR D 146 -15.79 -49.79 -26.02
N PHE D 147 -15.70 -48.51 -25.69
CA PHE D 147 -15.19 -48.05 -24.41
C PHE D 147 -16.36 -47.57 -23.56
N THR D 148 -16.44 -48.08 -22.34
CA THR D 148 -17.52 -47.74 -21.42
C THR D 148 -16.94 -46.88 -20.30
N TYR D 149 -17.32 -45.61 -20.28
CA TYR D 149 -16.80 -44.67 -19.30
C TYR D 149 -17.79 -43.53 -19.16
N ALA D 150 -17.89 -42.99 -17.94
CA ALA D 150 -18.85 -41.94 -17.62
C ALA D 150 -20.27 -42.34 -18.01
N SER D 151 -20.56 -43.63 -17.96
CA SER D 151 -21.84 -44.19 -18.41
C SER D 151 -22.16 -43.74 -19.83
N ALA D 152 -21.15 -43.73 -20.69
CA ALA D 152 -21.30 -43.43 -22.10
C ALA D 152 -20.71 -44.57 -22.90
N LEU D 153 -20.81 -44.47 -24.23
CA LEU D 153 -20.25 -45.47 -25.12
C LEU D 153 -19.24 -44.78 -26.04
N TRP D 154 -17.98 -45.23 -25.97
CA TRP D 154 -16.90 -44.64 -26.74
C TRP D 154 -16.34 -45.68 -27.70
N GLU D 155 -15.58 -45.22 -28.68
CA GLU D 155 -14.95 -46.09 -29.67
C GLU D 155 -13.45 -45.97 -29.56
N ILE D 156 -12.79 -47.05 -29.16
CA ILE D 156 -11.34 -47.05 -29.03
C ILE D 156 -10.70 -46.86 -30.39
N GLN D 157 -9.64 -46.06 -30.44
CA GLN D 157 -8.92 -45.83 -31.68
C GLN D 157 -7.41 -46.02 -31.61
N GLN D 158 -6.76 -45.70 -30.49
CA GLN D 158 -5.30 -45.63 -30.47
C GLN D 158 -4.79 -45.85 -29.04
N VAL D 159 -4.32 -47.05 -28.75
CA VAL D 159 -3.69 -47.33 -27.47
C VAL D 159 -2.19 -47.17 -27.62
N VAL D 160 -1.52 -46.85 -26.52
CA VAL D 160 -0.10 -46.54 -26.53
C VAL D 160 0.49 -46.96 -25.19
N ASP D 161 1.67 -47.57 -25.22
CA ASP D 161 2.35 -48.00 -24.00
C ASP D 161 3.00 -46.80 -23.33
N ALA D 162 3.82 -47.05 -22.30
CA ALA D 162 4.46 -45.97 -21.56
C ALA D 162 5.63 -45.33 -22.31
N ASP D 163 6.28 -46.06 -23.21
CA ASP D 163 7.40 -45.52 -23.97
C ASP D 163 6.97 -44.96 -25.33
N SER D 164 5.69 -44.61 -25.48
CA SER D 164 5.15 -43.98 -26.69
C SER D 164 5.38 -44.84 -27.93
N LYS D 165 5.01 -46.11 -27.84
CA LYS D 165 5.02 -47.04 -28.97
C LYS D 165 3.61 -47.59 -29.14
N ILE D 166 2.93 -47.15 -30.20
CA ILE D 166 1.54 -47.55 -30.41
C ILE D 166 1.45 -49.07 -30.52
N VAL D 167 0.48 -49.65 -29.81
CA VAL D 167 0.28 -51.09 -29.73
C VAL D 167 -1.03 -51.44 -30.43
N GLN D 168 -1.04 -52.53 -31.17
CA GLN D 168 -2.27 -53.00 -31.78
C GLN D 168 -3.25 -53.48 -30.72
N LEU D 169 -4.53 -53.28 -31.01
CA LEU D 169 -5.57 -53.61 -30.03
C LEU D 169 -5.62 -55.11 -29.74
N SER D 170 -5.47 -55.94 -30.78
CA SER D 170 -5.66 -57.38 -30.61
C SER D 170 -4.52 -58.03 -29.84
N GLU D 171 -3.35 -57.41 -29.78
CA GLU D 171 -2.19 -58.06 -29.17
C GLU D 171 -2.42 -58.35 -27.70
N ILE D 172 -3.02 -57.42 -26.96
CA ILE D 172 -3.12 -57.53 -25.51
C ILE D 172 -3.94 -58.76 -25.15
N SER D 173 -3.44 -59.51 -24.17
CA SER D 173 -4.10 -60.72 -23.68
C SER D 173 -3.45 -61.11 -22.36
N MET D 174 -4.10 -62.03 -21.65
CA MET D 174 -3.63 -62.41 -20.32
C MET D 174 -2.23 -63.01 -20.40
N ASP D 175 -1.97 -63.85 -21.40
CA ASP D 175 -0.66 -64.46 -21.53
C ASP D 175 0.41 -63.41 -21.84
N ASN D 176 0.13 -62.51 -22.78
CA ASN D 176 1.07 -61.49 -23.18
C ASN D 176 0.95 -60.20 -22.39
N SER D 177 0.08 -60.16 -21.38
CA SER D 177 -0.03 -58.95 -20.55
C SER D 177 1.31 -58.55 -19.92
N PRO D 178 2.15 -59.47 -19.39
CA PRO D 178 3.45 -59.02 -18.88
C PRO D 178 4.46 -58.80 -19.98
N ASN D 179 4.06 -58.12 -21.05
CA ASN D 179 4.96 -57.82 -22.16
C ASN D 179 4.85 -56.40 -22.67
N LEU D 180 4.00 -55.55 -22.11
CA LEU D 180 3.84 -54.18 -22.55
C LEU D 180 4.01 -53.23 -21.38
N ALA D 181 4.45 -52.01 -21.67
CA ALA D 181 4.54 -50.96 -20.67
C ALA D 181 3.12 -50.55 -20.31
N TRP D 182 2.64 -51.04 -19.18
CA TRP D 182 1.22 -51.17 -18.90
C TRP D 182 0.42 -49.88 -18.78
N PRO D 183 0.99 -48.74 -18.37
CA PRO D 183 0.16 -47.53 -18.29
C PRO D 183 -0.31 -47.06 -19.66
N LEU D 184 -1.24 -47.81 -20.25
CA LEU D 184 -1.77 -47.46 -21.56
C LEU D 184 -2.60 -46.17 -21.47
N ILE D 185 -2.61 -45.43 -22.56
CA ILE D 185 -3.52 -44.31 -22.74
C ILE D 185 -4.33 -44.58 -24.00
N VAL D 186 -5.65 -44.47 -23.89
CA VAL D 186 -6.57 -44.92 -24.93
C VAL D 186 -7.37 -43.74 -25.42
N THR D 187 -7.19 -43.38 -26.69
CA THR D 187 -7.94 -42.32 -27.33
C THR D 187 -9.27 -42.89 -27.83
N ALA D 188 -10.36 -42.18 -27.52
CA ALA D 188 -11.68 -42.63 -27.93
C ALA D 188 -12.57 -41.40 -28.07
N LEU D 189 -13.68 -41.58 -28.78
CA LEU D 189 -14.62 -40.50 -29.03
C LEU D 189 -16.01 -40.89 -28.58
N ARG D 190 -16.82 -39.88 -28.30
CA ARG D 190 -18.20 -40.09 -27.88
C ARG D 190 -19.02 -40.73 -28.99
N ALA D 191 -20.01 -41.52 -28.59
CA ALA D 191 -20.89 -42.20 -29.54
C ALA D 191 -21.62 -41.21 -30.44
N VAL G 2 -4.57 -23.62 20.71
CA VAL G 2 -5.57 -24.01 21.68
C VAL G 2 -5.74 -25.53 21.68
N GLY G 3 -5.19 -26.18 22.67
CA GLY G 3 -5.23 -27.62 22.79
C GLY G 3 -5.32 -28.07 24.23
N ALA G 4 -5.00 -29.33 24.47
CA ALA G 4 -5.00 -29.90 25.82
C ALA G 4 -3.59 -29.86 26.40
N CYS G 5 -3.51 -29.62 27.70
CA CYS G 5 -2.22 -29.45 28.35
C CYS G 5 -1.50 -30.78 28.50
N VAL G 6 -0.17 -30.70 28.63
CA VAL G 6 0.68 -31.88 28.54
C VAL G 6 0.40 -32.86 29.68
N LEU G 7 0.38 -32.36 30.92
CA LEU G 7 0.22 -33.24 32.07
C LEU G 7 -1.21 -33.73 32.23
N CYS G 8 -2.18 -32.83 32.07
CA CYS G 8 -3.56 -33.11 32.43
C CYS G 8 -4.45 -33.52 31.27
N ASN G 9 -4.08 -33.20 30.04
CA ASN G 9 -4.85 -33.48 28.84
C ASN G 9 -6.24 -32.86 28.86
N SER G 10 -6.52 -31.99 29.83
CA SER G 10 -7.72 -31.17 29.79
C SER G 10 -7.49 -29.98 28.89
N GLN G 11 -8.51 -29.64 28.10
CA GLN G 11 -8.37 -28.54 27.16
C GLN G 11 -8.06 -27.24 27.88
N THR G 12 -7.18 -26.43 27.29
CA THR G 12 -6.74 -25.19 27.91
C THR G 12 -6.29 -24.23 26.80
N SER G 13 -5.96 -23.01 27.21
CA SER G 13 -5.50 -22.01 26.25
C SER G 13 -4.31 -21.20 26.75
N LEU G 14 -3.77 -21.50 27.93
CA LEU G 14 -2.61 -20.79 28.44
C LEU G 14 -1.35 -21.47 27.94
N ARG G 15 -0.42 -20.68 27.42
CA ARG G 15 0.84 -21.19 26.92
C ARG G 15 1.99 -20.54 27.68
N CYS G 16 2.90 -21.38 28.19
CA CYS G 16 4.01 -20.91 29.00
C CYS G 16 4.93 -20.04 28.16
N GLY G 17 4.96 -18.75 28.46
CA GLY G 17 5.68 -17.79 27.63
C GLY G 17 7.19 -17.91 27.70
N ALA G 18 7.75 -17.80 28.91
CA ALA G 18 9.19 -17.88 29.06
C ALA G 18 9.73 -19.29 28.83
N CYS G 19 8.86 -20.28 28.71
CA CYS G 19 9.28 -21.65 28.50
C CYS G 19 9.81 -21.83 27.07
N ILE G 20 10.61 -22.88 26.88
CA ILE G 20 11.34 -23.03 25.61
C ILE G 20 10.38 -23.20 24.45
N ARG G 21 9.61 -24.29 24.46
CA ARG G 21 8.71 -24.60 23.36
C ARG G 21 7.29 -24.08 23.58
N ARG G 22 7.04 -23.40 24.70
CA ARG G 22 5.77 -22.76 25.00
C ARG G 22 4.66 -23.80 24.97
N PRO G 23 4.61 -24.73 25.92
CA PRO G 23 3.60 -25.78 25.89
C PRO G 23 2.24 -25.28 26.34
N PHE G 24 1.20 -25.98 25.90
CA PHE G 24 -0.15 -25.68 26.36
C PHE G 24 -0.23 -25.94 27.86
N LEU G 25 -0.68 -24.94 28.61
CA LEU G 25 -0.68 -25.01 30.06
C LEU G 25 -2.10 -25.05 30.59
N CYS G 26 -2.38 -26.11 31.34
CA CYS G 26 -3.62 -26.27 32.10
C CYS G 26 -3.70 -25.23 33.21
N CYS G 27 -4.89 -24.65 33.42
CA CYS G 27 -5.01 -23.37 34.11
C CYS G 27 -4.36 -23.39 35.49
N LYS G 28 -4.93 -24.15 36.43
CA LYS G 28 -4.29 -24.26 37.74
C LYS G 28 -2.93 -24.95 37.62
N CYS G 29 -2.84 -25.93 36.75
CA CYS G 29 -1.56 -26.55 36.40
C CYS G 29 -0.57 -25.51 35.86
N CYS G 30 -1.07 -24.54 35.08
CA CYS G 30 -0.23 -23.42 34.65
C CYS G 30 0.23 -22.58 35.82
N TYR G 31 -0.67 -22.34 36.78
CA TYR G 31 -0.27 -21.60 37.97
C TYR G 31 0.83 -22.32 38.73
N ASP G 32 0.71 -23.65 38.81
CA ASP G 32 1.78 -24.43 39.42
C ASP G 32 3.08 -24.27 38.66
N HIS G 33 3.02 -24.33 37.32
CA HIS G 33 4.23 -24.19 36.51
C HIS G 33 4.89 -22.83 36.72
N VAL G 34 4.10 -21.76 36.75
CA VAL G 34 4.68 -20.43 36.89
C VAL G 34 5.23 -20.23 38.30
N ILE G 35 4.52 -20.70 39.33
CA ILE G 35 5.00 -20.48 40.69
C ILE G 35 6.20 -21.35 41.03
N SER G 36 6.38 -22.48 40.35
CA SER G 36 7.48 -23.38 40.67
C SER G 36 8.65 -23.28 39.68
N THR G 37 8.60 -22.34 38.73
CA THR G 37 9.68 -22.14 37.78
C THR G 37 9.96 -20.65 37.65
N SER G 38 10.94 -20.32 36.80
CA SER G 38 11.23 -18.95 36.43
C SER G 38 10.40 -18.49 35.24
N HIS G 39 9.54 -19.35 34.70
CA HIS G 39 8.68 -19.01 33.57
C HIS G 39 7.49 -18.21 34.10
N LYS G 40 7.59 -16.88 34.07
CA LYS G 40 6.55 -16.01 34.61
C LYS G 40 5.68 -15.38 33.52
N LEU G 41 5.86 -15.77 32.26
CA LEU G 41 5.12 -15.19 31.15
C LEU G 41 4.12 -16.21 30.63
N VAL G 42 2.88 -15.76 30.39
CA VAL G 42 1.82 -16.61 29.88
C VAL G 42 1.11 -15.89 28.75
N LEU G 43 0.74 -16.64 27.71
CA LEU G 43 0.02 -16.09 26.57
C LEU G 43 -1.22 -16.94 26.30
N SER G 44 -2.38 -16.29 26.32
CA SER G 44 -3.63 -16.88 25.90
C SER G 44 -3.81 -16.59 24.40
N VAL G 45 -5.03 -16.75 23.88
CA VAL G 45 -5.34 -16.34 22.53
C VAL G 45 -4.80 -14.93 22.27
N ASN G 46 -4.88 -14.06 23.27
CA ASN G 46 -4.14 -12.82 23.34
C ASN G 46 -3.15 -12.89 24.50
N PRO G 47 -2.00 -12.24 24.39
CA PRO G 47 -0.99 -12.41 25.44
C PRO G 47 -1.37 -11.69 26.73
N TYR G 48 -0.92 -12.26 27.85
CA TYR G 48 -1.14 -11.67 29.17
C TYR G 48 0.04 -10.77 29.48
N VAL G 49 0.00 -9.56 28.92
CA VAL G 49 0.96 -8.50 29.21
C VAL G 49 0.17 -7.21 29.35
N CYS G 50 0.58 -6.37 30.30
CA CYS G 50 -0.08 -5.09 30.49
C CYS G 50 -0.08 -4.29 29.20
N ASN G 51 -1.26 -4.03 28.66
CA ASN G 51 -1.39 -3.38 27.36
C ASN G 51 -1.31 -1.86 27.45
N ALA G 52 -1.19 -1.29 28.64
CA ALA G 52 -1.02 0.15 28.75
C ALA G 52 0.32 0.56 28.16
N PRO G 53 0.37 1.60 27.34
CA PRO G 53 1.58 1.89 26.57
C PRO G 53 2.79 2.15 27.47
N GLY G 54 3.96 1.80 26.97
CA GLY G 54 5.21 1.99 27.70
C GLY G 54 5.34 1.16 28.96
N CYS G 55 4.91 -0.10 28.92
CA CYS G 55 5.04 -1.00 30.05
C CYS G 55 6.04 -2.11 29.73
N ASP G 56 6.43 -2.83 30.78
CA ASP G 56 7.49 -3.83 30.68
C ASP G 56 7.09 -5.15 31.35
N VAL G 57 6.16 -5.12 32.32
CA VAL G 57 5.93 -6.27 33.19
C VAL G 57 5.42 -7.46 32.38
N THR G 58 6.03 -8.62 32.61
CA THR G 58 5.63 -9.86 31.98
C THR G 58 5.17 -10.94 32.96
N ASP G 59 5.40 -10.76 34.26
CA ASP G 59 4.99 -11.76 35.23
C ASP G 59 3.47 -11.74 35.39
N VAL G 60 2.86 -12.93 35.36
CA VAL G 60 1.41 -13.02 35.35
C VAL G 60 0.82 -12.57 36.69
N THR G 61 1.53 -12.83 37.79
CA THR G 61 0.95 -12.64 39.11
C THR G 61 0.48 -11.21 39.34
N GLN G 62 1.25 -10.23 38.90
CA GLN G 62 0.92 -8.82 39.09
C GLN G 62 -0.17 -8.34 38.15
N LEU G 63 -0.61 -9.17 37.20
CA LEU G 63 -1.54 -8.74 36.16
C LEU G 63 -2.97 -8.90 36.62
N TYR G 64 -3.76 -7.84 36.47
CA TYR G 64 -5.16 -7.81 36.87
C TYR G 64 -6.02 -7.51 35.66
N LEU G 65 -7.31 -7.88 35.75
CA LEU G 65 -8.21 -7.83 34.60
C LEU G 65 -9.14 -6.63 34.74
N GLY G 66 -8.92 -5.62 33.90
CA GLY G 66 -9.84 -4.51 33.81
C GLY G 66 -10.56 -4.46 32.47
N GLY G 67 -11.85 -4.74 32.45
CA GLY G 67 -12.57 -4.73 31.19
C GLY G 67 -12.11 -5.86 30.29
N MET G 68 -11.72 -5.52 29.06
CA MET G 68 -11.32 -6.48 28.06
C MET G 68 -9.80 -6.62 27.94
N SER G 69 -9.04 -6.30 28.99
CA SER G 69 -7.60 -6.30 28.90
C SER G 69 -7.00 -6.67 30.25
N TYR G 70 -5.67 -6.74 30.29
CA TYR G 70 -4.93 -7.27 31.42
C TYR G 70 -3.93 -6.21 31.90
N TYR G 71 -3.89 -5.98 33.21
CA TYR G 71 -3.33 -4.77 33.76
C TYR G 71 -2.43 -5.10 34.95
N CYS G 72 -1.29 -4.41 35.07
CA CYS G 72 -0.53 -4.52 36.30
C CYS G 72 -1.09 -3.55 37.33
N LYS G 73 -0.50 -3.54 38.52
CA LYS G 73 -1.11 -2.85 39.66
C LYS G 73 -1.26 -1.36 39.40
N SER G 74 -0.22 -0.72 38.86
CA SER G 74 -0.24 0.73 38.70
C SER G 74 -0.88 1.18 37.39
N HIS G 75 -1.54 0.28 36.66
CA HIS G 75 -2.08 0.60 35.35
C HIS G 75 -3.60 0.37 35.26
N LYS G 76 -4.22 -0.12 36.32
CA LYS G 76 -5.61 -0.55 36.26
C LYS G 76 -6.58 0.62 36.23
N PRO G 77 -7.80 0.38 35.75
CA PRO G 77 -8.92 1.23 36.11
C PRO G 77 -9.44 0.84 37.48
N PRO G 78 -10.35 1.63 38.08
CA PRO G 78 -10.87 1.26 39.40
C PRO G 78 -11.50 -0.12 39.45
N ILE G 79 -12.22 -0.51 38.40
CA ILE G 79 -12.80 -1.86 38.33
C ILE G 79 -11.74 -2.81 37.82
N SER G 80 -11.46 -3.86 38.61
CA SER G 80 -10.49 -4.87 38.20
C SER G 80 -10.99 -6.24 38.62
N PHE G 81 -10.19 -7.25 38.29
CA PHE G 81 -10.45 -8.65 38.59
C PHE G 81 -9.11 -9.37 38.57
N PRO G 82 -8.46 -9.54 39.73
CA PRO G 82 -7.11 -10.12 39.71
C PRO G 82 -7.07 -11.49 39.06
N LEU G 83 -6.39 -11.59 37.92
CA LEU G 83 -6.28 -12.87 37.23
C LEU G 83 -5.57 -13.90 38.10
N CYS G 84 -4.47 -13.51 38.74
CA CYS G 84 -3.74 -14.37 39.65
C CYS G 84 -4.50 -14.43 40.98
N ALA G 85 -5.57 -15.23 40.98
CA ALA G 85 -6.42 -15.36 42.16
C ALA G 85 -6.77 -16.82 42.38
N ASN G 86 -7.09 -17.14 43.62
CA ASN G 86 -7.52 -18.48 44.04
C ASN G 86 -6.49 -19.56 43.73
N GLY G 87 -5.25 -19.15 43.50
CA GLY G 87 -4.26 -20.09 42.98
C GLY G 87 -4.66 -20.66 41.65
N GLN G 88 -5.31 -19.86 40.81
CA GLN G 88 -5.83 -20.33 39.53
C GLN G 88 -5.87 -19.15 38.56
N VAL G 89 -4.88 -19.09 37.66
CA VAL G 89 -4.84 -18.04 36.66
C VAL G 89 -6.02 -18.19 35.71
N PHE G 90 -6.70 -17.08 35.44
CA PHE G 90 -7.86 -17.12 34.56
C PHE G 90 -7.47 -17.63 33.18
N GLY G 91 -8.23 -18.59 32.67
CA GLY G 91 -7.96 -19.19 31.38
C GLY G 91 -9.12 -20.04 30.93
N LEU G 92 -9.07 -20.44 29.67
CA LEU G 92 -10.14 -21.25 29.10
C LEU G 92 -10.25 -22.58 29.81
N TYR G 93 -11.49 -23.04 29.99
CA TYR G 93 -11.78 -24.35 30.57
C TYR G 93 -11.18 -24.49 31.97
N LYS G 94 -11.51 -23.53 32.83
CA LYS G 94 -10.96 -23.51 34.18
C LYS G 94 -11.58 -24.57 35.06
N ASN G 95 -12.85 -24.88 34.84
CA ASN G 95 -13.54 -25.87 35.68
C ASN G 95 -13.34 -27.29 35.16
N THR G 96 -13.22 -27.46 33.84
CA THR G 96 -12.89 -28.77 33.28
C THR G 96 -11.38 -28.97 33.41
N CYS G 97 -10.93 -28.83 34.66
CA CYS G 97 -9.53 -28.79 35.02
C CYS G 97 -9.29 -29.75 36.17
N VAL G 98 -8.21 -30.53 36.08
CA VAL G 98 -7.83 -31.42 37.16
C VAL G 98 -6.55 -30.98 37.86
N GLY G 99 -5.68 -30.24 37.20
CA GLY G 99 -4.40 -29.88 37.77
C GLY G 99 -3.52 -31.11 37.94
N SER G 100 -2.38 -30.90 38.59
CA SER G 100 -1.47 -31.99 38.91
C SER G 100 -0.96 -31.82 40.33
N ASP G 101 -1.02 -32.90 41.10
CA ASP G 101 -0.52 -32.87 42.47
C ASP G 101 0.99 -32.62 42.50
N ASN G 102 1.74 -33.27 41.60
CA ASN G 102 3.18 -33.11 41.52
C ASN G 102 3.53 -32.62 40.12
N VAL G 103 4.06 -31.40 40.03
CA VAL G 103 4.49 -30.82 38.77
C VAL G 103 5.98 -30.55 38.75
N THR G 104 6.68 -30.76 39.88
CA THR G 104 8.09 -30.42 39.97
C THR G 104 8.94 -31.20 38.96
N ASP G 105 8.49 -32.38 38.53
CA ASP G 105 9.17 -33.06 37.44
C ASP G 105 9.11 -32.23 36.16
N PHE G 106 7.91 -31.76 35.81
CA PHE G 106 7.79 -30.84 34.67
C PHE G 106 8.53 -29.54 34.93
N ASN G 107 8.56 -29.09 36.18
CA ASN G 107 9.25 -27.84 36.50
C ASN G 107 10.74 -27.97 36.22
N ALA G 108 11.34 -29.09 36.60
CA ALA G 108 12.75 -29.31 36.32
C ALA G 108 13.00 -29.58 34.83
N ILE G 109 12.06 -30.24 34.16
CA ILE G 109 12.20 -30.45 32.72
C ILE G 109 12.22 -29.11 31.98
N ALA G 110 11.31 -28.21 32.36
CA ALA G 110 11.21 -26.92 31.67
C ALA G 110 12.33 -25.98 32.08
N THR G 111 12.81 -26.08 33.33
CA THR G 111 13.92 -25.28 33.79
C THR G 111 15.27 -25.96 33.54
N CYS G 112 15.35 -26.81 32.52
CA CYS G 112 16.55 -27.60 32.29
C CYS G 112 17.42 -26.99 31.20
N ASP G 113 18.70 -26.81 31.50
CA ASP G 113 19.68 -26.37 30.51
C ASP G 113 20.33 -27.53 29.78
N TRP G 114 19.97 -28.77 30.12
CA TRP G 114 20.55 -29.98 29.51
C TRP G 114 22.06 -30.01 29.70
N THR G 115 22.48 -30.06 30.96
CA THR G 115 23.89 -30.06 31.33
C THR G 115 24.40 -31.43 31.74
N ASN G 116 23.76 -32.07 32.73
CA ASN G 116 24.22 -33.34 33.27
C ASN G 116 23.47 -34.50 32.66
N ALA G 117 23.97 -35.71 32.93
CA ALA G 117 23.24 -36.92 32.57
C ALA G 117 21.92 -37.04 33.33
N GLY G 118 21.81 -36.35 34.47
CA GLY G 118 20.54 -36.35 35.20
C GLY G 118 19.41 -35.74 34.41
N ASP G 119 19.73 -34.79 33.53
CA ASP G 119 18.70 -34.22 32.65
C ASP G 119 18.11 -35.29 31.74
N TYR G 120 18.98 -36.08 31.10
CA TYR G 120 18.49 -37.17 30.26
C TYR G 120 17.81 -38.25 31.08
N ILE G 121 18.26 -38.47 32.32
CA ILE G 121 17.59 -39.41 33.20
C ILE G 121 16.16 -38.96 33.46
N LEU G 122 15.98 -37.67 33.76
CA LEU G 122 14.64 -37.13 33.97
C LEU G 122 13.81 -37.24 32.71
N ALA G 123 14.40 -36.96 31.55
CA ALA G 123 13.67 -37.02 30.29
C ALA G 123 13.20 -38.45 30.00
N ASN G 124 14.09 -39.42 30.16
CA ASN G 124 13.76 -40.80 29.80
C ASN G 124 12.87 -41.48 30.83
N THR G 125 13.05 -41.16 32.11
CA THR G 125 12.30 -41.86 33.16
C THR G 125 10.85 -41.41 33.24
N CYS G 126 10.54 -40.24 32.67
CA CYS G 126 9.18 -39.74 32.74
C CYS G 126 8.32 -40.40 31.66
N THR G 127 7.07 -39.98 31.56
CA THR G 127 6.09 -40.66 30.71
C THR G 127 6.09 -40.08 29.30
N GLU G 128 5.08 -40.46 28.53
CA GLU G 128 5.03 -40.20 27.09
C GLU G 128 5.11 -38.70 26.79
N ARG G 129 4.12 -37.95 27.26
CA ARG G 129 4.00 -36.54 26.86
C ARG G 129 5.20 -35.72 27.33
N LEU G 130 5.60 -35.92 28.60
CA LEU G 130 6.71 -35.15 29.14
C LEU G 130 8.04 -35.55 28.50
N LYS G 131 8.24 -36.83 28.18
CA LYS G 131 9.45 -37.24 27.49
C LYS G 131 9.50 -36.64 26.09
N LEU G 132 8.36 -36.60 25.39
CA LEU G 132 8.32 -35.95 24.08
C LEU G 132 8.65 -34.47 24.20
N PHE G 133 8.08 -33.80 25.21
CA PHE G 133 8.39 -32.39 25.43
C PHE G 133 9.87 -32.18 25.71
N ALA G 134 10.45 -33.05 26.54
CA ALA G 134 11.88 -32.94 26.86
C ALA G 134 12.74 -33.13 25.62
N ALA G 135 12.38 -34.11 24.78
CA ALA G 135 13.13 -34.33 23.55
C ALA G 135 13.06 -33.12 22.64
N GLU G 136 11.88 -32.55 22.46
CA GLU G 136 11.74 -31.37 21.61
C GLU G 136 12.51 -30.20 22.18
N THR G 137 12.46 -30.01 23.50
CA THR G 137 13.17 -28.90 24.12
C THR G 137 14.68 -29.04 23.97
N LEU G 138 15.21 -30.25 24.17
CA LEU G 138 16.65 -30.43 24.02
C LEU G 138 17.08 -30.23 22.57
N LYS G 139 16.28 -30.73 21.62
CA LYS G 139 16.59 -30.51 20.21
C LYS G 139 16.62 -29.02 19.88
N ALA G 140 15.57 -28.29 20.27
CA ALA G 140 15.51 -26.86 19.98
C ALA G 140 16.65 -26.12 20.68
N THR G 141 16.99 -26.52 21.90
CA THR G 141 18.00 -25.82 22.68
C THR G 141 19.40 -26.01 22.08
N GLU G 142 19.73 -27.26 21.71
CA GLU G 142 21.01 -27.49 21.06
C GLU G 142 21.06 -26.82 19.69
N GLU G 143 19.95 -26.81 18.95
CA GLU G 143 19.92 -26.10 17.68
C GLU G 143 20.13 -24.61 17.88
N THR G 144 19.62 -24.06 19.00
CA THR G 144 19.86 -22.67 19.33
C THR G 144 21.33 -22.39 19.65
N PHE G 145 21.96 -23.26 20.44
CA PHE G 145 23.38 -23.03 20.75
C PHE G 145 24.26 -23.20 19.52
N LYS G 146 23.88 -24.07 18.58
CA LYS G 146 24.75 -24.33 17.43
C LYS G 146 24.94 -23.07 16.60
N LEU G 147 23.88 -22.28 16.39
CA LEU G 147 24.04 -21.02 15.70
C LEU G 147 24.59 -19.91 16.59
N SER G 148 24.66 -20.13 17.90
CA SER G 148 25.24 -19.15 18.81
C SER G 148 26.75 -19.06 18.68
N TYR G 149 27.39 -20.00 17.99
CA TYR G 149 28.83 -19.98 17.79
C TYR G 149 29.19 -19.10 16.60
N GLY G 150 30.48 -18.81 16.47
CA GLY G 150 30.95 -17.88 15.46
C GLY G 150 30.77 -18.40 14.05
N ILE G 151 30.94 -17.49 13.09
CA ILE G 151 30.76 -17.80 11.68
C ILE G 151 32.10 -18.24 11.10
N ALA G 152 32.04 -19.18 10.16
CA ALA G 152 33.23 -19.77 9.56
C ALA G 152 33.48 -19.09 8.22
N THR G 153 34.19 -17.97 8.26
CA THR G 153 34.52 -17.21 7.06
C THR G 153 35.88 -17.63 6.55
N VAL G 154 36.03 -17.66 5.23
CA VAL G 154 37.30 -18.00 4.59
C VAL G 154 37.81 -16.75 3.89
N ARG G 155 39.00 -16.29 4.30
CA ARG G 155 39.54 -15.04 3.78
C ARG G 155 40.70 -15.26 2.81
N GLU G 156 41.29 -16.45 2.79
CA GLU G 156 42.37 -16.76 1.87
C GLU G 156 42.20 -18.17 1.35
N VAL G 157 42.58 -18.38 0.09
CA VAL G 157 42.54 -19.69 -0.55
C VAL G 157 43.96 -20.15 -0.73
N LEU G 158 44.36 -21.18 0.03
CA LEU G 158 45.73 -21.68 -0.03
C LEU G 158 45.92 -22.66 -1.18
N SER G 159 45.19 -23.77 -1.15
CA SER G 159 45.33 -24.80 -2.17
C SER G 159 44.08 -25.68 -2.12
N ASP G 160 44.13 -26.81 -2.83
CA ASP G 160 43.01 -27.75 -2.86
C ASP G 160 42.82 -28.37 -1.48
N ARG G 161 41.56 -28.45 -1.05
CA ARG G 161 41.18 -29.07 0.22
C ARG G 161 41.82 -28.40 1.42
N GLU G 162 42.32 -27.17 1.25
CA GLU G 162 42.94 -26.44 2.35
C GLU G 162 42.57 -24.97 2.22
N LEU G 163 42.26 -24.34 3.36
CA LEU G 163 41.81 -22.95 3.37
C LEU G 163 42.32 -22.26 4.63
N HIS G 164 42.29 -20.93 4.59
CA HIS G 164 42.54 -20.10 5.75
C HIS G 164 41.21 -19.46 6.15
N LEU G 165 40.79 -19.72 7.39
CA LEU G 165 39.47 -19.31 7.84
C LEU G 165 39.57 -18.42 9.07
N SER G 166 38.73 -17.39 9.10
CA SER G 166 38.59 -16.51 10.25
C SER G 166 37.22 -16.73 10.89
N TRP G 167 37.03 -16.14 12.07
CA TRP G 167 35.82 -16.40 12.84
C TRP G 167 35.30 -15.11 13.46
N GLU G 168 34.01 -15.11 13.76
CA GLU G 168 33.34 -13.95 14.33
C GLU G 168 33.87 -13.68 15.73
N VAL G 169 33.95 -12.40 16.08
CA VAL G 169 34.45 -11.98 17.39
C VAL G 169 33.31 -12.01 18.39
N GLY G 170 33.62 -12.44 19.62
CA GLY G 170 32.65 -12.48 20.69
C GLY G 170 31.88 -13.78 20.80
N LYS G 171 32.02 -14.70 19.85
CA LYS G 171 31.34 -15.98 19.88
C LYS G 171 32.36 -17.08 19.64
N PRO G 172 32.22 -18.23 20.31
CA PRO G 172 33.27 -19.24 20.27
C PRO G 172 33.33 -20.01 18.96
N ARG G 173 34.22 -21.01 18.88
CA ARG G 173 34.40 -21.82 17.69
C ARG G 173 33.96 -23.25 17.91
N PRO G 174 33.13 -23.81 17.04
CA PRO G 174 32.71 -25.20 17.17
C PRO G 174 33.88 -26.14 16.95
N PRO G 175 33.72 -27.43 17.29
CA PRO G 175 34.84 -28.38 17.15
C PRO G 175 35.32 -28.57 15.72
N LEU G 176 36.38 -29.36 15.56
CA LEU G 176 37.11 -29.49 14.31
C LEU G 176 36.88 -30.84 13.64
N ASN G 177 35.65 -31.34 13.69
CA ASN G 177 35.32 -32.64 13.12
C ASN G 177 34.03 -32.52 12.32
N ARG G 178 33.65 -33.62 11.67
CA ARG G 178 32.40 -33.70 10.92
C ARG G 178 31.20 -33.94 11.81
N ASN G 179 31.39 -33.97 13.14
CA ASN G 179 30.27 -34.15 14.05
C ASN G 179 29.22 -33.06 13.90
N TYR G 180 29.62 -31.87 13.45
CA TYR G 180 28.69 -30.79 13.16
C TYR G 180 29.04 -30.24 11.77
N VAL G 181 28.30 -30.69 10.77
CA VAL G 181 28.57 -30.33 9.39
C VAL G 181 28.08 -28.90 9.15
N PHE G 182 28.96 -28.06 8.61
CA PHE G 182 28.62 -26.68 8.32
C PHE G 182 27.72 -26.61 7.09
N THR G 183 27.25 -25.41 6.77
CA THR G 183 26.51 -25.18 5.54
C THR G 183 26.70 -23.72 5.15
N GLY G 184 27.61 -23.48 4.21
CA GLY G 184 27.84 -22.14 3.69
C GLY G 184 26.99 -21.88 2.46
N TYR G 185 26.75 -20.60 2.20
CA TYR G 185 26.08 -20.14 0.99
C TYR G 185 26.95 -19.07 0.35
N ARG G 186 26.85 -18.95 -0.98
CA ARG G 186 27.69 -18.01 -1.72
C ARG G 186 27.11 -16.61 -1.64
N VAL G 187 27.91 -15.67 -1.15
CA VAL G 187 27.47 -14.29 -0.91
C VAL G 187 27.64 -13.49 -2.20
N THR G 188 26.59 -12.79 -2.60
CA THR G 188 26.59 -11.92 -3.75
C THR G 188 26.16 -10.52 -3.31
N LYS G 189 26.04 -9.59 -4.26
CA LYS G 189 25.66 -8.23 -3.93
C LYS G 189 24.28 -8.17 -3.31
N ASN G 190 23.41 -9.13 -3.62
CA ASN G 190 22.05 -9.16 -3.07
C ASN G 190 21.98 -9.95 -1.77
N SER G 191 22.41 -11.21 -1.79
CA SER G 191 22.30 -12.06 -0.61
C SER G 191 23.29 -13.21 -0.74
N LYS G 192 23.16 -14.18 0.16
CA LYS G 192 24.00 -15.37 0.22
C LYS G 192 23.17 -16.61 -0.11
N VAL G 193 23.63 -17.39 -1.10
CA VAL G 193 22.89 -18.55 -1.60
C VAL G 193 23.88 -19.64 -2.07
N GLN G 194 23.56 -20.88 -1.72
CA GLN G 194 23.93 -22.12 -2.44
C GLN G 194 25.46 -22.31 -2.60
N ILE G 195 26.11 -22.61 -1.48
CA ILE G 195 27.44 -23.24 -1.50
C ILE G 195 27.35 -24.74 -1.17
N GLY G 196 26.82 -25.07 0.01
CA GLY G 196 26.68 -26.47 0.37
C GLY G 196 27.13 -26.82 1.78
N GLU G 197 27.07 -28.10 2.14
CA GLU G 197 27.41 -28.55 3.49
C GLU G 197 28.85 -29.03 3.54
N TYR G 198 29.61 -28.52 4.51
CA TYR G 198 31.05 -28.75 4.58
C TYR G 198 31.44 -29.14 6.00
N THR G 199 32.59 -29.82 6.11
CA THR G 199 33.19 -30.15 7.39
C THR G 199 34.61 -29.62 7.43
N PHE G 200 34.97 -28.96 8.53
CA PHE G 200 36.26 -28.30 8.67
C PHE G 200 37.10 -29.01 9.71
N GLU G 201 38.36 -29.25 9.38
CA GLU G 201 39.31 -29.88 10.29
C GLU G 201 40.68 -29.26 10.08
N LYS G 202 41.51 -29.35 11.11
CA LYS G 202 42.84 -28.73 11.09
C LYS G 202 43.69 -29.32 9.97
N GLY G 203 44.38 -28.43 9.25
CA GLY G 203 45.28 -28.84 8.19
C GLY G 203 46.62 -28.12 8.23
N ALA G 208 45.62 -22.54 8.83
CA ALA G 208 45.41 -23.58 7.82
C ALA G 208 44.34 -24.56 8.28
N VAL G 209 43.29 -24.71 7.48
CA VAL G 209 42.18 -25.62 7.79
C VAL G 209 41.90 -26.46 6.56
N VAL G 210 41.29 -27.62 6.77
CA VAL G 210 40.91 -28.53 5.69
C VAL G 210 39.39 -28.61 5.65
N TYR G 211 38.82 -28.31 4.48
CA TYR G 211 37.39 -28.43 4.28
C TYR G 211 37.10 -29.70 3.48
N ARG G 212 36.14 -30.49 3.94
CA ARG G 212 35.72 -31.72 3.27
C ARG G 212 34.31 -31.50 2.72
N GLY G 213 34.23 -30.93 1.52
CA GLY G 213 32.96 -30.73 0.88
C GLY G 213 32.38 -32.01 0.32
N THR G 214 31.08 -31.97 0.03
CA THR G 214 30.42 -33.14 -0.55
C THR G 214 30.68 -33.24 -2.04
N THR G 215 30.26 -32.22 -2.80
CA THR G 215 30.46 -32.18 -4.24
C THR G 215 31.65 -31.30 -4.59
N THR G 216 32.06 -31.36 -5.85
CA THR G 216 33.17 -30.54 -6.33
C THR G 216 32.77 -29.07 -6.30
N TYR G 217 33.70 -28.22 -5.88
CA TYR G 217 33.41 -26.80 -5.69
C TYR G 217 34.71 -26.02 -5.76
N LYS G 218 34.56 -24.71 -5.96
CA LYS G 218 35.68 -23.76 -5.95
C LYS G 218 35.34 -22.65 -4.98
N LEU G 219 35.95 -22.69 -3.79
CA LEU G 219 35.67 -21.72 -2.75
C LEU G 219 36.65 -20.55 -2.83
N ASN G 220 36.09 -19.35 -2.95
CA ASN G 220 36.88 -18.13 -3.04
C ASN G 220 36.74 -17.33 -1.75
N VAL G 221 37.37 -16.15 -1.73
CA VAL G 221 37.34 -15.31 -0.54
C VAL G 221 35.96 -14.70 -0.37
N GLY G 222 35.61 -14.39 0.88
CA GLY G 222 34.33 -13.81 1.21
C GLY G 222 33.22 -14.82 1.45
N ASP G 223 33.42 -16.08 1.07
CA ASP G 223 32.43 -17.11 1.30
C ASP G 223 32.55 -17.65 2.72
N TYR G 224 31.50 -17.50 3.52
CA TYR G 224 31.52 -17.94 4.91
C TYR G 224 30.44 -18.97 5.16
N PHE G 225 30.74 -19.89 6.08
CA PHE G 225 29.92 -21.06 6.36
C PHE G 225 29.29 -20.94 7.73
N VAL G 226 28.03 -21.38 7.84
CA VAL G 226 27.27 -21.30 9.07
C VAL G 226 26.77 -22.69 9.43
N LEU G 227 26.45 -22.86 10.71
CA LEU G 227 25.80 -24.08 11.20
C LEU G 227 24.28 -23.86 11.09
N THR G 228 23.75 -24.16 9.91
CA THR G 228 22.35 -23.89 9.62
C THR G 228 21.44 -24.65 10.57
N SER G 229 20.38 -23.97 11.02
CA SER G 229 19.41 -24.53 11.94
C SER G 229 18.05 -24.64 11.27
N HIS G 230 17.25 -25.58 11.74
CA HIS G 230 15.89 -25.78 11.27
C HIS G 230 14.92 -25.61 12.45
N THR G 231 13.63 -25.54 12.12
CA THR G 231 12.58 -25.33 13.11
C THR G 231 12.04 -26.69 13.54
N VAL G 232 12.31 -27.06 14.79
CA VAL G 232 11.78 -28.32 15.33
C VAL G 232 10.28 -28.19 15.51
N MET G 233 9.54 -29.15 15.00
CA MET G 233 8.08 -29.09 15.03
C MET G 233 7.50 -30.00 16.09
N PRO G 234 6.31 -29.67 16.62
CA PRO G 234 5.77 -30.43 17.75
C PRO G 234 5.32 -31.83 17.36
N LEU G 235 5.95 -32.83 17.96
CA LEU G 235 5.66 -34.22 17.67
C LEU G 235 4.33 -34.64 18.28
N SER G 236 3.70 -35.63 17.66
CA SER G 236 2.39 -36.10 18.07
C SER G 236 2.39 -37.54 18.58
N ALA G 237 2.88 -38.47 17.78
CA ALA G 237 2.75 -39.89 18.07
C ALA G 237 3.69 -40.32 19.21
N PRO G 238 3.34 -41.41 19.90
CA PRO G 238 4.26 -41.96 20.90
C PRO G 238 5.45 -42.66 20.26
N THR G 239 6.51 -42.83 21.05
CA THR G 239 7.70 -43.53 20.57
C THR G 239 7.42 -44.98 20.26
N LEU G 240 6.55 -45.63 21.05
CA LEU G 240 6.17 -47.01 20.81
C LEU G 240 4.66 -47.13 20.91
N VAL G 241 4.06 -47.82 19.95
CA VAL G 241 2.62 -48.09 19.95
C VAL G 241 2.34 -49.12 21.04
N PRO G 242 1.11 -49.22 21.54
CA PRO G 242 0.84 -50.18 22.62
C PRO G 242 1.15 -51.60 22.20
N GLN G 243 1.72 -52.36 23.14
CA GLN G 243 2.05 -53.76 22.88
C GLN G 243 0.82 -54.63 22.95
N GLU G 244 0.70 -55.56 22.00
CA GLU G 244 -0.42 -56.49 21.95
C GLU G 244 0.05 -57.77 21.30
N HIS G 245 0.03 -58.87 22.04
CA HIS G 245 0.44 -60.17 21.53
C HIS G 245 -0.78 -60.87 20.95
N TYR G 246 -0.71 -61.22 19.68
CA TYR G 246 -1.84 -61.79 18.96
C TYR G 246 -1.85 -63.30 19.08
N VAL G 247 -2.90 -63.91 18.52
CA VAL G 247 -3.05 -65.36 18.59
C VAL G 247 -2.67 -66.06 17.29
N ARG G 248 -2.60 -65.33 16.18
CA ARG G 248 -2.23 -65.90 14.89
C ARG G 248 -1.41 -64.86 14.12
N ILE G 249 -0.88 -65.29 12.97
CA ILE G 249 -0.11 -64.40 12.11
C ILE G 249 -1.08 -63.39 11.51
N THR G 250 -0.98 -62.14 11.95
CA THR G 250 -1.96 -61.12 11.62
C THR G 250 -1.54 -60.34 10.37
N GLY G 251 -2.38 -60.42 9.33
CA GLY G 251 -2.24 -59.58 8.16
C GLY G 251 -1.29 -60.09 7.09
N LEU G 252 -0.59 -61.19 7.32
CA LEU G 252 0.40 -61.68 6.37
C LEU G 252 0.21 -63.16 6.10
N TYR G 253 0.57 -63.57 4.87
CA TYR G 253 0.42 -64.95 4.41
C TYR G 253 1.76 -65.66 4.49
N PRO G 254 1.88 -66.73 5.29
CA PRO G 254 3.19 -67.37 5.48
C PRO G 254 3.78 -67.92 4.20
N THR G 255 5.11 -67.99 4.16
CA THR G 255 5.85 -68.40 2.98
C THR G 255 5.75 -69.90 2.76
N LEU G 256 5.85 -70.31 1.50
CA LEU G 256 5.78 -71.72 1.12
C LEU G 256 7.13 -72.42 1.31
N ASN G 257 8.17 -71.95 0.62
CA ASN G 257 9.49 -72.56 0.66
C ASN G 257 10.47 -71.64 1.38
N ILE G 258 11.56 -72.23 1.85
CA ILE G 258 12.49 -71.55 2.72
C ILE G 258 13.88 -71.54 2.09
N SER G 259 14.70 -70.59 2.52
CA SER G 259 16.09 -70.47 2.10
C SER G 259 17.00 -70.77 3.28
N ASP G 260 18.07 -71.53 3.03
CA ASP G 260 18.98 -71.90 4.11
C ASP G 260 19.63 -70.70 4.76
N GLU G 261 19.92 -69.66 3.98
CA GLU G 261 20.44 -68.42 4.57
C GLU G 261 19.41 -67.70 5.42
N PHE G 262 18.13 -68.03 5.27
CA PHE G 262 17.07 -67.48 6.11
C PHE G 262 16.51 -68.52 7.08
N SER G 263 17.18 -69.67 7.22
CA SER G 263 16.72 -70.69 8.15
C SER G 263 16.77 -70.18 9.58
N SER G 264 17.87 -69.51 9.95
CA SER G 264 17.96 -68.89 11.26
C SER G 264 17.15 -67.61 11.36
N ASN G 265 16.66 -67.09 10.24
CA ASN G 265 15.82 -65.90 10.24
C ASN G 265 14.36 -66.23 10.50
N VAL G 266 13.82 -67.24 9.81
CA VAL G 266 12.40 -67.56 9.92
C VAL G 266 12.06 -68.04 11.33
N ALA G 267 12.98 -68.76 11.99
CA ALA G 267 12.73 -69.26 13.33
C ALA G 267 12.35 -68.13 14.28
N ASN G 268 12.90 -66.94 14.07
CA ASN G 268 12.54 -65.77 14.84
C ASN G 268 11.52 -64.87 14.14
N TYR G 269 11.03 -65.27 12.97
CA TYR G 269 10.17 -64.40 12.18
C TYR G 269 8.69 -64.52 12.52
N GLN G 270 8.22 -65.69 12.94
CA GLN G 270 6.81 -65.81 13.28
C GLN G 270 6.45 -64.91 14.45
N LYS G 271 7.31 -64.87 15.48
CA LYS G 271 7.06 -63.99 16.61
C LYS G 271 7.15 -62.52 16.24
N VAL G 272 7.80 -62.19 15.11
CA VAL G 272 7.77 -60.82 14.62
C VAL G 272 6.37 -60.45 14.18
N GLY G 273 5.73 -61.31 13.38
CA GLY G 273 4.37 -61.13 12.97
C GLY G 273 3.33 -61.62 13.95
N MET G 274 3.77 -62.24 15.05
CA MET G 274 2.85 -62.71 16.09
C MET G 274 2.40 -61.59 17.01
N GLN G 275 3.04 -60.42 16.95
CA GLN G 275 2.76 -59.34 17.88
C GLN G 275 3.00 -58.01 17.18
N LYS G 276 2.51 -56.94 17.82
CA LYS G 276 2.60 -55.61 17.23
C LYS G 276 4.06 -55.20 16.98
N TYR G 277 4.83 -55.05 18.04
CA TYR G 277 6.22 -54.63 17.93
C TYR G 277 7.12 -55.64 18.62
N SER G 278 8.32 -55.81 18.08
CA SER G 278 9.28 -56.77 18.61
C SER G 278 10.67 -56.17 18.58
N THR G 279 11.45 -56.44 19.62
CA THR G 279 12.76 -55.84 19.82
C THR G 279 13.86 -56.82 19.40
N LEU G 280 15.05 -56.29 19.12
CA LEU G 280 16.15 -57.05 18.54
C LEU G 280 17.38 -56.98 19.44
N GLN G 281 18.15 -58.06 19.46
CA GLN G 281 19.50 -58.04 20.02
C GLN G 281 20.46 -58.22 18.85
N GLY G 282 20.86 -57.09 18.26
CA GLY G 282 21.66 -57.12 17.06
C GLY G 282 23.11 -56.72 17.30
N PRO G 283 24.00 -57.71 17.33
CA PRO G 283 25.42 -57.43 17.45
C PRO G 283 26.00 -57.01 16.11
N PRO G 284 27.15 -56.33 16.11
CA PRO G 284 27.75 -55.92 14.85
C PRO G 284 28.12 -57.11 13.97
N GLY G 285 27.78 -57.00 12.69
CA GLY G 285 28.14 -58.03 11.72
C GLY G 285 27.47 -59.37 11.93
N THR G 286 26.18 -59.39 12.25
CA THR G 286 25.42 -60.61 12.40
C THR G 286 24.34 -60.76 11.34
N GLY G 287 24.34 -59.91 10.31
CA GLY G 287 23.33 -59.99 9.28
C GLY G 287 22.00 -59.35 9.65
N LYS G 288 22.03 -58.28 10.44
CA LYS G 288 20.79 -57.56 10.76
C LYS G 288 20.16 -56.97 9.51
N SER G 289 20.99 -56.41 8.61
CA SER G 289 20.48 -56.01 7.30
C SER G 289 19.95 -57.22 6.54
N HIS G 290 20.69 -58.33 6.59
CA HIS G 290 20.19 -59.57 6.01
C HIS G 290 18.96 -60.07 6.76
N PHE G 291 18.89 -59.84 8.07
CA PHE G 291 17.67 -60.13 8.83
C PHE G 291 16.51 -59.29 8.33
N ALA G 292 16.74 -58.00 8.09
CA ALA G 292 15.68 -57.14 7.57
C ALA G 292 15.25 -57.57 6.18
N ILE G 293 16.21 -57.97 5.34
CA ILE G 293 15.89 -58.44 4.00
C ILE G 293 15.04 -59.71 4.06
N GLY G 294 15.20 -60.49 5.12
CA GLY G 294 14.48 -61.76 5.23
C GLY G 294 12.99 -61.61 5.22
N LEU G 295 12.46 -60.57 5.87
CA LEU G 295 11.02 -60.36 5.90
C LEU G 295 10.44 -60.18 4.51
N ALA G 296 11.19 -59.55 3.60
CA ALA G 296 10.74 -59.43 2.22
C ALA G 296 10.65 -60.79 1.53
N LEU G 297 11.65 -61.64 1.73
CA LEU G 297 11.58 -63.00 1.19
C LEU G 297 10.67 -63.89 2.03
N TYR G 298 10.55 -63.61 3.33
CA TYR G 298 9.62 -64.38 4.15
C TYR G 298 8.18 -63.91 3.95
N TYR G 299 7.98 -62.75 3.33
CA TYR G 299 6.65 -62.27 2.99
C TYR G 299 6.74 -61.45 1.71
N PRO G 300 6.51 -62.06 0.54
CA PRO G 300 6.63 -61.32 -0.71
C PRO G 300 5.59 -60.22 -0.86
N SER G 301 4.41 -60.43 -0.29
CA SER G 301 3.33 -59.46 -0.39
C SER G 301 3.39 -58.38 0.66
N ALA G 302 4.28 -58.49 1.64
CA ALA G 302 4.40 -57.47 2.67
C ALA G 302 5.03 -56.21 2.09
N ARG G 303 4.44 -55.06 2.41
CA ARG G 303 4.98 -53.76 2.01
C ARG G 303 5.80 -53.25 3.18
N ILE G 304 7.11 -53.50 3.15
CA ILE G 304 7.99 -53.13 4.24
C ILE G 304 8.74 -51.86 3.85
N VAL G 305 9.12 -51.08 4.85
CA VAL G 305 9.75 -49.79 4.66
C VAL G 305 11.10 -49.80 5.36
N TYR G 306 12.15 -49.44 4.64
CA TYR G 306 13.50 -49.44 5.16
C TYR G 306 13.83 -48.05 5.71
N THR G 307 14.02 -47.95 7.02
CA THR G 307 14.23 -46.68 7.68
C THR G 307 15.44 -46.77 8.61
N ALA G 308 16.15 -45.64 8.71
CA ALA G 308 17.32 -45.54 9.57
C ALA G 308 17.63 -44.07 9.80
N CYS G 309 18.60 -43.81 10.69
CA CYS G 309 18.94 -42.45 11.06
C CYS G 309 19.58 -41.66 9.93
N SER G 310 20.28 -42.32 9.02
CA SER G 310 20.96 -41.65 7.92
C SER G 310 20.77 -42.45 6.64
N HIS G 311 20.88 -41.74 5.51
CA HIS G 311 20.82 -42.40 4.20
C HIS G 311 21.94 -43.42 4.04
N ALA G 312 23.11 -43.18 4.65
CA ALA G 312 24.20 -44.14 4.62
C ALA G 312 23.89 -45.40 5.42
N ALA G 313 22.96 -45.33 6.37
CA ALA G 313 22.52 -46.52 7.10
C ALA G 313 21.41 -47.26 6.35
N VAL G 314 20.49 -46.52 5.72
CA VAL G 314 19.56 -47.13 4.79
C VAL G 314 20.31 -47.69 3.59
N ASP G 315 21.45 -47.06 3.24
CA ASP G 315 22.30 -47.58 2.19
C ASP G 315 22.70 -49.03 2.45
N ALA G 316 22.95 -49.38 3.71
CA ALA G 316 23.22 -50.77 4.05
C ALA G 316 22.04 -51.66 3.72
N LEU G 317 20.82 -51.20 4.04
CA LEU G 317 19.63 -51.91 3.60
C LEU G 317 19.48 -51.88 2.08
N CYS G 318 19.82 -50.74 1.46
CA CYS G 318 19.83 -50.68 0.00
C CYS G 318 20.96 -51.53 -0.58
N GLU G 319 22.05 -51.70 0.17
CA GLU G 319 23.14 -52.55 -0.30
C GLU G 319 22.68 -53.99 -0.49
N LYS G 320 21.90 -54.51 0.44
CA LYS G 320 21.34 -55.85 0.34
C LYS G 320 20.01 -55.89 -0.42
N ALA G 321 19.56 -54.75 -0.94
CA ALA G 321 18.33 -54.71 -1.73
C ALA G 321 18.60 -54.95 -3.21
N LEU G 322 19.74 -54.47 -3.71
CA LEU G 322 20.03 -54.65 -5.13
C LEU G 322 20.30 -56.11 -5.48
N LYS G 323 20.60 -56.94 -4.48
CA LYS G 323 20.92 -58.33 -4.74
C LYS G 323 19.69 -59.22 -4.64
N TYR G 324 19.01 -59.21 -3.49
CA TYR G 324 17.86 -60.08 -3.27
C TYR G 324 16.53 -59.44 -3.63
N LEU G 325 16.34 -58.16 -3.36
CA LEU G 325 15.06 -57.51 -3.61
C LEU G 325 14.90 -57.25 -5.10
N PRO G 326 13.73 -57.54 -5.67
CA PRO G 326 13.47 -57.19 -7.07
C PRO G 326 13.44 -55.67 -7.22
N ILE G 327 14.28 -55.16 -8.12
CA ILE G 327 14.47 -53.72 -8.31
C ILE G 327 13.18 -53.10 -8.84
N ASP G 328 12.29 -53.93 -9.39
CA ASP G 328 11.03 -53.45 -9.93
C ASP G 328 10.06 -52.98 -8.86
N LYS G 329 10.35 -53.22 -7.58
CA LYS G 329 9.44 -52.87 -6.51
C LYS G 329 10.09 -52.00 -5.43
N CYS G 330 11.29 -51.48 -5.68
CA CYS G 330 12.00 -50.67 -4.70
C CYS G 330 11.92 -49.19 -5.03
N SER G 331 11.97 -48.37 -3.98
CA SER G 331 11.94 -46.92 -4.14
C SER G 331 12.79 -46.29 -3.03
N ARG G 332 13.75 -45.46 -3.43
CA ARG G 332 14.58 -44.70 -2.50
C ARG G 332 14.11 -43.25 -2.50
N ILE G 333 13.80 -42.73 -1.32
CA ILE G 333 13.29 -41.38 -1.17
C ILE G 333 14.40 -40.52 -0.58
N ILE G 334 14.78 -39.48 -1.32
CA ILE G 334 15.81 -38.55 -0.87
C ILE G 334 15.28 -37.13 -1.05
N PRO G 335 15.33 -36.29 -0.02
CA PRO G 335 14.80 -34.92 -0.17
C PRO G 335 15.65 -34.07 -1.11
N ALA G 336 14.99 -33.10 -1.73
CA ALA G 336 15.67 -32.21 -2.66
C ALA G 336 16.45 -31.13 -1.91
N VAL G 340 22.14 -34.24 -1.22
CA VAL G 340 23.24 -35.10 -0.81
C VAL G 340 23.28 -36.36 -1.66
N GLU G 341 24.47 -36.74 -2.11
CA GLU G 341 24.61 -37.91 -2.97
C GLU G 341 24.60 -39.19 -2.13
N CYS G 342 23.88 -40.18 -2.62
CA CYS G 342 23.76 -41.49 -1.96
C CYS G 342 23.29 -42.49 -3.00
N PHE G 343 22.90 -43.67 -2.54
CA PHE G 343 22.38 -44.70 -3.43
C PHE G 343 21.07 -44.24 -4.06
N ASP G 344 20.96 -44.40 -5.38
CA ASP G 344 19.75 -44.07 -6.11
C ASP G 344 19.45 -45.13 -7.15
N LYS G 345 19.75 -46.39 -6.83
CA LYS G 345 19.48 -47.50 -7.72
C LYS G 345 17.98 -47.75 -7.90
N PHE G 346 17.15 -47.14 -7.08
CA PHE G 346 15.70 -47.25 -7.16
C PHE G 346 15.15 -45.95 -7.75
N LYS G 347 13.82 -45.90 -7.92
CA LYS G 347 13.16 -44.69 -8.41
C LYS G 347 12.82 -43.79 -7.23
N VAL G 348 13.00 -42.48 -7.42
CA VAL G 348 12.94 -41.52 -6.33
C VAL G 348 11.55 -40.91 -6.25
N ASN G 349 11.16 -40.53 -5.04
CA ASN G 349 9.88 -39.88 -4.76
C ASN G 349 8.71 -40.71 -5.30
N SER G 350 8.61 -41.93 -4.80
CA SER G 350 7.54 -42.87 -5.18
C SER G 350 6.93 -43.44 -3.90
N THR G 351 5.91 -42.76 -3.38
CA THR G 351 5.25 -43.22 -2.17
C THR G 351 4.55 -44.56 -2.39
N LEU G 352 3.86 -44.70 -3.53
CA LEU G 352 3.08 -45.90 -3.82
C LEU G 352 3.97 -47.00 -4.40
N GLU G 353 4.81 -47.56 -3.53
CA GLU G 353 5.70 -48.65 -3.90
C GLU G 353 5.75 -49.69 -2.78
N GLN G 354 6.17 -50.90 -3.14
CA GLN G 354 6.25 -51.99 -2.20
C GLN G 354 7.45 -51.82 -1.25
N TYR G 355 8.65 -51.79 -1.81
CA TYR G 355 9.86 -51.62 -1.02
C TYR G 355 10.23 -50.14 -1.01
N VAL G 356 10.23 -49.53 0.18
CA VAL G 356 10.49 -48.11 0.34
C VAL G 356 11.76 -47.96 1.18
N PHE G 357 12.70 -47.16 0.68
CA PHE G 357 13.98 -46.93 1.33
C PHE G 357 14.13 -45.44 1.56
N CYS G 358 14.12 -45.03 2.83
CA CYS G 358 14.23 -43.61 3.13
C CYS G 358 14.74 -43.43 4.56
N THR G 359 15.27 -42.24 4.81
CA THR G 359 15.72 -41.85 6.14
C THR G 359 14.53 -41.35 6.94
N VAL G 360 14.61 -41.50 8.26
CA VAL G 360 13.53 -41.15 9.16
C VAL G 360 13.09 -39.70 9.05
N ASN G 361 13.91 -38.84 8.42
CA ASN G 361 13.59 -37.43 8.33
C ASN G 361 12.85 -37.03 7.06
N ALA G 362 12.61 -37.97 6.13
CA ALA G 362 12.06 -37.59 4.84
C ALA G 362 10.96 -38.50 4.30
N LEU G 363 10.63 -39.59 4.96
CA LEU G 363 9.59 -40.46 4.43
C LEU G 363 8.22 -39.86 4.73
N PRO G 364 7.35 -39.71 3.73
CA PRO G 364 6.03 -39.10 3.96
C PRO G 364 5.15 -39.98 4.83
N GLU G 365 3.96 -39.46 5.13
CA GLU G 365 3.02 -40.12 6.02
C GLU G 365 2.28 -41.21 5.25
N THR G 366 2.61 -42.47 5.53
CA THR G 366 1.98 -43.61 4.86
C THR G 366 1.52 -44.65 5.88
N THR G 367 1.13 -45.82 5.39
CA THR G 367 0.87 -46.98 6.23
C THR G 367 1.72 -48.13 5.75
N ALA G 368 2.21 -48.93 6.70
CA ALA G 368 3.17 -49.99 6.39
C ALA G 368 2.67 -51.31 6.94
N ASP G 369 2.87 -52.37 6.15
CA ASP G 369 2.59 -53.72 6.63
C ASP G 369 3.49 -54.09 7.80
N ILE G 370 4.78 -53.78 7.68
CA ILE G 370 5.76 -54.04 8.72
C ILE G 370 6.96 -53.13 8.52
N VAL G 371 7.39 -52.45 9.58
CA VAL G 371 8.49 -51.51 9.47
C VAL G 371 9.79 -52.19 9.93
N VAL G 372 10.90 -51.74 9.34
CA VAL G 372 12.24 -52.11 9.79
C VAL G 372 12.94 -50.81 10.16
N PHE G 373 13.40 -50.72 11.42
CA PHE G 373 14.07 -49.52 11.90
C PHE G 373 15.54 -49.86 12.12
N ASP G 374 16.39 -49.54 11.15
CA ASP G 374 17.80 -49.82 11.25
C ASP G 374 18.48 -48.84 12.18
N GLU G 375 19.41 -49.35 12.99
CA GLU G 375 20.27 -48.54 13.85
C GLU G 375 19.45 -47.70 14.83
N ILE G 376 18.75 -48.39 15.73
CA ILE G 376 17.88 -47.72 16.68
C ILE G 376 18.65 -46.98 17.77
N SER G 377 19.95 -47.25 17.91
CA SER G 377 20.71 -46.64 19.01
C SER G 377 20.82 -45.13 18.86
N MET G 378 21.24 -44.66 17.67
CA MET G 378 21.44 -43.24 17.47
C MET G 378 20.13 -42.49 17.26
N ALA G 379 19.03 -43.20 17.04
CA ALA G 379 17.73 -42.56 16.90
C ALA G 379 17.13 -42.37 18.29
N THR G 380 17.14 -41.13 18.78
CA THR G 380 16.65 -40.81 20.11
C THR G 380 15.13 -40.81 20.15
N ASN G 381 14.57 -40.43 21.30
CA ASN G 381 13.13 -40.38 21.46
C ASN G 381 12.45 -39.46 20.44
N TYR G 382 13.17 -38.47 19.92
CA TYR G 382 12.62 -37.61 18.88
C TYR G 382 12.25 -38.43 17.65
N ASP G 383 13.25 -39.01 16.99
CA ASP G 383 12.97 -39.80 15.80
C ASP G 383 12.39 -41.16 16.10
N LEU G 384 12.41 -41.60 17.37
CA LEU G 384 11.69 -42.80 17.76
C LEU G 384 10.19 -42.62 17.53
N SER G 385 9.66 -41.46 17.90
CA SER G 385 8.25 -41.16 17.72
C SER G 385 7.95 -40.50 16.37
N VAL G 386 8.97 -40.03 15.65
CA VAL G 386 8.74 -39.44 14.34
C VAL G 386 8.14 -40.46 13.39
N VAL G 387 8.69 -41.68 13.39
CA VAL G 387 8.23 -42.69 12.46
C VAL G 387 6.77 -43.07 12.73
N ASN G 388 6.40 -43.21 14.00
CA ASN G 388 5.01 -43.55 14.32
C ASN G 388 4.06 -42.44 13.89
N ALA G 389 4.51 -41.19 13.87
CA ALA G 389 3.69 -40.11 13.33
C ALA G 389 3.47 -40.29 11.84
N ARG G 390 4.50 -40.68 11.10
CA ARG G 390 4.36 -40.87 9.65
C ARG G 390 3.58 -42.13 9.34
N LEU G 391 3.90 -43.24 10.00
CA LEU G 391 3.28 -44.52 9.68
C LEU G 391 2.69 -45.16 10.93
N ARG G 392 1.46 -45.66 10.82
CA ARG G 392 0.85 -46.52 11.84
C ARG G 392 1.07 -47.96 11.37
N ALA G 393 2.33 -48.39 11.44
CA ALA G 393 2.72 -49.67 10.89
C ALA G 393 1.98 -50.81 11.55
N LYS G 394 1.59 -51.80 10.74
CA LYS G 394 0.82 -52.92 11.25
C LYS G 394 1.72 -53.84 12.09
N HIS G 395 3.01 -53.89 11.76
CA HIS G 395 4.01 -54.61 12.53
C HIS G 395 5.21 -53.69 12.71
N TYR G 396 6.02 -53.97 13.73
CA TYR G 396 7.16 -53.12 14.06
C TYR G 396 8.38 -53.97 14.38
N VAL G 397 9.51 -53.61 13.78
CA VAL G 397 10.80 -54.26 14.04
C VAL G 397 11.82 -53.18 14.35
N TYR G 398 12.60 -53.38 15.42
CA TYR G 398 13.61 -52.43 15.88
C TYR G 398 15.00 -53.04 15.63
N ILE G 399 15.56 -52.79 14.45
CA ILE G 399 16.89 -53.30 14.13
C ILE G 399 17.94 -52.37 14.72
N GLY G 400 18.69 -52.88 15.68
CA GLY G 400 19.68 -52.07 16.36
C GLY G 400 19.99 -52.66 17.73
N ASP G 401 20.71 -51.88 18.53
CA ASP G 401 21.11 -52.38 19.83
C ASP G 401 21.42 -51.24 20.79
N PRO G 402 20.95 -51.32 22.04
CA PRO G 402 21.43 -50.38 23.05
C PRO G 402 22.92 -50.50 23.29
N ALA G 403 23.47 -51.70 23.09
CA ALA G 403 24.91 -51.91 23.14
C ALA G 403 25.53 -51.54 21.79
N GLN G 404 25.23 -50.34 21.31
CA GLN G 404 25.77 -49.83 20.06
C GLN G 404 25.80 -48.31 20.18
N LEU G 405 26.47 -47.65 19.24
CA LEU G 405 26.80 -46.24 19.38
C LEU G 405 25.53 -45.39 19.41
N PRO G 406 25.38 -44.52 20.40
CA PRO G 406 24.28 -43.54 20.38
C PRO G 406 24.69 -42.27 19.65
N ALA G 407 23.75 -41.34 19.51
CA ALA G 407 24.09 -40.04 18.95
C ALA G 407 24.97 -39.26 19.92
N PRO G 408 25.96 -38.52 19.42
CA PRO G 408 26.81 -37.71 20.29
C PRO G 408 26.05 -36.48 20.80
N ARG G 409 25.89 -36.40 22.11
CA ARG G 409 25.18 -35.30 22.75
C ARG G 409 26.15 -34.13 22.93
N THR G 410 25.90 -33.04 22.22
CA THR G 410 26.76 -31.87 22.33
C THR G 410 26.48 -31.04 23.58
N LEU G 411 25.36 -31.30 24.26
CA LEU G 411 25.01 -30.58 25.48
C LEU G 411 25.35 -31.36 26.74
N LEU G 412 25.49 -32.68 26.66
CA LEU G 412 25.84 -33.47 27.83
C LEU G 412 27.29 -33.20 28.22
N THR G 413 27.50 -32.64 29.41
CA THR G 413 28.82 -32.21 29.85
C THR G 413 29.37 -33.09 30.96
N LYS G 414 28.64 -33.25 32.06
CA LYS G 414 29.10 -34.03 33.20
C LYS G 414 28.23 -35.28 33.34
N GLY G 415 28.85 -36.38 33.74
CA GLY G 415 28.15 -37.65 33.85
C GLY G 415 27.97 -38.33 32.52
N THR G 416 28.14 -39.65 32.49
CA THR G 416 27.97 -40.44 31.28
C THR G 416 26.59 -41.09 31.30
N LEU G 417 25.78 -40.81 30.29
CA LEU G 417 24.41 -41.31 30.26
C LEU G 417 24.39 -42.81 29.99
N GLU G 418 23.57 -43.52 30.75
CA GLU G 418 23.58 -44.97 30.75
C GLU G 418 23.15 -45.52 29.40
N PRO G 419 23.71 -46.67 28.99
CA PRO G 419 23.30 -47.27 27.70
C PRO G 419 21.80 -47.57 27.62
N GLU G 420 21.18 -47.95 28.74
CA GLU G 420 19.76 -48.27 28.72
C GLU G 420 18.90 -47.03 28.50
N TYR G 421 19.36 -45.87 28.96
CA TYR G 421 18.54 -44.66 28.95
C TYR G 421 18.66 -43.86 27.65
N PHE G 422 19.02 -44.51 26.54
CA PHE G 422 19.06 -43.81 25.27
C PHE G 422 17.68 -43.39 24.82
N ASN G 423 16.72 -44.32 24.81
CA ASN G 423 15.35 -44.04 24.44
C ASN G 423 14.46 -45.12 25.04
N SER G 424 13.20 -45.16 24.59
CA SER G 424 12.24 -46.08 25.19
C SER G 424 12.54 -47.54 24.83
N VAL G 425 12.79 -47.82 23.55
CA VAL G 425 12.94 -49.21 23.12
C VAL G 425 14.22 -49.81 23.69
N CYS G 426 15.29 -49.03 23.75
CA CYS G 426 16.54 -49.52 24.35
C CYS G 426 16.41 -49.69 25.86
N ARG G 427 15.51 -48.95 26.49
CA ARG G 427 15.32 -49.10 27.94
C ARG G 427 14.70 -50.45 28.27
N LEU G 428 13.62 -50.82 27.58
CA LEU G 428 12.98 -52.11 27.80
C LEU G 428 13.88 -53.28 27.39
N MET G 429 14.90 -53.02 26.58
CA MET G 429 15.78 -54.08 26.13
C MET G 429 16.68 -54.59 27.24
N LYS G 430 16.87 -53.80 28.31
CA LYS G 430 17.65 -54.20 29.47
C LYS G 430 16.79 -54.65 30.64
N THR G 431 15.47 -54.52 30.55
CA THR G 431 14.56 -54.91 31.63
C THR G 431 13.76 -56.16 31.31
N ILE G 432 13.04 -56.17 30.19
CA ILE G 432 12.32 -57.36 29.76
C ILE G 432 13.12 -58.19 28.75
N GLY G 433 14.19 -57.64 28.19
CA GLY G 433 15.04 -58.36 27.28
C GLY G 433 14.58 -58.25 25.83
N PRO G 434 15.48 -58.58 24.91
CA PRO G 434 15.12 -58.54 23.49
C PRO G 434 14.32 -59.76 23.08
N ASP G 435 13.40 -59.54 22.14
CA ASP G 435 12.58 -60.63 21.64
C ASP G 435 13.32 -61.53 20.66
N MET G 436 14.27 -60.98 19.89
CA MET G 436 15.03 -61.75 18.92
C MET G 436 16.49 -61.82 19.35
N PHE G 437 17.23 -62.66 18.61
CA PHE G 437 18.68 -62.76 18.79
C PHE G 437 19.25 -63.52 17.60
N LEU G 438 20.35 -63.01 17.06
CA LEU G 438 21.10 -63.67 16.00
C LEU G 438 22.43 -64.13 16.58
N GLY G 439 22.60 -65.44 16.71
CA GLY G 439 23.71 -66.03 17.43
C GLY G 439 24.99 -66.22 16.64
N THR G 440 25.04 -65.78 15.39
CA THR G 440 26.23 -65.93 14.56
C THR G 440 26.78 -64.54 14.24
N CYS G 441 28.06 -64.32 14.53
CA CYS G 441 28.74 -63.08 14.19
C CYS G 441 29.48 -63.29 12.88
N ARG G 442 28.91 -62.79 11.79
CA ARG G 442 29.35 -63.16 10.46
C ARG G 442 30.69 -62.57 10.05
N ARG G 443 31.27 -61.67 10.85
CA ARG G 443 32.60 -61.17 10.55
C ARG G 443 33.61 -61.51 11.64
N CYS G 444 33.34 -61.20 12.90
CA CYS G 444 34.39 -61.25 13.91
C CYS G 444 34.77 -62.70 14.23
N PRO G 445 36.05 -62.98 14.46
CA PRO G 445 36.47 -64.33 14.84
C PRO G 445 36.32 -64.59 16.34
N ALA G 446 36.79 -65.76 16.79
CA ALA G 446 36.64 -66.13 18.19
C ALA G 446 37.36 -65.16 19.12
N GLU G 447 38.45 -64.55 18.65
CA GLU G 447 39.21 -63.64 19.50
C GLU G 447 38.44 -62.38 19.85
N ILE G 448 37.44 -62.00 19.04
CA ILE G 448 36.69 -60.77 19.26
C ILE G 448 35.29 -61.05 19.80
N VAL G 449 34.60 -62.04 19.24
CA VAL G 449 33.23 -62.33 19.67
C VAL G 449 33.21 -62.76 21.12
N ASP G 450 34.15 -63.63 21.51
CA ASP G 450 34.18 -64.10 22.89
C ASP G 450 34.43 -62.97 23.87
N THR G 451 35.33 -62.05 23.52
CA THR G 451 35.68 -60.96 24.43
C THR G 451 34.53 -59.97 24.56
N VAL G 452 33.94 -59.55 23.43
CA VAL G 452 32.85 -58.59 23.48
C VAL G 452 31.60 -59.20 24.12
N SER G 453 31.44 -60.52 24.06
CA SER G 453 30.27 -61.15 24.66
C SER G 453 30.30 -61.04 26.19
N ALA G 454 31.48 -61.15 26.79
CA ALA G 454 31.60 -61.08 28.24
C ALA G 454 31.57 -59.65 28.76
N LEU G 455 31.41 -58.65 27.90
CA LEU G 455 31.48 -57.25 28.32
C LEU G 455 30.11 -56.69 28.68
N VAL G 456 29.19 -56.66 27.72
CA VAL G 456 27.84 -56.13 27.96
C VAL G 456 26.82 -57.07 27.31
N TYR G 457 27.31 -58.12 26.66
CA TYR G 457 26.46 -59.00 25.87
C TYR G 457 25.95 -60.20 26.66
N ASP G 458 26.26 -60.27 27.97
CA ASP G 458 25.78 -61.32 28.86
C ASP G 458 26.32 -62.70 28.43
N ASN G 459 27.50 -62.70 27.78
CA ASN G 459 28.12 -63.93 27.27
C ASN G 459 27.17 -64.69 26.34
N LYS G 460 26.39 -63.95 25.56
CA LYS G 460 25.37 -64.52 24.70
C LYS G 460 25.84 -64.67 23.26
N LEU G 461 26.91 -63.98 22.87
CA LEU G 461 27.46 -64.06 21.53
C LEU G 461 28.57 -65.09 21.49
N LYS G 462 28.51 -66.00 20.52
CA LYS G 462 29.46 -67.10 20.41
C LYS G 462 30.27 -66.99 19.12
N ALA G 463 31.43 -67.64 19.12
CA ALA G 463 32.39 -67.55 18.02
C ALA G 463 31.81 -68.13 16.73
N HIS G 464 32.29 -67.60 15.61
CA HIS G 464 31.82 -68.03 14.29
C HIS G 464 32.71 -69.11 13.67
N LYS G 465 33.97 -68.81 13.39
CA LYS G 465 34.84 -69.77 12.72
C LYS G 465 36.00 -70.24 13.58
N ASP G 466 36.88 -69.32 14.00
CA ASP G 466 38.18 -69.68 14.56
C ASP G 466 38.70 -68.54 15.41
N LYS G 467 39.76 -68.84 16.18
CA LYS G 467 40.55 -67.85 16.89
C LYS G 467 41.78 -67.56 16.04
N SER G 468 41.72 -66.50 15.23
CA SER G 468 42.77 -66.22 14.28
C SER G 468 44.09 -65.82 14.93
N ALA G 469 44.05 -65.44 16.21
CA ALA G 469 45.24 -65.00 16.94
C ALA G 469 45.90 -63.80 16.27
N GLN G 470 45.13 -63.04 15.49
CA GLN G 470 45.62 -61.85 14.82
C GLN G 470 45.20 -60.57 15.52
N CYS G 471 44.54 -60.66 16.66
CA CYS G 471 44.18 -59.49 17.46
C CYS G 471 45.16 -59.36 18.62
N PHE G 472 45.78 -58.18 18.73
CA PHE G 472 46.86 -57.97 19.68
C PHE G 472 46.57 -56.74 20.53
N LYS G 473 47.01 -56.81 21.78
CA LYS G 473 46.90 -55.72 22.73
C LYS G 473 48.28 -55.43 23.32
N MET G 474 48.50 -54.16 23.68
N MET G 474 48.50 -54.17 23.67
CA MET G 474 49.79 -53.72 24.19
CA MET G 474 49.79 -53.73 24.20
C MET G 474 49.58 -52.90 25.46
C MET G 474 49.57 -52.92 25.47
N PHE G 475 50.56 -52.98 26.36
CA PHE G 475 50.55 -52.22 27.61
C PHE G 475 51.48 -51.04 27.44
N TYR G 476 51.00 -49.84 27.81
CA TYR G 476 51.79 -48.63 27.62
C TYR G 476 51.24 -47.50 28.49
N LYS G 477 52.01 -46.42 28.61
CA LYS G 477 51.65 -45.28 29.44
C LYS G 477 51.30 -44.04 28.63
N GLY G 478 52.21 -43.54 27.80
CA GLY G 478 51.95 -42.37 26.98
C GLY G 478 51.80 -41.09 27.78
N VAL G 479 52.00 -39.95 27.11
CA VAL G 479 51.71 -38.63 27.67
C VAL G 479 50.85 -37.89 26.65
N ILE G 480 49.69 -37.41 27.09
CA ILE G 480 48.70 -36.82 26.20
C ILE G 480 48.96 -35.32 26.06
N THR G 481 48.72 -34.81 24.85
CA THR G 481 48.70 -33.38 24.59
C THR G 481 47.43 -33.08 23.81
N HIS G 482 46.72 -32.02 24.23
CA HIS G 482 45.41 -31.71 23.68
C HIS G 482 45.39 -30.32 23.04
N ASP G 483 44.40 -30.13 22.17
CA ASP G 483 44.22 -28.91 21.39
C ASP G 483 42.74 -28.53 21.51
N VAL G 484 42.29 -27.64 20.62
CA VAL G 484 40.95 -27.07 20.75
C VAL G 484 39.88 -28.16 20.75
N SER G 485 39.96 -29.09 19.80
CA SER G 485 38.96 -30.14 19.68
C SER G 485 39.59 -31.49 19.36
N SER G 486 40.71 -31.80 20.00
CA SER G 486 41.39 -33.07 19.73
C SER G 486 42.38 -33.36 20.84
N ALA G 487 43.06 -34.51 20.71
CA ALA G 487 44.12 -34.92 21.61
C ALA G 487 44.93 -35.99 20.92
N ILE G 488 46.25 -35.77 20.82
CA ILE G 488 47.15 -36.66 20.09
C ILE G 488 48.11 -37.31 21.08
N ASN G 489 48.24 -38.62 20.99
CA ASN G 489 49.13 -39.38 21.87
C ASN G 489 50.41 -39.67 21.08
N ARG G 490 51.42 -38.83 21.30
CA ARG G 490 52.69 -38.95 20.59
C ARG G 490 53.37 -40.31 20.75
N PRO G 491 53.53 -40.87 21.96
CA PRO G 491 54.23 -42.16 22.05
C PRO G 491 53.54 -43.26 21.26
N GLN G 492 52.21 -43.25 21.22
CA GLN G 492 51.48 -44.23 20.41
C GLN G 492 51.70 -43.98 18.91
N ILE G 493 51.90 -42.72 18.52
CA ILE G 493 52.26 -42.43 17.14
C ILE G 493 53.66 -42.93 16.83
N GLY G 494 54.57 -42.84 17.81
CA GLY G 494 55.86 -43.48 17.65
C GLY G 494 55.77 -44.99 17.63
N VAL G 495 54.87 -45.56 18.41
CA VAL G 495 54.76 -47.02 18.49
C VAL G 495 54.16 -47.59 17.22
N VAL G 496 53.14 -46.92 16.64
CA VAL G 496 52.38 -47.52 15.56
C VAL G 496 53.27 -47.81 14.35
N ARG G 497 54.11 -46.85 13.97
CA ARG G 497 55.07 -47.10 12.90
C ARG G 497 56.08 -48.15 13.32
N GLU G 498 56.52 -48.10 14.58
CA GLU G 498 57.50 -49.05 15.09
C GLU G 498 56.98 -50.48 15.00
N PHE G 499 55.67 -50.67 15.20
CA PHE G 499 55.10 -52.01 15.18
C PHE G 499 54.96 -52.55 13.75
N LEU G 500 54.65 -51.67 12.80
CA LEU G 500 54.28 -52.12 11.46
C LEU G 500 55.48 -52.40 10.55
N THR G 501 56.66 -51.88 10.89
CA THR G 501 57.81 -52.01 9.99
C THR G 501 58.23 -53.46 9.83
N ARG G 502 58.23 -54.22 10.92
CA ARG G 502 58.77 -55.58 10.91
C ARG G 502 57.81 -56.61 10.31
N ASN G 503 56.75 -56.17 9.64
CA ASN G 503 55.86 -57.07 8.92
C ASN G 503 55.14 -56.27 7.85
N PRO G 504 55.65 -56.30 6.61
CA PRO G 504 55.08 -55.43 5.56
C PRO G 504 53.62 -55.75 5.22
N ALA G 505 53.13 -56.94 5.54
CA ALA G 505 51.73 -57.26 5.29
C ALA G 505 50.76 -56.49 6.19
N TRP G 506 51.28 -55.81 7.22
CA TRP G 506 50.42 -55.06 8.13
C TRP G 506 50.09 -53.67 7.61
N ARG G 507 50.64 -53.25 6.47
CA ARG G 507 50.38 -51.92 5.94
C ARG G 507 49.06 -51.83 5.18
N LYS G 508 48.35 -52.94 4.99
CA LYS G 508 47.04 -52.93 4.36
C LYS G 508 45.91 -52.69 5.36
N ALA G 509 46.24 -52.37 6.61
CA ALA G 509 45.27 -52.21 7.67
C ALA G 509 44.99 -50.72 7.91
N VAL G 510 43.71 -50.39 8.08
CA VAL G 510 43.29 -49.00 8.23
C VAL G 510 43.46 -48.58 9.69
N PHE G 511 43.70 -47.30 9.91
CA PHE G 511 43.92 -46.75 11.24
C PHE G 511 42.64 -46.15 11.80
N ILE G 512 42.26 -46.56 13.00
CA ILE G 512 41.05 -46.10 13.66
C ILE G 512 41.49 -45.11 14.73
N SER G 513 40.65 -44.08 14.98
CA SER G 513 41.06 -43.11 15.99
C SER G 513 39.85 -42.47 16.67
N PRO G 514 39.90 -42.28 18.00
CA PRO G 514 38.78 -41.63 18.70
C PRO G 514 38.66 -40.17 18.32
N TYR G 515 39.77 -39.44 18.44
CA TYR G 515 39.87 -38.07 17.95
C TYR G 515 40.53 -38.14 16.58
N ASN G 516 39.75 -37.89 15.53
CA ASN G 516 40.24 -38.10 14.17
C ASN G 516 41.39 -37.17 13.81
N SER G 517 41.56 -36.06 14.53
CA SER G 517 42.72 -35.20 14.27
C SER G 517 44.02 -35.86 14.72
N GLN G 518 43.94 -36.77 15.70
CA GLN G 518 45.13 -37.52 16.08
C GLN G 518 45.62 -38.39 14.92
N ASN G 519 44.70 -39.04 14.23
CA ASN G 519 45.07 -39.84 13.06
C ASN G 519 45.46 -38.95 11.89
N ALA G 520 44.97 -37.72 11.85
CA ALA G 520 45.40 -36.78 10.82
C ALA G 520 46.91 -36.54 10.88
N VAL G 521 47.46 -36.50 12.10
CA VAL G 521 48.91 -36.48 12.24
C VAL G 521 49.50 -37.84 11.86
N ALA G 522 48.82 -38.92 12.27
CA ALA G 522 49.29 -40.26 11.90
C ALA G 522 49.23 -40.49 10.40
N SER G 523 48.18 -39.97 9.75
CA SER G 523 48.08 -40.11 8.30
C SER G 523 49.22 -39.40 7.59
N LYS G 524 49.72 -38.31 8.17
CA LYS G 524 50.90 -37.66 7.60
C LYS G 524 52.15 -38.51 7.79
N ILE G 525 52.27 -39.20 8.93
CA ILE G 525 53.46 -40.01 9.19
C ILE G 525 53.43 -41.29 8.37
N LEU G 526 52.30 -41.99 8.35
CA LEU G 526 52.21 -43.31 7.72
C LEU G 526 51.48 -43.32 6.39
N GLY G 527 50.30 -42.70 6.32
CA GLY G 527 49.53 -42.66 5.10
C GLY G 527 48.36 -43.64 5.05
N LEU G 528 48.16 -44.43 6.09
CA LEU G 528 47.04 -45.35 6.12
C LEU G 528 45.73 -44.57 6.26
N PRO G 529 44.63 -45.10 5.73
CA PRO G 529 43.35 -44.37 5.73
C PRO G 529 42.85 -44.10 7.14
N THR G 530 41.83 -43.26 7.22
CA THR G 530 41.30 -42.75 8.48
C THR G 530 39.95 -43.38 8.80
N GLN G 531 39.68 -43.50 10.09
CA GLN G 531 38.40 -43.99 10.60
C GLN G 531 37.96 -43.12 11.77
N THR G 532 36.67 -42.84 11.83
CA THR G 532 36.08 -42.18 12.99
C THR G 532 35.31 -43.23 13.81
N VAL G 533 35.59 -43.28 15.11
CA VAL G 533 34.96 -44.29 15.95
C VAL G 533 33.45 -44.09 16.00
N ASP G 534 33.01 -42.84 16.12
CA ASP G 534 31.58 -42.56 16.26
C ASP G 534 30.78 -42.96 15.03
N SER G 535 31.42 -43.00 13.86
CA SER G 535 30.74 -43.36 12.62
C SER G 535 31.38 -44.54 11.91
N SER G 536 32.13 -45.37 12.63
CA SER G 536 32.74 -46.55 12.03
C SER G 536 31.74 -47.65 11.74
N GLN G 537 30.51 -47.53 12.21
CA GLN G 537 29.49 -48.54 11.99
C GLN G 537 29.09 -48.59 10.52
N GLY G 538 28.66 -49.77 10.08
CA GLY G 538 28.29 -49.97 8.68
C GLY G 538 29.47 -50.34 7.82
N SER G 539 30.64 -49.84 8.17
CA SER G 539 31.87 -50.13 7.44
C SER G 539 32.77 -51.04 8.27
N GLU G 540 33.25 -52.12 7.64
CA GLU G 540 34.14 -53.07 8.30
C GLU G 540 35.28 -53.41 7.36
N TYR G 541 36.43 -53.74 7.94
CA TYR G 541 37.61 -54.11 7.18
C TYR G 541 38.28 -55.31 7.82
N ASP G 542 38.86 -56.18 6.98
CA ASP G 542 39.52 -57.38 7.48
C ASP G 542 40.70 -57.01 8.37
N TYR G 543 41.59 -56.16 7.87
CA TYR G 543 42.73 -55.66 8.62
C TYR G 543 42.47 -54.21 9.01
N VAL G 544 42.48 -53.93 10.31
CA VAL G 544 42.27 -52.58 10.83
C VAL G 544 43.00 -52.46 12.15
N ILE G 545 43.50 -51.25 12.43
CA ILE G 545 44.30 -51.00 13.62
C ILE G 545 43.76 -49.78 14.35
N PHE G 546 44.14 -49.67 15.62
CA PHE G 546 43.57 -48.70 16.55
C PHE G 546 44.62 -48.30 17.58
N THR G 547 44.56 -47.05 18.01
CA THR G 547 45.31 -46.55 19.15
C THR G 547 44.32 -45.94 20.15
N GLN G 548 44.47 -46.33 21.43
CA GLN G 548 43.50 -45.93 22.45
C GLN G 548 43.58 -44.44 22.77
N THR G 549 44.78 -43.84 22.67
CA THR G 549 45.00 -42.42 22.86
C THR G 549 44.67 -41.98 24.28
N THR G 550 43.39 -42.06 24.67
CA THR G 550 42.96 -41.63 25.99
C THR G 550 42.14 -42.72 26.66
N GLU G 551 42.20 -42.75 27.99
CA GLU G 551 41.44 -43.68 28.81
C GLU G 551 40.19 -43.05 29.40
N THR G 552 39.84 -41.83 28.97
CA THR G 552 38.68 -41.15 29.52
C THR G 552 37.40 -41.81 29.01
N ALA G 553 36.28 -41.44 29.64
CA ALA G 553 34.99 -42.03 29.28
C ALA G 553 34.56 -41.68 27.86
N HIS G 554 35.13 -40.64 27.26
CA HIS G 554 34.75 -40.27 25.91
C HIS G 554 35.12 -41.35 24.91
N SER G 555 36.32 -41.92 25.02
CA SER G 555 36.85 -42.84 24.02
C SER G 555 36.62 -44.30 24.39
N CYS G 556 37.16 -44.74 25.52
CA CYS G 556 37.31 -46.16 25.82
C CYS G 556 36.42 -46.60 26.98
N ASN G 557 35.23 -46.05 27.08
CA ASN G 557 34.20 -46.68 27.91
C ASN G 557 33.71 -47.94 27.20
N VAL G 558 33.08 -48.83 27.96
CA VAL G 558 32.94 -50.23 27.53
C VAL G 558 32.23 -50.34 26.19
N ASN G 559 31.18 -49.54 25.97
CA ASN G 559 30.33 -49.75 24.82
C ASN G 559 30.74 -48.96 23.58
N ARG G 560 31.35 -47.79 23.74
CA ARG G 560 31.74 -47.02 22.56
C ARG G 560 32.97 -47.63 21.88
N PHE G 561 33.70 -48.49 22.58
CA PHE G 561 34.81 -49.22 21.98
C PHE G 561 34.37 -50.48 21.26
N ASN G 562 33.17 -50.99 21.56
CA ASN G 562 32.75 -52.28 21.03
C ASN G 562 32.60 -52.25 19.52
N VAL G 563 32.26 -51.09 18.95
CA VAL G 563 32.17 -50.97 17.50
C VAL G 563 33.55 -51.04 16.85
N ALA G 564 34.53 -50.34 17.44
CA ALA G 564 35.86 -50.30 16.85
C ALA G 564 36.53 -51.67 16.88
N ILE G 565 36.40 -52.40 17.99
CA ILE G 565 37.01 -53.72 18.09
C ILE G 565 36.35 -54.69 17.12
N THR G 566 35.05 -54.56 16.88
CA THR G 566 34.32 -55.45 16.00
C THR G 566 34.46 -55.06 14.52
N ARG G 567 35.22 -54.02 14.21
CA ARG G 567 35.46 -53.66 12.81
C ARG G 567 36.23 -54.75 12.08
N ALA G 568 37.20 -55.36 12.74
CA ALA G 568 38.03 -56.38 12.11
C ALA G 568 37.36 -57.74 12.16
N LYS G 569 37.45 -58.47 11.05
CA LYS G 569 36.88 -59.81 10.94
C LYS G 569 37.92 -60.92 10.94
N VAL G 570 39.22 -60.59 11.01
CA VAL G 570 40.25 -61.59 11.19
C VAL G 570 41.13 -61.19 12.36
N GLY G 571 41.65 -59.96 12.35
CA GLY G 571 42.52 -59.50 13.41
C GLY G 571 42.57 -57.99 13.46
N ILE G 572 42.78 -57.47 14.66
CA ILE G 572 42.81 -56.03 14.90
C ILE G 572 44.02 -55.69 15.75
N LEU G 573 44.49 -54.45 15.63
CA LEU G 573 45.56 -53.93 16.46
C LEU G 573 45.02 -52.79 17.30
N CYS G 574 45.30 -52.82 18.60
CA CYS G 574 44.93 -51.71 19.47
C CYS G 574 45.89 -51.74 20.65
N ILE G 575 46.56 -50.62 20.91
CA ILE G 575 47.45 -50.50 22.05
C ILE G 575 46.66 -49.88 23.19
N MET G 576 46.34 -50.70 24.21
CA MET G 576 45.69 -50.22 25.41
C MET G 576 46.66 -49.38 26.24
N SER G 577 46.44 -48.06 26.25
CA SER G 577 47.06 -47.19 27.24
C SER G 577 46.33 -47.23 28.57
N ASP G 578 45.15 -47.85 28.62
CA ASP G 578 44.37 -47.98 29.83
C ASP G 578 44.57 -49.36 30.46
N ARG G 579 43.82 -49.60 31.54
CA ARG G 579 43.83 -50.88 32.22
C ARG G 579 42.45 -51.35 32.64
N ASP G 580 41.40 -50.55 32.39
CA ASP G 580 40.05 -50.97 32.72
C ASP G 580 39.58 -52.13 31.85
N LEU G 581 39.87 -52.07 30.54
CA LEU G 581 39.49 -53.12 29.62
C LEU G 581 40.65 -53.97 29.14
N TYR G 582 41.88 -53.52 29.34
CA TYR G 582 43.04 -54.32 28.95
C TYR G 582 43.08 -55.64 29.71
N ASP G 583 42.77 -55.60 31.01
CA ASP G 583 42.71 -56.82 31.80
C ASP G 583 41.60 -57.74 31.29
N LYS G 584 40.45 -57.18 30.95
CA LYS G 584 39.32 -57.98 30.48
C LYS G 584 39.51 -58.47 29.06
N LEU G 585 40.25 -57.72 28.23
CA LEU G 585 40.42 -58.06 26.83
C LEU G 585 41.25 -59.33 26.69
N GLN G 586 40.72 -60.31 25.95
CA GLN G 586 41.40 -61.58 25.75
C GLN G 586 42.19 -61.56 24.43
N PHE G 587 43.09 -60.59 24.34
CA PHE G 587 43.98 -60.45 23.19
C PHE G 587 45.38 -60.91 23.58
N THR G 588 46.30 -60.82 22.61
CA THR G 588 47.68 -61.23 22.83
C THR G 588 48.52 -60.00 23.14
N SER G 589 49.33 -60.08 24.19
CA SER G 589 50.21 -58.99 24.61
C SER G 589 51.64 -59.30 24.22
N LEU G 590 52.29 -58.35 23.56
CA LEU G 590 53.66 -58.50 23.09
C LEU G 590 54.54 -57.46 23.77
N GLU G 591 55.84 -57.55 23.48
CA GLU G 591 56.81 -56.63 24.07
C GLU G 591 56.70 -55.25 23.45
N ILE G 592 56.84 -54.24 24.30
CA ILE G 592 56.87 -52.84 23.86
C ILE G 592 58.27 -52.55 23.30
N PRO G 593 58.39 -52.14 22.03
CA PRO G 593 59.70 -51.81 21.46
C PRO G 593 60.20 -50.44 21.92
N VAL H 2 10.08 13.29 20.63
CA VAL H 2 10.20 12.23 21.61
C VAL H 2 11.50 11.47 21.43
N GLY H 3 12.29 11.42 22.50
CA GLY H 3 13.54 10.69 22.47
C GLY H 3 13.99 10.32 23.87
N ALA H 4 15.23 9.87 23.96
CA ALA H 4 15.85 9.56 25.24
C ALA H 4 16.51 10.81 25.80
N CYS H 5 16.40 11.00 27.11
CA CYS H 5 16.92 12.22 27.71
C CYS H 5 18.44 12.18 27.72
N VAL H 6 19.04 13.38 27.71
CA VAL H 6 20.49 13.49 27.56
C VAL H 6 21.21 12.89 28.76
N LEU H 7 20.71 13.14 29.96
CA LEU H 7 21.41 12.67 31.16
C LEU H 7 21.13 11.20 31.43
N CYS H 8 19.86 10.82 31.53
CA CYS H 8 19.47 9.52 32.05
C CYS H 8 19.20 8.48 30.98
N ASN H 9 19.15 8.87 29.71
CA ASN H 9 18.94 7.99 28.57
C ASN H 9 17.58 7.31 28.57
N SER H 10 16.72 7.61 29.55
CA SER H 10 15.36 7.11 29.54
C SER H 10 14.53 7.91 28.54
N GLN H 11 13.63 7.23 27.84
CA GLN H 11 12.79 7.90 26.86
C GLN H 11 11.97 9.00 27.53
N THR H 12 11.81 10.11 26.83
CA THR H 12 11.15 11.29 27.40
C THR H 12 10.50 12.08 26.28
N SER H 13 9.61 12.99 26.67
CA SER H 13 8.97 13.89 25.72
C SER H 13 9.11 15.35 26.12
N LEU H 14 10.02 15.69 27.01
CA LEU H 14 10.16 17.05 27.52
C LEU H 14 11.46 17.65 27.01
N ARG H 15 11.36 18.77 26.32
CA ARG H 15 12.50 19.49 25.78
C ARG H 15 12.52 20.89 26.36
N CYS H 16 13.66 21.29 26.92
CA CYS H 16 13.78 22.58 27.57
C CYS H 16 13.67 23.70 26.55
N GLY H 17 12.51 24.36 26.51
CA GLY H 17 12.23 25.36 25.50
C GLY H 17 13.08 26.60 25.60
N ALA H 18 13.26 27.12 26.81
CA ALA H 18 14.10 28.29 27.00
C ALA H 18 15.57 27.97 26.77
N CYS H 19 15.93 26.70 26.71
CA CYS H 19 17.32 26.31 26.53
C CYS H 19 17.71 26.45 25.06
N ILE H 20 19.01 26.48 24.80
CA ILE H 20 19.50 26.88 23.48
C ILE H 20 19.11 25.86 22.41
N ARG H 21 19.39 24.59 22.65
CA ARG H 21 19.21 23.56 21.64
C ARG H 21 18.03 22.65 21.93
N ARG H 22 17.31 22.87 23.03
CA ARG H 22 16.13 22.11 23.40
C ARG H 22 16.42 20.61 23.48
N PRO H 23 17.33 20.17 24.35
CA PRO H 23 17.61 18.73 24.44
C PRO H 23 16.49 17.98 25.15
N PHE H 24 16.40 16.69 24.85
CA PHE H 24 15.43 15.85 25.53
C PHE H 24 15.78 15.70 27.01
N LEU H 25 14.78 15.82 27.86
CA LEU H 25 14.97 15.73 29.30
C LEU H 25 13.83 14.92 29.92
N CYS H 26 14.18 14.02 30.83
CA CYS H 26 13.21 13.15 31.46
C CYS H 26 12.50 13.88 32.59
N CYS H 27 11.45 13.24 33.13
CA CYS H 27 10.51 13.91 34.01
C CYS H 27 11.21 14.52 35.23
N LYS H 28 11.80 13.69 36.08
CA LYS H 28 12.56 14.22 37.21
C LYS H 28 13.78 14.99 36.72
N CYS H 29 14.39 14.53 35.63
CA CYS H 29 15.54 15.20 35.05
C CYS H 29 15.19 16.62 34.60
N CYS H 30 14.12 16.75 33.82
CA CYS H 30 13.68 18.08 33.39
C CYS H 30 13.21 18.92 34.56
N TYR H 31 12.60 18.30 35.58
CA TYR H 31 12.21 19.06 36.76
C TYR H 31 13.44 19.64 37.46
N ASP H 32 14.49 18.85 37.60
CA ASP H 32 15.73 19.36 38.18
C ASP H 32 16.30 20.50 37.35
N HIS H 33 16.28 20.35 36.03
CA HIS H 33 16.80 21.41 35.16
C HIS H 33 15.98 22.70 35.31
N VAL H 34 14.65 22.57 35.35
CA VAL H 34 13.80 23.76 35.43
C VAL H 34 13.88 24.41 36.81
N ILE H 35 14.12 23.65 37.87
CA ILE H 35 14.23 24.24 39.20
C ILE H 35 15.65 24.67 39.54
N SER H 36 16.64 24.32 38.72
CA SER H 36 18.02 24.70 38.96
C SER H 36 18.57 25.67 37.93
N THR H 37 17.75 26.13 36.99
CA THR H 37 18.17 27.09 35.96
C THR H 37 17.18 28.24 35.89
N SER H 38 17.50 29.21 35.05
CA SER H 38 16.56 30.25 34.66
C SER H 38 15.66 29.81 33.52
N HIS H 39 15.94 28.66 32.92
CA HIS H 39 15.11 28.11 31.83
C HIS H 39 13.78 27.68 32.42
N LYS H 40 12.73 28.49 32.21
CA LYS H 40 11.41 28.19 32.75
C LYS H 40 10.39 27.96 31.64
N LEU H 41 10.85 27.59 30.45
CA LEU H 41 9.98 27.15 29.37
C LEU H 41 10.41 25.76 28.94
N VAL H 42 9.47 24.82 28.95
CA VAL H 42 9.73 23.45 28.51
C VAL H 42 8.66 23.09 27.49
N LEU H 43 9.08 22.38 26.44
CA LEU H 43 8.19 22.02 25.34
C LEU H 43 8.02 20.51 25.31
N SER H 44 6.82 20.05 25.60
CA SER H 44 6.43 18.66 25.43
C SER H 44 5.95 18.49 23.99
N VAL H 45 5.18 17.42 23.72
CA VAL H 45 4.55 17.28 22.41
C VAL H 45 3.70 18.50 22.09
N ASN H 46 3.31 19.27 23.10
CA ASN H 46 2.75 20.60 22.95
C ASN H 46 3.51 21.57 23.85
N PRO H 47 3.62 22.83 23.46
CA PRO H 47 4.30 23.81 24.31
C PRO H 47 3.54 24.05 25.60
N TYR H 48 4.30 24.30 26.67
CA TYR H 48 3.72 24.49 28.00
C TYR H 48 3.54 25.98 28.27
N VAL H 49 2.48 26.54 27.69
CA VAL H 49 2.07 27.92 27.93
C VAL H 49 0.57 27.94 28.14
N CYS H 50 0.09 28.98 28.81
CA CYS H 50 -1.35 29.13 29.02
C CYS H 50 -2.03 29.42 27.68
N ASN H 51 -2.87 28.49 27.24
CA ASN H 51 -3.49 28.57 25.92
C ASN H 51 -4.69 29.50 25.88
N ALA H 52 -5.12 30.04 27.02
CA ALA H 52 -6.22 30.98 27.02
C ALA H 52 -5.83 32.25 26.27
N PRO H 53 -6.75 32.88 25.55
CA PRO H 53 -6.40 34.05 24.74
C PRO H 53 -5.88 35.20 25.59
N GLY H 54 -4.91 35.92 25.05
CA GLY H 54 -4.36 37.09 25.72
C GLY H 54 -3.63 36.78 27.01
N CYS H 55 -2.80 35.75 27.02
CA CYS H 55 -2.04 35.39 28.21
C CYS H 55 -0.56 35.28 27.87
N ASP H 56 0.27 35.55 28.87
CA ASP H 56 1.71 35.59 28.69
C ASP H 56 2.49 34.75 29.69
N VAL H 57 1.82 33.95 30.52
CA VAL H 57 2.53 33.15 31.51
C VAL H 57 3.32 32.05 30.79
N THR H 58 4.63 32.02 31.04
CA THR H 58 5.50 31.03 30.41
C THR H 58 6.19 30.09 31.38
N ASP H 59 6.21 30.41 32.67
CA ASP H 59 6.88 29.56 33.64
C ASP H 59 6.11 28.26 33.84
N VAL H 60 6.84 27.16 34.03
CA VAL H 60 6.21 25.86 34.15
C VAL H 60 5.44 25.73 35.46
N THR H 61 5.89 26.41 36.52
CA THR H 61 5.29 26.23 37.83
C THR H 61 4.00 27.03 38.00
N GLN H 62 3.74 27.99 37.12
CA GLN H 62 2.56 28.83 37.23
C GLN H 62 1.38 28.33 36.40
N LEU H 63 1.52 27.18 35.74
CA LEU H 63 0.50 26.67 34.84
C LEU H 63 0.00 25.31 35.34
N TYR H 64 -1.32 25.15 35.36
CA TYR H 64 -1.96 23.94 35.84
C TYR H 64 -2.81 23.33 34.74
N LEU H 65 -3.09 22.03 34.88
CA LEU H 65 -3.86 21.29 33.88
C LEU H 65 -5.33 21.69 33.98
N GLY H 66 -5.75 22.64 33.15
CA GLY H 66 -7.15 23.02 33.05
C GLY H 66 -7.82 22.38 31.85
N GLY H 67 -8.56 21.30 32.08
CA GLY H 67 -9.17 20.55 30.99
C GLY H 67 -8.13 20.00 30.04
N MET H 68 -8.34 20.18 28.74
CA MET H 68 -7.41 19.73 27.71
C MET H 68 -6.37 20.78 27.35
N SER H 69 -6.06 21.69 28.26
CA SER H 69 -5.03 22.69 28.05
C SER H 69 -4.34 22.95 29.38
N TYR H 70 -3.33 23.81 29.34
CA TYR H 70 -2.59 24.21 30.54
C TYR H 70 -2.97 25.64 30.89
N TYR H 71 -3.44 25.85 32.11
CA TYR H 71 -3.98 27.14 32.54
C TYR H 71 -3.25 27.62 33.78
N CYS H 72 -3.15 28.94 33.93
CA CYS H 72 -2.52 29.52 35.09
C CYS H 72 -3.53 29.69 36.22
N LYS H 73 -3.11 30.43 37.26
CA LYS H 73 -3.96 30.60 38.43
C LYS H 73 -5.21 31.42 38.12
N SER H 74 -5.08 32.42 37.26
CA SER H 74 -6.20 33.30 36.93
C SER H 74 -7.02 32.81 35.75
N HIS H 75 -6.64 31.68 35.14
CA HIS H 75 -7.28 31.19 33.94
C HIS H 75 -7.88 29.80 34.09
N LYS H 76 -7.70 29.14 35.22
CA LYS H 76 -8.10 27.75 35.39
C LYS H 76 -9.62 27.62 35.49
N PRO H 77 -10.15 26.45 35.14
CA PRO H 77 -11.52 26.10 35.53
C PRO H 77 -11.55 25.67 36.98
N PRO H 78 -12.74 25.39 37.54
CA PRO H 78 -12.78 24.95 38.94
C PRO H 78 -11.94 23.71 39.20
N ILE H 79 -11.89 22.76 38.28
CA ILE H 79 -10.99 21.61 38.40
C ILE H 79 -9.61 22.03 37.91
N SER H 80 -8.57 21.50 38.54
CA SER H 80 -7.21 21.89 38.20
C SER H 80 -6.23 20.87 38.74
N PHE H 81 -5.01 20.92 38.20
CA PHE H 81 -3.93 20.03 38.59
C PHE H 81 -2.58 20.70 38.27
N PRO H 82 -1.75 20.98 39.29
CA PRO H 82 -0.43 21.56 39.01
C PRO H 82 0.48 20.57 38.32
N LEU H 83 0.87 20.89 37.07
CA LEU H 83 1.81 20.04 36.36
C LEU H 83 3.20 20.06 36.99
N CYS H 84 3.52 21.10 37.77
CA CYS H 84 4.78 21.17 38.50
C CYS H 84 4.48 20.75 39.94
N ALA H 85 4.35 19.43 40.14
CA ALA H 85 4.00 18.87 41.43
C ALA H 85 4.78 17.59 41.65
N ASN H 86 4.88 17.19 42.93
CA ASN H 86 5.54 15.97 43.35
C ASN H 86 7.03 15.95 42.97
N GLY H 87 7.60 17.12 42.71
CA GLY H 87 8.98 17.18 42.27
C GLY H 87 9.23 16.52 40.93
N GLN H 88 8.23 16.53 40.05
CA GLN H 88 8.37 15.90 38.73
C GLN H 88 7.43 16.59 37.77
N VAL H 89 7.98 17.24 36.74
CA VAL H 89 7.16 17.96 35.78
C VAL H 89 6.37 16.97 34.93
N PHE H 90 5.19 17.41 34.49
CA PHE H 90 4.32 16.57 33.68
C PHE H 90 5.00 16.21 32.35
N GLY H 91 4.92 14.95 31.99
CA GLY H 91 5.51 14.50 30.74
C GLY H 91 5.33 13.00 30.59
N LEU H 92 5.56 12.52 29.38
CA LEU H 92 5.39 11.11 29.09
C LEU H 92 6.40 10.27 29.87
N TYR H 93 6.03 9.00 30.09
CA TYR H 93 6.89 8.03 30.77
C TYR H 93 7.29 8.52 32.16
N LYS H 94 6.30 8.98 32.93
CA LYS H 94 6.58 9.45 34.28
C LYS H 94 7.11 8.34 35.17
N ASN H 95 6.49 7.16 35.11
CA ASN H 95 6.94 6.04 35.92
C ASN H 95 8.35 5.59 35.53
N THR H 96 8.60 5.52 34.22
CA THR H 96 9.91 5.08 33.72
C THR H 96 10.83 6.30 33.59
N CYS H 97 11.16 6.86 34.74
CA CYS H 97 12.08 7.99 34.83
C CYS H 97 12.93 7.84 36.07
N VAL H 98 14.24 7.80 35.89
CA VAL H 98 15.17 7.56 36.98
C VAL H 98 15.77 8.85 37.55
N GLY H 99 15.82 9.92 36.77
CA GLY H 99 16.41 11.16 37.23
C GLY H 99 17.93 11.07 37.28
N SER H 100 18.54 12.19 37.65
CA SER H 100 20.00 12.30 37.73
C SER H 100 20.38 12.79 39.11
N ASP H 101 21.34 12.10 39.74
CA ASP H 101 21.80 12.50 41.06
C ASP H 101 22.47 13.86 41.02
N ASN H 102 23.33 14.09 40.03
CA ASN H 102 24.04 15.35 39.86
C ASN H 102 23.53 16.02 38.58
N VAL H 103 22.81 17.12 38.74
CA VAL H 103 22.26 17.87 37.63
C VAL H 103 22.89 19.25 37.50
N THR H 104 23.74 19.65 38.45
CA THR H 104 24.33 20.99 38.40
C THR H 104 25.23 21.18 37.19
N ASP H 105 25.92 20.12 36.75
CA ASP H 105 26.79 20.24 35.59
C ASP H 105 26.00 20.63 34.34
N PHE H 106 24.89 19.94 34.10
CA PHE H 106 24.08 20.26 32.92
C PHE H 106 23.42 21.61 33.05
N ASN H 107 23.00 22.00 34.27
CA ASN H 107 22.47 23.35 34.45
C ASN H 107 23.51 24.40 34.12
N ALA H 108 24.76 24.19 34.57
CA ALA H 108 25.82 25.13 34.27
C ALA H 108 26.10 25.20 32.77
N ILE H 109 26.09 24.04 32.09
CA ILE H 109 26.35 24.04 30.66
C ILE H 109 25.19 24.68 29.90
N ALA H 110 23.96 24.54 30.41
CA ALA H 110 22.80 25.08 29.71
C ALA H 110 22.71 26.59 29.88
N THR H 111 22.88 27.09 31.11
CA THR H 111 22.91 28.52 31.35
C THR H 111 24.26 29.12 31.00
N CYS H 112 25.17 28.34 30.42
CA CYS H 112 26.49 28.82 30.07
C CYS H 112 26.41 29.85 28.96
N ASP H 113 27.18 30.93 29.09
CA ASP H 113 27.27 31.95 28.06
C ASP H 113 28.55 31.82 27.25
N TRP H 114 29.35 30.77 27.48
CA TRP H 114 30.51 30.46 26.65
C TRP H 114 31.51 31.62 26.62
N THR H 115 31.69 32.25 27.77
CA THR H 115 32.46 33.49 27.87
C THR H 115 33.92 33.26 28.25
N ASN H 116 34.19 32.51 29.30
CA ASN H 116 35.53 32.35 29.84
C ASN H 116 36.09 30.97 29.54
N ALA H 117 37.30 30.72 30.04
CA ALA H 117 37.93 29.42 29.85
C ALA H 117 37.20 28.34 30.63
N GLY H 118 36.63 28.68 31.78
CA GLY H 118 35.96 27.69 32.59
C GLY H 118 34.82 26.98 31.87
N ASP H 119 34.18 27.66 30.92
CA ASP H 119 33.15 27.01 30.13
C ASP H 119 33.74 25.88 29.30
N TYR H 120 34.91 26.10 28.70
CA TYR H 120 35.58 25.05 27.94
C TYR H 120 36.12 23.95 28.85
N ILE H 121 36.55 24.31 30.07
CA ILE H 121 36.93 23.29 31.04
C ILE H 121 35.75 22.39 31.35
N LEU H 122 34.57 22.98 31.56
CA LEU H 122 33.36 22.18 31.78
C LEU H 122 33.05 21.32 30.56
N ALA H 123 33.19 21.89 29.36
CA ALA H 123 32.88 21.15 28.15
C ALA H 123 33.76 19.92 27.99
N ASN H 124 35.05 20.07 28.28
CA ASN H 124 35.95 18.92 28.15
C ASN H 124 35.77 17.93 29.30
N THR H 125 35.51 18.42 30.52
CA THR H 125 35.44 17.56 31.68
C THR H 125 34.10 16.84 31.82
N CYS H 126 33.07 17.28 31.11
CA CYS H 126 31.78 16.62 31.19
C CYS H 126 31.75 15.39 30.28
N THR H 127 30.71 14.57 30.46
CA THR H 127 30.68 13.25 29.85
C THR H 127 30.36 13.35 28.35
N GLU H 128 30.15 12.18 27.73
CA GLU H 128 30.08 12.09 26.27
C GLU H 128 28.91 12.91 25.72
N ARG H 129 27.69 12.54 26.10
CA ARG H 129 26.52 13.29 25.63
C ARG H 129 26.59 14.73 26.12
N LEU H 130 27.10 14.94 27.33
CA LEU H 130 27.25 16.30 27.86
C LEU H 130 28.14 17.15 26.96
N LYS H 131 29.32 16.63 26.59
CA LYS H 131 30.22 17.42 25.77
C LYS H 131 29.73 17.53 24.33
N LEU H 132 29.00 16.53 23.84
CA LEU H 132 28.39 16.66 22.52
C LEU H 132 27.38 17.79 22.50
N PHE H 133 26.51 17.84 23.51
CA PHE H 133 25.55 18.93 23.63
C PHE H 133 26.28 20.26 23.81
N ALA H 134 27.39 20.27 24.54
CA ALA H 134 28.16 21.48 24.73
C ALA H 134 28.70 21.99 23.40
N ALA H 135 29.25 21.10 22.57
CA ALA H 135 29.75 21.50 21.27
C ALA H 135 28.63 22.01 20.37
N GLU H 136 27.49 21.33 20.38
CA GLU H 136 26.35 21.78 19.58
C GLU H 136 25.90 23.17 20.01
N THR H 137 25.79 23.39 21.32
CA THR H 137 25.39 24.71 21.83
C THR H 137 26.42 25.76 21.46
N LEU H 138 27.71 25.43 21.56
CA LEU H 138 28.76 26.38 21.22
C LEU H 138 28.67 26.81 19.76
N LYS H 139 28.53 25.83 18.86
CA LYS H 139 28.43 26.16 17.45
C LYS H 139 27.16 26.94 17.14
N ALA H 140 26.03 26.55 17.75
CA ALA H 140 24.78 27.28 17.52
C ALA H 140 24.89 28.72 17.99
N THR H 141 25.46 28.93 19.19
CA THR H 141 25.62 30.28 19.73
C THR H 141 26.55 31.10 18.84
N GLU H 142 27.65 30.49 18.37
CA GLU H 142 28.58 31.20 17.51
C GLU H 142 27.93 31.62 16.20
N GLU H 143 27.19 30.69 15.57
CA GLU H 143 26.59 31.02 14.28
C GLU H 143 25.46 32.03 14.43
N THR H 144 24.73 32.00 15.55
CA THR H 144 23.72 33.02 15.80
C THR H 144 24.36 34.37 16.12
N PHE H 145 25.52 34.37 16.77
CA PHE H 145 26.19 35.60 17.13
C PHE H 145 26.78 36.28 15.90
N LYS H 146 27.30 35.49 14.96
CA LYS H 146 27.89 36.09 13.76
C LYS H 146 26.85 36.86 12.94
N LEU H 147 25.65 36.29 12.80
CA LEU H 147 24.58 37.01 12.11
C LEU H 147 24.10 38.22 12.90
N SER H 148 24.36 38.26 14.21
CA SER H 148 23.95 39.39 15.03
C SER H 148 24.79 40.64 14.75
N TYR H 149 25.87 40.54 13.98
CA TYR H 149 26.66 41.69 13.62
C TYR H 149 26.03 42.46 12.46
N GLY H 150 26.64 43.58 12.12
CA GLY H 150 26.09 44.46 11.10
C GLY H 150 26.20 43.89 9.70
N ILE H 151 25.55 44.58 8.78
CA ILE H 151 25.61 44.24 7.35
C ILE H 151 26.73 45.02 6.70
N ALA H 152 27.49 44.36 5.83
CA ALA H 152 28.66 44.96 5.18
C ALA H 152 28.22 45.47 3.81
N THR H 153 27.58 46.64 3.79
CA THR H 153 27.07 47.24 2.57
C THR H 153 28.20 47.97 1.85
N VAL H 154 28.48 47.55 0.62
CA VAL H 154 29.40 48.27 -0.25
C VAL H 154 28.62 49.39 -0.92
N ARG H 155 29.01 50.63 -0.64
CA ARG H 155 28.27 51.79 -1.13
C ARG H 155 28.96 52.54 -2.25
N GLU H 156 30.27 52.32 -2.46
CA GLU H 156 30.97 52.97 -3.55
C GLU H 156 32.24 52.19 -3.85
N VAL H 157 32.67 52.23 -5.10
CA VAL H 157 33.72 51.35 -5.62
C VAL H 157 34.94 52.21 -5.91
N LEU H 158 36.04 51.93 -5.22
CA LEU H 158 37.25 52.71 -5.43
C LEU H 158 38.02 52.21 -6.65
N SER H 159 38.55 50.99 -6.55
CA SER H 159 39.44 50.41 -7.55
C SER H 159 39.50 48.91 -7.31
N ASP H 160 40.44 48.24 -7.97
CA ASP H 160 40.60 46.81 -7.78
C ASP H 160 41.11 46.51 -6.38
N ARG H 161 40.54 45.47 -5.76
CA ARG H 161 40.94 45.00 -4.44
C ARG H 161 40.77 46.05 -3.36
N GLU H 162 39.95 47.08 -3.60
CA GLU H 162 39.74 48.14 -2.63
C GLU H 162 38.32 48.66 -2.79
N LEU H 163 37.66 48.94 -1.66
CA LEU H 163 36.28 49.38 -1.65
C LEU H 163 36.04 50.32 -0.48
N HIS H 164 34.81 50.82 -0.39
CA HIS H 164 34.33 51.56 0.76
C HIS H 164 33.11 50.83 1.31
N LEU H 165 33.07 50.64 2.62
CA LEU H 165 32.07 49.78 3.24
C LEU H 165 31.34 50.53 4.34
N SER H 166 30.00 50.55 4.25
CA SER H 166 29.14 51.09 5.28
C SER H 166 28.43 49.94 5.99
N TRP H 167 28.07 50.17 7.25
CA TRP H 167 27.58 49.10 8.10
C TRP H 167 26.22 49.44 8.69
N GLU H 168 25.47 48.41 9.06
CA GLU H 168 24.17 48.58 9.68
C GLU H 168 24.29 49.23 11.04
N VAL H 169 23.25 49.95 11.43
CA VAL H 169 23.23 50.69 12.68
C VAL H 169 22.64 49.81 13.78
N GLY H 170 23.23 49.90 14.97
CA GLY H 170 22.72 49.22 16.14
C GLY H 170 23.52 48.00 16.57
N LYS H 171 24.38 47.48 15.73
CA LYS H 171 25.17 46.30 16.06
C LYS H 171 26.61 46.50 15.61
N PRO H 172 27.57 45.89 16.31
CA PRO H 172 28.99 46.20 16.06
C PRO H 172 29.53 45.59 14.77
N ARG H 173 30.82 45.79 14.52
CA ARG H 173 31.48 45.33 13.32
C ARG H 173 32.40 44.15 13.60
N PRO H 174 32.33 43.10 12.80
CA PRO H 174 33.22 41.94 12.98
C PRO H 174 34.66 42.32 12.67
N PRO H 175 35.63 41.58 13.23
CA PRO H 175 37.03 41.83 12.93
C PRO H 175 37.38 41.72 11.46
N LEU H 176 38.62 42.07 11.11
CA LEU H 176 39.04 42.23 9.72
C LEU H 176 40.10 41.20 9.32
N ASN H 177 39.90 39.94 9.70
CA ASN H 177 40.85 38.88 9.38
C ASN H 177 40.08 37.75 8.69
N ARG H 178 40.80 36.70 8.32
CA ARG H 178 40.24 35.58 7.57
C ARG H 178 39.56 34.54 8.45
N ASN H 179 39.56 34.74 9.77
CA ASN H 179 38.86 33.81 10.65
C ASN H 179 37.37 33.76 10.37
N TYR H 180 36.77 34.91 10.08
CA TYR H 180 35.33 35.01 9.84
C TYR H 180 35.13 35.28 8.36
N VAL H 181 34.37 34.43 7.69
CA VAL H 181 34.19 34.49 6.24
C VAL H 181 32.83 35.09 5.94
N PHE H 182 32.80 36.15 5.13
CA PHE H 182 31.56 36.77 4.71
C PHE H 182 30.94 35.98 3.56
N THR H 183 29.70 36.31 3.23
CA THR H 183 29.03 35.72 2.06
C THR H 183 28.00 36.73 1.57
N GLY H 184 28.32 37.41 0.47
CA GLY H 184 27.46 38.43 -0.07
C GLY H 184 26.45 37.88 -1.07
N TYR H 185 25.43 38.68 -1.33
CA TYR H 185 24.38 38.34 -2.28
C TYR H 185 24.11 39.55 -3.17
N ARG H 186 23.84 39.30 -4.45
CA ARG H 186 23.57 40.36 -5.41
C ARG H 186 22.09 40.69 -5.38
N VAL H 187 21.78 41.91 -4.94
CA VAL H 187 20.41 42.34 -4.72
C VAL H 187 19.78 42.73 -6.05
N THR H 188 18.62 42.16 -6.35
CA THR H 188 17.85 42.49 -7.53
C THR H 188 16.50 43.05 -7.12
N LYS H 189 15.63 43.28 -8.12
CA LYS H 189 14.30 43.79 -7.82
C LYS H 189 13.47 42.78 -7.03
N ASN H 190 13.77 41.49 -7.16
CA ASN H 190 13.02 40.45 -6.47
C ASN H 190 13.70 40.04 -5.16
N SER H 191 14.97 39.64 -5.24
CA SER H 191 15.67 39.15 -4.05
C SER H 191 17.17 39.36 -4.25
N LYS H 192 17.97 38.75 -3.37
CA LYS H 192 19.41 38.86 -3.36
C LYS H 192 20.02 37.47 -3.40
N VAL H 193 21.05 37.28 -4.23
CA VAL H 193 21.57 35.94 -4.46
C VAL H 193 22.92 36.03 -5.18
N GLN H 194 23.80 35.08 -4.88
CA GLN H 194 24.91 34.66 -5.74
C GLN H 194 25.92 35.80 -5.98
N ILE H 195 26.62 36.16 -4.91
CA ILE H 195 27.87 36.90 -5.01
C ILE H 195 29.07 36.02 -4.64
N GLY H 196 29.06 35.45 -3.43
CA GLY H 196 30.14 34.55 -3.03
C GLY H 196 30.70 34.85 -1.65
N GLU H 197 31.71 34.06 -1.25
CA GLU H 197 32.34 34.25 0.05
C GLU H 197 33.43 35.30 -0.04
N TYR H 198 33.50 36.17 0.97
CA TYR H 198 34.43 37.29 0.95
C TYR H 198 35.08 37.45 2.31
N THR H 199 36.24 38.11 2.32
CA THR H 199 36.94 38.49 3.54
C THR H 199 37.40 39.94 3.40
N PHE H 200 37.17 40.74 4.44
CA PHE H 200 37.42 42.16 4.41
C PHE H 200 38.57 42.54 5.35
N GLU H 201 39.32 43.56 4.95
CA GLU H 201 40.41 44.09 5.77
C GLU H 201 40.55 45.57 5.49
N LYS H 202 41.17 46.28 6.43
CA LYS H 202 41.37 47.71 6.28
C LYS H 202 42.28 48.01 5.08
N GLY H 203 41.95 49.09 4.36
CA GLY H 203 42.73 49.50 3.21
C GLY H 203 43.41 50.84 3.41
N ALA H 208 38.65 53.39 3.49
CA ALA H 208 39.19 52.43 2.53
C ALA H 208 39.35 51.06 3.16
N VAL H 209 38.80 50.04 2.51
CA VAL H 209 38.88 48.65 2.97
C VAL H 209 39.29 47.77 1.79
N VAL H 210 40.11 46.77 2.09
CA VAL H 210 40.56 45.80 1.09
C VAL H 210 39.75 44.52 1.27
N TYR H 211 39.15 44.04 0.18
CA TYR H 211 38.33 42.83 0.21
C TYR H 211 39.07 41.68 -0.46
N ARG H 212 38.90 40.49 0.09
CA ARG H 212 39.57 39.28 -0.38
C ARG H 212 38.51 38.32 -0.93
N GLY H 213 38.40 38.26 -2.25
CA GLY H 213 37.48 37.34 -2.88
C GLY H 213 38.17 36.11 -3.44
N THR H 214 37.40 35.03 -3.59
CA THR H 214 37.93 33.79 -4.14
C THR H 214 37.97 33.83 -5.67
N THR H 215 36.81 33.99 -6.29
CA THR H 215 36.69 34.01 -7.74
C THR H 215 36.75 35.45 -8.26
N THR H 216 36.97 35.57 -9.57
CA THR H 216 36.98 36.88 -10.20
C THR H 216 35.59 37.50 -10.12
N TYR H 217 35.54 38.78 -9.72
CA TYR H 217 34.26 39.45 -9.51
C TYR H 217 34.44 40.94 -9.75
N LYS H 218 33.33 41.61 -10.03
CA LYS H 218 33.29 43.06 -10.23
C LYS H 218 32.20 43.62 -9.34
N LEU H 219 32.59 44.07 -8.14
CA LEU H 219 31.62 44.53 -7.15
C LEU H 219 31.18 45.95 -7.46
N ASN H 220 29.87 46.18 -7.38
CA ASN H 220 29.27 47.47 -7.65
C ASN H 220 28.55 47.97 -6.40
N VAL H 221 27.79 49.05 -6.58
CA VAL H 221 27.09 49.68 -5.47
C VAL H 221 25.88 48.85 -5.09
N GLY H 222 25.49 48.92 -3.82
CA GLY H 222 24.29 48.27 -3.33
C GLY H 222 24.46 46.84 -2.88
N ASP H 223 25.62 46.24 -3.13
CA ASP H 223 25.85 44.85 -2.76
C ASP H 223 26.41 44.78 -1.34
N TYR H 224 25.83 43.90 -0.51
CA TYR H 224 26.25 43.77 0.88
C TYR H 224 26.61 42.32 1.20
N PHE H 225 27.42 42.17 2.24
CA PHE H 225 27.96 40.89 2.68
C PHE H 225 27.67 40.69 4.16
N VAL H 226 27.40 39.44 4.53
CA VAL H 226 27.11 39.09 5.92
C VAL H 226 27.80 37.79 6.28
N LEU H 227 27.92 37.55 7.58
CA LEU H 227 28.47 36.29 8.10
C LEU H 227 27.37 35.24 8.12
N THR H 228 27.08 34.72 6.92
CA THR H 228 25.99 33.78 6.75
C THR H 228 26.22 32.52 7.58
N SER H 229 25.18 32.06 8.25
CA SER H 229 25.22 30.88 9.10
C SER H 229 24.39 29.76 8.47
N HIS H 230 24.54 28.57 9.04
CA HIS H 230 23.81 27.39 8.61
C HIS H 230 22.96 26.87 9.77
N THR H 231 22.27 25.76 9.52
CA THR H 231 21.46 25.09 10.53
C THR H 231 22.26 23.91 11.08
N VAL H 232 22.58 23.95 12.37
CA VAL H 232 23.40 22.93 12.99
C VAL H 232 22.51 21.74 13.35
N MET H 233 22.79 20.60 12.74
CA MET H 233 22.01 19.39 12.97
C MET H 233 22.42 18.73 14.28
N PRO H 234 21.49 18.01 14.92
CA PRO H 234 21.85 17.28 16.13
C PRO H 234 22.84 16.16 15.83
N LEU H 235 23.67 15.84 16.82
CA LEU H 235 24.70 14.83 16.68
C LEU H 235 24.26 13.51 17.30
N SER H 236 24.81 12.42 16.77
CA SER H 236 24.46 11.07 17.22
C SER H 236 25.66 10.34 17.82
N ALA H 237 26.76 10.23 17.09
CA ALA H 237 27.89 9.42 17.50
C ALA H 237 28.76 10.14 18.52
N PRO H 238 29.48 9.39 19.36
CA PRO H 238 30.43 10.01 20.28
C PRO H 238 31.69 10.46 19.55
N THR H 239 32.52 11.21 20.27
CA THR H 239 33.75 11.74 19.69
C THR H 239 34.70 10.62 19.28
N LEU H 240 34.83 9.59 20.11
CA LEU H 240 35.71 8.47 19.80
C LEU H 240 35.00 7.17 20.14
N VAL H 241 35.27 6.13 19.36
CA VAL H 241 34.71 4.80 19.57
C VAL H 241 35.38 4.18 20.80
N PRO H 242 34.75 3.21 21.46
CA PRO H 242 35.42 2.54 22.59
C PRO H 242 36.70 1.85 22.15
N GLN H 243 37.70 1.88 23.02
CA GLN H 243 38.99 1.28 22.70
C GLN H 243 38.93 -0.24 22.85
N GLU H 244 39.60 -0.93 21.93
CA GLU H 244 39.67 -2.39 21.98
C GLU H 244 40.97 -2.83 21.34
N HIS H 245 41.89 -3.36 22.15
CA HIS H 245 43.15 -3.90 21.67
C HIS H 245 42.93 -5.37 21.31
N TYR H 246 43.02 -5.67 20.02
CA TYR H 246 42.77 -7.03 19.53
C TYR H 246 44.03 -7.88 19.68
N VAL H 247 43.99 -9.08 19.11
CA VAL H 247 45.13 -10.00 19.16
C VAL H 247 46.06 -9.78 17.97
N ARG H 248 45.51 -9.55 16.79
CA ARG H 248 46.28 -9.40 15.56
C ARG H 248 45.70 -8.25 14.74
N ILE H 249 46.30 -8.03 13.57
CA ILE H 249 45.79 -7.03 12.63
C ILE H 249 44.52 -7.57 12.00
N THR H 250 43.37 -7.08 12.45
CA THR H 250 42.08 -7.63 12.07
C THR H 250 41.67 -7.12 10.70
N GLY H 251 41.31 -8.05 9.81
CA GLY H 251 40.71 -7.72 8.53
C GLY H 251 41.65 -7.12 7.50
N LEU H 252 42.94 -7.03 7.79
CA LEU H 252 43.91 -6.41 6.89
C LEU H 252 45.00 -7.40 6.53
N TYR H 253 45.37 -7.40 5.25
CA TYR H 253 46.34 -8.33 4.70
C TYR H 253 47.70 -7.67 4.64
N PRO H 254 48.73 -8.23 5.30
CA PRO H 254 50.01 -7.52 5.42
C PRO H 254 50.71 -7.36 4.08
N THR H 255 51.59 -6.36 4.02
CA THR H 255 52.32 -6.04 2.81
C THR H 255 53.39 -7.09 2.52
N LEU H 256 53.73 -7.23 1.24
CA LEU H 256 54.77 -8.16 0.81
C LEU H 256 56.16 -7.55 0.92
N ASN H 257 56.38 -6.42 0.27
CA ASN H 257 57.68 -5.76 0.25
C ASN H 257 57.53 -4.30 0.67
N ILE H 258 58.62 -3.76 1.20
CA ILE H 258 58.60 -2.47 1.87
C ILE H 258 59.25 -1.42 1.00
N SER H 259 58.97 -0.16 1.31
CA SER H 259 59.66 1.00 0.74
C SER H 259 60.44 1.68 1.85
N ASP H 260 61.66 2.11 1.54
CA ASP H 260 62.58 2.56 2.58
C ASP H 260 62.08 3.80 3.31
N GLU H 261 61.48 4.75 2.59
CA GLU H 261 61.03 5.97 3.25
C GLU H 261 59.86 5.73 4.20
N PHE H 262 59.12 4.63 4.04
CA PHE H 262 58.07 4.25 4.96
C PHE H 262 58.48 3.07 5.84
N SER H 263 59.78 2.80 5.95
CA SER H 263 60.25 1.72 6.82
C SER H 263 59.91 2.02 8.28
N SER H 264 60.29 3.21 8.77
CA SER H 264 59.89 3.64 10.10
C SER H 264 58.38 3.82 10.22
N ASN H 265 57.69 4.07 9.10
CA ASN H 265 56.24 4.22 9.13
C ASN H 265 55.55 2.88 9.37
N VAL H 266 56.08 1.80 8.80
CA VAL H 266 55.48 0.49 8.94
C VAL H 266 55.57 0.02 10.39
N ALA H 267 56.66 0.36 11.08
CA ALA H 267 56.85 -0.07 12.46
C ALA H 267 55.72 0.40 13.35
N ASN H 268 55.17 1.59 13.07
CA ASN H 268 54.03 2.12 13.79
C ASN H 268 52.70 1.70 13.18
N TYR H 269 52.72 0.99 12.05
CA TYR H 269 51.49 0.54 11.41
C TYR H 269 50.97 -0.77 11.98
N GLN H 270 51.83 -1.56 12.63
CA GLN H 270 51.41 -2.86 13.13
C GLN H 270 50.37 -2.73 14.23
N LYS H 271 50.65 -1.88 15.23
CA LYS H 271 49.69 -1.68 16.32
C LYS H 271 48.44 -0.98 15.84
N VAL H 272 48.57 -0.03 14.90
CA VAL H 272 47.40 0.67 14.38
C VAL H 272 46.44 -0.31 13.71
N GLY H 273 46.98 -1.21 12.88
CA GLY H 273 46.14 -2.22 12.26
C GLY H 273 45.62 -3.26 13.23
N MET H 274 46.16 -3.30 14.44
CA MET H 274 45.75 -4.26 15.46
C MET H 274 44.77 -3.67 16.47
N GLN H 275 44.90 -2.38 16.80
CA GLN H 275 44.03 -1.74 17.77
C GLN H 275 43.03 -0.83 17.07
N LYS H 276 41.92 -0.54 17.76
CA LYS H 276 40.80 0.18 17.17
C LYS H 276 41.20 1.58 16.71
N TYR H 277 41.58 2.45 17.63
CA TYR H 277 41.94 3.81 17.28
C TYR H 277 43.27 4.18 17.92
N SER H 278 44.05 4.97 17.19
CA SER H 278 45.38 5.37 17.65
C SER H 278 45.59 6.85 17.41
N THR H 279 45.79 7.60 18.49
CA THR H 279 46.09 9.02 18.40
C THR H 279 47.54 9.22 17.99
N LEU H 280 47.79 10.25 17.19
CA LEU H 280 49.10 10.49 16.61
C LEU H 280 49.69 11.77 17.19
N GLN H 281 50.89 11.66 17.75
CA GLN H 281 51.67 12.82 18.19
C GLN H 281 52.54 13.25 17.02
N GLY H 282 51.98 14.10 16.15
CA GLY H 282 52.70 14.58 15.00
C GLY H 282 53.10 16.03 15.13
N PRO H 283 54.37 16.28 15.40
CA PRO H 283 54.89 17.65 15.32
C PRO H 283 54.84 18.15 13.88
N PRO H 284 54.86 19.47 13.67
CA PRO H 284 54.71 20.00 12.32
C PRO H 284 55.75 19.46 11.35
N GLY H 285 55.28 18.84 10.29
CA GLY H 285 56.14 18.36 9.21
C GLY H 285 57.09 17.24 9.54
N THR H 286 56.63 16.23 10.28
CA THR H 286 57.44 15.04 10.52
C THR H 286 57.16 13.93 9.51
N GLY H 287 56.32 14.19 8.52
CA GLY H 287 55.87 13.16 7.61
C GLY H 287 54.48 12.66 7.88
N LYS H 288 53.65 13.44 8.57
CA LYS H 288 52.30 12.99 8.91
C LYS H 288 51.46 12.74 7.67
N SER H 289 51.55 13.63 6.68
CA SER H 289 50.88 13.39 5.40
C SER H 289 51.47 12.17 4.70
N HIS H 290 52.80 12.00 4.76
CA HIS H 290 53.40 10.77 4.26
C HIS H 290 52.93 9.56 5.06
N PHE H 291 52.76 9.73 6.38
CA PHE H 291 52.31 8.64 7.23
C PHE H 291 50.95 8.12 6.79
N ALA H 292 50.00 9.03 6.53
CA ALA H 292 48.71 8.61 6.01
C ALA H 292 48.85 8.00 4.62
N ILE H 293 49.73 8.56 3.80
CA ILE H 293 49.97 8.00 2.47
C ILE H 293 50.60 6.62 2.58
N GLY H 294 51.57 6.46 3.50
CA GLY H 294 52.27 5.19 3.62
C GLY H 294 51.35 4.04 4.03
N LEU H 295 50.24 4.34 4.69
CA LEU H 295 49.27 3.30 5.02
C LEU H 295 48.70 2.67 3.77
N ALA H 296 48.40 3.48 2.76
CA ALA H 296 47.96 2.94 1.47
C ALA H 296 49.05 2.09 0.83
N LEU H 297 50.31 2.53 0.91
CA LEU H 297 51.40 1.67 0.51
C LEU H 297 51.47 0.43 1.39
N TYR H 298 51.21 0.58 2.69
CA TYR H 298 51.20 -0.57 3.58
C TYR H 298 50.03 -1.50 3.25
N TYR H 299 48.83 -0.94 3.09
CA TYR H 299 47.65 -1.71 2.75
C TYR H 299 46.99 -1.12 1.50
N PRO H 300 47.35 -1.61 0.31
CA PRO H 300 46.74 -1.03 -0.91
C PRO H 300 45.26 -1.36 -1.06
N SER H 301 44.86 -2.58 -0.70
CA SER H 301 43.47 -2.99 -0.85
C SER H 301 42.53 -2.24 0.09
N ALA H 302 42.94 -2.00 1.33
CA ALA H 302 42.08 -1.34 2.30
C ALA H 302 41.80 0.09 1.89
N ARG H 303 40.53 0.50 1.96
CA ARG H 303 40.14 1.85 1.57
C ARG H 303 40.32 2.79 2.76
N ILE H 304 40.82 3.99 2.47
CA ILE H 304 41.16 4.98 3.49
C ILE H 304 40.44 6.28 3.18
N VAL H 305 39.94 6.93 4.22
CA VAL H 305 39.23 8.19 4.09
C VAL H 305 40.16 9.31 4.56
N TYR H 306 40.44 10.25 3.66
CA TYR H 306 41.34 11.36 3.94
C TYR H 306 40.49 12.58 4.29
N THR H 307 40.42 12.91 5.58
CA THR H 307 39.52 13.95 6.05
C THR H 307 40.24 14.89 6.99
N ALA H 308 40.03 16.19 6.80
CA ALA H 308 40.51 17.22 7.70
C ALA H 308 39.42 18.29 7.82
N CYS H 309 39.64 19.25 8.72
CA CYS H 309 38.63 20.25 8.98
C CYS H 309 38.42 21.19 7.79
N SER H 310 39.44 21.34 6.93
CA SER H 310 39.33 22.20 5.77
C SER H 310 39.90 21.48 4.56
N HIS H 311 39.41 21.86 3.38
CA HIS H 311 39.91 21.27 2.13
C HIS H 311 41.36 21.65 1.86
N ALA H 312 41.81 22.82 2.34
CA ALA H 312 43.21 23.18 2.22
C ALA H 312 44.12 22.28 3.03
N ALA H 313 43.64 21.77 4.16
CA ALA H 313 44.36 20.74 4.91
C ALA H 313 44.23 19.37 4.26
N VAL H 314 43.05 19.07 3.71
CA VAL H 314 42.87 17.85 2.93
C VAL H 314 43.76 17.90 1.69
N ASP H 315 44.06 19.10 1.20
CA ASP H 315 44.96 19.25 0.07
C ASP H 315 46.32 18.61 0.35
N ALA H 316 46.80 18.71 1.59
CA ALA H 316 48.06 18.08 1.95
C ALA H 316 48.03 16.59 1.69
N LEU H 317 46.91 15.94 2.03
CA LEU H 317 46.72 14.54 1.66
C LEU H 317 46.64 14.37 0.15
N CYS H 318 45.95 15.28 -0.55
CA CYS H 318 45.87 15.23 -2.00
C CYS H 318 47.17 15.66 -2.66
N GLU H 319 48.00 16.45 -1.97
CA GLU H 319 49.29 16.83 -2.52
C GLU H 319 50.18 15.62 -2.73
N LYS H 320 50.15 14.67 -1.80
CA LYS H 320 50.94 13.46 -1.90
C LYS H 320 50.20 12.31 -2.56
N ALA H 321 48.92 12.48 -2.86
CA ALA H 321 48.17 11.45 -3.56
C ALA H 321 48.53 11.39 -5.05
N LEU H 322 48.90 12.53 -5.62
CA LEU H 322 49.21 12.56 -7.05
C LEU H 322 50.51 11.82 -7.36
N LYS H 323 51.49 11.90 -6.46
CA LYS H 323 52.77 11.26 -6.73
C LYS H 323 52.84 9.83 -6.23
N TYR H 324 52.13 9.50 -5.15
CA TYR H 324 52.24 8.18 -4.54
C TYR H 324 51.02 7.29 -4.73
N LEU H 325 49.83 7.87 -4.90
CA LEU H 325 48.62 7.07 -4.98
C LEU H 325 48.13 6.97 -6.41
N PRO H 326 47.72 5.79 -6.85
CA PRO H 326 47.12 5.66 -8.20
C PRO H 326 45.84 6.48 -8.27
N ILE H 327 45.85 7.49 -9.14
CA ILE H 327 44.75 8.45 -9.25
C ILE H 327 43.43 7.79 -9.64
N ASP H 328 43.47 6.67 -10.37
CA ASP H 328 42.24 6.00 -10.79
C ASP H 328 41.43 5.48 -9.60
N LYS H 329 42.02 5.39 -8.41
CA LYS H 329 41.33 4.90 -7.23
C LYS H 329 41.09 6.01 -6.20
N CYS H 330 41.38 7.26 -6.53
CA CYS H 330 41.18 8.38 -5.61
C CYS H 330 39.93 9.17 -5.98
N SER H 331 39.40 9.88 -4.99
CA SER H 331 38.21 10.70 -5.18
C SER H 331 38.20 11.84 -4.18
N ARG H 332 37.90 13.05 -4.66
CA ARG H 332 37.73 14.23 -3.83
C ARG H 332 36.27 14.66 -3.87
N ILE H 333 35.67 14.87 -2.71
CA ILE H 333 34.25 15.18 -2.58
C ILE H 333 34.11 16.65 -2.23
N ILE H 334 33.43 17.41 -3.08
CA ILE H 334 33.17 18.83 -2.87
C ILE H 334 31.72 19.11 -3.21
N PRO H 335 30.97 19.78 -2.34
CA PRO H 335 29.55 20.05 -2.62
C PRO H 335 29.40 21.16 -3.67
N ALA H 336 28.17 21.29 -4.16
CA ALA H 336 27.83 22.30 -5.15
C ALA H 336 27.94 23.70 -4.55
N VAL H 340 33.81 26.65 -3.58
CA VAL H 340 35.18 27.02 -3.29
C VAL H 340 36.15 26.22 -4.17
N GLU H 341 37.13 26.91 -4.74
CA GLU H 341 38.12 26.25 -5.59
C GLU H 341 39.15 25.54 -4.73
N CYS H 342 39.45 24.29 -5.09
CA CYS H 342 40.42 23.47 -4.37
C CYS H 342 40.91 22.39 -5.33
N PHE H 343 41.59 21.38 -4.79
CA PHE H 343 42.07 20.28 -5.60
C PHE H 343 40.89 19.49 -6.17
N ASP H 344 40.95 19.21 -7.47
CA ASP H 344 39.95 18.37 -8.13
C ASP H 344 40.64 17.46 -9.15
N LYS H 345 41.88 17.07 -8.86
CA LYS H 345 42.60 16.15 -9.73
C LYS H 345 41.93 14.78 -9.82
N PHE H 346 41.11 14.42 -8.85
CA PHE H 346 40.39 13.17 -8.84
C PHE H 346 39.01 13.36 -9.46
N LYS H 347 38.18 12.34 -9.37
CA LYS H 347 36.79 12.44 -9.80
C LYS H 347 35.91 12.83 -8.62
N VAL H 348 35.07 13.85 -8.83
CA VAL H 348 34.25 14.41 -7.77
C VAL H 348 32.96 13.59 -7.65
N ASN H 349 32.48 13.44 -6.43
CA ASN H 349 31.26 12.70 -6.12
C ASN H 349 31.34 11.26 -6.63
N SER H 350 32.32 10.54 -6.11
CA SER H 350 32.51 9.10 -6.39
C SER H 350 32.61 8.39 -5.05
N THR H 351 31.46 7.97 -4.52
CA THR H 351 31.41 7.40 -3.18
C THR H 351 32.11 6.05 -3.12
N LEU H 352 31.84 5.17 -4.07
CA LEU H 352 32.33 3.80 -4.02
C LEU H 352 33.77 3.70 -4.53
N GLU H 353 34.68 4.49 -3.97
CA GLU H 353 36.04 4.55 -4.46
C GLU H 353 37.02 4.02 -3.42
N GLN H 354 38.14 3.52 -3.93
CA GLN H 354 39.19 2.96 -3.08
C GLN H 354 39.81 4.03 -2.18
N TYR H 355 40.04 5.23 -2.72
CA TYR H 355 40.57 6.34 -1.94
C TYR H 355 39.59 7.49 -2.00
N VAL H 356 39.18 7.99 -0.84
CA VAL H 356 38.21 9.07 -0.74
C VAL H 356 38.85 10.22 0.03
N PHE H 357 38.83 11.40 -0.57
CA PHE H 357 39.37 12.62 0.01
C PHE H 357 38.22 13.61 0.17
N CYS H 358 38.05 14.15 1.37
CA CYS H 358 36.96 15.10 1.60
C CYS H 358 37.19 15.83 2.91
N THR H 359 36.34 16.83 3.15
CA THR H 359 36.36 17.66 4.33
C THR H 359 35.17 17.33 5.22
N VAL H 360 35.29 17.63 6.51
CA VAL H 360 34.29 17.32 7.52
C VAL H 360 32.90 17.82 7.13
N ASN H 361 32.83 18.81 6.24
CA ASN H 361 31.56 19.41 5.89
C ASN H 361 30.80 18.66 4.79
N ALA H 362 31.44 17.71 4.10
CA ALA H 362 30.83 17.12 2.91
C ALA H 362 31.00 15.61 2.79
N LEU H 363 31.64 14.95 3.75
CA LEU H 363 31.88 13.51 3.60
C LEU H 363 30.57 12.75 3.76
N PRO H 364 30.19 11.92 2.79
CA PRO H 364 28.94 11.16 2.89
C PRO H 364 29.05 10.05 3.93
N GLU H 365 27.88 9.55 4.32
CA GLU H 365 27.79 8.49 5.32
C GLU H 365 28.13 7.15 4.67
N THR H 366 29.34 6.65 4.91
CA THR H 366 29.82 5.40 4.34
C THR H 366 30.56 4.64 5.43
N THR H 367 31.31 3.62 5.02
CA THR H 367 32.21 2.91 5.93
C THR H 367 33.54 2.69 5.21
N ALA H 368 34.60 2.54 6.01
CA ALA H 368 35.94 2.34 5.48
C ALA H 368 36.73 1.48 6.45
N ASP H 369 37.93 1.08 6.03
CA ASP H 369 38.78 0.24 6.87
C ASP H 369 39.47 1.06 7.94
N ILE H 370 40.31 2.01 7.54
CA ILE H 370 41.04 2.88 8.45
C ILE H 370 40.80 4.32 8.04
N VAL H 371 40.64 5.20 9.02
CA VAL H 371 40.47 6.62 8.77
C VAL H 371 41.81 7.31 8.99
N VAL H 372 42.01 8.41 8.27
CA VAL H 372 43.08 9.35 8.56
C VAL H 372 42.43 10.72 8.75
N PHE H 373 42.42 11.17 9.99
CA PHE H 373 41.81 12.46 10.35
C PHE H 373 42.92 13.48 10.52
N ASP H 374 43.27 14.17 9.44
CA ASP H 374 44.34 15.14 9.48
C ASP H 374 43.93 16.37 10.27
N GLU H 375 44.88 16.92 11.03
CA GLU H 375 44.70 18.16 11.79
C GLU H 375 43.53 18.04 12.77
N ILE H 376 43.73 17.13 13.75
CA ILE H 376 42.72 16.93 14.78
C ILE H 376 42.67 18.12 15.73
N SER H 377 43.74 18.92 15.79
CA SER H 377 43.76 20.07 16.67
C SER H 377 42.74 21.13 16.25
N MET H 378 42.63 21.38 14.94
CA MET H 378 41.74 22.44 14.46
C MET H 378 40.29 22.12 14.77
N ALA H 379 39.86 20.89 14.52
CA ALA H 379 38.48 20.50 14.77
C ALA H 379 38.20 20.37 16.26
N THR H 380 36.97 20.69 16.64
CA THR H 380 36.51 20.56 18.01
C THR H 380 35.87 19.19 18.21
N ASN H 381 35.21 19.01 19.36
CA ASN H 381 34.44 17.79 19.58
C ASN H 381 33.26 17.67 18.63
N TYR H 382 32.81 18.79 18.04
CA TYR H 382 31.71 18.74 17.08
C TYR H 382 32.08 17.87 15.88
N ASP H 383 33.09 18.30 15.13
CA ASP H 383 33.54 17.54 13.97
C ASP H 383 34.27 16.26 14.34
N LEU H 384 34.77 16.17 15.58
CA LEU H 384 35.42 14.93 16.02
C LEU H 384 34.42 13.77 16.00
N SER H 385 33.23 13.97 16.56
CA SER H 385 32.20 12.96 16.57
C SER H 385 31.48 12.82 15.23
N VAL H 386 31.54 13.83 14.37
CA VAL H 386 30.81 13.79 13.11
C VAL H 386 31.38 12.70 12.20
N VAL H 387 32.67 12.41 12.34
CA VAL H 387 33.28 11.38 11.51
C VAL H 387 32.77 10.00 11.90
N ASN H 388 32.59 9.74 13.20
CA ASN H 388 31.95 8.51 13.62
C ASN H 388 30.48 8.51 13.23
N ALA H 389 29.88 9.71 13.14
CA ALA H 389 28.51 9.81 12.65
C ALA H 389 28.43 9.46 11.17
N ARG H 390 29.34 10.00 10.35
CA ARG H 390 29.34 9.63 8.93
C ARG H 390 29.77 8.19 8.75
N LEU H 391 30.89 7.81 9.35
CA LEU H 391 31.59 6.59 8.97
C LEU H 391 32.13 5.88 10.20
N ARG H 392 31.70 4.64 10.39
CA ARG H 392 32.21 3.77 11.43
C ARG H 392 33.24 2.83 10.80
N ALA H 393 34.51 3.02 11.12
CA ALA H 393 35.59 2.24 10.54
C ALA H 393 36.05 1.14 11.49
N LYS H 394 36.80 0.20 10.93
CA LYS H 394 37.39 -0.86 11.74
C LYS H 394 38.63 -0.37 12.48
N HIS H 395 39.38 0.57 11.91
CA HIS H 395 40.50 1.19 12.58
C HIS H 395 40.48 2.68 12.33
N TYR H 396 41.12 3.44 13.23
CA TYR H 396 41.11 4.90 13.17
C TYR H 396 42.51 5.45 13.40
N VAL H 397 42.85 6.50 12.66
CA VAL H 397 44.11 7.22 12.83
C VAL H 397 43.79 8.71 12.84
N TYR H 398 44.35 9.42 13.83
CA TYR H 398 44.06 10.83 14.03
C TYR H 398 45.35 11.64 13.84
N ILE H 399 45.55 12.16 12.64
CA ILE H 399 46.73 12.99 12.35
C ILE H 399 46.51 14.38 12.92
N GLY H 400 47.52 14.89 13.60
CA GLY H 400 47.48 16.18 14.22
C GLY H 400 48.29 16.17 15.50
N ASP H 401 48.09 17.19 16.31
CA ASP H 401 48.83 17.31 17.56
C ASP H 401 48.15 18.32 18.49
N PRO H 402 48.01 18.01 19.77
CA PRO H 402 47.55 19.04 20.72
C PRO H 402 48.51 20.20 20.81
N ALA H 403 49.79 19.96 20.55
CA ALA H 403 50.79 21.02 20.50
C ALA H 403 50.77 21.70 19.13
N GLN H 404 49.60 22.19 18.74
CA GLN H 404 49.42 22.85 17.46
C GLN H 404 48.39 23.96 17.64
N LEU H 405 47.88 24.48 16.53
CA LEU H 405 46.96 25.60 16.57
C LEU H 405 45.54 25.12 16.87
N PRO H 406 44.90 25.65 17.91
CA PRO H 406 43.47 25.40 18.10
C PRO H 406 42.65 26.30 17.19
N ALA H 407 41.33 26.08 17.21
CA ALA H 407 40.43 26.93 16.46
C ALA H 407 40.40 28.33 17.09
N PRO H 408 40.05 29.35 16.31
CA PRO H 408 39.85 30.68 16.90
C PRO H 408 38.52 30.76 17.62
N ARG H 409 38.57 30.72 18.95
CA ARG H 409 37.37 30.75 19.78
C ARG H 409 36.99 32.21 20.00
N THR H 410 35.95 32.66 19.29
CA THR H 410 35.59 34.08 19.32
C THR H 410 34.90 34.47 20.62
N LEU H 411 34.06 33.61 21.19
CA LEU H 411 33.45 33.89 22.47
C LEU H 411 34.38 33.66 23.65
N LEU H 412 35.53 33.04 23.42
CA LEU H 412 36.54 32.89 24.47
C LEU H 412 37.15 34.26 24.76
N THR H 413 36.76 34.85 25.88
CA THR H 413 37.23 36.19 26.26
C THR H 413 38.18 36.14 27.44
N LYS H 414 37.81 35.44 28.51
CA LYS H 414 38.62 35.35 29.72
C LYS H 414 39.35 34.01 29.73
N GLY H 415 40.68 34.06 29.80
CA GLY H 415 41.48 32.86 29.83
C GLY H 415 41.81 32.32 28.46
N THR H 416 42.82 31.46 28.38
CA THR H 416 43.21 30.79 27.14
C THR H 416 43.02 29.29 27.31
N LEU H 417 42.38 28.67 26.31
CA LEU H 417 42.04 27.25 26.42
C LEU H 417 43.32 26.42 26.36
N GLU H 418 43.46 25.51 27.33
CA GLU H 418 44.67 24.71 27.45
C GLU H 418 44.76 23.70 26.30
N PRO H 419 45.97 23.28 25.93
CA PRO H 419 46.11 22.32 24.81
C PRO H 419 45.34 21.03 25.01
N GLU H 420 45.23 20.54 26.25
CA GLU H 420 44.56 19.28 26.48
C GLU H 420 43.06 19.35 26.16
N TYR H 421 42.39 20.42 26.56
CA TYR H 421 40.94 20.49 26.49
C TYR H 421 40.43 21.05 25.16
N PHE H 422 41.23 20.97 24.10
CA PHE H 422 40.75 21.42 22.79
C PHE H 422 39.57 20.57 22.33
N ASN H 423 39.68 19.25 22.47
CA ASN H 423 38.58 18.34 22.20
C ASN H 423 38.91 17.00 22.86
N SER H 424 38.05 16.01 22.63
CA SER H 424 38.22 14.72 23.28
C SER H 424 39.53 14.06 22.88
N VAL H 425 39.88 14.11 21.60
CA VAL H 425 41.13 13.48 21.16
C VAL H 425 42.33 14.21 21.74
N CYS H 426 42.26 15.54 21.87
CA CYS H 426 43.38 16.29 22.42
C CYS H 426 43.60 16.03 23.90
N ARG H 427 42.61 15.48 24.61
CA ARG H 427 42.75 15.32 26.05
C ARG H 427 43.67 14.16 26.41
N LEU H 428 43.44 12.99 25.81
CA LEU H 428 43.97 11.75 26.37
C LEU H 428 45.45 11.51 26.07
N MET H 429 46.04 12.19 25.09
CA MET H 429 47.42 11.88 24.75
C MET H 429 48.44 12.67 25.56
N LYS H 430 48.00 13.46 26.54
CA LYS H 430 48.88 13.89 27.63
C LYS H 430 48.46 13.28 28.97
N THR H 431 47.56 12.32 28.95
CA THR H 431 47.22 11.50 30.11
C THR H 431 47.65 10.05 29.94
N ILE H 432 47.21 9.41 28.86
CA ILE H 432 47.72 8.09 28.50
C ILE H 432 48.90 8.18 27.54
N GLY H 433 48.99 9.26 26.75
CA GLY H 433 50.09 9.42 25.82
C GLY H 433 49.74 8.94 24.43
N PRO H 434 50.54 9.32 23.45
CA PRO H 434 50.31 8.87 22.08
C PRO H 434 50.72 7.42 21.88
N ASP H 435 50.18 6.82 20.82
CA ASP H 435 50.48 5.43 20.51
C ASP H 435 51.63 5.27 19.54
N MET H 436 51.88 6.26 18.69
CA MET H 436 53.06 6.27 17.83
C MET H 436 53.61 7.69 17.75
N PHE H 437 54.85 7.80 17.27
CA PHE H 437 55.54 9.07 17.24
C PHE H 437 56.49 9.11 16.05
N LEU H 438 56.68 10.30 15.48
CA LEU H 438 57.65 10.54 14.44
C LEU H 438 58.64 11.59 14.91
N GLY H 439 59.87 11.17 15.19
CA GLY H 439 60.93 12.06 15.61
C GLY H 439 61.73 12.68 14.49
N THR H 440 61.32 12.49 13.24
CA THR H 440 62.05 12.99 12.08
C THR H 440 61.44 14.31 11.65
N CYS H 441 61.94 15.41 12.22
CA CYS H 441 61.53 16.76 11.81
C CYS H 441 62.20 17.04 10.47
N ARG H 442 61.45 16.85 9.39
CA ARG H 442 62.03 16.88 8.04
C ARG H 442 62.41 18.28 7.57
N ARG H 443 61.99 19.34 8.27
CA ARG H 443 62.29 20.69 7.86
C ARG H 443 63.22 21.42 8.84
N CYS H 444 62.82 21.56 10.09
CA CYS H 444 63.47 22.51 10.98
C CYS H 444 64.90 22.06 11.27
N PRO H 445 65.85 23.00 11.30
CA PRO H 445 67.24 22.66 11.62
C PRO H 445 67.41 22.44 13.12
N ALA H 446 68.66 22.21 13.52
CA ALA H 446 68.95 21.91 14.92
C ALA H 446 68.58 23.07 15.84
N GLU H 447 68.60 24.30 15.31
CA GLU H 447 68.27 25.46 16.14
C GLU H 447 66.81 25.40 16.62
N ILE H 448 65.90 25.01 15.75
CA ILE H 448 64.48 25.06 16.07
C ILE H 448 64.01 23.79 16.77
N VAL H 449 64.47 22.62 16.35
CA VAL H 449 63.92 21.37 16.85
C VAL H 449 64.23 21.20 18.34
N ASP H 450 65.48 21.42 18.74
CA ASP H 450 65.83 21.23 20.14
C ASP H 450 65.15 22.26 21.03
N THR H 451 64.87 23.45 20.49
CA THR H 451 64.15 24.47 21.24
C THR H 451 62.71 24.06 21.47
N VAL H 452 62.03 23.61 20.42
CA VAL H 452 60.63 23.19 20.57
C VAL H 452 60.52 21.82 21.22
N SER H 453 61.59 21.03 21.23
CA SER H 453 61.56 19.74 21.91
C SER H 453 61.49 19.92 23.43
N ALA H 454 62.28 20.85 23.97
CA ALA H 454 62.30 21.10 25.39
C ALA H 454 61.13 21.95 25.87
N LEU H 455 60.25 22.38 24.97
CA LEU H 455 59.13 23.23 25.34
C LEU H 455 57.89 22.42 25.69
N VAL H 456 57.38 21.64 24.74
CA VAL H 456 56.17 20.85 24.96
C VAL H 456 56.38 19.43 24.45
N TYR H 457 57.50 19.20 23.77
CA TYR H 457 57.74 17.95 23.06
C TYR H 457 58.55 16.95 23.87
N ASP H 458 58.84 17.25 25.14
CA ASP H 458 59.51 16.34 26.07
C ASP H 458 60.90 15.92 25.57
N ASN H 459 61.60 16.83 24.88
CA ASN H 459 62.93 16.54 24.33
C ASN H 459 62.92 15.29 23.45
N LYS H 460 61.78 15.02 22.82
CA LYS H 460 61.57 13.77 22.09
C LYS H 460 61.66 13.94 20.59
N LEU H 461 61.54 15.16 20.08
CA LEU H 461 61.77 15.46 18.67
C LEU H 461 63.21 15.95 18.51
N LYS H 462 63.99 15.21 17.74
CA LYS H 462 65.42 15.43 17.63
C LYS H 462 65.77 16.18 16.35
N ALA H 463 66.94 16.82 16.36
CA ALA H 463 67.40 17.62 15.23
C ALA H 463 67.66 16.73 14.01
N HIS H 464 67.51 17.33 12.83
CA HIS H 464 67.61 16.57 11.59
C HIS H 464 69.02 16.60 10.99
N LYS H 465 69.51 17.79 10.63
CA LYS H 465 70.77 17.89 9.89
C LYS H 465 71.88 18.59 10.68
N ASP H 466 71.67 19.83 11.10
CA ASP H 466 72.76 20.62 11.66
C ASP H 466 72.22 21.93 12.22
N LYS H 467 73.09 22.65 12.92
CA LYS H 467 72.80 23.98 13.44
C LYS H 467 73.14 24.99 12.33
N SER H 468 72.13 25.31 11.52
CA SER H 468 72.35 26.19 10.37
C SER H 468 72.80 27.58 10.77
N ALA H 469 72.56 27.99 12.02
CA ALA H 469 72.93 29.31 12.52
C ALA H 469 72.29 30.43 11.70
N GLN H 470 71.18 30.11 11.01
CA GLN H 470 70.47 31.08 10.20
C GLN H 470 69.20 31.59 10.87
N CYS H 471 68.94 31.18 12.11
CA CYS H 471 67.80 31.68 12.89
C CYS H 471 68.30 32.66 13.93
N PHE H 472 67.65 33.83 14.01
CA PHE H 472 68.07 34.89 14.92
C PHE H 472 66.89 35.38 15.73
N LYS H 473 67.20 35.87 16.94
CA LYS H 473 66.29 36.70 17.70
C LYS H 473 66.95 38.04 17.95
N MET H 474 66.17 38.95 18.55
N MET H 474 66.17 38.97 18.52
CA MET H 474 66.69 40.25 18.95
CA MET H 474 66.67 40.25 18.95
C MET H 474 66.00 40.67 20.24
C MET H 474 66.00 40.62 20.27
N PHE H 475 66.80 41.02 21.25
CA PHE H 475 66.30 41.41 22.56
C PHE H 475 65.77 42.83 22.44
N TYR H 476 64.49 42.95 22.11
CA TYR H 476 63.88 44.23 21.80
C TYR H 476 62.71 44.51 22.73
N LYS H 477 62.15 45.72 22.59
CA LYS H 477 61.10 46.21 23.48
C LYS H 477 59.76 46.39 22.78
N GLY H 478 59.73 47.17 21.68
CA GLY H 478 58.51 47.34 20.93
C GLY H 478 57.54 48.35 21.51
N VAL H 479 56.76 48.99 20.64
CA VAL H 479 55.74 49.96 21.04
C VAL H 479 54.47 49.68 20.24
N ILE H 480 53.34 49.62 20.91
CA ILE H 480 52.07 49.22 20.31
C ILE H 480 51.03 50.31 20.50
N THR H 481 50.43 50.76 19.40
CA THR H 481 49.20 51.54 19.43
C THR H 481 48.15 50.76 18.64
N HIS H 482 47.05 50.41 19.29
CA HIS H 482 46.11 49.44 18.76
C HIS H 482 44.94 50.12 18.07
N ASP H 483 44.08 49.30 17.48
CA ASP H 483 42.93 49.75 16.70
C ASP H 483 41.78 48.82 17.09
N VAL H 484 40.72 48.79 16.30
CA VAL H 484 39.53 48.01 16.66
C VAL H 484 39.87 46.54 16.86
N SER H 485 40.56 45.94 15.89
CA SER H 485 40.83 44.51 15.95
C SER H 485 42.24 44.18 15.48
N SER H 486 43.23 44.96 15.89
CA SER H 486 44.61 44.68 15.51
C SER H 486 45.55 45.49 16.41
N ALA H 487 46.84 45.41 16.09
CA ALA H 487 47.88 46.17 16.77
C ALA H 487 49.10 46.23 15.87
N ILE H 488 49.75 47.39 15.85
CA ILE H 488 50.91 47.63 14.98
C ILE H 488 52.06 48.15 15.82
N ASN H 489 53.27 47.73 15.47
CA ASN H 489 54.49 48.08 16.21
C ASN H 489 55.40 48.88 15.29
N ARG H 490 55.32 50.21 15.38
CA ARG H 490 56.19 51.06 14.56
C ARG H 490 57.67 50.78 14.78
N PRO H 491 58.21 50.72 16.00
CA PRO H 491 59.65 50.43 16.14
C PRO H 491 60.06 49.12 15.49
N GLN H 492 59.24 48.07 15.62
CA GLN H 492 59.62 46.77 15.05
C GLN H 492 59.51 46.78 13.53
N ILE H 493 58.60 47.56 12.97
CA ILE H 493 58.58 47.74 11.51
C ILE H 493 59.84 48.46 11.06
N GLY H 494 60.33 49.41 11.87
CA GLY H 494 61.56 50.09 11.52
C GLY H 494 62.81 49.26 11.77
N VAL H 495 62.70 48.24 12.61
CA VAL H 495 63.84 47.36 12.87
C VAL H 495 64.06 46.40 11.71
N VAL H 496 62.98 45.79 11.22
CA VAL H 496 63.12 44.74 10.21
C VAL H 496 63.72 45.30 8.93
N ARG H 497 63.21 46.44 8.44
CA ARG H 497 63.73 46.99 7.20
C ARG H 497 65.19 47.40 7.36
N GLU H 498 65.51 48.03 8.50
CA GLU H 498 66.90 48.40 8.76
C GLU H 498 67.79 47.17 8.81
N PHE H 499 67.30 46.07 9.37
CA PHE H 499 68.08 44.84 9.40
C PHE H 499 68.20 44.23 8.00
N LEU H 500 67.20 44.46 7.15
CA LEU H 500 67.26 43.98 5.77
C LEU H 500 68.09 44.86 4.86
N THR H 501 68.37 46.11 5.25
CA THR H 501 69.02 47.06 4.34
C THR H 501 70.40 46.59 3.93
N ARG H 502 71.23 46.20 4.91
CA ARG H 502 72.63 45.90 4.66
C ARG H 502 72.91 44.41 4.50
N ASN H 503 71.94 43.55 4.81
CA ASN H 503 72.05 42.12 4.58
C ASN H 503 70.94 41.75 3.60
N PRO H 504 71.09 42.14 2.32
CA PRO H 504 69.97 42.01 1.38
C PRO H 504 69.55 40.57 1.11
N ALA H 505 70.42 39.59 1.36
CA ALA H 505 70.05 38.19 1.15
C ALA H 505 68.85 37.76 1.98
N TRP H 506 68.44 38.57 2.96
CA TRP H 506 67.26 38.30 3.75
C TRP H 506 65.98 38.79 3.09
N ARG H 507 66.08 39.49 1.95
CA ARG H 507 64.90 40.04 1.26
C ARG H 507 64.03 38.97 0.61
N LYS H 508 64.33 37.67 0.72
CA LYS H 508 63.44 36.62 0.26
C LYS H 508 62.71 35.94 1.40
N ALA H 509 62.65 36.58 2.56
CA ALA H 509 62.01 36.02 3.74
C ALA H 509 60.60 36.58 3.89
N VAL H 510 59.62 35.69 3.96
CA VAL H 510 58.22 36.10 4.02
C VAL H 510 57.92 36.59 5.44
N PHE H 511 57.38 37.79 5.54
CA PHE H 511 57.13 38.38 6.85
C PHE H 511 55.92 37.74 7.51
N ILE H 512 56.09 37.33 8.77
CA ILE H 512 55.02 36.72 9.55
C ILE H 512 54.49 37.75 10.53
N SER H 513 53.23 37.59 10.92
CA SER H 513 52.59 38.51 11.86
C SER H 513 51.39 37.84 12.52
N PRO H 514 51.26 37.93 13.85
CA PRO H 514 50.06 37.40 14.51
C PRO H 514 48.84 38.23 14.15
N TYR H 515 49.00 39.55 14.16
CA TYR H 515 48.00 40.47 13.64
C TYR H 515 48.34 40.75 12.18
N ASN H 516 47.57 40.15 11.27
CA ASN H 516 47.87 40.28 9.85
C ASN H 516 47.74 41.71 9.35
N SER H 517 46.99 42.57 10.05
CA SER H 517 46.90 43.97 9.66
C SER H 517 48.22 44.70 9.87
N GLN H 518 49.04 44.25 10.84
CA GLN H 518 50.32 44.89 11.07
C GLN H 518 51.25 44.73 9.86
N ASN H 519 51.29 43.52 9.28
CA ASN H 519 52.15 43.32 8.13
C ASN H 519 51.64 44.05 6.90
N ALA H 520 50.33 44.32 6.84
CA ALA H 520 49.82 45.17 5.77
C ALA H 520 50.45 46.55 5.82
N VAL H 521 50.73 47.05 7.03
CA VAL H 521 51.55 48.25 7.17
C VAL H 521 52.97 47.97 6.66
N ALA H 522 53.53 46.82 7.04
CA ALA H 522 54.87 46.46 6.57
C ALA H 522 54.89 46.23 5.06
N SER H 523 53.86 45.55 4.53
CA SER H 523 53.82 45.28 3.10
C SER H 523 53.72 46.56 2.29
N LYS H 524 53.16 47.62 2.87
CA LYS H 524 53.21 48.91 2.21
C LYS H 524 54.61 49.51 2.25
N ILE H 525 55.27 49.43 3.41
CA ILE H 525 56.62 49.98 3.54
C ILE H 525 57.63 49.10 2.81
N LEU H 526 57.46 47.79 2.87
CA LEU H 526 58.45 46.86 2.34
C LEU H 526 57.99 46.12 1.08
N GLY H 527 56.86 45.41 1.15
CA GLY H 527 56.34 44.71 0.00
C GLY H 527 56.39 43.20 0.06
N LEU H 528 57.11 42.63 1.03
CA LEU H 528 57.19 41.18 1.12
C LEU H 528 55.85 40.58 1.52
N PRO H 529 55.58 39.33 1.15
CA PRO H 529 54.25 38.74 1.36
C PRO H 529 53.90 38.62 2.85
N THR H 530 52.66 38.23 3.09
CA THR H 530 52.10 38.16 4.43
C THR H 530 51.89 36.73 4.87
N GLN H 531 52.00 36.53 6.20
CA GLN H 531 51.72 35.24 6.82
C GLN H 531 50.75 35.44 7.96
N THR H 532 49.70 34.63 8.00
CA THR H 532 48.77 34.60 9.13
C THR H 532 49.21 33.50 10.08
N VAL H 533 49.48 33.87 11.34
CA VAL H 533 49.98 32.91 12.31
C VAL H 533 48.95 31.80 12.53
N ASP H 534 47.66 32.17 12.64
CA ASP H 534 46.62 31.18 12.85
C ASP H 534 46.42 30.26 11.66
N SER H 535 46.91 30.65 10.47
CA SER H 535 46.74 29.85 9.27
C SER H 535 48.08 29.50 8.62
N SER H 536 49.18 29.54 9.37
CA SER H 536 50.48 29.21 8.81
C SER H 536 50.76 27.71 8.76
N GLN H 537 49.87 26.89 9.32
CA GLN H 537 50.05 25.45 9.27
C GLN H 537 49.97 24.93 7.84
N GLY H 538 50.78 23.93 7.54
CA GLY H 538 50.84 23.35 6.21
C GLY H 538 51.84 24.01 5.29
N SER H 539 51.89 25.33 5.30
CA SER H 539 52.83 26.09 4.47
C SER H 539 54.14 26.31 5.22
N GLU H 540 55.24 26.32 4.47
CA GLU H 540 56.56 26.53 5.06
C GLU H 540 57.47 27.15 4.01
N TYR H 541 58.49 27.85 4.47
CA TYR H 541 59.45 28.51 3.58
C TYR H 541 60.84 28.48 4.21
N ASP H 542 61.85 28.50 3.34
CA ASP H 542 63.23 28.48 3.81
C ASP H 542 63.56 29.74 4.63
N TYR H 543 63.22 30.91 4.09
CA TYR H 543 63.52 32.18 4.73
C TYR H 543 62.19 32.83 5.12
N VAL H 544 62.06 33.17 6.39
CA VAL H 544 60.88 33.86 6.91
C VAL H 544 61.32 34.82 8.02
N ILE H 545 60.69 35.99 8.07
CA ILE H 545 60.97 36.99 9.09
C ILE H 545 59.70 37.19 9.92
N PHE H 546 59.90 37.54 11.19
CA PHE H 546 58.79 37.62 12.13
C PHE H 546 59.05 38.70 13.16
N THR H 547 58.01 39.48 13.45
CA THR H 547 58.02 40.44 14.56
C THR H 547 57.01 39.97 15.61
N GLN H 548 57.47 39.87 16.87
CA GLN H 548 56.63 39.32 17.92
C GLN H 548 55.49 40.27 18.30
N THR H 549 55.65 41.57 18.04
CA THR H 549 54.58 42.56 18.17
C THR H 549 54.12 42.76 19.60
N THR H 550 53.37 41.81 20.15
CA THR H 550 52.75 41.96 21.45
C THR H 550 53.09 40.77 22.33
N GLU H 551 53.31 41.03 23.61
CA GLU H 551 53.61 39.99 24.59
C GLU H 551 52.38 39.47 25.30
N THR H 552 51.19 39.90 24.89
CA THR H 552 49.96 39.48 25.55
C THR H 552 49.67 38.01 25.27
N ALA H 553 48.57 37.53 25.85
CA ALA H 553 48.19 36.13 25.68
C ALA H 553 47.75 35.80 24.27
N HIS H 554 47.51 36.80 23.42
CA HIS H 554 47.10 36.52 22.04
C HIS H 554 48.27 36.03 21.20
N SER H 555 49.45 36.63 21.38
CA SER H 555 50.56 36.43 20.45
C SER H 555 51.59 35.42 20.97
N CYS H 556 52.11 35.64 22.17
CA CYS H 556 53.27 34.91 22.67
C CYS H 556 52.90 33.69 23.49
N ASN H 557 51.78 33.05 23.20
CA ASN H 557 51.55 31.72 23.73
C ASN H 557 52.60 30.78 23.16
N VAL H 558 53.18 29.94 24.03
CA VAL H 558 54.34 29.15 23.65
C VAL H 558 54.01 28.21 22.51
N ASN H 559 52.75 27.81 22.39
CA ASN H 559 52.37 26.83 21.38
C ASN H 559 51.68 27.44 20.17
N ARG H 560 50.94 28.54 20.37
CA ARG H 560 50.35 29.24 19.23
C ARG H 560 51.43 29.84 18.34
N PHE H 561 52.54 30.28 18.93
CA PHE H 561 53.70 30.72 18.17
C PHE H 561 54.49 29.54 17.60
N ASN H 562 54.41 28.37 18.23
CA ASN H 562 55.25 27.24 17.88
C ASN H 562 55.12 26.83 16.42
N VAL H 563 53.98 27.10 15.79
CA VAL H 563 53.83 26.80 14.37
C VAL H 563 54.67 27.76 13.53
N ALA H 564 54.71 29.03 13.92
CA ALA H 564 55.42 30.04 13.14
C ALA H 564 56.92 29.78 13.13
N ILE H 565 57.49 29.40 14.27
CA ILE H 565 58.93 29.16 14.32
C ILE H 565 59.30 27.91 13.52
N THR H 566 58.39 26.96 13.43
CA THR H 566 58.64 25.72 12.69
C THR H 566 58.44 25.88 11.18
N ARG H 567 58.00 27.05 10.72
CA ARG H 567 57.86 27.26 9.28
C ARG H 567 59.20 27.17 8.57
N ALA H 568 60.24 27.76 9.14
CA ALA H 568 61.55 27.79 8.51
C ALA H 568 62.22 26.43 8.60
N LYS H 569 62.84 26.00 7.51
CA LYS H 569 63.66 24.80 7.54
C LYS H 569 65.16 25.08 7.51
N VAL H 570 65.57 26.30 7.16
CA VAL H 570 66.97 26.69 7.16
C VAL H 570 67.25 27.86 8.09
N GLY H 571 66.36 28.84 8.16
CA GLY H 571 66.58 29.99 9.01
C GLY H 571 65.40 30.94 9.14
N ILE H 572 65.33 31.66 10.25
CA ILE H 572 64.23 32.56 10.56
C ILE H 572 64.78 33.81 11.22
N LEU H 573 63.98 34.88 11.18
CA LEU H 573 64.25 36.09 11.95
C LEU H 573 63.06 36.37 12.84
N CYS H 574 63.34 36.66 14.11
CA CYS H 574 62.28 36.96 15.08
C CYS H 574 62.78 38.09 15.95
N ILE H 575 62.00 39.17 16.04
CA ILE H 575 62.34 40.27 16.95
C ILE H 575 61.43 40.15 18.17
N MET H 576 62.04 39.87 19.32
CA MET H 576 61.30 39.54 20.54
C MET H 576 61.12 40.78 21.41
N SER H 577 59.88 41.25 21.51
CA SER H 577 59.51 42.12 22.61
C SER H 577 59.30 41.31 23.89
N ASP H 578 58.84 40.07 23.75
CA ASP H 578 58.57 39.20 24.89
C ASP H 578 59.88 38.72 25.53
N ARG H 579 59.78 38.38 26.81
CA ARG H 579 60.89 37.81 27.56
C ARG H 579 60.60 36.43 28.13
N ASP H 580 59.32 36.07 28.34
CA ASP H 580 58.99 34.78 28.89
C ASP H 580 59.53 33.64 28.03
N LEU H 581 59.53 33.82 26.71
CA LEU H 581 60.03 32.81 25.78
C LEU H 581 61.42 33.13 25.25
N TYR H 582 61.82 34.40 25.24
CA TYR H 582 63.13 34.77 24.71
C TYR H 582 64.25 34.23 25.58
N ASP H 583 64.01 34.14 26.90
CA ASP H 583 65.01 33.56 27.79
C ASP H 583 65.23 32.08 27.50
N LYS H 584 64.26 31.43 26.84
CA LYS H 584 64.31 30.01 26.57
C LYS H 584 64.87 29.69 25.19
N LEU H 585 64.48 30.46 24.17
CA LEU H 585 64.89 30.16 22.80
C LEU H 585 66.41 30.29 22.66
N GLN H 586 67.04 29.26 22.08
CA GLN H 586 68.49 29.22 21.91
C GLN H 586 68.89 29.68 20.50
N PHE H 587 68.52 30.90 20.15
CA PHE H 587 68.92 31.50 18.89
C PHE H 587 69.96 32.57 19.16
N THR H 588 70.38 33.27 18.09
CA THR H 588 71.45 34.25 18.17
C THR H 588 70.84 35.65 18.17
N SER H 589 71.21 36.47 19.15
CA SER H 589 70.76 37.85 19.25
C SER H 589 71.90 38.78 18.86
N LEU H 590 71.64 39.66 17.90
CA LEU H 590 72.65 40.57 17.36
C LEU H 590 72.34 42.00 17.81
N GLU H 591 73.24 42.91 17.45
CA GLU H 591 73.20 44.27 17.95
C GLU H 591 71.95 45.01 17.46
N ILE H 592 71.63 46.09 18.17
CA ILE H 592 70.46 46.92 17.90
C ILE H 592 70.98 48.29 17.43
N PRO H 593 70.82 48.63 16.13
CA PRO H 593 71.29 49.90 15.59
C PRO H 593 70.60 51.12 16.21
N ASN I 1 -47.10 27.72 -40.31
CA ASN I 1 -47.13 28.75 -39.55
C ASN I 1 -46.18 28.93 -38.36
N ASN I 2 -45.48 30.47 -38.35
CA ASN I 2 -44.53 30.40 -37.25
C ASN I 2 -44.25 31.90 -37.42
N GLU I 3 -45.20 32.12 -36.92
CA GLU I 3 -45.39 33.54 -37.13
C GLU I 3 -44.36 34.36 -36.36
N LEU I 4 -44.21 35.61 -36.78
CA LEU I 4 -43.13 36.45 -36.28
C LEU I 4 -43.49 37.07 -34.94
N SER I 5 -44.52 37.92 -34.91
CA SER I 5 -44.94 38.57 -33.69
C SER I 5 -46.42 38.89 -33.76
N PRO I 6 -47.28 38.10 -33.12
CA PRO I 6 -48.70 38.47 -33.05
C PRO I 6 -48.91 39.68 -32.15
N VAL I 7 -49.65 40.66 -32.65
CA VAL I 7 -49.96 41.92 -31.97
C VAL I 7 -48.70 42.76 -31.76
N ALA I 8 -48.84 44.07 -31.82
CA ALA I 8 -47.74 45.01 -31.63
C ALA I 8 -47.66 45.44 -30.17
N LEU I 9 -46.49 45.95 -29.78
CA LEU I 9 -46.30 46.25 -28.37
C LEU I 9 -46.85 47.61 -27.97
N ARG I 10 -46.17 48.71 -28.36
CA ARG I 10 -46.63 50.08 -28.16
C ARG I 10 -45.57 51.08 -28.62
N GLN I 11 -45.87 52.38 -28.55
CA GLN I 11 -44.91 53.44 -28.81
C GLN I 11 -45.00 54.51 -27.72
N MET I 12 -43.84 55.07 -27.36
CA MET I 12 -43.77 56.22 -26.47
C MET I 12 -42.67 57.16 -26.95
N SER I 13 -42.28 58.08 -26.07
CA SER I 13 -41.10 58.90 -26.27
C SER I 13 -40.12 58.69 -25.11
N CYS I 14 -38.88 59.13 -25.31
CA CYS I 14 -37.84 58.97 -24.30
C CYS I 14 -36.73 59.97 -24.57
N ALA I 15 -35.64 59.85 -23.82
CA ALA I 15 -34.52 60.77 -23.87
C ALA I 15 -33.26 60.07 -24.35
N ALA I 16 -32.45 60.78 -25.12
CA ALA I 16 -31.21 60.23 -25.66
C ALA I 16 -30.18 61.35 -25.82
N GLY I 17 -28.98 60.96 -26.20
CA GLY I 17 -27.88 61.92 -26.35
C GLY I 17 -26.68 61.26 -26.99
N THR I 18 -25.57 61.99 -26.99
CA THR I 18 -24.34 61.51 -27.59
C THR I 18 -23.38 60.91 -26.57
N THR I 19 -23.34 61.43 -25.34
CA THR I 19 -22.49 60.90 -24.30
C THR I 19 -23.32 60.78 -23.02
N GLN I 20 -22.65 60.46 -21.91
CA GLN I 20 -23.35 60.22 -20.65
C GLN I 20 -24.15 61.45 -20.22
N THR I 21 -23.54 62.63 -20.32
CA THR I 21 -24.18 63.87 -19.92
C THR I 21 -24.93 64.55 -21.05
N ALA I 22 -24.76 64.09 -22.30
CA ALA I 22 -25.46 64.69 -23.42
C ALA I 22 -26.92 64.30 -23.49
N CYS I 23 -27.45 63.61 -22.47
CA CYS I 23 -28.84 63.21 -22.45
C CYS I 23 -29.75 64.40 -22.22
N THR I 24 -30.34 64.92 -23.28
CA THR I 24 -31.28 66.04 -23.20
C THR I 24 -32.68 65.46 -22.95
N ASP I 25 -33.71 66.28 -23.09
CA ASP I 25 -35.08 65.84 -22.87
C ASP I 25 -35.55 65.04 -24.09
N ASP I 26 -36.87 64.81 -24.18
CA ASP I 26 -37.46 63.94 -25.19
C ASP I 26 -36.92 64.22 -26.58
N ASN I 27 -36.20 63.24 -27.15
CA ASN I 27 -35.63 63.40 -28.49
C ASN I 27 -35.71 62.14 -29.33
N ALA I 28 -36.54 61.17 -28.95
CA ALA I 28 -36.66 59.93 -29.71
C ALA I 28 -37.97 59.25 -29.34
N LEU I 29 -38.15 58.04 -29.86
CA LEU I 29 -39.33 57.23 -29.60
C LEU I 29 -38.90 55.79 -29.35
N ALA I 30 -39.61 55.09 -28.47
CA ALA I 30 -39.21 53.75 -28.04
C ALA I 30 -40.42 52.83 -28.00
N TYR I 31 -40.30 51.68 -28.66
CA TYR I 31 -41.23 50.56 -28.48
C TYR I 31 -40.76 49.74 -27.29
N TYR I 32 -41.69 49.39 -26.39
CA TYR I 32 -41.30 48.78 -25.14
C TYR I 32 -41.94 47.41 -24.96
N ASN I 33 -41.25 46.54 -24.23
CA ASN I 33 -41.80 45.24 -23.84
C ASN I 33 -42.50 45.40 -22.50
N THR I 34 -43.80 45.11 -22.46
CA THR I 34 -44.61 45.29 -21.26
C THR I 34 -44.51 44.02 -20.41
N THR I 35 -43.57 44.01 -19.49
CA THR I 35 -43.37 42.88 -18.59
C THR I 35 -43.75 43.28 -17.16
N LYS I 36 -44.33 42.31 -16.43
CA LYS I 36 -44.70 42.56 -15.06
C LYS I 36 -43.51 42.67 -14.12
N GLY I 37 -42.35 42.19 -14.53
CA GLY I 37 -41.17 42.23 -13.68
C GLY I 37 -40.16 43.29 -14.10
N GLY I 38 -40.64 44.45 -14.52
CA GLY I 38 -39.79 45.54 -14.93
C GLY I 38 -40.16 46.06 -16.31
N ARG I 39 -39.53 47.18 -16.66
CA ARG I 39 -39.78 47.88 -17.91
C ARG I 39 -38.58 47.72 -18.84
N PHE I 40 -38.84 47.52 -20.13
CA PHE I 40 -37.80 47.20 -21.10
C PHE I 40 -38.25 47.75 -22.45
N VAL I 41 -37.59 48.81 -22.93
CA VAL I 41 -37.86 49.35 -24.26
C VAL I 41 -37.02 48.58 -25.27
N LEU I 42 -37.45 48.59 -26.54
CA LEU I 42 -36.79 47.79 -27.56
C LEU I 42 -35.93 48.62 -28.51
N ALA I 43 -36.51 49.62 -29.18
CA ALA I 43 -35.82 50.31 -30.25
C ALA I 43 -35.96 51.81 -30.10
N LEU I 44 -34.91 52.54 -30.47
CA LEU I 44 -34.88 53.99 -30.39
C LEU I 44 -35.12 54.56 -31.78
N LEU I 45 -36.22 55.29 -31.93
CA LEU I 45 -36.64 55.84 -33.21
C LEU I 45 -36.41 57.35 -33.20
N SER I 46 -35.50 57.83 -34.04
CA SER I 46 -35.00 59.19 -33.90
C SER I 46 -34.68 59.76 -35.27
N ASP I 47 -34.57 61.09 -35.32
CA ASP I 47 -34.22 61.82 -36.54
C ASP I 47 -32.76 62.25 -36.56
N LEU I 48 -32.13 62.44 -35.41
CA LEU I 48 -30.77 62.94 -35.35
C LEU I 48 -29.81 61.79 -35.67
N GLN I 49 -28.72 62.13 -36.36
CA GLN I 49 -27.89 61.12 -36.99
C GLN I 49 -27.10 60.28 -35.99
N ASP I 50 -26.45 60.91 -35.02
CA ASP I 50 -25.38 60.25 -34.26
C ASP I 50 -25.66 60.31 -32.76
N LEU I 51 -26.86 59.90 -32.35
CA LEU I 51 -27.10 59.62 -30.95
C LEU I 51 -26.26 58.42 -30.53
N LYS I 52 -25.72 58.48 -29.32
CA LYS I 52 -24.96 57.35 -28.77
C LYS I 52 -25.31 56.97 -27.34
N TRP I 53 -25.91 57.84 -26.55
CA TRP I 53 -26.35 57.50 -25.21
C TRP I 53 -27.81 57.89 -25.03
N ALA I 54 -28.57 57.01 -24.36
CA ALA I 54 -29.95 57.29 -24.00
C ALA I 54 -30.10 57.06 -22.51
N ARG I 55 -31.16 57.64 -21.94
CA ARG I 55 -31.31 57.64 -20.49
C ARG I 55 -32.79 57.66 -20.13
N PHE I 56 -33.10 57.13 -18.95
CA PHE I 56 -34.45 57.16 -18.42
C PHE I 56 -34.38 56.89 -16.92
N PRO I 57 -34.91 57.78 -16.09
CA PRO I 57 -34.87 57.55 -14.64
C PRO I 57 -35.71 56.36 -14.23
N LYS I 58 -35.27 55.69 -13.16
CA LYS I 58 -35.96 54.51 -12.67
C LYS I 58 -37.35 54.89 -12.16
N SER I 59 -38.22 53.87 -12.06
CA SER I 59 -39.57 54.11 -11.55
C SER I 59 -39.55 54.66 -10.14
N ASP I 60 -38.55 54.28 -9.34
CA ASP I 60 -38.39 54.89 -8.02
C ASP I 60 -37.96 56.35 -8.11
N GLY I 61 -37.30 56.74 -9.20
CA GLY I 61 -36.83 58.08 -9.38
C GLY I 61 -35.44 58.36 -8.84
N THR I 62 -34.95 57.50 -7.95
CA THR I 62 -33.60 57.70 -7.39
C THR I 62 -32.54 57.34 -8.41
N GLY I 63 -32.75 56.26 -9.17
CA GLY I 63 -31.79 55.78 -10.14
C GLY I 63 -32.19 56.14 -11.56
N THR I 64 -31.20 56.04 -12.45
CA THR I 64 -31.40 56.34 -13.86
C THR I 64 -30.50 55.41 -14.67
N ILE I 65 -31.04 54.84 -15.74
CA ILE I 65 -30.34 53.84 -16.54
C ILE I 65 -29.87 54.46 -17.84
N TYR I 66 -28.62 54.19 -18.21
CA TYR I 66 -28.07 54.58 -19.50
C TYR I 66 -28.10 53.39 -20.44
N THR I 67 -28.47 53.64 -21.69
CA THR I 67 -28.58 52.59 -22.70
C THR I 67 -27.76 52.99 -23.92
N GLU I 68 -26.59 52.35 -24.08
CA GLU I 68 -25.76 52.57 -25.24
C GLU I 68 -26.46 52.07 -26.50
N LEU I 69 -26.10 52.65 -27.64
CA LEU I 69 -26.77 52.38 -28.89
C LEU I 69 -25.79 51.92 -29.96
N GLU I 70 -26.25 51.00 -30.79
CA GLU I 70 -25.48 50.45 -31.90
C GLU I 70 -25.42 51.45 -33.04
N PRO I 71 -24.66 51.18 -34.09
CA PRO I 71 -24.69 52.04 -35.27
C PRO I 71 -26.08 52.09 -35.88
N PRO I 72 -26.47 53.24 -36.43
CA PRO I 72 -27.87 53.45 -36.80
C PRO I 72 -28.28 52.66 -38.03
N CYS I 73 -29.58 52.74 -38.33
CA CYS I 73 -30.20 52.13 -39.50
C CYS I 73 -30.89 53.21 -40.30
N ARG I 74 -30.78 53.15 -41.61
CA ARG I 74 -31.31 54.19 -42.50
C ARG I 74 -32.62 53.69 -43.12
N PHE I 75 -33.70 54.44 -42.89
CA PHE I 75 -35.00 54.07 -43.44
C PHE I 75 -35.87 55.32 -43.49
N VAL I 76 -36.94 55.25 -44.27
CA VAL I 76 -37.86 56.36 -44.42
C VAL I 76 -39.29 55.83 -44.38
N THR I 77 -40.23 56.74 -44.12
CA THR I 77 -41.65 56.43 -44.10
C THR I 77 -42.38 57.44 -44.97
N ASP I 78 -43.68 57.20 -45.16
CA ASP I 78 -44.55 58.09 -45.92
C ASP I 78 -45.62 58.65 -44.99
N THR I 79 -45.70 59.97 -44.92
CA THR I 79 -46.61 60.66 -44.02
C THR I 79 -47.11 61.91 -44.74
N PRO I 80 -48.09 62.61 -44.16
CA PRO I 80 -48.43 63.94 -44.69
C PRO I 80 -47.24 64.89 -44.68
N LYS I 81 -46.27 64.68 -43.78
CA LYS I 81 -45.07 65.50 -43.76
C LYS I 81 -44.15 65.24 -44.94
N GLY I 82 -44.40 64.19 -45.71
CA GLY I 82 -43.58 63.89 -46.86
C GLY I 82 -42.42 62.98 -46.54
N PRO I 83 -41.42 62.93 -47.41
CA PRO I 83 -40.23 62.11 -47.13
C PRO I 83 -39.49 62.61 -45.91
N LYS I 84 -39.40 61.76 -44.89
CA LYS I 84 -38.90 62.16 -43.58
C LYS I 84 -37.99 61.05 -43.06
N VAL I 85 -36.70 61.19 -43.36
CA VAL I 85 -35.70 60.15 -43.14
C VAL I 85 -35.26 60.13 -41.68
N LYS I 86 -35.71 59.12 -40.94
CA LYS I 86 -35.29 58.91 -39.56
C LYS I 86 -34.20 57.84 -39.53
N TYR I 87 -33.62 57.64 -38.34
CA TYR I 87 -32.64 56.59 -38.11
C TYR I 87 -33.14 55.69 -36.99
N LEU I 88 -33.24 54.39 -37.28
CA LEU I 88 -33.60 53.40 -36.27
C LEU I 88 -32.35 53.05 -35.47
N TYR I 89 -32.42 53.25 -34.17
CA TYR I 89 -31.35 52.91 -33.25
C TYR I 89 -31.82 51.79 -32.34
N PHE I 90 -30.99 50.77 -32.17
CA PHE I 90 -31.27 49.67 -31.26
C PHE I 90 -30.36 49.81 -30.05
N ILE I 91 -30.89 49.47 -28.88
CA ILE I 91 -30.02 49.30 -27.71
C ILE I 91 -28.94 48.29 -28.04
N LYS I 92 -27.74 48.52 -27.51
CA LYS I 92 -26.66 47.57 -27.76
C LYS I 92 -26.98 46.25 -27.09
N GLY I 93 -26.68 45.16 -27.80
CA GLY I 93 -26.97 43.83 -27.32
C GLY I 93 -28.38 43.34 -27.56
N LEU I 94 -29.15 44.02 -28.42
CA LEU I 94 -30.49 43.55 -28.75
C LEU I 94 -30.39 42.24 -29.53
N ASN I 95 -31.20 41.27 -29.13
CA ASN I 95 -31.20 39.98 -29.80
C ASN I 95 -32.05 40.02 -31.07
N ASN I 96 -31.87 39.01 -31.92
CA ASN I 96 -32.49 39.01 -33.23
C ASN I 96 -34.01 39.03 -33.15
N LEU I 97 -34.58 38.30 -32.19
CA LEU I 97 -36.04 38.18 -32.15
C LEU I 97 -36.72 39.52 -31.92
N ASN I 98 -36.20 40.32 -30.98
CA ASN I 98 -36.83 41.61 -30.71
C ASN I 98 -36.63 42.56 -31.87
N ARG I 99 -35.49 42.48 -32.56
CA ARG I 99 -35.33 43.21 -33.82
C ARG I 99 -36.43 42.84 -34.80
N GLY I 100 -36.73 41.55 -34.91
CA GLY I 100 -37.80 41.13 -35.80
C GLY I 100 -39.14 41.70 -35.38
N MET I 101 -39.42 41.68 -34.08
CA MET I 101 -40.70 42.21 -33.61
C MET I 101 -40.85 43.69 -33.95
N VAL I 102 -39.83 44.50 -33.61
CA VAL I 102 -39.94 45.94 -33.83
C VAL I 102 -40.02 46.24 -35.32
N LEU I 103 -39.19 45.59 -36.13
CA LEU I 103 -39.21 45.85 -37.57
C LEU I 103 -40.54 45.43 -38.19
N GLY I 104 -41.10 44.30 -37.77
CA GLY I 104 -42.40 43.90 -38.27
C GLY I 104 -43.48 44.89 -37.91
N SER I 105 -43.49 45.35 -36.65
CA SER I 105 -44.48 46.33 -36.24
C SER I 105 -44.35 47.62 -37.02
N LEU I 106 -43.11 48.08 -37.22
CA LEU I 106 -42.86 49.29 -38.00
C LEU I 106 -43.37 49.16 -39.42
N ALA I 107 -42.97 48.09 -40.10
CA ALA I 107 -43.41 47.88 -41.49
C ALA I 107 -44.91 47.64 -41.59
N ALA I 108 -45.55 47.20 -40.51
CA ALA I 108 -46.98 46.94 -40.55
C ALA I 108 -47.79 48.21 -40.35
N THR I 109 -47.62 48.88 -39.21
CA THR I 109 -48.47 50.01 -38.86
C THR I 109 -47.95 51.34 -39.40
N VAL I 110 -46.76 51.35 -40.00
CA VAL I 110 -46.16 52.57 -40.53
C VAL I 110 -45.63 52.30 -41.93
N ARG I 111 -45.78 53.27 -42.82
CA ARG I 111 -45.38 53.11 -44.21
C ARG I 111 -43.86 53.10 -44.35
N LEU I 112 -43.39 52.58 -45.48
CA LEU I 112 -42.00 52.67 -45.87
C LEU I 112 -41.94 52.66 -47.39
N GLN I 113 -40.92 53.32 -47.94
CA GLN I 113 -40.78 53.42 -49.38
C GLN I 113 -39.54 52.66 -49.87
ZN ZN J . -19.83 31.47 -22.29
ZN ZN K . -18.44 27.86 -1.12
MN MN L . -46.77 29.10 -44.88
MN MN M . -43.87 26.45 -44.16
ZN ZN N . 7.67 -23.49 30.91
ZN ZN O . -2.66 -29.21 33.44
ZN ZN P . 1.43 -1.72 33.20
ZN ZN Q . 17.82 24.48 29.41
ZN ZN R . 17.01 12.56 32.69
ZN ZN S . -3.60 32.33 31.62
N1 U5P T . -51.94 24.90 -38.86
C2 U5P T . -53.25 24.85 -38.40
N3 U5P T . -53.59 25.84 -37.53
C4 U5P T . -52.79 26.87 -37.07
C5 U5P T . -51.45 26.85 -37.59
C6 U5P T . -51.08 25.89 -38.44
O2 U5P T . -54.03 23.97 -38.74
O4 U5P T . -53.25 27.70 -36.29
C1' U5P T . -51.48 23.86 -39.79
C2' U5P T . -52.01 24.01 -41.22
O2' U5P T . -53.20 23.27 -41.39
C3' U5P T . -50.87 23.41 -42.02
C4' U5P T . -49.66 23.92 -41.27
O3' U5P T . -50.96 22.00 -41.88
O4' U5P T . -50.07 23.95 -39.88
C5' U5P T . -49.16 25.28 -41.69
O5' U5P T . -48.27 25.53 -41.16
P U5P T . -47.09 26.57 -41.58
O2P U5P T . -47.53 27.03 -43.29
O3P U5P T . -45.53 25.43 -41.72
#